data_9BUO
#
_entry.id   9BUO
#
loop_
_entity.id
_entity.type
_entity.pdbx_description
1 polymer 'Light-independent protochlorophyllide reductase iron-sulfur ATP-binding protein'
2 polymer 'Light-independent protochlorophyllide reductase subunit N'
3 polymer 'Light-independent protochlorophyllide reductase subunit B'
4 non-polymer 'IRON/SULFUR CLUSTER'
5 non-polymer Protochlorophyllide
6 non-polymer 'COPPER (II) ION'
#
loop_
_entity_poly.entity_id
_entity_poly.type
_entity_poly.pdbx_seq_one_letter_code
_entity_poly.pdbx_strand_id
1 'polypeptide(L)'
;MGSSHHHHHHSQDPENLYFQSMSPKDLTIPTGADGEGSVQVHLDEADKITGAKVFAVYGKGGIGKSTTSSNLSAAFSILG
KRVLQIGCDPKHDSTFTLTGSLVPTVIDVLKDVDFHPEELRPEDFVFEGFNGVMCVEAGGPPAGTGCGGYVVGQTVKLLK
QHHLLDDTDVVIFDVLGDVVCGGFAAPLQHADQAVVVTANDFDSIYAMNRIIAAVQAKSKNYKVRLAGCVANRSRATDEV
DRFCKETNFRRLAHMPDLDAIRRSRLKKKTLFEMDEDQDVLAARAEYIRLAESLWRGLDPIDPHSLPDREIFELLGFD
;
G,H,E,F
2 'polypeptide(L)'
;MSLDLPPPPARGCRSTEVLKERGQREVFCGLTGIIWLHRKMQDAFFLVVGSRTCAHLLQSAAGVMIFAEPRFGTAVLEEK
DLAGLADANAELDREVDRLLARRPDIRQLFLVGSCPSEVIKLDLHRAAERLSAHHGPAVRVYNFSGSGIETTFTQGEDAC
LASIVPTLPATEARELLLVGALPDVVEDQAVSLLTQLGIGPVRCLPAHHAAEAPGVGPNTVFALVQPFLGDTHGALTRRG
ARHIAAPFPFGEEGTTLWLKAIADEFGVSAETFEAVTAAPRARARKAVAAASEGLRGKSVFFLPDSQLEPSLARFLTREC
GMSAVEVGTPFLHRGILGPDLDLLAEGPVLSEGQDVERQLDRVRAARPDLTVCGLGLANPLEAEGFTTKWAIELVFTPVH
FYEQAGDLAGLFSRPVRRRAILRREAAE
;
A,C
3 'polypeptide(L)'
;MKLTLWTYEGPPHVGAMRVATGMTGMHYVLHAPQGDTYADLLFTMIERRGKRPPVSYTTFQARDLGSDTAELFQSACRDA
YERFQPQAIMVGSSCTAELIQDDTGGLADALSLPVPVVHLELPSYQRKENFGADESFLQICRKLARPMERTEKVSCNLLG
PTALGFRHRDDILEVTRLLEGMGIAVNAVAPMGASPADIARLGAAHFNVLLYPETGESAARWAEKTLKQPYTKTVPIGVG
ATRDFVAEVAALAGVAPVADDSRLRQPWWSASVDSTYLTGKRVFLFGDATHVIAAARVARDEMGFEVVGMGCYNREFARP
MRAAAKGYGLEALVTDDYLEVEEAIQALAPELILGTQMERHIAKRLGIPCAVISAPVHVQDFPARYSPQMGFEGANVLFD
TWIHPLTMGLEEHLLTMFREDFEFHDEAGPSHHGGKAVPASAPRADEAAEALPLTGAETAEGGSIPPEAVPPAEAAAVPA
GEIVWLTDAERELKKIPFFVRGKARRNTEKFAAEKGLTRISLETLYEAKAHYAR
;
B,D
#
loop_
_chem_comp.id
_chem_comp.type
_chem_comp.name
_chem_comp.formula
CU non-polymer 'COPPER (II) ION' 'Cu 2'
PMR non-polymer Protochlorophyllide 'C35 H32 Mg N4 O5 2'
SF4 non-polymer 'IRON/SULFUR CLUSTER' 'Fe4 S4'
#
# COMPACT_ATOMS: atom_id res chain seq x y z
N LYS A 53 -40.28 6.02 -39.29
CA LYS A 53 -41.69 6.01 -39.65
C LYS A 53 -42.58 6.21 -38.43
N VAL A 54 -42.72 7.45 -37.99
CA VAL A 54 -43.55 7.75 -36.82
C VAL A 54 -44.98 7.98 -37.27
N PHE A 55 -45.91 7.23 -36.69
CA PHE A 55 -47.32 7.28 -37.09
C PHE A 55 -48.15 7.88 -35.96
N ALA A 56 -48.22 9.21 -35.92
CA ALA A 56 -49.04 9.87 -34.90
C ALA A 56 -50.52 9.63 -35.19
N VAL A 57 -51.19 8.87 -34.31
CA VAL A 57 -52.58 8.46 -34.55
C VAL A 57 -53.56 9.42 -33.89
N TYR A 58 -53.97 10.45 -34.64
CA TYR A 58 -54.81 11.51 -34.12
C TYR A 58 -56.28 11.13 -34.12
N GLY A 59 -57.09 12.00 -33.53
CA GLY A 59 -58.53 11.79 -33.49
C GLY A 59 -59.16 12.57 -32.36
N LYS A 60 -60.39 12.20 -32.04
CA LYS A 60 -61.15 12.85 -30.98
C LYS A 60 -61.54 11.90 -29.87
N GLY A 61 -62.08 10.72 -30.20
CA GLY A 61 -62.53 9.80 -29.17
C GLY A 61 -61.39 9.26 -28.33
N GLY A 62 -61.74 8.91 -27.10
CA GLY A 62 -60.77 8.35 -26.17
C GLY A 62 -60.40 6.92 -26.51
N ILE A 63 -61.36 5.99 -26.38
CA ILE A 63 -61.09 4.61 -26.75
C ILE A 63 -60.90 4.51 -28.26
N GLY A 64 -61.63 5.34 -29.02
CA GLY A 64 -61.30 5.49 -30.42
C GLY A 64 -59.92 6.09 -30.57
N LYS A 65 -59.26 5.77 -31.69
CA LYS A 65 -57.93 6.25 -32.06
C LYS A 65 -56.86 5.65 -31.14
N SER A 66 -57.29 4.95 -30.09
CA SER A 66 -56.33 4.32 -29.19
C SER A 66 -56.35 2.80 -29.34
N THR A 67 -57.53 2.22 -29.55
CA THR A 67 -57.61 0.84 -30.00
C THR A 67 -56.91 0.68 -31.34
N THR A 68 -57.07 1.68 -32.20
CA THR A 68 -56.48 1.64 -33.54
C THR A 68 -54.97 1.47 -33.47
N SER A 69 -54.31 2.26 -32.62
CA SER A 69 -52.86 2.19 -32.53
C SER A 69 -52.41 0.81 -32.09
N SER A 70 -53.16 0.19 -31.17
CA SER A 70 -52.83 -1.16 -30.75
C SER A 70 -53.01 -2.15 -31.89
N ASN A 71 -54.02 -1.93 -32.73
CA ASN A 71 -54.18 -2.79 -33.90
C ASN A 71 -53.01 -2.62 -34.86
N LEU A 72 -52.56 -1.38 -35.06
CA LEU A 72 -51.36 -1.14 -35.85
C LEU A 72 -50.16 -1.87 -35.27
N SER A 73 -49.99 -1.81 -33.94
CA SER A 73 -48.87 -2.46 -33.30
C SER A 73 -48.95 -3.98 -33.48
N ALA A 74 -50.14 -4.54 -33.33
CA ALA A 74 -50.31 -5.98 -33.51
C ALA A 74 -49.98 -6.39 -34.94
N ALA A 75 -50.46 -5.62 -35.92
CA ALA A 75 -50.19 -5.94 -37.31
C ALA A 75 -48.70 -5.83 -37.62
N PHE A 76 -48.03 -4.80 -37.09
CA PHE A 76 -46.61 -4.63 -37.37
C PHE A 76 -45.78 -5.67 -36.65
N SER A 77 -46.26 -6.17 -35.51
CA SER A 77 -45.58 -7.28 -34.85
C SER A 77 -45.74 -8.57 -35.63
N ILE A 78 -46.94 -8.80 -36.19
CA ILE A 78 -47.11 -9.90 -37.13
C ILE A 78 -46.16 -9.72 -38.31
N LEU A 79 -46.02 -8.48 -38.79
CA LEU A 79 -45.03 -8.17 -39.80
C LEU A 79 -43.60 -8.32 -39.29
N GLY A 80 -43.41 -8.40 -37.97
CA GLY A 80 -42.11 -8.69 -37.42
C GLY A 80 -41.34 -7.48 -36.91
N LYS A 81 -41.49 -6.34 -37.59
CA LYS A 81 -40.74 -5.14 -37.24
C LYS A 81 -41.07 -4.68 -35.83
N ARG A 82 -40.04 -4.18 -35.13
CA ARG A 82 -40.24 -3.73 -33.75
C ARG A 82 -41.18 -2.53 -33.71
N VAL A 83 -42.02 -2.50 -32.69
CA VAL A 83 -43.06 -1.50 -32.56
C VAL A 83 -42.93 -0.79 -31.22
N LEU A 84 -43.12 0.52 -31.25
CA LEU A 84 -42.97 1.40 -30.09
C LEU A 84 -44.32 2.04 -29.76
N GLN A 85 -45.17 1.29 -29.05
CA GLN A 85 -46.46 1.82 -28.61
C GLN A 85 -46.23 2.73 -27.41
N ILE A 86 -46.08 4.02 -27.70
CA ILE A 86 -46.05 5.00 -26.63
C ILE A 86 -47.41 5.69 -26.57
N GLY A 87 -48.22 5.30 -25.59
CA GLY A 87 -49.59 5.77 -25.51
C GLY A 87 -49.76 7.16 -24.95
N CYS A 88 -49.40 7.33 -23.67
CA CYS A 88 -49.36 8.61 -22.96
C CYS A 88 -50.69 9.35 -22.99
N ASP A 89 -51.72 8.72 -23.53
CA ASP A 89 -53.06 9.31 -23.53
C ASP A 89 -53.56 9.41 -22.09
N PRO A 90 -54.24 10.50 -21.73
CA PRO A 90 -54.75 10.65 -20.36
C PRO A 90 -55.61 9.47 -19.93
N LYS A 91 -56.37 8.91 -20.86
CA LYS A 91 -57.07 7.67 -20.59
C LYS A 91 -56.11 6.50 -20.69
N HIS A 92 -56.01 5.72 -19.61
CA HIS A 92 -55.10 4.58 -19.57
C HIS A 92 -55.65 3.45 -20.44
N ASP A 93 -55.65 3.71 -21.74
CA ASP A 93 -56.40 2.93 -22.72
C ASP A 93 -55.63 2.67 -24.01
N SER A 94 -54.31 2.89 -24.00
CA SER A 94 -53.56 2.77 -25.23
C SER A 94 -52.71 1.50 -25.20
N THR A 95 -51.97 1.30 -24.13
CA THR A 95 -51.28 0.04 -23.93
C THR A 95 -52.25 -1.05 -23.49
N PHE A 96 -53.39 -0.64 -22.92
CA PHE A 96 -54.42 -1.60 -22.52
C PHE A 96 -54.89 -2.40 -23.72
N THR A 97 -55.19 -1.72 -24.82
CA THR A 97 -55.81 -2.38 -25.97
C THR A 97 -54.84 -3.32 -26.67
N LEU A 98 -53.55 -3.29 -26.33
CA LEU A 98 -52.60 -4.18 -26.98
C LEU A 98 -52.10 -5.25 -26.03
N THR A 99 -51.61 -4.84 -24.86
CA THR A 99 -51.07 -5.81 -23.92
C THR A 99 -52.19 -6.56 -23.19
N GLY A 100 -53.30 -5.89 -22.92
CA GLY A 100 -54.30 -6.44 -22.04
C GLY A 100 -54.10 -5.88 -20.65
N SER A 101 -52.88 -5.39 -20.40
CA SER A 101 -52.55 -4.71 -19.16
C SER A 101 -53.06 -3.26 -19.21
N LEU A 102 -54.10 -2.96 -18.43
CA LEU A 102 -54.76 -1.67 -18.54
C LEU A 102 -53.87 -0.53 -18.09
N VAL A 103 -53.28 -0.65 -16.90
CA VAL A 103 -52.38 0.38 -16.38
C VAL A 103 -51.23 -0.34 -15.68
N PRO A 104 -50.26 -0.86 -16.43
CA PRO A 104 -49.13 -1.55 -15.77
C PRO A 104 -48.37 -0.67 -14.81
N THR A 105 -47.78 0.43 -15.29
CA THR A 105 -47.17 1.41 -14.41
C THR A 105 -47.13 2.75 -15.14
N VAL A 106 -47.12 3.82 -14.37
CA VAL A 106 -47.25 5.17 -14.89
C VAL A 106 -45.97 5.92 -14.54
N ILE A 107 -44.86 5.19 -14.45
CA ILE A 107 -43.59 5.76 -14.01
C ILE A 107 -43.19 6.96 -14.84
N ASP A 108 -43.72 7.07 -16.07
CA ASP A 108 -43.40 8.20 -16.92
C ASP A 108 -43.83 9.52 -16.30
N VAL A 109 -44.47 9.46 -15.13
CA VAL A 109 -44.62 10.64 -14.29
C VAL A 109 -43.36 10.89 -13.46
N LEU A 110 -42.59 9.84 -13.18
CA LEU A 110 -41.32 9.92 -12.46
C LEU A 110 -41.51 10.63 -11.11
N LYS A 111 -42.27 10.00 -10.23
CA LYS A 111 -42.42 10.49 -8.87
C LYS A 111 -41.63 9.65 -7.88
N ASP A 112 -41.68 8.32 -8.01
CA ASP A 112 -40.90 7.46 -7.13
C ASP A 112 -39.41 7.77 -7.28
N VAL A 113 -38.97 7.97 -8.52
CA VAL A 113 -37.66 8.53 -8.78
C VAL A 113 -37.85 10.01 -9.10
N ASP A 114 -36.82 10.82 -8.83
CA ASP A 114 -36.97 12.25 -9.06
C ASP A 114 -36.96 12.58 -10.55
N PHE A 115 -35.93 12.14 -11.27
CA PHE A 115 -35.75 12.49 -12.67
C PHE A 115 -35.46 11.21 -13.45
N HIS A 116 -35.15 11.36 -14.73
CA HIS A 116 -34.89 10.23 -15.60
C HIS A 116 -33.73 9.33 -15.13
N PRO A 117 -32.57 9.88 -14.69
CA PRO A 117 -31.38 9.03 -14.55
C PRO A 117 -31.59 7.82 -13.64
N GLU A 118 -32.42 7.97 -12.63
CA GLU A 118 -32.57 6.96 -11.58
C GLU A 118 -32.92 5.62 -12.17
N GLU A 119 -33.66 5.62 -13.27
CA GLU A 119 -34.01 4.38 -13.95
C GLU A 119 -32.79 3.92 -14.75
N LEU A 120 -31.94 3.14 -14.08
CA LEU A 120 -30.78 2.54 -14.73
C LEU A 120 -31.18 1.67 -15.91
N ARG A 121 -32.43 1.20 -15.91
CA ARG A 121 -32.97 0.33 -16.93
C ARG A 121 -34.29 0.90 -17.44
N PRO A 122 -34.68 0.56 -18.67
CA PRO A 122 -36.01 0.95 -19.14
C PRO A 122 -37.11 0.06 -18.61
N GLU A 123 -36.78 -1.11 -18.07
CA GLU A 123 -37.77 -2.13 -17.76
C GLU A 123 -38.87 -1.62 -16.84
N ASP A 124 -38.54 -0.67 -15.98
CA ASP A 124 -39.51 -0.12 -15.05
C ASP A 124 -40.57 0.69 -15.80
N PHE A 125 -40.12 1.55 -16.70
CA PHE A 125 -41.05 2.45 -17.37
C PHE A 125 -41.66 1.81 -18.61
N VAL A 126 -40.84 1.14 -19.43
CA VAL A 126 -41.34 0.54 -20.66
C VAL A 126 -41.75 -0.90 -20.41
N PHE A 127 -42.71 -1.38 -21.20
CA PHE A 127 -43.31 -2.67 -20.95
C PHE A 127 -43.57 -3.38 -22.28
N GLU A 128 -43.57 -4.71 -22.24
CA GLU A 128 -43.76 -5.52 -23.44
C GLU A 128 -45.14 -6.15 -23.50
N GLY A 129 -45.52 -6.91 -22.48
CA GLY A 129 -46.87 -7.43 -22.43
C GLY A 129 -47.17 -8.54 -23.43
N PHE A 130 -47.14 -8.19 -24.72
CA PHE A 130 -47.52 -9.09 -25.80
C PHE A 130 -46.56 -8.71 -26.93
N ASN A 131 -46.82 -9.12 -28.17
CA ASN A 131 -45.96 -8.87 -29.32
C ASN A 131 -45.59 -7.40 -29.44
N GLY A 132 -46.36 -6.53 -28.79
CA GLY A 132 -46.05 -5.12 -28.76
C GLY A 132 -44.90 -4.89 -27.81
N VAL A 133 -43.71 -5.21 -28.27
CA VAL A 133 -42.50 -5.24 -27.47
C VAL A 133 -42.39 -3.98 -26.59
N MET A 134 -42.65 -2.81 -27.17
CA MET A 134 -42.68 -1.58 -26.40
C MET A 134 -44.07 -0.97 -26.25
N CYS A 135 -44.83 -1.37 -25.23
CA CYS A 135 -46.03 -0.64 -24.83
C CYS A 135 -45.77 0.11 -23.54
N VAL A 136 -45.74 1.43 -23.66
CA VAL A 136 -45.49 2.32 -22.52
C VAL A 136 -46.52 3.46 -22.55
N GLU A 137 -47.03 3.82 -21.38
CA GLU A 137 -48.10 4.81 -21.30
C GLU A 137 -47.77 5.82 -20.20
N ALA A 138 -47.70 7.10 -20.57
CA ALA A 138 -47.36 8.14 -19.61
C ALA A 138 -48.54 8.52 -18.72
N GLY A 139 -49.75 8.58 -19.28
CA GLY A 139 -50.95 8.86 -18.51
C GLY A 139 -51.30 10.33 -18.33
N GLY A 140 -50.31 11.22 -18.27
CA GLY A 140 -50.58 12.63 -18.09
C GLY A 140 -50.86 12.97 -16.64
N PRO A 141 -50.17 13.97 -16.10
CA PRO A 141 -50.47 14.48 -14.76
C PRO A 141 -51.36 15.71 -14.80
N PRO A 142 -52.64 15.60 -15.08
CA PRO A 142 -53.49 16.79 -15.01
C PRO A 142 -53.95 17.05 -13.59
N ALA A 143 -54.89 17.97 -13.43
CA ALA A 143 -55.53 18.13 -12.12
C ALA A 143 -56.28 16.85 -11.72
N GLY A 144 -56.56 15.98 -12.70
CA GLY A 144 -57.21 14.72 -12.40
C GLY A 144 -56.34 13.76 -11.60
N THR A 145 -55.08 13.61 -12.02
CA THR A 145 -54.20 12.69 -11.31
C THR A 145 -53.57 13.37 -10.10
N GLY A 146 -52.82 14.45 -10.33
CA GLY A 146 -52.22 15.19 -9.25
C GLY A 146 -52.57 16.66 -9.31
N CYS A 147 -51.56 17.53 -9.13
CA CYS A 147 -51.78 18.96 -9.22
C CYS A 147 -51.93 19.38 -10.68
N GLY A 148 -50.92 19.09 -11.48
CA GLY A 148 -51.00 19.33 -12.90
C GLY A 148 -50.54 20.71 -13.35
N GLY A 149 -51.21 21.76 -12.88
CA GLY A 149 -50.97 23.08 -13.41
C GLY A 149 -51.44 23.14 -14.84
N TYR A 150 -50.51 23.27 -15.79
CA TYR A 150 -50.88 23.07 -17.19
C TYR A 150 -51.19 21.60 -17.40
N VAL A 151 -52.17 21.32 -18.26
CA VAL A 151 -52.46 19.92 -18.57
C VAL A 151 -51.42 19.34 -19.51
N VAL A 152 -50.43 20.14 -19.90
CA VAL A 152 -49.33 19.64 -20.72
C VAL A 152 -48.68 18.45 -20.04
N GLY A 153 -48.10 18.69 -18.86
CA GLY A 153 -47.38 17.68 -18.13
C GLY A 153 -46.09 17.29 -18.81
N GLN A 154 -45.93 17.73 -20.07
CA GLN A 154 -44.76 17.46 -20.92
C GLN A 154 -44.38 15.98 -20.92
N THR A 155 -45.31 15.11 -20.52
CA THR A 155 -45.01 13.68 -20.48
C THR A 155 -44.65 13.17 -21.85
N VAL A 156 -45.35 13.66 -22.88
CA VAL A 156 -44.96 13.36 -24.24
C VAL A 156 -43.49 13.69 -24.44
N LYS A 157 -43.05 14.84 -23.91
CA LYS A 157 -41.65 15.22 -23.99
C LYS A 157 -40.76 14.27 -23.18
N LEU A 158 -41.25 13.77 -22.05
CA LEU A 158 -40.46 12.81 -21.29
C LEU A 158 -40.20 11.55 -22.11
N LEU A 159 -41.23 11.05 -22.79
CA LEU A 159 -40.98 9.94 -23.72
C LEU A 159 -40.09 10.37 -24.88
N LYS A 160 -40.13 11.64 -25.27
CA LYS A 160 -39.21 12.09 -26.30
C LYS A 160 -37.77 11.95 -25.84
N GLN A 161 -37.48 12.39 -24.61
CA GLN A 161 -36.13 12.35 -24.05
C GLN A 161 -35.98 11.18 -23.09
N HIS A 162 -36.68 10.08 -23.36
CA HIS A 162 -36.67 8.91 -22.48
C HIS A 162 -35.37 8.12 -22.66
N HIS A 163 -34.71 7.83 -21.55
CA HIS A 163 -33.61 6.84 -21.46
C HIS A 163 -32.60 7.09 -22.57
N LEU A 164 -32.21 6.02 -23.27
CA LEU A 164 -31.20 5.93 -24.29
C LEU A 164 -31.89 5.69 -25.62
N LEU A 165 -31.10 5.57 -26.69
CA LEU A 165 -31.66 5.38 -28.02
C LEU A 165 -32.06 3.91 -28.17
N ASP A 166 -33.34 3.65 -27.89
CA ASP A 166 -33.96 2.39 -28.28
C ASP A 166 -34.72 2.61 -29.58
N ASP A 167 -33.94 2.74 -30.64
CA ASP A 167 -34.49 3.12 -31.94
C ASP A 167 -35.35 2.01 -32.53
N THR A 168 -34.72 0.88 -32.87
CA THR A 168 -35.37 -0.22 -33.59
C THR A 168 -36.02 0.38 -34.85
N ASP A 169 -37.25 -0.02 -35.18
CA ASP A 169 -37.93 0.50 -36.36
C ASP A 169 -38.68 1.79 -36.05
N VAL A 170 -37.92 2.81 -35.63
CA VAL A 170 -38.43 4.12 -35.26
C VAL A 170 -39.54 3.93 -34.22
N VAL A 171 -40.72 4.50 -34.44
CA VAL A 171 -41.75 4.57 -33.41
C VAL A 171 -43.13 4.50 -34.07
N ILE A 172 -44.07 3.81 -33.43
CA ILE A 172 -45.42 3.76 -34.00
C ILE A 172 -46.24 4.95 -33.52
N PHE A 173 -45.90 5.52 -32.37
CA PHE A 173 -46.43 6.81 -31.93
C PHE A 173 -47.96 6.78 -31.76
N ASP A 174 -48.41 5.93 -30.83
CA ASP A 174 -49.78 6.06 -30.36
C ASP A 174 -50.03 7.47 -29.86
N VAL A 175 -49.37 7.84 -28.76
CA VAL A 175 -49.19 9.21 -28.28
C VAL A 175 -50.50 10.01 -28.30
N LEU A 176 -50.39 11.34 -28.25
CA LEU A 176 -51.49 12.28 -28.49
C LEU A 176 -52.45 12.39 -27.32
N GLY A 177 -53.58 13.08 -27.56
CA GLY A 177 -54.38 13.64 -26.50
C GLY A 177 -54.15 15.12 -26.29
N ASP A 178 -53.26 15.72 -27.08
CA ASP A 178 -52.96 17.15 -27.04
C ASP A 178 -53.86 17.91 -28.00
N VAL A 179 -53.92 17.42 -29.23
CA VAL A 179 -54.74 17.95 -30.33
C VAL A 179 -54.39 19.41 -30.58
N VAL A 180 -54.67 20.30 -29.61
CA VAL A 180 -54.20 21.68 -29.69
C VAL A 180 -54.27 22.38 -28.34
N CYS A 181 -53.20 23.08 -27.99
CA CYS A 181 -53.22 24.18 -27.04
C CYS A 181 -51.90 24.91 -27.15
N GLY A 182 -51.93 26.23 -27.28
CA GLY A 182 -50.70 26.98 -27.45
C GLY A 182 -49.67 26.65 -26.40
N GLY A 183 -48.60 25.96 -26.82
CA GLY A 183 -47.61 25.48 -25.89
C GLY A 183 -47.87 24.12 -25.28
N PHE A 184 -48.88 23.39 -25.75
CA PHE A 184 -49.22 22.04 -25.26
C PHE A 184 -49.40 21.22 -26.54
N ALA A 185 -48.40 21.30 -27.43
CA ALA A 185 -48.40 20.55 -28.68
C ALA A 185 -47.09 19.80 -28.87
N ALA A 186 -46.64 19.10 -27.84
CA ALA A 186 -45.36 18.41 -27.83
C ALA A 186 -45.22 17.31 -28.88
N PRO A 187 -46.19 16.39 -29.04
CA PRO A 187 -45.93 15.22 -29.91
C PRO A 187 -45.58 15.58 -31.34
N LEU A 188 -45.91 16.80 -31.76
CA LEU A 188 -45.62 17.25 -33.12
C LEU A 188 -44.13 17.18 -33.42
N GLN A 189 -43.28 17.26 -32.40
CA GLN A 189 -41.84 17.30 -32.62
C GLN A 189 -41.28 16.03 -33.24
N HIS A 190 -41.86 14.86 -32.94
CA HIS A 190 -41.39 13.60 -33.50
C HIS A 190 -42.33 12.99 -34.52
N ALA A 191 -43.49 13.61 -34.74
CA ALA A 191 -44.43 13.11 -35.75
C ALA A 191 -43.78 13.12 -37.12
N ASP A 192 -43.95 12.00 -37.86
CA ASP A 192 -43.41 11.89 -39.21
C ASP A 192 -44.46 11.44 -40.22
N GLN A 193 -45.42 10.61 -39.82
CA GLN A 193 -46.51 10.18 -40.70
C GLN A 193 -47.83 10.32 -39.97
N ALA A 194 -48.07 11.50 -39.39
CA ALA A 194 -49.24 11.73 -38.55
C ALA A 194 -50.52 11.39 -39.28
N VAL A 195 -51.39 10.64 -38.61
CA VAL A 195 -52.64 10.13 -39.17
C VAL A 195 -53.76 10.46 -38.21
N VAL A 196 -54.84 11.03 -38.74
CA VAL A 196 -56.00 11.42 -37.94
C VAL A 196 -57.10 10.38 -38.12
N VAL A 197 -57.76 10.03 -37.02
CA VAL A 197 -58.83 9.04 -37.02
C VAL A 197 -60.14 9.69 -36.62
N THR A 198 -61.23 9.38 -37.35
CA THR A 198 -62.54 9.93 -37.03
C THR A 198 -63.62 8.86 -37.04
N ALA A 199 -64.64 9.07 -36.21
CA ALA A 199 -65.88 8.31 -36.28
C ALA A 199 -66.86 9.05 -37.20
N ASN A 200 -68.13 8.64 -37.17
CA ASN A 200 -69.12 9.26 -38.04
C ASN A 200 -69.54 10.64 -37.54
N ASP A 201 -69.40 10.88 -36.23
CA ASP A 201 -69.86 12.13 -35.63
C ASP A 201 -69.13 13.34 -36.20
N PHE A 202 -69.91 14.36 -36.57
CA PHE A 202 -69.37 15.52 -37.29
C PHE A 202 -68.32 16.24 -36.47
N ASP A 203 -68.50 16.27 -35.15
CA ASP A 203 -67.47 16.85 -34.29
C ASP A 203 -66.12 16.20 -34.53
N SER A 204 -66.11 14.89 -34.78
CA SER A 204 -64.85 14.18 -34.94
C SER A 204 -64.17 14.53 -36.28
N ILE A 205 -64.95 14.68 -37.34
CA ILE A 205 -64.33 15.08 -38.60
C ILE A 205 -63.85 16.54 -38.53
N TYR A 206 -64.58 17.39 -37.81
CA TYR A 206 -64.05 18.73 -37.56
C TYR A 206 -62.74 18.63 -36.80
N ALA A 207 -62.68 17.70 -35.84
CA ALA A 207 -61.43 17.46 -35.11
C ALA A 207 -60.30 17.11 -36.07
N MET A 208 -60.58 16.23 -37.04
CA MET A 208 -59.57 15.95 -38.05
C MET A 208 -59.08 17.24 -38.69
N ASN A 209 -60.00 17.97 -39.33
CA ASN A 209 -59.56 19.11 -40.14
C ASN A 209 -58.76 20.10 -39.30
N ARG A 210 -59.23 20.35 -38.07
CA ARG A 210 -58.51 21.25 -37.18
C ARG A 210 -57.10 20.74 -36.93
N ILE A 211 -56.97 19.43 -36.66
CA ILE A 211 -55.65 18.87 -36.38
C ILE A 211 -54.74 18.97 -37.58
N ILE A 212 -55.27 18.69 -38.78
CA ILE A 212 -54.43 18.74 -39.98
C ILE A 212 -53.91 20.16 -40.20
N ALA A 213 -54.80 21.14 -40.09
CA ALA A 213 -54.33 22.52 -40.26
C ALA A 213 -53.33 22.89 -39.17
N ALA A 214 -53.57 22.44 -37.94
CA ALA A 214 -52.68 22.74 -36.83
C ALA A 214 -51.31 22.08 -37.01
N VAL A 215 -51.27 20.87 -37.56
CA VAL A 215 -49.97 20.22 -37.74
C VAL A 215 -49.21 20.89 -38.87
N GLN A 216 -49.91 21.27 -39.94
CA GLN A 216 -49.26 22.10 -40.95
C GLN A 216 -48.77 23.42 -40.36
N ALA A 217 -49.40 23.87 -39.27
CA ALA A 217 -48.99 25.13 -38.66
C ALA A 217 -47.60 25.01 -38.02
N LYS A 218 -47.46 24.16 -36.99
CA LYS A 218 -46.15 23.98 -36.37
C LYS A 218 -45.15 23.28 -37.29
N SER A 219 -45.63 22.41 -38.19
CA SER A 219 -44.68 21.71 -39.04
C SER A 219 -44.22 22.63 -40.15
N LYS A 220 -43.78 23.83 -39.76
CA LYS A 220 -43.12 24.73 -40.69
C LYS A 220 -41.68 24.28 -40.94
N ASN A 221 -41.03 23.69 -39.94
CA ASN A 221 -39.69 23.14 -40.05
C ASN A 221 -39.66 21.63 -39.93
N TYR A 222 -40.54 21.07 -39.09
CA TYR A 222 -40.63 19.61 -39.00
C TYR A 222 -41.07 19.01 -40.33
N LYS A 223 -42.05 19.62 -40.98
CA LYS A 223 -42.55 19.20 -42.28
C LYS A 223 -42.95 17.73 -42.27
N VAL A 224 -43.71 17.36 -41.23
CA VAL A 224 -44.24 16.00 -41.16
C VAL A 224 -45.25 15.78 -42.26
N ARG A 225 -45.10 14.66 -42.96
CA ARG A 225 -46.08 14.27 -43.98
C ARG A 225 -47.21 13.47 -43.33
N LEU A 226 -48.35 13.44 -44.02
CA LEU A 226 -49.55 12.76 -43.55
C LEU A 226 -50.08 11.90 -44.69
N ALA A 227 -49.64 10.64 -44.72
CA ALA A 227 -50.00 9.76 -45.83
C ALA A 227 -51.51 9.52 -45.94
N GLY A 228 -52.26 9.70 -44.86
CA GLY A 228 -53.70 9.51 -44.93
C GLY A 228 -54.44 9.77 -43.62
N CYS A 229 -55.72 10.10 -43.73
CA CYS A 229 -56.60 10.28 -42.58
C CYS A 229 -57.43 9.01 -42.36
N VAL A 230 -56.74 7.94 -41.95
CA VAL A 230 -57.41 6.69 -41.61
C VAL A 230 -58.39 6.93 -40.47
N ALA A 231 -59.64 6.58 -40.70
CA ALA A 231 -60.70 6.96 -39.75
C ALA A 231 -61.22 5.74 -38.99
N ASN A 232 -62.25 5.97 -38.18
CA ASN A 232 -62.84 4.96 -37.31
C ASN A 232 -64.36 4.98 -37.42
N ARG A 233 -64.88 5.21 -38.63
CA ARG A 233 -66.31 5.35 -38.80
C ARG A 233 -67.02 4.03 -38.52
N SER A 234 -68.31 4.12 -38.21
CA SER A 234 -69.08 2.97 -37.76
C SER A 234 -70.18 2.54 -38.71
N ARG A 235 -70.83 3.46 -39.41
CA ARG A 235 -72.00 3.15 -40.23
C ARG A 235 -71.77 3.49 -41.70
N ALA A 236 -70.52 3.35 -42.17
CA ALA A 236 -70.17 3.57 -43.56
C ALA A 236 -70.66 4.92 -44.04
N THR A 237 -70.44 5.95 -43.24
CA THR A 237 -71.05 7.25 -43.48
C THR A 237 -70.53 7.87 -44.77
N ASP A 238 -71.46 8.24 -45.67
CA ASP A 238 -71.09 8.90 -46.91
C ASP A 238 -70.67 10.34 -46.69
N GLU A 239 -71.07 10.95 -45.58
CA GLU A 239 -70.61 12.29 -45.25
C GLU A 239 -69.10 12.31 -45.06
N VAL A 240 -68.58 11.31 -44.33
CA VAL A 240 -67.14 11.18 -44.18
C VAL A 240 -66.48 10.92 -45.52
N ASP A 241 -67.19 10.21 -46.42
CA ASP A 241 -66.66 9.98 -47.76
C ASP A 241 -66.49 11.30 -48.50
N ARG A 242 -67.54 12.12 -48.50
CA ARG A 242 -67.47 13.43 -49.13
C ARG A 242 -66.38 14.26 -48.50
N PHE A 243 -66.17 14.11 -47.19
CA PHE A 243 -65.09 14.85 -46.53
C PHE A 243 -63.72 14.39 -47.01
N CYS A 244 -63.52 13.07 -47.09
CA CYS A 244 -62.24 12.53 -47.53
C CYS A 244 -61.91 12.99 -48.93
N LYS A 245 -62.92 13.06 -49.80
CA LYS A 245 -62.72 13.71 -51.09
C LYS A 245 -62.42 15.20 -50.91
N GLU A 246 -63.11 15.85 -49.98
CA GLU A 246 -62.91 17.27 -49.73
C GLU A 246 -61.52 17.53 -49.16
N THR A 247 -61.15 16.79 -48.11
CA THR A 247 -59.83 16.92 -47.52
C THR A 247 -58.72 16.42 -48.43
N ASN A 248 -59.08 15.74 -49.52
CA ASN A 248 -58.10 15.20 -50.48
C ASN A 248 -57.16 14.20 -49.81
N PHE A 249 -57.62 13.58 -48.73
CA PHE A 249 -56.82 12.67 -47.94
C PHE A 249 -57.06 11.22 -48.37
N ARG A 250 -56.49 10.27 -47.63
CA ARG A 250 -56.64 8.85 -47.87
C ARG A 250 -57.16 8.20 -46.59
N ARG A 251 -58.16 7.34 -46.72
CA ARG A 251 -58.94 6.88 -45.58
C ARG A 251 -59.27 5.39 -45.72
N LEU A 252 -58.48 4.65 -46.50
CA LEU A 252 -58.90 3.32 -46.94
C LEU A 252 -59.28 2.39 -45.79
N ALA A 253 -58.43 2.29 -44.79
CA ALA A 253 -58.70 1.43 -43.64
C ALA A 253 -59.51 2.16 -42.57
N HIS A 254 -60.67 2.73 -42.93
CA HIS A 254 -61.47 3.43 -41.92
C HIS A 254 -62.73 2.67 -41.58
N MET A 255 -62.99 1.54 -42.22
CA MET A 255 -64.19 0.76 -41.92
C MET A 255 -64.21 0.32 -40.46
N PRO A 256 -63.03 0.13 -39.77
CA PRO A 256 -63.08 -0.12 -38.31
C PRO A 256 -64.09 0.74 -37.58
N ASP A 257 -64.96 0.08 -36.82
CA ASP A 257 -66.08 0.71 -36.15
C ASP A 257 -65.85 0.73 -34.64
N LEU A 258 -66.83 1.26 -33.92
CA LEU A 258 -66.87 1.11 -32.47
C LEU A 258 -67.92 0.10 -32.02
N ASP A 259 -68.58 -0.57 -32.98
CA ASP A 259 -69.60 -1.55 -32.67
C ASP A 259 -69.24 -2.92 -33.23
N ALA A 260 -68.75 -2.95 -34.47
CA ALA A 260 -68.51 -4.23 -35.14
C ALA A 260 -67.36 -4.99 -34.52
N ILE A 261 -66.35 -4.29 -34.00
CA ILE A 261 -65.22 -4.98 -33.38
C ILE A 261 -65.58 -5.24 -31.93
N ARG A 262 -66.38 -6.27 -31.71
CA ARG A 262 -66.88 -6.66 -30.39
C ARG A 262 -67.28 -5.43 -29.55
N ARG A 263 -67.88 -4.45 -30.21
CA ARG A 263 -68.34 -3.20 -29.60
C ARG A 263 -67.21 -2.46 -28.89
N SER A 264 -65.95 -2.72 -29.28
CA SER A 264 -64.79 -2.09 -28.68
C SER A 264 -64.83 -2.17 -27.17
N ARG A 265 -65.01 -3.38 -26.64
CA ARG A 265 -65.02 -3.63 -25.21
C ARG A 265 -63.65 -3.37 -24.60
N LEU A 266 -63.58 -3.53 -23.28
CA LEU A 266 -62.36 -3.32 -22.51
C LEU A 266 -62.05 -4.51 -21.62
N LYS A 267 -62.48 -5.70 -22.01
CA LYS A 267 -62.15 -6.94 -21.31
C LYS A 267 -61.32 -7.89 -22.16
N LYS A 268 -61.62 -7.99 -23.45
CA LYS A 268 -60.90 -8.87 -24.35
C LYS A 268 -59.75 -8.11 -24.99
N LYS A 269 -59.23 -8.62 -26.11
CA LYS A 269 -57.97 -8.15 -26.67
C LYS A 269 -58.15 -7.56 -28.06
N THR A 270 -57.05 -7.28 -28.77
CA THR A 270 -57.12 -6.71 -30.11
C THR A 270 -56.39 -7.58 -31.12
N LEU A 271 -56.99 -7.70 -32.30
CA LEU A 271 -56.43 -8.42 -33.45
C LEU A 271 -56.00 -9.84 -33.11
N PHE A 272 -54.72 -10.17 -33.34
CA PHE A 272 -54.29 -11.56 -33.28
C PHE A 272 -54.58 -12.17 -31.93
N GLU A 273 -54.34 -11.41 -30.85
CA GLU A 273 -54.38 -11.99 -29.51
C GLU A 273 -55.79 -12.25 -29.01
N MET A 274 -56.82 -11.62 -29.57
CA MET A 274 -58.16 -11.86 -29.06
C MET A 274 -58.78 -13.08 -29.74
N ASP A 275 -59.91 -13.53 -29.20
CA ASP A 275 -60.50 -14.80 -29.59
C ASP A 275 -60.99 -14.82 -31.03
N GLU A 276 -60.39 -15.70 -31.84
CA GLU A 276 -60.86 -16.01 -33.20
C GLU A 276 -61.06 -14.75 -34.04
N ASP A 277 -60.15 -13.80 -33.88
CA ASP A 277 -60.25 -12.47 -34.46
C ASP A 277 -61.65 -11.90 -34.31
N GLN A 278 -62.14 -11.22 -35.34
CA GLN A 278 -63.45 -10.57 -35.28
C GLN A 278 -64.19 -10.91 -36.56
N ASP A 279 -65.42 -11.40 -36.41
CA ASP A 279 -66.21 -11.89 -37.53
C ASP A 279 -65.36 -12.78 -38.43
N VAL A 280 -64.73 -13.77 -37.79
CA VAL A 280 -63.74 -14.67 -38.39
C VAL A 280 -62.46 -13.91 -38.73
N LEU A 281 -62.57 -12.93 -39.63
CA LEU A 281 -61.38 -12.20 -40.08
C LEU A 281 -61.60 -10.70 -40.25
N ALA A 282 -62.73 -10.15 -39.80
CA ALA A 282 -63.04 -8.75 -40.08
C ALA A 282 -61.96 -7.81 -39.57
N ALA A 283 -61.47 -8.06 -38.36
CA ALA A 283 -60.43 -7.22 -37.76
C ALA A 283 -59.14 -7.25 -38.57
N ARG A 284 -58.74 -8.43 -39.02
CA ARG A 284 -57.50 -8.57 -39.78
C ARG A 284 -57.60 -7.94 -41.15
N ALA A 285 -58.80 -7.95 -41.73
CA ALA A 285 -59.01 -7.56 -43.13
C ALA A 285 -58.51 -6.15 -43.41
N GLU A 286 -58.88 -5.20 -42.55
CA GLU A 286 -58.51 -3.80 -42.76
C GLU A 286 -57.15 -3.48 -42.17
N TYR A 287 -56.59 -4.38 -41.37
CA TYR A 287 -55.49 -3.93 -40.52
C TYR A 287 -54.19 -4.55 -40.98
N ILE A 288 -54.22 -5.82 -41.41
CA ILE A 288 -53.08 -6.34 -42.17
C ILE A 288 -52.90 -5.52 -43.43
N ARG A 289 -54.00 -5.22 -44.15
CA ARG A 289 -53.90 -4.37 -45.32
C ARG A 289 -53.37 -2.99 -44.95
N LEU A 290 -53.74 -2.49 -43.76
CA LEU A 290 -53.21 -1.21 -43.32
C LEU A 290 -51.70 -1.31 -43.10
N ALA A 291 -51.24 -2.44 -42.59
CA ALA A 291 -49.83 -2.76 -42.46
C ALA A 291 -49.19 -3.16 -43.78
N GLU A 292 -49.97 -3.19 -44.87
CA GLU A 292 -49.40 -3.30 -46.21
C GLU A 292 -49.72 -2.10 -47.08
N SER A 293 -50.39 -1.07 -46.55
CA SER A 293 -50.67 0.14 -47.31
C SER A 293 -49.96 1.34 -46.69
N LEU A 294 -50.24 1.60 -45.42
CA LEU A 294 -49.60 2.69 -44.69
C LEU A 294 -48.34 2.26 -43.97
N TRP A 295 -47.95 0.99 -44.12
CA TRP A 295 -46.73 0.48 -43.52
C TRP A 295 -45.55 1.41 -43.74
N ARG A 296 -45.59 2.19 -44.82
CA ARG A 296 -44.69 3.30 -45.04
C ARG A 296 -45.47 4.42 -45.72
N GLY A 297 -44.79 5.55 -45.93
CA GLY A 297 -45.39 6.69 -46.59
C GLY A 297 -45.20 6.66 -48.09
N LEU A 298 -45.20 5.47 -48.67
CA LEU A 298 -45.01 5.32 -50.11
C LEU A 298 -46.20 5.85 -50.91
N ASP A 299 -47.30 6.17 -50.25
CA ASP A 299 -48.46 6.75 -50.90
C ASP A 299 -48.80 8.07 -50.20
N PRO A 300 -48.01 9.13 -50.43
CA PRO A 300 -48.21 10.37 -49.68
C PRO A 300 -49.36 11.21 -50.20
N ILE A 301 -50.57 10.88 -49.75
CA ILE A 301 -51.76 11.63 -50.14
C ILE A 301 -51.82 12.99 -49.46
N ASP A 302 -50.80 13.36 -48.68
CA ASP A 302 -50.74 14.63 -47.97
C ASP A 302 -51.03 15.81 -48.91
N PRO A 303 -52.12 16.54 -48.67
CA PRO A 303 -52.44 17.67 -49.53
C PRO A 303 -52.32 19.00 -48.81
N HIS A 304 -53.45 19.69 -48.68
CA HIS A 304 -53.55 20.96 -47.97
C HIS A 304 -54.74 20.92 -47.02
N SER A 305 -55.05 19.72 -46.51
CA SER A 305 -56.25 19.51 -45.72
C SER A 305 -57.46 20.02 -46.48
N LEU A 306 -58.32 20.81 -45.83
CA LEU A 306 -59.45 21.41 -46.52
C LEU A 306 -58.95 22.54 -47.40
N PRO A 307 -59.20 22.49 -48.71
CA PRO A 307 -58.70 23.53 -49.61
C PRO A 307 -59.17 24.92 -49.22
N ASP A 308 -60.48 25.11 -49.14
CA ASP A 308 -61.05 26.40 -48.72
C ASP A 308 -62.30 26.14 -47.88
N ARG A 309 -62.11 25.98 -46.58
CA ARG A 309 -63.21 25.86 -45.62
C ARG A 309 -64.27 24.86 -46.06
N GLU A 310 -63.86 23.67 -46.49
CA GLU A 310 -64.79 22.63 -46.90
C GLU A 310 -65.31 21.85 -45.69
N ILE A 311 -65.75 22.59 -44.67
CA ILE A 311 -66.34 22.01 -43.48
C ILE A 311 -67.86 22.15 -43.47
N PHE A 312 -68.41 23.15 -44.16
CA PHE A 312 -69.85 23.40 -44.17
C PHE A 312 -70.56 22.36 -45.04
N GLU A 313 -70.49 21.12 -44.58
CA GLU A 313 -71.12 19.96 -45.23
C GLU A 313 -71.90 19.16 -44.21
N LEU A 314 -72.70 19.87 -43.39
CA LEU A 314 -73.40 19.22 -42.30
C LEU A 314 -74.38 18.16 -42.81
N LEU A 315 -75.18 18.51 -43.83
CA LEU A 315 -76.20 17.62 -44.37
C LEU A 315 -77.06 17.03 -43.27
N GLY A 316 -77.04 15.71 -43.13
CA GLY A 316 -77.80 15.05 -42.08
C GLY A 316 -78.26 13.66 -42.49
N ALA B 52 -74.98 37.99 -12.75
CA ALA B 52 -76.26 37.31 -12.75
C ALA B 52 -76.11 35.87 -12.27
N LYS B 53 -77.05 35.01 -12.65
CA LYS B 53 -77.03 33.60 -12.27
C LYS B 53 -76.24 32.83 -13.34
N VAL B 54 -75.05 32.37 -12.96
CA VAL B 54 -74.08 31.84 -13.92
C VAL B 54 -73.81 30.38 -13.60
N PHE B 55 -73.74 29.54 -14.63
CA PHE B 55 -73.51 28.11 -14.48
C PHE B 55 -72.41 27.69 -15.46
N ALA B 56 -71.43 26.94 -14.96
CA ALA B 56 -70.33 26.47 -15.78
C ALA B 56 -70.71 25.15 -16.44
N VAL B 57 -71.12 25.20 -17.70
CA VAL B 57 -71.51 24.00 -18.45
C VAL B 57 -70.29 23.54 -19.24
N TYR B 58 -69.73 22.40 -18.87
CA TYR B 58 -68.54 21.89 -19.53
C TYR B 58 -68.88 20.60 -20.27
N GLY B 59 -68.87 20.68 -21.61
CA GLY B 59 -69.12 19.53 -22.44
C GLY B 59 -67.87 18.75 -22.80
N LYS B 60 -67.99 17.42 -22.80
CA LYS B 60 -66.90 16.58 -23.28
C LYS B 60 -66.53 16.93 -24.70
N GLY B 61 -67.51 17.30 -25.51
CA GLY B 61 -67.31 17.49 -26.93
C GLY B 61 -68.34 16.69 -27.70
N GLY B 62 -69.30 16.12 -26.97
CA GLY B 62 -70.32 15.32 -27.60
C GLY B 62 -71.24 16.14 -28.48
N ILE B 63 -71.97 15.44 -29.36
CA ILE B 63 -72.84 16.13 -30.32
C ILE B 63 -73.97 16.83 -29.58
N GLY B 64 -74.31 16.36 -28.39
CA GLY B 64 -75.38 16.96 -27.61
C GLY B 64 -74.99 18.27 -26.94
N LYS B 65 -73.78 18.76 -27.20
CA LYS B 65 -73.36 20.08 -26.73
C LYS B 65 -74.38 21.14 -27.13
N SER B 66 -74.75 21.16 -28.41
CA SER B 66 -75.79 22.08 -28.88
C SER B 66 -77.12 21.77 -28.21
N THR B 67 -77.55 20.52 -28.29
CA THR B 67 -78.84 20.12 -27.73
C THR B 67 -78.96 20.49 -26.27
N THR B 68 -77.85 20.45 -25.52
CA THR B 68 -77.90 20.82 -24.11
C THR B 68 -77.86 22.34 -23.93
N SER B 69 -76.80 22.98 -24.40
CA SER B 69 -76.61 24.40 -24.10
C SER B 69 -77.73 25.25 -24.71
N SER B 70 -77.96 25.10 -26.02
CA SER B 70 -78.91 25.96 -26.71
C SER B 70 -80.31 25.80 -26.13
N ASN B 71 -80.73 24.57 -25.88
CA ASN B 71 -82.11 24.34 -25.48
C ASN B 71 -82.31 24.63 -23.99
N LEU B 72 -81.30 24.41 -23.17
CA LEU B 72 -81.37 24.85 -21.78
C LEU B 72 -81.55 26.36 -21.72
N SER B 73 -80.79 27.07 -22.54
CA SER B 73 -80.94 28.53 -22.63
C SER B 73 -82.32 28.91 -23.15
N ALA B 74 -82.81 28.17 -24.14
CA ALA B 74 -84.13 28.47 -24.69
C ALA B 74 -85.19 28.34 -23.62
N ALA B 75 -85.12 27.28 -22.80
CA ALA B 75 -86.06 27.11 -21.69
C ALA B 75 -85.88 28.22 -20.64
N PHE B 76 -84.61 28.61 -20.35
CA PHE B 76 -84.39 29.75 -19.47
C PHE B 76 -85.24 30.92 -19.91
N SER B 77 -85.23 31.20 -21.21
CA SER B 77 -86.07 32.26 -21.76
C SER B 77 -87.56 31.90 -21.79
N ILE B 78 -87.90 30.62 -22.00
CA ILE B 78 -89.31 30.22 -22.09
C ILE B 78 -90.02 30.59 -20.81
N LEU B 79 -89.39 30.36 -19.65
CA LEU B 79 -90.04 30.79 -18.42
C LEU B 79 -90.14 32.31 -18.33
N GLY B 80 -89.39 33.04 -19.16
CA GLY B 80 -89.61 34.47 -19.31
C GLY B 80 -88.44 35.34 -18.92
N LYS B 81 -87.25 34.76 -18.88
CA LYS B 81 -86.10 35.43 -18.30
C LYS B 81 -85.04 35.71 -19.36
N ARG B 82 -84.19 36.69 -19.08
CA ARG B 82 -83.17 37.12 -20.02
C ARG B 82 -82.01 36.14 -20.05
N VAL B 83 -81.52 35.82 -21.25
CA VAL B 83 -80.56 34.74 -21.45
C VAL B 83 -79.28 35.27 -22.08
N LEU B 84 -78.15 34.75 -21.60
CA LEU B 84 -76.83 34.99 -22.20
C LEU B 84 -76.05 33.68 -22.22
N GLN B 85 -76.13 32.97 -23.33
CA GLN B 85 -75.49 31.67 -23.44
C GLN B 85 -74.09 31.80 -24.02
N ILE B 86 -73.12 31.23 -23.31
CA ILE B 86 -71.75 31.18 -23.83
C ILE B 86 -71.42 29.74 -24.21
N GLY B 87 -71.67 29.37 -25.45
CA GLY B 87 -71.40 28.02 -25.90
C GLY B 87 -70.14 27.92 -26.72
N CYS B 88 -69.05 27.46 -26.10
CA CYS B 88 -67.79 27.34 -26.83
C CYS B 88 -67.85 26.19 -27.83
N ASP B 89 -68.02 26.53 -29.09
CA ASP B 89 -68.09 25.55 -30.17
C ASP B 89 -67.58 26.23 -31.42
N PRO B 90 -66.31 26.06 -31.77
CA PRO B 90 -65.78 26.73 -32.96
C PRO B 90 -66.49 26.34 -34.24
N LYS B 91 -67.05 25.13 -34.30
CA LYS B 91 -67.93 24.74 -35.39
C LYS B 91 -69.19 25.60 -35.42
N HIS B 92 -69.49 26.28 -34.32
CA HIS B 92 -70.63 27.19 -34.19
C HIS B 92 -71.95 26.43 -34.32
N ASP B 93 -72.11 25.43 -33.45
CA ASP B 93 -73.35 24.69 -33.37
C ASP B 93 -74.03 24.74 -32.01
N SER B 94 -73.29 25.01 -30.94
CA SER B 94 -73.86 24.95 -29.59
C SER B 94 -74.97 25.97 -29.37
N THR B 95 -74.91 27.12 -30.04
CA THR B 95 -75.91 28.17 -29.86
C THR B 95 -76.54 28.66 -31.15
N PHE B 96 -76.08 28.19 -32.31
CA PHE B 96 -76.52 28.77 -33.57
C PHE B 96 -77.99 28.46 -33.86
N THR B 97 -78.56 27.48 -33.18
CA THR B 97 -79.88 26.99 -33.56
C THR B 97 -80.99 27.94 -33.09
N LEU B 98 -80.73 28.69 -32.02
CA LEU B 98 -81.72 29.65 -31.54
C LEU B 98 -81.94 30.78 -32.53
N THR B 99 -81.01 30.97 -33.46
CA THR B 99 -81.14 31.96 -34.51
C THR B 99 -81.30 31.36 -35.90
N GLY B 100 -81.34 30.04 -36.02
CA GLY B 100 -81.41 29.41 -37.31
C GLY B 100 -80.06 29.28 -37.98
N SER B 101 -79.48 30.40 -38.40
CA SER B 101 -78.20 30.37 -39.08
C SER B 101 -77.06 30.30 -38.07
N LEU B 102 -75.84 30.11 -38.60
CA LEU B 102 -74.66 30.10 -37.77
C LEU B 102 -74.43 31.47 -37.13
N VAL B 103 -74.55 31.52 -35.82
CA VAL B 103 -74.44 32.78 -35.08
C VAL B 103 -73.04 33.36 -35.24
N PRO B 104 -72.91 34.68 -35.37
CA PRO B 104 -71.59 35.31 -35.16
C PRO B 104 -71.35 35.57 -33.67
N THR B 105 -70.27 35.01 -33.13
CA THR B 105 -69.95 35.20 -31.73
C THR B 105 -69.12 36.46 -31.55
N VAL B 106 -68.50 36.58 -30.36
CA VAL B 106 -67.47 37.59 -30.16
C VAL B 106 -66.33 37.36 -31.15
N ILE B 107 -65.93 36.10 -31.29
CA ILE B 107 -64.77 35.76 -32.11
C ILE B 107 -65.04 36.02 -33.59
N ASP B 108 -66.27 35.81 -34.03
CA ASP B 108 -66.59 36.04 -35.44
C ASP B 108 -66.35 37.48 -35.87
N VAL B 109 -66.95 38.43 -35.14
CA VAL B 109 -66.79 39.84 -35.48
C VAL B 109 -65.38 40.31 -35.13
N LEU B 110 -64.83 39.84 -34.01
CA LEU B 110 -63.46 40.15 -33.63
C LEU B 110 -62.44 39.56 -34.59
N LYS B 111 -62.87 38.67 -35.48
CA LYS B 111 -62.12 38.18 -36.61
C LYS B 111 -62.32 39.05 -37.85
N ASP B 112 -63.57 39.48 -38.09
CA ASP B 112 -63.84 40.39 -39.19
C ASP B 112 -63.07 41.69 -39.03
N VAL B 113 -63.09 42.26 -37.82
CA VAL B 113 -62.18 43.32 -37.43
C VAL B 113 -60.94 42.65 -36.83
N ASP B 114 -59.86 43.42 -36.67
CA ASP B 114 -58.62 42.79 -36.20
C ASP B 114 -58.60 42.66 -34.67
N PHE B 115 -58.52 43.78 -33.95
CA PHE B 115 -58.45 43.73 -32.48
C PHE B 115 -59.23 44.89 -31.85
N HIS B 116 -60.41 45.21 -32.38
CA HIS B 116 -61.17 46.32 -31.83
C HIS B 116 -62.57 45.84 -31.42
N PRO B 117 -63.10 46.30 -30.29
CA PRO B 117 -64.43 45.87 -29.84
C PRO B 117 -65.58 46.81 -30.20
N GLU B 118 -65.32 48.01 -30.69
CA GLU B 118 -66.41 48.95 -30.97
C GLU B 118 -67.28 48.51 -32.13
N GLU B 119 -66.75 47.71 -33.05
CA GLU B 119 -67.55 47.13 -34.12
C GLU B 119 -68.17 45.79 -33.74
N LEU B 120 -68.02 45.36 -32.49
CA LEU B 120 -68.73 44.19 -31.98
C LEU B 120 -70.10 44.65 -31.46
N ARG B 121 -71.01 44.86 -32.39
CA ARG B 121 -72.34 45.33 -32.05
C ARG B 121 -73.15 44.20 -31.43
N PRO B 122 -74.15 44.52 -30.58
CA PRO B 122 -74.86 43.49 -29.82
C PRO B 122 -75.35 42.31 -30.63
N GLU B 123 -76.18 42.53 -31.64
CA GLU B 123 -76.76 41.43 -32.39
C GLU B 123 -75.70 40.62 -33.14
N ASP B 124 -74.55 41.23 -33.41
CA ASP B 124 -73.51 40.56 -34.19
C ASP B 124 -72.43 39.94 -33.33
N PHE B 125 -72.19 40.46 -32.12
CA PHE B 125 -71.16 39.87 -31.27
C PHE B 125 -71.76 38.91 -30.25
N VAL B 126 -73.05 39.06 -29.96
CA VAL B 126 -73.85 38.05 -29.27
C VAL B 126 -75.20 37.99 -29.97
N PHE B 127 -75.38 36.97 -30.81
CA PHE B 127 -76.61 36.83 -31.58
C PHE B 127 -77.75 36.48 -30.63
N GLU B 128 -78.85 37.23 -30.71
CA GLU B 128 -80.04 36.92 -29.92
C GLU B 128 -80.89 35.87 -30.62
N GLY B 129 -81.18 34.78 -29.93
CA GLY B 129 -81.87 33.66 -30.51
C GLY B 129 -83.37 33.67 -30.29
N PHE B 130 -83.99 32.54 -30.61
CA PHE B 130 -85.44 32.42 -30.50
C PHE B 130 -85.87 32.49 -29.04
N ASN B 131 -87.07 33.05 -28.83
CA ASN B 131 -87.66 33.23 -27.51
C ASN B 131 -86.84 34.17 -26.64
N GLY B 132 -85.93 34.93 -27.25
CA GLY B 132 -85.09 35.86 -26.52
C GLY B 132 -83.91 35.22 -25.83
N VAL B 133 -83.06 34.54 -26.61
CA VAL B 133 -81.84 33.95 -26.08
C VAL B 133 -80.63 34.54 -26.79
N MET B 134 -79.98 35.51 -26.13
CA MET B 134 -78.84 36.16 -26.75
C MET B 134 -77.58 35.36 -26.44
N CYS B 135 -77.22 34.46 -27.35
CA CYS B 135 -76.31 33.33 -27.09
C CYS B 135 -74.99 33.51 -27.84
N VAL B 136 -73.92 33.78 -27.09
CA VAL B 136 -72.58 33.93 -27.67
C VAL B 136 -71.89 32.57 -27.73
N GLU B 137 -70.81 32.52 -28.50
CA GLU B 137 -70.00 31.32 -28.66
C GLU B 137 -68.54 31.64 -28.34
N ALA B 138 -67.67 30.65 -28.59
CA ALA B 138 -66.23 30.83 -28.50
C ALA B 138 -65.58 30.04 -29.62
N GLY B 139 -65.05 30.74 -30.62
CA GLY B 139 -64.46 30.10 -31.78
C GLY B 139 -62.99 29.82 -31.55
N GLY B 140 -62.67 28.54 -31.37
CA GLY B 140 -61.34 28.08 -31.02
C GLY B 140 -60.25 28.72 -31.86
N PRO B 141 -59.05 28.83 -31.28
CA PRO B 141 -57.99 29.63 -31.91
C PRO B 141 -57.65 29.11 -33.29
N PRO B 142 -57.27 30.01 -34.22
CA PRO B 142 -56.89 29.57 -35.56
C PRO B 142 -55.78 28.54 -35.52
N ALA B 143 -55.80 27.60 -36.46
CA ALA B 143 -54.93 26.43 -36.39
C ALA B 143 -53.47 26.81 -36.20
N GLY B 144 -52.92 26.46 -35.04
CA GLY B 144 -51.53 26.61 -34.75
C GLY B 144 -51.17 27.80 -33.89
N THR B 145 -51.79 28.95 -34.13
CA THR B 145 -51.39 30.19 -33.48
C THR B 145 -52.55 30.70 -32.65
N GLY B 146 -52.23 31.50 -31.64
CA GLY B 146 -53.24 32.01 -30.73
C GLY B 146 -53.43 31.09 -29.54
N CYS B 147 -53.28 31.64 -28.34
CA CYS B 147 -53.44 30.86 -27.12
C CYS B 147 -54.83 30.28 -27.07
N GLY B 148 -54.92 29.00 -26.70
CA GLY B 148 -56.21 28.34 -26.61
C GLY B 148 -57.13 29.03 -25.63
N GLY B 149 -56.56 29.48 -24.51
CA GLY B 149 -57.32 30.25 -23.55
C GLY B 149 -57.77 31.59 -24.10
N TYR B 150 -56.85 32.27 -24.79
CA TYR B 150 -57.08 33.63 -25.27
C TYR B 150 -58.47 33.82 -25.87
N VAL B 151 -58.90 32.86 -26.69
CA VAL B 151 -60.19 32.99 -27.38
C VAL B 151 -61.33 33.12 -26.38
N VAL B 152 -61.49 32.11 -25.52
CA VAL B 152 -62.63 32.10 -24.61
C VAL B 152 -62.50 33.21 -23.56
N GLY B 153 -61.26 33.49 -23.14
CA GLY B 153 -61.02 34.58 -22.21
C GLY B 153 -61.51 35.88 -22.81
N GLN B 154 -61.26 36.08 -24.11
CA GLN B 154 -61.71 37.30 -24.77
C GLN B 154 -63.21 37.31 -24.95
N THR B 155 -63.82 36.14 -25.18
CA THR B 155 -65.27 36.07 -25.21
C THR B 155 -65.87 36.57 -23.90
N VAL B 156 -65.37 36.04 -22.77
CA VAL B 156 -65.91 36.44 -21.47
C VAL B 156 -65.62 37.91 -21.20
N LYS B 157 -64.42 38.36 -21.54
CA LYS B 157 -64.04 39.75 -21.27
C LYS B 157 -64.87 40.72 -22.11
N LEU B 158 -65.26 40.30 -23.33
CA LEU B 158 -66.12 41.14 -24.16
C LEU B 158 -67.55 41.13 -23.65
N LEU B 159 -68.03 39.98 -23.18
CA LEU B 159 -69.37 39.92 -22.62
C LEU B 159 -69.47 40.81 -21.37
N LYS B 160 -68.40 40.84 -20.58
CA LYS B 160 -68.38 41.72 -19.41
C LYS B 160 -68.15 43.18 -19.79
N GLN B 161 -67.43 43.42 -20.89
CA GLN B 161 -67.12 44.79 -21.30
C GLN B 161 -68.40 45.57 -21.64
N HIS B 162 -69.33 44.91 -22.33
CA HIS B 162 -70.65 45.49 -22.57
C HIS B 162 -71.61 45.19 -21.43
N HIS B 163 -71.12 44.48 -20.39
CA HIS B 163 -71.91 44.12 -19.22
C HIS B 163 -73.18 43.38 -19.61
N LEU B 164 -73.01 42.41 -20.52
CA LEU B 164 -74.13 41.58 -20.93
C LEU B 164 -74.54 40.62 -19.83
N LEU B 165 -73.58 40.13 -19.04
CA LEU B 165 -73.93 39.26 -17.91
C LEU B 165 -74.81 40.01 -16.92
N ASP B 166 -74.53 41.29 -16.70
CA ASP B 166 -75.39 42.12 -15.87
C ASP B 166 -76.65 42.51 -16.61
N ASP B 167 -76.54 42.73 -17.93
CA ASP B 167 -77.72 43.01 -18.74
C ASP B 167 -78.70 41.84 -18.73
N THR B 168 -78.18 40.63 -18.82
CA THR B 168 -79.01 39.43 -18.85
C THR B 168 -79.25 38.92 -17.42
N ASP B 169 -80.08 37.89 -17.33
CA ASP B 169 -80.26 37.15 -16.10
C ASP B 169 -79.68 35.75 -16.15
N VAL B 170 -79.48 35.20 -17.35
CA VAL B 170 -78.77 33.94 -17.54
C VAL B 170 -77.35 34.28 -17.94
N VAL B 171 -76.39 33.60 -17.33
CA VAL B 171 -75.11 33.37 -17.98
C VAL B 171 -74.86 31.88 -17.98
N ILE B 172 -75.32 31.19 -19.03
CA ILE B 172 -75.01 29.78 -19.16
C ILE B 172 -73.74 29.63 -20.00
N PHE B 173 -72.81 28.83 -19.50
CA PHE B 173 -71.41 28.89 -19.93
C PHE B 173 -71.00 27.51 -20.43
N ASP B 174 -71.27 27.25 -21.71
CA ASP B 174 -70.96 25.96 -22.32
C ASP B 174 -69.58 26.03 -22.95
N VAL B 175 -68.61 25.30 -22.38
CA VAL B 175 -67.25 25.28 -22.88
C VAL B 175 -66.79 23.82 -22.97
N LEU B 176 -65.79 23.60 -23.80
CA LEU B 176 -65.25 22.26 -24.02
C LEU B 176 -64.64 21.70 -22.74
N GLY B 177 -64.56 20.38 -22.69
CA GLY B 177 -64.01 19.69 -21.52
C GLY B 177 -62.93 18.69 -21.86
N ASP B 178 -62.63 18.52 -23.15
CA ASP B 178 -61.57 17.59 -23.55
C ASP B 178 -60.20 18.20 -23.32
N VAL B 179 -59.96 19.41 -23.83
CA VAL B 179 -58.72 20.13 -23.53
C VAL B 179 -59.00 21.12 -22.41
N VAL B 180 -58.35 20.91 -21.26
CA VAL B 180 -58.66 21.66 -20.06
C VAL B 180 -57.43 22.36 -19.51
N CYS B 181 -56.53 22.79 -20.39
CA CYS B 181 -55.37 23.54 -19.93
C CYS B 181 -55.82 24.83 -19.26
N GLY B 182 -54.91 25.42 -18.47
CA GLY B 182 -55.21 26.60 -17.68
C GLY B 182 -56.00 27.64 -18.45
N GLY B 183 -55.52 27.99 -19.64
CA GLY B 183 -56.31 28.84 -20.51
C GLY B 183 -57.58 28.17 -21.00
N PHE B 184 -57.47 26.92 -21.42
CA PHE B 184 -58.64 26.20 -21.89
C PHE B 184 -59.67 25.99 -20.79
N ALA B 185 -59.23 25.90 -19.54
CA ALA B 185 -60.15 25.69 -18.43
C ALA B 185 -60.49 26.98 -17.70
N ALA B 186 -59.93 28.11 -18.14
CA ALA B 186 -60.19 29.42 -17.55
C ALA B 186 -61.68 29.78 -17.47
N PRO B 187 -62.49 29.47 -18.49
CA PRO B 187 -63.93 29.80 -18.40
C PRO B 187 -64.65 29.24 -17.19
N LEU B 188 -64.11 28.17 -16.58
CA LEU B 188 -64.74 27.60 -15.39
C LEU B 188 -64.76 28.58 -14.23
N GLN B 189 -63.70 29.37 -14.08
CA GLN B 189 -63.58 30.26 -12.93
C GLN B 189 -64.66 31.33 -12.93
N HIS B 190 -64.98 31.89 -14.10
CA HIS B 190 -65.92 33.01 -14.18
C HIS B 190 -67.29 32.60 -13.66
N ALA B 191 -67.73 31.39 -13.99
CA ALA B 191 -69.06 30.95 -13.62
C ALA B 191 -69.15 30.61 -12.14
N ASP B 192 -70.34 30.76 -11.57
CA ASP B 192 -70.56 30.46 -10.16
C ASP B 192 -70.85 28.98 -9.95
N GLN B 193 -71.95 28.49 -10.53
CA GLN B 193 -72.31 27.08 -10.46
C GLN B 193 -71.64 26.32 -11.61
N ALA B 194 -71.96 25.04 -11.72
CA ALA B 194 -71.41 24.22 -12.80
C ALA B 194 -72.29 22.99 -13.00
N VAL B 195 -72.68 22.74 -14.25
CA VAL B 195 -73.36 21.52 -14.63
C VAL B 195 -72.48 20.81 -15.65
N VAL B 196 -72.35 19.50 -15.53
CA VAL B 196 -71.41 18.73 -16.33
C VAL B 196 -72.12 17.98 -17.45
N VAL B 197 -72.26 18.62 -18.61
CA VAL B 197 -72.88 17.99 -19.77
C VAL B 197 -71.90 17.02 -20.42
N THR B 198 -72.42 15.90 -20.90
CA THR B 198 -71.58 14.79 -21.33
C THR B 198 -72.40 13.75 -22.05
N ALA B 199 -71.71 12.85 -22.75
CA ALA B 199 -72.35 11.64 -23.25
C ALA B 199 -72.34 10.57 -22.15
N ASN B 200 -73.16 9.54 -22.32
CA ASN B 200 -73.25 8.48 -21.31
C ASN B 200 -72.45 7.26 -21.77
N ASP B 201 -71.14 7.37 -21.63
CA ASP B 201 -70.23 6.24 -21.82
C ASP B 201 -68.96 6.49 -21.04
N PHE B 202 -68.10 5.47 -20.97
CA PHE B 202 -66.96 5.51 -20.07
C PHE B 202 -65.87 6.46 -20.57
N ASP B 203 -65.76 6.60 -21.89
CA ASP B 203 -64.92 7.65 -22.44
C ASP B 203 -65.39 9.01 -21.96
N SER B 204 -66.70 9.24 -21.99
CA SER B 204 -67.27 10.49 -21.51
C SER B 204 -67.20 10.63 -20.00
N ILE B 205 -67.27 9.54 -19.24
CA ILE B 205 -67.15 9.72 -17.79
C ILE B 205 -65.72 10.11 -17.45
N TYR B 206 -64.73 9.57 -18.17
CA TYR B 206 -63.37 10.06 -17.98
C TYR B 206 -63.29 11.53 -18.36
N ALA B 207 -63.95 11.91 -19.46
CA ALA B 207 -63.94 13.31 -19.87
C ALA B 207 -64.53 14.22 -18.80
N MET B 208 -65.61 13.81 -18.15
CA MET B 208 -66.20 14.69 -17.14
C MET B 208 -65.34 14.70 -15.88
N ASN B 209 -64.65 13.60 -15.58
CA ASN B 209 -63.72 13.66 -14.46
C ASN B 209 -62.58 14.63 -14.76
N ARG B 210 -62.16 14.71 -16.03
CA ARG B 210 -61.23 15.75 -16.43
C ARG B 210 -61.84 17.14 -16.24
N ILE B 211 -63.13 17.27 -16.57
CA ILE B 211 -63.84 18.53 -16.33
C ILE B 211 -63.82 18.89 -14.85
N ILE B 212 -64.11 17.90 -14.00
CA ILE B 212 -64.17 18.10 -12.56
C ILE B 212 -62.79 18.50 -12.02
N ALA B 213 -61.75 17.87 -12.56
CA ALA B 213 -60.40 18.27 -12.22
C ALA B 213 -60.12 19.72 -12.61
N ALA B 214 -60.57 20.13 -13.80
CA ALA B 214 -60.43 21.53 -14.18
C ALA B 214 -61.21 22.45 -13.24
N VAL B 215 -62.36 21.98 -12.77
CA VAL B 215 -63.14 22.76 -11.80
C VAL B 215 -62.35 22.97 -10.52
N GLN B 216 -61.75 21.90 -10.01
CA GLN B 216 -60.94 22.04 -8.80
C GLN B 216 -59.70 22.88 -9.04
N ALA B 217 -59.15 22.84 -10.26
CA ALA B 217 -58.03 23.70 -10.60
C ALA B 217 -58.42 25.17 -10.61
N LYS B 218 -59.59 25.50 -11.16
CA LYS B 218 -60.09 26.86 -11.15
C LYS B 218 -60.64 27.26 -9.78
N SER B 219 -60.85 26.30 -8.89
CA SER B 219 -61.30 26.61 -7.53
C SER B 219 -60.24 27.41 -6.78
N LYS B 220 -59.02 27.46 -7.31
CA LYS B 220 -58.00 28.36 -6.83
C LYS B 220 -58.51 29.79 -6.88
N ASN B 221 -59.29 30.11 -7.91
CA ASN B 221 -59.88 31.44 -8.07
C ASN B 221 -61.33 31.42 -7.62
N TYR B 222 -61.67 32.30 -6.67
CA TYR B 222 -63.01 32.39 -6.09
C TYR B 222 -63.44 31.07 -5.47
N LYS B 223 -64.74 30.79 -5.50
CA LYS B 223 -65.33 29.61 -4.86
C LYS B 223 -66.36 28.99 -5.80
N VAL B 224 -65.95 28.77 -7.06
CA VAL B 224 -66.82 28.17 -8.07
C VAL B 224 -67.39 26.84 -7.58
N ARG B 225 -68.70 26.68 -7.68
CA ARG B 225 -69.38 25.48 -7.22
C ARG B 225 -69.82 24.64 -8.42
N LEU B 226 -70.55 23.56 -8.14
CA LEU B 226 -71.02 22.64 -9.18
C LEU B 226 -72.48 22.30 -8.88
N ALA B 227 -73.38 22.74 -9.76
CA ALA B 227 -74.80 22.48 -9.56
C ALA B 227 -75.13 21.00 -9.71
N GLY B 228 -74.37 20.28 -10.52
CA GLY B 228 -74.63 18.87 -10.76
C GLY B 228 -74.05 18.45 -12.08
N CYS B 229 -74.55 17.32 -12.58
CA CYS B 229 -74.14 16.77 -13.86
C CYS B 229 -75.36 16.41 -14.70
N VAL B 230 -75.30 16.76 -15.99
CA VAL B 230 -76.35 16.44 -16.93
C VAL B 230 -75.73 15.69 -18.10
N ALA B 231 -76.58 15.26 -19.02
CA ALA B 231 -76.10 14.54 -20.18
C ALA B 231 -76.22 15.40 -21.44
N ASN B 232 -75.46 15.02 -22.46
CA ASN B 232 -75.62 15.60 -23.80
C ASN B 232 -76.76 14.89 -24.53
N ARG B 233 -77.93 14.93 -23.87
CA ARG B 233 -79.16 14.33 -24.39
C ARG B 233 -79.06 12.81 -24.50
N SER B 234 -78.06 12.24 -23.82
CA SER B 234 -77.74 10.82 -24.00
C SER B 234 -78.56 9.90 -23.11
N ARG B 235 -78.46 10.05 -21.78
CA ARG B 235 -79.15 9.13 -20.89
C ARG B 235 -79.38 9.82 -19.55
N ALA B 236 -80.43 9.37 -18.84
CA ALA B 236 -80.80 9.95 -17.56
C ALA B 236 -79.89 9.47 -16.44
N THR B 237 -78.59 9.64 -16.67
CA THR B 237 -77.55 9.38 -15.68
C THR B 237 -77.59 7.95 -15.13
N ASP B 238 -77.91 6.98 -15.98
CA ASP B 238 -77.80 5.59 -15.53
C ASP B 238 -76.36 5.12 -15.47
N GLU B 239 -75.45 5.79 -16.19
CA GLU B 239 -74.06 5.40 -16.25
C GLU B 239 -73.13 6.29 -15.43
N VAL B 240 -73.63 7.38 -14.85
CA VAL B 240 -72.74 8.32 -14.17
C VAL B 240 -73.13 8.51 -12.71
N ASP B 241 -74.41 8.35 -12.37
CA ASP B 241 -74.89 8.79 -11.06
C ASP B 241 -74.11 8.13 -9.92
N ARG B 242 -73.84 6.83 -10.04
CA ARG B 242 -73.06 6.16 -9.00
C ARG B 242 -71.62 6.65 -8.98
N PHE B 243 -71.10 7.07 -10.14
CA PHE B 243 -69.78 7.67 -10.17
C PHE B 243 -69.76 9.01 -9.45
N CYS B 244 -70.75 9.86 -9.72
CA CYS B 244 -70.88 11.12 -9.00
C CYS B 244 -70.96 10.86 -7.51
N LYS B 245 -71.69 9.80 -7.13
CA LYS B 245 -71.69 9.38 -5.73
C LYS B 245 -70.29 9.01 -5.26
N GLU B 246 -69.50 8.39 -6.14
CA GLU B 246 -68.13 8.03 -5.78
C GLU B 246 -67.27 9.27 -5.57
N THR B 247 -67.43 10.28 -6.42
CA THR B 247 -66.64 11.50 -6.31
C THR B 247 -67.23 12.49 -5.32
N ASN B 248 -68.24 12.10 -4.54
CA ASN B 248 -68.97 13.01 -3.65
C ASN B 248 -69.65 14.11 -4.46
N PHE B 249 -70.58 13.67 -5.31
CA PHE B 249 -71.24 14.56 -6.26
C PHE B 249 -72.62 13.97 -6.57
N ARG B 250 -73.42 14.74 -7.30
CA ARG B 250 -74.69 14.27 -7.84
C ARG B 250 -74.75 14.60 -9.31
N ARG B 251 -75.37 13.70 -10.08
CA ARG B 251 -75.59 13.87 -11.51
C ARG B 251 -77.08 14.13 -11.71
N LEU B 252 -77.42 15.36 -12.08
CA LEU B 252 -78.82 15.72 -12.25
C LEU B 252 -79.46 14.85 -13.33
N ALA B 253 -80.63 14.31 -13.01
CA ALA B 253 -81.27 13.33 -13.87
C ALA B 253 -81.83 14.00 -15.11
N HIS B 254 -80.99 14.13 -16.14
CA HIS B 254 -81.39 14.76 -17.40
C HIS B 254 -81.84 13.67 -18.35
N MET B 255 -83.12 13.70 -18.71
CA MET B 255 -83.76 12.66 -19.52
C MET B 255 -83.06 12.51 -20.86
N PRO B 256 -82.88 11.28 -21.35
CA PRO B 256 -82.28 11.07 -22.68
C PRO B 256 -83.07 11.75 -23.78
N ASP B 257 -82.45 12.71 -24.46
CA ASP B 257 -83.11 13.37 -25.58
C ASP B 257 -82.53 12.97 -26.93
N LEU B 258 -81.40 12.26 -26.96
CA LEU B 258 -80.87 11.76 -28.23
C LEU B 258 -81.74 10.64 -28.80
N ASP B 259 -82.66 10.08 -28.00
CA ASP B 259 -83.53 9.02 -28.49
C ASP B 259 -84.43 9.53 -29.61
N ALA B 260 -84.95 10.74 -29.47
CA ALA B 260 -85.76 11.35 -30.51
C ALA B 260 -84.88 11.65 -31.73
N ILE B 261 -85.51 12.19 -32.78
CA ILE B 261 -84.76 12.49 -33.99
C ILE B 261 -83.77 13.61 -33.69
N ARG B 262 -82.51 13.40 -34.09
CA ARG B 262 -81.48 14.39 -33.89
C ARG B 262 -80.61 14.49 -35.14
N ARG B 263 -80.05 15.67 -35.36
CA ARG B 263 -79.05 15.94 -36.37
C ARG B 263 -77.86 16.58 -35.67
N SER B 264 -76.93 17.13 -36.46
CA SER B 264 -75.77 17.79 -35.87
C SER B 264 -76.21 18.81 -34.83
N ARG B 265 -77.19 19.65 -35.17
CA ARG B 265 -77.83 20.52 -34.20
C ARG B 265 -79.33 20.52 -34.45
N LEU B 266 -79.88 19.33 -34.74
CA LEU B 266 -81.26 19.20 -35.20
C LEU B 266 -81.49 20.09 -36.40
N LYS B 267 -80.78 19.81 -37.50
CA LYS B 267 -80.82 20.60 -38.73
C LYS B 267 -80.32 22.01 -38.40
N LYS B 268 -81.15 23.05 -38.48
CA LYS B 268 -80.73 24.41 -38.22
C LYS B 268 -81.31 25.00 -36.94
N LYS B 269 -82.29 24.34 -36.33
CA LYS B 269 -82.89 24.81 -35.08
C LYS B 269 -83.18 23.58 -34.23
N THR B 270 -82.79 23.63 -32.95
CA THR B 270 -82.94 22.48 -32.10
C THR B 270 -84.38 22.32 -31.60
N LEU B 271 -84.53 21.45 -30.60
CA LEU B 271 -85.84 21.01 -30.14
C LEU B 271 -86.69 22.17 -29.63
N PHE B 272 -86.07 23.15 -28.97
CA PHE B 272 -86.83 24.31 -28.51
C PHE B 272 -87.09 25.32 -29.61
N GLU B 273 -86.46 25.19 -30.78
CA GLU B 273 -86.62 26.17 -31.84
C GLU B 273 -87.24 25.59 -33.11
N MET B 274 -87.70 24.34 -33.10
CA MET B 274 -88.42 23.78 -34.24
C MET B 274 -89.64 23.02 -33.74
N ASP B 275 -90.47 22.60 -34.70
CA ASP B 275 -91.75 21.96 -34.45
C ASP B 275 -91.61 20.55 -33.89
N GLU B 276 -90.50 19.88 -34.15
CA GLU B 276 -90.32 18.52 -33.63
C GLU B 276 -90.41 18.50 -32.11
N ASP B 277 -89.75 19.44 -31.44
CA ASP B 277 -89.87 19.64 -30.00
C ASP B 277 -89.54 18.36 -29.23
N GLN B 278 -88.41 17.75 -29.61
CA GLN B 278 -88.02 16.45 -29.10
C GLN B 278 -89.15 15.45 -29.27
N ASP B 279 -89.38 14.65 -28.23
CA ASP B 279 -90.58 13.81 -28.21
C ASP B 279 -91.81 14.64 -27.90
N VAL B 280 -91.81 15.32 -26.75
CA VAL B 280 -92.99 15.99 -26.22
C VAL B 280 -92.59 17.35 -25.65
N LEU B 281 -93.57 18.22 -25.45
CA LEU B 281 -93.34 19.41 -24.65
C LEU B 281 -92.87 19.06 -23.25
N ALA B 282 -93.17 17.87 -22.75
CA ALA B 282 -92.58 17.39 -21.50
C ALA B 282 -91.12 17.01 -21.69
N ALA B 283 -90.76 16.44 -22.84
CA ALA B 283 -89.35 16.21 -23.13
C ALA B 283 -88.57 17.50 -23.13
N ARG B 284 -89.20 18.60 -23.55
CA ARG B 284 -88.56 19.91 -23.39
C ARG B 284 -88.73 20.48 -21.97
N ALA B 285 -89.78 20.09 -21.27
CA ALA B 285 -89.94 20.47 -19.88
C ALA B 285 -88.85 19.88 -19.02
N GLU B 286 -88.16 18.85 -19.50
CA GLU B 286 -86.94 18.40 -18.83
C GLU B 286 -85.94 19.56 -18.70
N TYR B 287 -85.63 20.21 -19.83
CA TYR B 287 -84.75 21.37 -19.77
C TYR B 287 -85.40 22.51 -19.00
N ILE B 288 -86.72 22.60 -19.05
CA ILE B 288 -87.42 23.66 -18.31
C ILE B 288 -87.21 23.49 -16.80
N ARG B 289 -87.41 22.27 -16.29
CA ARG B 289 -87.15 22.01 -14.87
C ARG B 289 -85.68 22.20 -14.53
N LEU B 290 -84.77 21.85 -15.45
CA LEU B 290 -83.36 22.14 -15.20
C LEU B 290 -83.12 23.64 -15.04
N ALA B 291 -83.79 24.45 -15.85
CA ALA B 291 -83.68 25.90 -15.72
C ALA B 291 -84.24 26.38 -14.37
N GLU B 292 -85.36 25.79 -13.96
CA GLU B 292 -85.93 26.14 -12.65
C GLU B 292 -84.94 25.81 -11.53
N SER B 293 -84.28 24.66 -11.64
CA SER B 293 -83.23 24.32 -10.68
C SER B 293 -82.09 25.33 -10.75
N LEU B 294 -81.78 25.82 -11.95
CA LEU B 294 -80.63 26.70 -12.11
C LEU B 294 -80.87 28.11 -11.54
N TRP B 295 -82.11 28.63 -11.56
CA TRP B 295 -82.41 29.75 -10.66
C TRP B 295 -82.20 29.41 -9.19
N ARG B 296 -82.86 28.38 -8.67
CA ARG B 296 -82.68 28.09 -7.26
C ARG B 296 -81.31 27.52 -6.94
N GLY B 297 -80.59 26.98 -7.91
CA GLY B 297 -79.21 26.59 -7.72
C GLY B 297 -78.94 25.62 -6.59
N LEU B 298 -79.76 24.59 -6.46
CA LEU B 298 -79.53 23.59 -5.42
C LEU B 298 -78.25 22.82 -5.70
N ASP B 299 -77.78 22.09 -4.69
CA ASP B 299 -76.66 21.16 -4.72
C ASP B 299 -75.44 21.80 -5.37
N PRO B 300 -74.80 22.76 -4.70
CA PRO B 300 -73.54 23.32 -5.22
C PRO B 300 -72.32 22.48 -4.91
N ILE B 301 -72.51 21.35 -4.20
CA ILE B 301 -71.42 20.56 -3.64
C ILE B 301 -70.39 20.20 -4.70
N ASP B 302 -69.12 20.46 -4.40
CA ASP B 302 -67.97 20.20 -5.25
C ASP B 302 -67.47 18.78 -5.05
N PRO B 303 -67.38 17.99 -6.12
CA PRO B 303 -66.81 16.65 -6.02
C PRO B 303 -65.30 16.71 -5.88
N HIS B 304 -64.72 15.53 -5.69
CA HIS B 304 -63.28 15.36 -5.60
C HIS B 304 -62.77 14.52 -6.77
N SER B 305 -61.53 14.79 -7.16
CA SER B 305 -60.94 14.10 -8.29
C SER B 305 -60.79 12.62 -8.00
N LEU B 306 -61.02 11.78 -9.01
CA LEU B 306 -60.93 10.32 -8.86
C LEU B 306 -60.07 9.73 -9.98
N PRO B 307 -58.76 9.65 -9.81
CA PRO B 307 -57.88 9.08 -10.84
C PRO B 307 -57.52 7.61 -10.68
N ASP B 308 -58.00 6.94 -9.63
CA ASP B 308 -57.58 5.57 -9.34
C ASP B 308 -58.49 4.57 -10.06
N ARG B 309 -58.50 4.68 -11.39
CA ARG B 309 -59.21 3.74 -12.26
C ARG B 309 -60.70 3.68 -11.94
N GLU B 310 -61.21 4.69 -11.25
CA GLU B 310 -62.63 4.79 -10.93
C GLU B 310 -63.47 5.11 -12.15
N ILE B 311 -62.83 5.43 -13.29
CA ILE B 311 -63.55 5.65 -14.53
C ILE B 311 -64.26 4.39 -15.01
N PHE B 312 -63.74 3.20 -14.67
CA PHE B 312 -64.26 1.92 -15.12
C PHE B 312 -64.23 1.79 -16.64
N GLU B 313 -63.25 2.42 -17.28
CA GLU B 313 -63.09 2.46 -18.73
C GLU B 313 -63.56 1.22 -19.47
N LEU C 19 3.00 -30.76 36.41
CA LEU C 19 2.05 -31.67 35.80
C LEU C 19 1.98 -31.47 34.29
N LYS C 20 3.13 -31.52 33.62
CA LYS C 20 3.12 -31.46 32.17
C LYS C 20 3.21 -32.84 31.52
N GLU C 21 3.25 -33.90 32.31
CA GLU C 21 3.55 -35.25 31.82
C GLU C 21 4.76 -35.22 30.90
N ARG C 22 5.79 -34.50 31.35
CA ARG C 22 7.02 -34.35 30.60
C ARG C 22 6.74 -33.80 29.20
N GLY C 23 5.84 -32.81 29.15
CA GLY C 23 5.38 -32.31 27.88
C GLY C 23 5.51 -30.80 27.67
N GLN C 24 4.95 -30.34 26.57
CA GLN C 24 5.07 -28.95 26.12
C GLN C 24 4.08 -28.09 26.90
N ARG C 25 4.58 -27.40 27.92
CA ARG C 25 3.75 -26.42 28.63
C ARG C 25 3.91 -25.07 27.94
N GLU C 26 2.84 -24.60 27.30
CA GLU C 26 2.90 -23.47 26.38
C GLU C 26 3.15 -22.14 27.08
N VAL C 27 3.04 -22.09 28.42
CA VAL C 27 3.12 -20.83 29.12
C VAL C 27 4.48 -20.18 28.91
N PHE C 28 4.54 -18.87 29.11
CA PHE C 28 5.75 -18.09 28.90
C PHE C 28 6.61 -18.05 30.15
N CYS C 29 7.89 -17.74 29.97
CA CYS C 29 8.76 -17.46 31.12
C CYS C 29 8.38 -16.11 31.71
N GLY C 30 8.48 -16.02 33.03
CA GLY C 30 7.91 -14.89 33.77
C GLY C 30 8.30 -13.51 33.32
N LEU C 31 9.33 -13.40 32.47
CA LEU C 31 9.77 -12.09 32.02
C LEU C 31 8.73 -11.35 31.21
N THR C 32 7.72 -12.03 30.66
CA THR C 32 6.73 -11.32 29.87
C THR C 32 5.88 -10.43 30.75
N GLY C 33 5.81 -10.72 32.05
CA GLY C 33 5.08 -9.84 32.96
C GLY C 33 5.72 -8.48 33.07
N ILE C 34 7.04 -8.41 32.86
CA ILE C 34 7.77 -7.15 32.93
C ILE C 34 7.16 -6.14 31.96
N ILE C 35 6.52 -6.63 30.90
CA ILE C 35 5.95 -5.79 29.86
C ILE C 35 4.98 -4.78 30.46
N TRP C 36 4.09 -5.24 31.34
CA TRP C 36 3.17 -4.33 32.00
C TRP C 36 3.64 -3.85 33.36
N LEU C 37 4.55 -4.59 33.99
CA LEU C 37 5.12 -4.08 35.24
C LEU C 37 5.81 -2.75 35.01
N HIS C 38 6.58 -2.64 33.92
CA HIS C 38 7.25 -1.38 33.64
C HIS C 38 6.25 -0.27 33.38
N ARG C 39 5.06 -0.62 32.87
CA ARG C 39 4.00 0.37 32.75
C ARG C 39 3.52 0.83 34.11
N LYS C 40 3.41 -0.11 35.07
CA LYS C 40 2.88 0.27 36.38
C LYS C 40 3.84 1.17 37.14
N MET C 41 5.02 0.65 37.49
CA MET C 41 5.99 1.43 38.25
C MET C 41 6.83 2.24 37.28
N GLN C 42 6.37 3.47 37.02
CA GLN C 42 6.96 4.28 35.95
C GLN C 42 8.35 4.80 36.29
N ASP C 43 8.86 4.60 37.50
CA ASP C 43 10.23 4.95 37.82
C ASP C 43 11.10 3.73 38.09
N ALA C 44 10.78 2.60 37.48
CA ALA C 44 11.48 1.35 37.71
C ALA C 44 12.05 0.79 36.42
N PHE C 45 13.34 0.49 36.43
CA PHE C 45 14.02 -0.15 35.32
C PHE C 45 14.21 -1.63 35.60
N PHE C 46 14.18 -2.43 34.53
CA PHE C 46 14.22 -3.88 34.62
C PHE C 46 15.37 -4.39 33.75
N LEU C 47 16.46 -4.78 34.38
CA LEU C 47 17.62 -5.30 33.64
C LEU C 47 17.55 -6.82 33.66
N VAL C 48 17.29 -7.40 32.50
CA VAL C 48 17.23 -8.84 32.32
C VAL C 48 18.54 -9.35 31.75
N VAL C 49 19.10 -10.39 32.35
CA VAL C 49 20.38 -10.93 31.91
C VAL C 49 20.20 -12.17 31.04
N GLY C 50 19.04 -12.32 30.42
CA GLY C 50 18.78 -13.48 29.59
C GLY C 50 19.63 -13.54 28.34
N SER C 51 19.67 -14.70 27.70
CA SER C 51 20.39 -14.85 26.44
C SER C 51 19.58 -14.21 25.32
N ARG C 52 20.03 -14.41 24.08
CA ARG C 52 19.32 -13.81 22.95
C ARG C 52 17.92 -14.37 22.83
N THR C 53 17.67 -15.57 23.35
CA THR C 53 16.31 -16.11 23.34
C THR C 53 15.39 -15.25 24.19
N CYS C 54 15.81 -14.94 25.40
CA CYS C 54 15.00 -14.11 26.28
C CYS C 54 14.92 -12.69 25.75
N ALA C 55 16.00 -12.21 25.13
CA ALA C 55 15.95 -10.90 24.49
C ALA C 55 14.91 -10.87 23.39
N HIS C 56 14.86 -11.92 22.57
CA HIS C 56 13.87 -11.99 21.51
C HIS C 56 12.47 -12.09 22.10
N LEU C 57 12.33 -12.80 23.21
CA LEU C 57 11.04 -12.91 23.85
C LEU C 57 10.53 -11.54 24.27
N LEU C 58 11.39 -10.75 24.91
CA LEU C 58 10.98 -9.41 25.33
C LEU C 58 10.69 -8.54 24.12
N GLN C 59 11.56 -8.61 23.11
CA GLN C 59 11.37 -7.85 21.87
C GLN C 59 10.00 -8.14 21.25
N SER C 60 9.61 -9.41 21.22
CA SER C 60 8.37 -9.80 20.57
C SER C 60 7.17 -9.51 21.46
N ALA C 61 7.12 -10.17 22.63
CA ALA C 61 5.97 -10.05 23.51
C ALA C 61 5.70 -8.61 23.92
N ALA C 62 6.72 -7.76 23.97
CA ALA C 62 6.46 -6.35 24.17
C ALA C 62 5.92 -5.68 22.93
N GLY C 63 6.32 -6.13 21.74
CA GLY C 63 5.83 -5.52 20.52
C GLY C 63 6.24 -4.06 20.43
N VAL C 64 5.26 -3.16 20.48
CA VAL C 64 5.49 -1.75 20.22
C VAL C 64 6.18 -1.07 21.40
N MET C 65 6.22 -1.75 22.55
CA MET C 65 6.94 -1.22 23.70
C MET C 65 8.37 -0.83 23.33
N ILE C 66 9.03 -1.67 22.53
CA ILE C 66 10.46 -1.48 22.25
C ILE C 66 10.73 -0.15 21.61
N PHE C 67 9.78 0.38 20.87
CA PHE C 67 10.06 1.55 20.04
C PHE C 67 9.96 2.86 20.79
N ALA C 68 9.56 2.86 22.07
CA ALA C 68 9.53 4.08 22.85
C ALA C 68 10.31 3.86 24.16
N GLU C 69 11.63 3.97 24.05
CA GLU C 69 12.62 3.94 25.13
C GLU C 69 12.17 3.11 26.32
N PRO C 70 11.73 1.84 26.17
CA PRO C 70 11.18 1.10 27.31
C PRO C 70 12.28 0.80 28.33
N ARG C 71 11.92 0.67 29.60
CA ARG C 71 12.92 0.31 30.63
C ARG C 71 13.13 -1.21 30.57
N PHE C 72 13.48 -1.72 29.39
CA PHE C 72 13.59 -3.19 29.21
C PHE C 72 15.04 -3.57 28.88
N GLY C 73 16.00 -3.21 29.73
CA GLY C 73 17.37 -3.67 29.49
C GLY C 73 17.40 -5.19 29.40
N THR C 74 17.77 -5.72 28.23
CA THR C 74 17.90 -7.19 28.10
C THR C 74 19.37 -7.56 27.92
N ALA C 75 20.25 -7.07 28.80
CA ALA C 75 21.66 -7.34 28.59
C ALA C 75 21.89 -8.83 28.32
N VAL C 76 22.30 -9.12 27.09
CA VAL C 76 22.54 -10.48 26.64
C VAL C 76 23.89 -10.89 27.19
N LEU C 77 23.94 -12.05 27.83
CA LEU C 77 25.23 -12.57 28.26
C LEU C 77 25.87 -13.35 27.11
N GLU C 78 26.99 -12.84 26.62
CA GLU C 78 27.64 -13.39 25.44
C GLU C 78 28.65 -14.45 25.85
N GLU C 79 29.50 -14.87 24.91
CA GLU C 79 30.40 -15.99 25.20
C GLU C 79 31.44 -15.60 26.24
N LYS C 80 31.82 -14.31 26.27
CA LYS C 80 32.81 -13.87 27.24
C LYS C 80 32.28 -14.00 28.66
N ASP C 81 30.96 -13.84 28.83
CA ASP C 81 30.37 -14.04 30.14
C ASP C 81 30.36 -15.52 30.52
N LEU C 82 30.38 -16.40 29.54
CA LEU C 82 30.65 -17.80 29.80
C LEU C 82 32.13 -17.99 30.12
N ALA C 83 32.44 -19.14 30.73
CA ALA C 83 33.79 -19.47 31.18
C ALA C 83 34.31 -18.41 32.15
N GLY C 84 33.48 -18.11 33.15
CA GLY C 84 33.82 -17.09 34.13
C GLY C 84 32.62 -16.62 34.92
N LEU C 85 32.81 -16.42 36.23
CA LEU C 85 31.69 -16.06 37.11
C LEU C 85 31.89 -14.66 37.70
N ALA C 86 33.02 -14.40 38.35
CA ALA C 86 33.24 -13.08 38.94
C ALA C 86 33.31 -11.99 37.88
N ASP C 87 33.97 -12.29 36.75
CA ASP C 87 34.01 -11.36 35.65
C ASP C 87 32.59 -11.00 35.20
N ALA C 88 31.70 -11.99 35.21
CA ALA C 88 30.34 -11.77 34.71
C ALA C 88 29.62 -10.71 35.53
N ASN C 89 29.57 -10.87 36.85
CA ASN C 89 28.81 -9.92 37.66
C ASN C 89 29.57 -8.61 37.86
N ALA C 90 30.90 -8.63 37.78
CA ALA C 90 31.62 -7.36 37.72
C ALA C 90 31.23 -6.56 36.48
N GLU C 91 31.19 -7.24 35.33
CA GLU C 91 30.80 -6.59 34.09
C GLU C 91 29.37 -6.10 34.18
N LEU C 92 28.52 -6.89 34.84
CA LEU C 92 27.14 -6.49 35.06
C LEU C 92 27.07 -5.18 35.85
N ASP C 93 27.88 -5.08 36.91
CA ASP C 93 28.00 -3.85 37.68
C ASP C 93 28.35 -2.68 36.78
N ARG C 94 29.37 -2.89 35.93
CA ARG C 94 29.80 -1.87 34.99
C ARG C 94 28.65 -1.39 34.09
N GLU C 95 27.95 -2.34 33.47
CA GLU C 95 26.89 -1.99 32.54
C GLU C 95 25.74 -1.28 33.26
N VAL C 96 25.44 -1.71 34.49
CA VAL C 96 24.41 -1.02 35.25
C VAL C 96 24.81 0.42 35.46
N ASP C 97 26.02 0.66 35.97
CA ASP C 97 26.49 2.02 36.18
C ASP C 97 26.37 2.84 34.90
N ARG C 98 26.71 2.23 33.77
CA ARG C 98 26.56 2.91 32.50
C ARG C 98 25.11 3.28 32.24
N LEU C 99 24.18 2.38 32.55
CA LEU C 99 22.79 2.68 32.20
C LEU C 99 22.22 3.76 33.09
N LEU C 100 22.54 3.75 34.40
CA LEU C 100 22.09 4.87 35.21
C LEU C 100 22.76 6.18 34.78
N ALA C 101 23.98 6.09 34.24
CA ALA C 101 24.57 7.28 33.62
C ALA C 101 23.69 7.76 32.48
N ARG C 102 23.16 6.84 31.68
CA ARG C 102 22.23 7.22 30.63
C ARG C 102 20.80 7.42 31.14
N ARG C 103 20.47 6.91 32.33
CA ARG C 103 19.12 7.00 32.89
C ARG C 103 19.21 7.39 34.36
N PRO C 104 19.47 8.66 34.66
CA PRO C 104 19.50 9.09 36.06
C PRO C 104 18.12 9.14 36.71
N ASP C 105 17.06 9.15 35.91
CA ASP C 105 15.71 9.31 36.46
C ASP C 105 15.29 8.08 37.26
N ILE C 106 15.90 6.92 36.96
CA ILE C 106 15.47 5.68 37.58
C ILE C 106 15.87 5.67 39.05
N ARG C 107 14.97 5.22 39.91
CA ARG C 107 15.22 5.15 41.34
C ARG C 107 15.16 3.73 41.89
N GLN C 108 14.61 2.78 41.14
CA GLN C 108 14.60 1.38 41.56
C GLN C 108 14.92 0.55 40.33
N LEU C 109 16.05 -0.14 40.35
CA LEU C 109 16.45 -0.99 39.24
C LEU C 109 16.02 -2.41 39.57
N PHE C 110 15.44 -3.10 38.59
CA PHE C 110 14.89 -4.44 38.83
C PHE C 110 15.70 -5.46 38.05
N LEU C 111 16.79 -5.92 38.64
CA LEU C 111 17.46 -7.10 38.14
C LEU C 111 16.49 -8.27 38.23
N VAL C 112 16.46 -9.12 37.22
CA VAL C 112 15.55 -10.25 37.18
C VAL C 112 16.31 -11.49 36.76
N GLY C 113 16.02 -12.61 37.44
CA GLY C 113 16.66 -13.86 37.10
C GLY C 113 16.09 -14.44 35.82
N SER C 114 16.99 -14.84 34.94
CA SER C 114 16.64 -15.44 33.66
C SER C 114 17.12 -16.89 33.64
N CYS C 115 16.58 -17.64 32.68
CA CYS C 115 16.99 -19.04 32.54
C CYS C 115 18.50 -19.14 32.38
N PRO C 116 19.13 -18.35 31.50
CA PRO C 116 20.60 -18.36 31.45
C PRO C 116 21.21 -17.95 32.76
N SER C 117 20.60 -16.98 33.45
CA SER C 117 21.12 -16.54 34.73
C SER C 117 21.04 -17.64 35.78
N GLU C 118 19.95 -18.42 35.75
CA GLU C 118 19.80 -19.51 36.70
C GLU C 118 20.83 -20.60 36.44
N VAL C 119 21.00 -20.99 35.17
CA VAL C 119 21.84 -22.15 34.89
C VAL C 119 23.31 -21.83 35.17
N ILE C 120 23.78 -20.64 34.78
CA ILE C 120 25.15 -20.24 35.09
C ILE C 120 25.36 -19.92 36.56
N LYS C 121 24.28 -19.96 37.36
CA LYS C 121 24.34 -19.70 38.80
C LYS C 121 24.89 -18.29 39.09
N LEU C 122 24.30 -17.30 38.42
CA LEU C 122 24.64 -15.91 38.68
C LEU C 122 24.03 -15.46 40.00
N ASP C 123 24.87 -14.93 40.89
CA ASP C 123 24.40 -14.43 42.18
C ASP C 123 23.66 -13.10 42.00
N LEU C 124 22.43 -13.22 41.53
CA LEU C 124 21.59 -12.04 41.28
C LEU C 124 21.35 -11.29 42.59
N HIS C 125 21.18 -12.00 43.69
CA HIS C 125 20.96 -11.36 44.97
C HIS C 125 22.21 -10.57 45.38
N ARG C 126 23.38 -11.20 45.32
CA ARG C 126 24.61 -10.51 45.70
C ARG C 126 24.91 -9.36 44.76
N ALA C 127 24.68 -9.56 43.47
CA ALA C 127 24.86 -8.48 42.50
C ALA C 127 23.98 -7.29 42.83
N ALA C 128 22.69 -7.55 43.05
CA ALA C 128 21.79 -6.48 43.44
C ALA C 128 22.27 -5.80 44.73
N GLU C 129 22.82 -6.58 45.65
CA GLU C 129 23.28 -6.03 46.91
C GLU C 129 24.44 -5.07 46.70
N ARG C 130 25.45 -5.48 45.93
CA ARG C 130 26.61 -4.62 45.73
C ARG C 130 26.23 -3.38 44.93
N LEU C 131 25.33 -3.55 43.95
CA LEU C 131 24.89 -2.40 43.16
C LEU C 131 24.15 -1.41 44.04
N SER C 132 23.29 -1.90 44.94
CA SER C 132 22.61 -1.01 45.87
C SER C 132 23.61 -0.30 46.77
N ALA C 133 24.62 -1.05 47.24
CA ALA C 133 25.60 -0.48 48.16
C ALA C 133 26.34 0.67 47.52
N HIS C 134 26.86 0.47 46.31
CA HIS C 134 27.63 1.55 45.69
C HIS C 134 26.71 2.61 45.09
N HIS C 135 25.43 2.29 44.90
CA HIS C 135 24.48 3.24 44.34
C HIS C 135 23.71 4.01 45.41
N GLY C 136 23.53 3.45 46.60
CA GLY C 136 22.86 4.14 47.67
C GLY C 136 21.36 4.15 47.54
N PRO C 137 20.69 4.88 48.45
CA PRO C 137 19.22 4.93 48.42
C PRO C 137 18.67 5.62 47.18
N ALA C 138 19.51 6.37 46.45
CA ALA C 138 19.05 7.07 45.27
C ALA C 138 18.51 6.10 44.22
N VAL C 139 19.14 4.93 44.11
CA VAL C 139 18.66 3.85 43.25
C VAL C 139 18.67 2.58 44.07
N ARG C 140 17.48 2.11 44.45
CA ARG C 140 17.33 0.91 45.30
C ARG C 140 17.15 -0.31 44.41
N VAL C 141 18.26 -0.74 43.81
CA VAL C 141 18.20 -1.85 42.85
C VAL C 141 17.79 -3.13 43.57
N TYR C 142 16.84 -3.84 42.97
CA TYR C 142 16.28 -5.06 43.52
C TYR C 142 16.42 -6.18 42.51
N ASN C 143 16.49 -7.41 43.01
CA ASN C 143 16.57 -8.59 42.17
C ASN C 143 15.40 -9.53 42.48
N PHE C 144 14.99 -10.27 41.45
CA PHE C 144 14.01 -11.34 41.61
C PHE C 144 14.21 -12.31 40.46
N SER C 145 13.34 -13.32 40.39
CA SER C 145 13.47 -14.37 39.40
C SER C 145 12.24 -14.40 38.50
N GLY C 146 12.48 -14.46 37.19
CA GLY C 146 11.40 -14.55 36.23
C GLY C 146 11.67 -15.57 35.15
N SER C 147 12.55 -16.53 35.45
CA SER C 147 12.93 -17.52 34.47
C SER C 147 11.79 -18.51 34.20
N GLY C 148 11.85 -19.12 33.02
CA GLY C 148 10.94 -20.22 32.71
C GLY C 148 11.31 -21.50 33.42
N ILE C 149 12.54 -21.60 33.91
CA ILE C 149 12.93 -22.77 34.69
C ILE C 149 12.19 -22.78 36.03
N GLU C 150 11.77 -21.60 36.51
CA GLU C 150 11.03 -21.50 37.77
C GLU C 150 9.63 -20.94 37.56
N THR C 151 9.50 -19.80 36.88
CA THR C 151 8.24 -19.10 36.78
C THR C 151 7.49 -19.50 35.52
N THR C 152 6.30 -18.89 35.38
CA THR C 152 5.42 -19.12 34.19
C THR C 152 4.56 -17.86 33.93
N PHE C 153 4.95 -16.96 33.00
CA PHE C 153 4.14 -15.76 32.62
C PHE C 153 3.86 -14.88 33.83
N THR C 154 2.59 -14.70 34.16
CA THR C 154 2.18 -13.78 35.26
C THR C 154 3.05 -13.96 36.51
N GLN C 155 3.44 -15.20 36.84
CA GLN C 155 4.19 -15.43 38.11
C GLN C 155 5.34 -14.43 38.21
N GLY C 156 5.83 -13.91 37.08
CA GLY C 156 6.89 -12.91 37.09
C GLY C 156 6.50 -11.67 37.85
N GLU C 157 5.26 -11.22 37.67
CA GLU C 157 4.76 -10.06 38.41
C GLU C 157 4.71 -10.36 39.90
N ASP C 158 4.27 -11.57 40.26
CA ASP C 158 4.33 -12.01 41.64
C ASP C 158 5.73 -11.85 42.20
N ALA C 159 6.72 -12.39 41.49
CA ALA C 159 8.10 -12.35 41.98
C ALA C 159 8.58 -10.91 42.08
N CYS C 160 8.26 -10.09 41.08
CA CYS C 160 8.74 -8.72 41.06
C CYS C 160 8.22 -7.92 42.23
N LEU C 161 6.92 -8.07 42.55
CA LEU C 161 6.42 -7.34 43.71
C LEU C 161 6.95 -7.95 45.00
N ALA C 162 7.19 -9.27 45.01
CA ALA C 162 7.74 -9.88 46.20
C ALA C 162 9.15 -9.38 46.48
N SER C 163 9.85 -8.94 45.43
CA SER C 163 11.18 -8.38 45.64
C SER C 163 11.12 -7.10 46.48
N ILE C 164 10.15 -6.23 46.23
CA ILE C 164 10.08 -4.99 47.00
C ILE C 164 9.43 -5.19 48.36
N VAL C 165 8.75 -6.32 48.58
CA VAL C 165 7.94 -6.54 49.78
C VAL C 165 8.76 -6.36 51.06
N PRO C 166 9.93 -6.99 51.21
CA PRO C 166 10.70 -6.75 52.46
C PRO C 166 11.14 -5.30 52.63
N THR C 167 11.42 -4.61 51.53
CA THR C 167 11.97 -3.26 51.62
C THR C 167 10.92 -2.26 52.10
N LEU C 168 9.65 -2.50 51.74
CA LEU C 168 8.61 -1.52 52.00
C LEU C 168 8.54 -1.20 53.50
N PRO C 169 8.30 0.05 53.87
CA PRO C 169 8.39 0.44 55.28
C PRO C 169 7.45 -0.36 56.17
N ALA C 170 7.93 -0.71 57.35
CA ALA C 170 7.13 -1.48 58.29
C ALA C 170 6.18 -0.55 59.04
N THR C 171 4.88 -0.79 58.92
CA THR C 171 3.86 0.02 59.58
C THR C 171 2.88 -0.92 60.28
N GLU C 172 2.86 -0.87 61.60
CA GLU C 172 2.00 -1.72 62.40
C GLU C 172 0.59 -1.18 62.50
N ALA C 173 0.33 0.00 61.96
CA ALA C 173 -0.99 0.61 61.96
C ALA C 173 -1.86 -0.08 60.92
N ARG C 174 -3.17 -0.10 61.17
CA ARG C 174 -4.10 -0.78 60.28
C ARG C 174 -4.22 -0.03 58.96
N GLU C 175 -3.56 -0.56 57.93
CA GLU C 175 -3.61 0.02 56.59
C GLU C 175 -4.09 -1.04 55.62
N LEU C 176 -4.54 -0.58 54.46
CA LEU C 176 -5.00 -1.45 53.39
C LEU C 176 -4.00 -1.37 52.24
N LEU C 177 -3.78 -2.50 51.58
CA LEU C 177 -2.78 -2.59 50.51
C LEU C 177 -3.46 -2.97 49.21
N LEU C 178 -3.42 -2.07 48.24
CA LEU C 178 -3.92 -2.40 46.91
C LEU C 178 -2.84 -3.15 46.14
N VAL C 179 -2.75 -4.46 46.35
CA VAL C 179 -1.64 -5.24 45.78
C VAL C 179 -2.09 -5.68 44.39
N GLY C 180 -1.85 -4.81 43.41
CA GLY C 180 -2.23 -5.08 42.04
C GLY C 180 -1.84 -3.97 41.08
N ALA C 181 -1.53 -4.35 39.84
CA ALA C 181 -1.02 -3.41 38.84
C ALA C 181 -2.10 -2.95 37.87
N LEU C 182 -3.33 -2.79 38.34
CA LEU C 182 -4.43 -2.40 37.47
C LEU C 182 -4.18 -1.00 36.92
N PRO C 183 -4.66 -0.69 35.72
CA PRO C 183 -4.47 0.66 35.18
C PRO C 183 -5.12 1.72 36.06
N ASP C 184 -4.70 2.97 35.86
CA ASP C 184 -5.18 4.07 36.69
C ASP C 184 -6.70 4.15 36.66
N VAL C 185 -7.30 3.95 35.50
CA VAL C 185 -8.75 4.02 35.33
C VAL C 185 -9.41 2.82 36.00
N VAL C 186 -8.61 1.97 36.64
CA VAL C 186 -9.12 0.83 37.40
C VAL C 186 -8.74 0.93 38.88
N GLU C 187 -7.45 1.12 39.16
CA GLU C 187 -7.01 1.24 40.55
C GLU C 187 -7.57 2.50 41.21
N ASP C 188 -7.61 3.61 40.46
CA ASP C 188 -8.17 4.83 41.01
C ASP C 188 -9.65 4.65 41.33
N GLN C 189 -10.38 3.97 40.45
CA GLN C 189 -11.79 3.72 40.71
C GLN C 189 -11.97 2.82 41.92
N ALA C 190 -11.12 1.80 42.05
CA ALA C 190 -11.18 0.92 43.21
C ALA C 190 -10.96 1.70 44.49
N VAL C 191 -9.94 2.56 44.49
CA VAL C 191 -9.63 3.38 45.67
C VAL C 191 -10.79 4.32 45.96
N SER C 192 -11.34 4.95 44.92
CA SER C 192 -12.43 5.89 45.10
C SER C 192 -13.63 5.21 45.72
N LEU C 193 -13.98 4.03 45.23
CA LEU C 193 -15.10 3.29 45.81
C LEU C 193 -14.81 2.91 47.25
N LEU C 194 -13.61 2.37 47.51
CA LEU C 194 -13.28 1.93 48.86
C LEU C 194 -13.34 3.07 49.85
N THR C 195 -12.81 4.23 49.48
CA THR C 195 -12.95 5.41 50.31
C THR C 195 -14.40 5.86 50.40
N GLN C 196 -15.19 5.60 49.34
CA GLN C 196 -16.59 6.00 49.36
C GLN C 196 -17.37 5.25 50.42
N LEU C 197 -17.11 3.95 50.60
CA LEU C 197 -17.78 3.23 51.69
C LEU C 197 -16.87 3.11 52.91
N GLY C 198 -15.64 2.63 52.75
CA GLY C 198 -14.75 2.45 53.87
C GLY C 198 -13.83 3.63 54.07
N ILE C 199 -13.01 3.55 55.12
CA ILE C 199 -12.00 4.62 55.36
C ILE C 199 -11.03 4.62 54.18
N GLY C 200 -10.54 3.44 53.81
CA GLY C 200 -9.62 3.33 52.66
C GLY C 200 -8.20 3.77 52.97
N PRO C 201 -7.48 3.16 53.95
CA PRO C 201 -6.08 3.47 54.16
C PRO C 201 -5.37 2.69 53.07
N VAL C 202 -5.83 2.84 51.82
CA VAL C 202 -5.32 2.03 50.72
C VAL C 202 -3.93 2.51 50.32
N ARG C 203 -2.99 1.56 50.25
CA ARG C 203 -1.63 1.83 49.80
C ARG C 203 -1.35 0.83 48.68
N CYS C 204 -1.35 1.31 47.44
CA CYS C 204 -1.08 0.44 46.30
C CYS C 204 0.34 -0.09 46.36
N LEU C 205 0.50 -1.40 46.49
CA LEU C 205 1.84 -1.99 46.56
C LEU C 205 2.66 -1.75 45.30
N PRO C 206 2.14 -1.96 44.08
CA PRO C 206 2.90 -1.53 42.91
C PRO C 206 2.93 -0.02 42.81
N ALA C 207 3.86 0.58 43.57
CA ALA C 207 3.89 2.03 43.70
C ALA C 207 4.10 2.71 42.36
N HIS C 208 3.27 3.70 42.08
CA HIS C 208 3.37 4.46 40.84
C HIS C 208 4.70 5.20 40.76
N HIS C 209 5.12 5.77 41.88
CA HIS C 209 6.45 6.33 42.03
C HIS C 209 6.99 5.94 43.39
N ALA C 210 8.30 6.13 43.58
CA ALA C 210 8.91 5.80 44.87
C ALA C 210 8.39 6.71 45.97
N ALA C 211 7.72 7.81 45.60
CA ALA C 211 7.12 8.69 46.58
C ALA C 211 6.07 7.95 47.40
N GLU C 212 5.23 7.15 46.75
CA GLU C 212 4.16 6.43 47.42
C GLU C 212 4.66 5.08 47.93
N ALA C 213 5.60 5.13 48.88
CA ALA C 213 6.10 3.91 49.48
C ALA C 213 5.08 3.37 50.46
N PRO C 214 4.49 2.21 50.21
CA PRO C 214 3.42 1.71 51.07
C PRO C 214 3.97 1.14 52.36
N GLY C 215 3.28 1.43 53.46
CA GLY C 215 3.67 0.93 54.77
C GLY C 215 3.13 -0.45 55.06
N VAL C 216 3.74 -1.48 54.48
CA VAL C 216 3.36 -2.87 54.74
C VAL C 216 3.74 -3.20 56.17
N GLY C 217 2.94 -4.02 56.83
CA GLY C 217 3.18 -4.36 58.21
C GLY C 217 2.31 -5.49 58.72
N PRO C 218 2.35 -5.74 60.03
CA PRO C 218 1.55 -6.81 60.61
C PRO C 218 0.06 -6.57 60.47
N ASN C 219 -0.39 -5.38 60.87
CA ASN C 219 -1.80 -5.04 60.79
C ASN C 219 -2.17 -4.44 59.44
N THR C 220 -1.21 -4.27 58.54
CA THR C 220 -1.49 -3.75 57.20
C THR C 220 -1.97 -4.89 56.32
N VAL C 221 -3.23 -5.25 56.53
CA VAL C 221 -3.84 -6.33 55.75
C VAL C 221 -3.89 -5.93 54.28
N PHE C 222 -3.45 -6.85 53.42
CA PHE C 222 -3.27 -6.55 52.00
C PHE C 222 -4.44 -7.06 51.17
N ALA C 223 -4.94 -6.21 50.28
CA ALA C 223 -6.03 -6.58 49.39
C ALA C 223 -5.42 -7.14 48.12
N LEU C 224 -5.60 -8.43 47.92
CA LEU C 224 -5.12 -9.08 46.71
C LEU C 224 -6.16 -8.92 45.61
N VAL C 225 -5.76 -8.37 44.47
CA VAL C 225 -6.69 -8.05 43.40
C VAL C 225 -6.35 -8.74 42.09
N GLN C 226 -5.08 -9.09 41.84
CA GLN C 226 -4.77 -9.86 40.64
C GLN C 226 -4.68 -11.34 40.95
N PRO C 227 -5.50 -12.18 40.31
CA PRO C 227 -5.56 -13.60 40.72
C PRO C 227 -4.25 -14.37 40.65
N PHE C 228 -3.40 -14.08 39.66
CA PHE C 228 -2.23 -14.91 39.44
C PHE C 228 -1.20 -14.77 40.56
N LEU C 229 -1.41 -13.78 41.44
CA LEU C 229 -0.45 -13.54 42.54
C LEU C 229 -0.55 -14.65 43.58
N GLY C 230 0.41 -15.58 43.57
CA GLY C 230 0.42 -16.67 44.55
C GLY C 230 1.45 -16.42 45.65
N ASP C 231 2.73 -16.54 45.33
CA ASP C 231 3.80 -16.37 46.36
C ASP C 231 3.61 -15.00 47.04
N THR C 232 3.17 -13.99 46.30
CA THR C 232 2.87 -12.67 46.92
C THR C 232 2.28 -12.93 48.30
N HIS C 233 1.22 -13.75 48.35
CA HIS C 233 0.57 -14.08 49.60
C HIS C 233 1.57 -14.36 50.70
N GLY C 234 2.49 -15.28 50.42
CA GLY C 234 3.46 -15.69 51.41
C GLY C 234 4.34 -14.54 51.85
N ALA C 235 4.89 -13.80 50.89
CA ALA C 235 5.81 -12.72 51.20
C ALA C 235 5.15 -11.65 52.03
N LEU C 236 3.91 -11.26 51.67
CA LEU C 236 3.22 -10.24 52.45
C LEU C 236 2.86 -10.76 53.83
N THR C 237 2.44 -12.03 53.91
CA THR C 237 2.05 -12.56 55.21
C THR C 237 3.24 -12.69 56.15
N ARG C 238 4.45 -12.82 55.59
CA ARG C 238 5.65 -12.79 56.43
C ARG C 238 5.74 -11.48 57.21
N ARG C 239 5.42 -10.37 56.56
CA ARG C 239 5.35 -9.09 57.26
C ARG C 239 4.18 -9.01 58.22
N GLY C 240 3.26 -9.99 58.18
CA GLY C 240 2.07 -10.00 58.99
C GLY C 240 0.82 -9.61 58.23
N ALA C 241 0.98 -9.03 57.04
CA ALA C 241 -0.14 -8.62 56.21
C ALA C 241 -1.04 -9.82 55.90
N ARG C 242 -2.27 -9.76 56.39
CA ARG C 242 -3.23 -10.84 56.22
C ARG C 242 -3.93 -10.73 54.88
N HIS C 243 -4.53 -11.83 54.44
CA HIS C 243 -5.24 -11.91 53.17
C HIS C 243 -6.74 -11.94 53.42
N ILE C 244 -7.47 -11.10 52.69
CA ILE C 244 -8.92 -11.13 52.75
C ILE C 244 -9.44 -12.21 51.82
N ALA C 245 -10.24 -13.12 52.36
CA ALA C 245 -10.84 -14.20 51.58
C ALA C 245 -12.00 -13.65 50.73
N ALA C 246 -11.64 -12.83 49.74
CA ALA C 246 -12.60 -12.15 48.92
C ALA C 246 -12.54 -12.66 47.48
N PRO C 247 -13.63 -13.18 46.93
CA PRO C 247 -13.63 -13.62 45.53
C PRO C 247 -13.25 -12.45 44.62
N PHE C 248 -12.50 -12.77 43.58
CA PHE C 248 -11.61 -11.82 42.92
C PHE C 248 -12.43 -10.81 42.12
N PRO C 249 -12.10 -9.52 42.17
CA PRO C 249 -13.01 -8.51 41.61
C PRO C 249 -13.09 -8.55 40.09
N PHE C 250 -13.86 -9.48 39.54
CA PHE C 250 -13.93 -9.73 38.12
C PHE C 250 -15.34 -10.04 37.61
N GLY C 251 -16.36 -9.39 38.15
CA GLY C 251 -17.69 -9.54 37.64
C GLY C 251 -18.72 -9.17 38.68
N GLU C 252 -20.00 -9.41 38.34
CA GLU C 252 -21.08 -9.07 39.27
C GLU C 252 -20.96 -9.83 40.58
N GLU C 253 -20.34 -11.00 40.56
CA GLU C 253 -20.10 -11.76 41.78
C GLU C 253 -18.75 -11.48 42.40
N GLY C 254 -17.67 -11.62 41.63
CA GLY C 254 -16.34 -11.39 42.16
C GLY C 254 -16.14 -9.99 42.69
N THR C 255 -16.50 -8.98 41.89
CA THR C 255 -16.38 -7.59 42.32
C THR C 255 -17.23 -7.31 43.55
N THR C 256 -18.50 -7.71 43.52
CA THR C 256 -19.39 -7.42 44.65
C THR C 256 -18.88 -8.08 45.93
N LEU C 257 -18.48 -9.34 45.83
CA LEU C 257 -17.98 -10.07 46.99
C LEU C 257 -16.68 -9.46 47.50
N TRP C 258 -15.79 -9.06 46.58
CA TRP C 258 -14.52 -8.46 46.94
C TRP C 258 -14.74 -7.15 47.69
N LEU C 259 -15.57 -6.28 47.13
CA LEU C 259 -15.89 -5.02 47.79
C LEU C 259 -16.53 -5.27 49.15
N LYS C 260 -17.45 -6.24 49.23
CA LYS C 260 -18.11 -6.53 50.49
C LYS C 260 -17.11 -6.98 51.54
N ALA C 261 -16.26 -7.94 51.19
CA ALA C 261 -15.31 -8.50 52.14
C ALA C 261 -14.29 -7.46 52.58
N ILE C 262 -13.82 -6.64 51.63
CA ILE C 262 -12.90 -5.56 51.98
C ILE C 262 -13.58 -4.59 52.93
N ALA C 263 -14.87 -4.33 52.70
CA ALA C 263 -15.61 -3.40 53.53
C ALA C 263 -15.74 -3.91 54.96
N ASP C 264 -16.21 -5.15 55.13
CA ASP C 264 -16.43 -5.63 56.49
C ASP C 264 -15.10 -5.93 57.18
N GLU C 265 -14.05 -6.17 56.40
CA GLU C 265 -12.73 -6.33 57.01
C GLU C 265 -12.31 -5.07 57.73
N PHE C 266 -12.62 -3.91 57.16
CA PHE C 266 -12.40 -2.63 57.80
C PHE C 266 -13.63 -2.10 58.51
N GLY C 267 -14.81 -2.63 58.21
CA GLY C 267 -16.01 -2.22 58.91
C GLY C 267 -16.82 -1.21 58.13
N VAL C 268 -17.90 -1.67 57.49
CA VAL C 268 -18.78 -0.81 56.70
C VAL C 268 -20.20 -1.33 56.88
N SER C 269 -21.14 -0.43 57.14
CA SER C 269 -22.54 -0.82 57.25
C SER C 269 -23.08 -1.27 55.91
N ALA C 270 -24.07 -2.17 55.94
CA ALA C 270 -24.68 -2.66 54.72
C ALA C 270 -25.33 -1.52 53.94
N GLU C 271 -25.92 -0.56 54.66
CA GLU C 271 -26.54 0.59 54.02
C GLU C 271 -25.51 1.41 53.23
N THR C 272 -24.37 1.69 53.85
CA THR C 272 -23.33 2.45 53.17
C THR C 272 -22.80 1.70 51.96
N PHE C 273 -22.61 0.38 52.10
CA PHE C 273 -22.15 -0.43 50.98
C PHE C 273 -23.15 -0.36 49.83
N GLU C 274 -24.44 -0.50 50.15
CA GLU C 274 -25.46 -0.48 49.12
C GLU C 274 -25.52 0.88 48.43
N ALA C 275 -25.46 1.96 49.22
CA ALA C 275 -25.51 3.31 48.65
C ALA C 275 -24.30 3.56 47.75
N VAL C 276 -23.13 3.09 48.17
CA VAL C 276 -21.91 3.34 47.39
C VAL C 276 -21.92 2.52 46.11
N THR C 277 -22.35 1.26 46.18
CA THR C 277 -22.26 0.34 45.05
C THR C 277 -23.54 0.28 44.23
N ALA C 278 -24.55 1.08 44.57
CA ALA C 278 -25.80 1.07 43.83
C ALA C 278 -25.62 1.54 42.39
N ALA C 279 -24.93 2.67 42.21
CA ALA C 279 -24.67 3.15 40.85
C ALA C 279 -23.81 2.17 40.05
N PRO C 280 -22.69 1.64 40.58
CA PRO C 280 -21.94 0.64 39.81
C PRO C 280 -22.75 -0.61 39.49
N ARG C 281 -23.63 -1.01 40.40
CA ARG C 281 -24.37 -2.25 40.23
C ARG C 281 -25.24 -2.17 38.98
N ALA C 282 -26.05 -1.12 38.88
CA ALA C 282 -26.84 -0.89 37.68
C ALA C 282 -25.98 -0.52 36.48
N ARG C 283 -24.82 0.09 36.71
CA ARG C 283 -23.93 0.45 35.61
C ARG C 283 -23.45 -0.80 34.89
N ALA C 284 -23.13 -1.85 35.65
CA ALA C 284 -22.55 -3.06 35.09
C ALA C 284 -23.57 -4.12 34.76
N ARG C 285 -24.74 -4.14 35.42
CA ARG C 285 -25.72 -5.17 35.15
C ARG C 285 -26.21 -5.09 33.71
N LYS C 286 -26.50 -3.87 33.24
CA LYS C 286 -26.98 -3.71 31.88
C LYS C 286 -25.91 -4.05 30.87
N ALA C 287 -24.67 -3.63 31.11
CA ALA C 287 -23.60 -3.89 30.17
C ALA C 287 -23.30 -5.37 30.05
N VAL C 288 -23.26 -6.07 31.18
CA VAL C 288 -22.95 -7.50 31.16
C VAL C 288 -24.05 -8.26 30.44
N ALA C 289 -25.31 -7.88 30.69
CA ALA C 289 -26.41 -8.52 29.98
C ALA C 289 -26.35 -8.23 28.49
N ALA C 290 -26.03 -6.98 28.12
CA ALA C 290 -25.97 -6.60 26.71
C ALA C 290 -24.80 -7.26 25.99
N ALA C 291 -23.80 -7.73 26.72
CA ALA C 291 -22.74 -8.52 26.11
C ALA C 291 -22.93 -10.02 26.26
N SER C 292 -23.85 -10.47 27.11
CA SER C 292 -23.93 -11.89 27.45
C SER C 292 -24.69 -12.69 26.40
N GLU C 293 -25.57 -12.04 25.63
CA GLU C 293 -26.36 -12.78 24.66
C GLU C 293 -25.49 -13.42 23.58
N GLY C 294 -24.28 -12.88 23.37
CA GLY C 294 -23.32 -13.57 22.54
C GLY C 294 -22.69 -14.76 23.24
N LEU C 295 -22.88 -14.87 24.55
CA LEU C 295 -22.31 -15.94 25.36
C LEU C 295 -23.38 -16.82 25.99
N ARG C 296 -24.65 -16.58 25.67
CA ARG C 296 -25.77 -17.24 26.31
C ARG C 296 -25.79 -18.72 25.94
N GLY C 297 -25.44 -19.58 26.89
CA GLY C 297 -25.58 -21.01 26.70
C GLY C 297 -24.66 -21.63 25.67
N LYS C 298 -23.35 -21.59 25.92
CA LYS C 298 -22.38 -22.20 25.04
C LYS C 298 -21.28 -22.85 25.87
N SER C 299 -20.47 -23.69 25.22
CA SER C 299 -19.40 -24.42 25.87
C SER C 299 -18.12 -23.59 25.86
N VAL C 300 -17.40 -23.58 26.98
CA VAL C 300 -16.16 -22.84 27.15
C VAL C 300 -15.03 -23.83 27.34
N PHE C 301 -13.79 -23.34 27.25
CA PHE C 301 -12.62 -24.18 27.51
C PHE C 301 -11.45 -23.25 27.83
N PHE C 302 -10.98 -23.29 29.07
CA PHE C 302 -9.86 -22.45 29.48
C PHE C 302 -8.60 -23.28 29.40
N LEU C 303 -7.67 -22.86 28.56
CA LEU C 303 -6.38 -23.51 28.58
C LEU C 303 -5.41 -22.75 29.48
N PRO C 304 -4.43 -23.43 30.05
CA PRO C 304 -3.53 -22.75 30.99
C PRO C 304 -2.54 -21.84 30.30
N ASP C 305 -2.93 -20.59 30.05
CA ASP C 305 -2.00 -19.55 29.66
C ASP C 305 -1.57 -18.70 30.85
N SER C 306 -2.50 -17.85 31.27
CA SER C 306 -2.26 -16.96 32.43
C SER C 306 -3.28 -17.40 33.47
N GLN C 307 -2.93 -17.28 34.74
CA GLN C 307 -3.85 -17.86 35.76
C GLN C 307 -4.96 -16.91 36.16
N LEU C 308 -5.82 -16.59 35.21
CA LEU C 308 -6.99 -15.81 35.60
C LEU C 308 -8.17 -16.75 35.36
N GLU C 309 -7.87 -17.94 34.84
CA GLU C 309 -9.05 -18.70 34.41
C GLU C 309 -10.07 -19.01 35.49
N PRO C 310 -9.68 -19.36 36.72
CA PRO C 310 -10.71 -19.63 37.75
C PRO C 310 -11.63 -18.45 37.98
N SER C 311 -11.08 -17.23 38.05
CA SER C 311 -11.89 -16.04 38.22
C SER C 311 -12.80 -15.83 37.02
N LEU C 312 -12.26 -16.03 35.81
CA LEU C 312 -13.05 -15.86 34.61
C LEU C 312 -14.20 -16.86 34.57
N ALA C 313 -13.95 -18.09 35.00
CA ALA C 313 -15.02 -19.06 35.07
C ALA C 313 -16.04 -18.71 36.14
N ARG C 314 -15.57 -18.19 37.28
CA ARG C 314 -16.49 -17.78 38.33
C ARG C 314 -17.43 -16.71 37.83
N PHE C 315 -16.91 -15.75 37.07
CA PHE C 315 -17.72 -14.70 36.48
C PHE C 315 -18.58 -15.20 35.33
N LEU C 316 -17.95 -15.63 34.25
CA LEU C 316 -18.63 -15.78 32.96
C LEU C 316 -19.61 -16.93 32.97
N THR C 317 -19.22 -18.08 33.54
CA THR C 317 -20.11 -19.23 33.55
C THR C 317 -21.43 -18.89 34.23
N ARG C 318 -21.38 -18.13 35.32
CA ARG C 318 -22.58 -17.88 36.07
C ARG C 318 -23.34 -16.65 35.60
N GLU C 319 -22.66 -15.68 34.98
CA GLU C 319 -23.36 -14.47 34.57
C GLU C 319 -23.78 -14.46 33.11
N CYS C 320 -22.88 -14.86 32.20
CA CYS C 320 -23.19 -14.89 30.78
C CYS C 320 -23.63 -16.26 30.30
N GLY C 321 -23.77 -17.22 31.20
CA GLY C 321 -24.31 -18.53 30.84
C GLY C 321 -23.42 -19.33 29.91
N MET C 322 -22.11 -19.21 30.08
CA MET C 322 -21.14 -19.99 29.31
C MET C 322 -20.85 -21.28 30.06
N SER C 323 -21.38 -22.40 29.56
CA SER C 323 -21.19 -23.67 30.23
C SER C 323 -19.71 -24.00 30.34
N ALA C 324 -19.27 -24.32 31.56
CA ALA C 324 -17.85 -24.51 31.87
C ALA C 324 -17.48 -25.97 31.65
N VAL C 325 -16.69 -26.24 30.61
CA VAL C 325 -16.26 -27.60 30.30
C VAL C 325 -15.00 -27.91 31.12
N GLU C 326 -13.93 -27.17 30.89
CA GLU C 326 -12.68 -27.36 31.61
C GLU C 326 -12.05 -26.00 31.86
N VAL C 327 -11.77 -25.71 33.12
CA VAL C 327 -11.04 -24.49 33.47
C VAL C 327 -9.62 -24.94 33.82
N GLY C 328 -8.76 -24.96 32.80
CA GLY C 328 -7.37 -25.28 33.02
C GLY C 328 -6.66 -24.16 33.77
N THR C 329 -5.58 -24.52 34.47
CA THR C 329 -4.80 -23.55 35.23
C THR C 329 -3.37 -24.07 35.37
N PRO C 330 -2.38 -23.30 34.96
CA PRO C 330 -0.99 -23.76 35.06
C PRO C 330 -0.57 -23.92 36.51
N PHE C 331 -0.98 -22.99 37.35
CA PHE C 331 -0.64 -23.00 38.78
C PHE C 331 -1.92 -22.82 39.58
N LEU C 332 -2.43 -23.93 40.12
CA LEU C 332 -3.59 -23.89 40.98
C LEU C 332 -3.19 -23.49 42.39
N HIS C 333 -4.08 -22.77 43.06
CA HIS C 333 -3.86 -22.31 44.41
C HIS C 333 -5.07 -22.65 45.26
N ARG C 334 -4.84 -22.85 46.55
CA ARG C 334 -5.92 -23.23 47.46
C ARG C 334 -6.31 -22.14 48.42
N GLY C 335 -5.36 -21.34 48.91
CA GLY C 335 -5.68 -20.35 49.91
C GLY C 335 -6.05 -19.01 49.30
N ILE C 336 -5.73 -18.84 48.02
CA ILE C 336 -6.01 -17.58 47.34
C ILE C 336 -7.19 -17.78 46.40
N LEU C 337 -7.21 -18.91 45.70
CA LEU C 337 -8.26 -19.18 44.73
C LEU C 337 -9.55 -19.62 45.40
N GLY C 338 -9.47 -19.96 46.69
CA GLY C 338 -10.60 -20.47 47.42
C GLY C 338 -11.81 -19.56 47.45
N PRO C 339 -11.61 -18.26 47.72
CA PRO C 339 -12.76 -17.33 47.71
C PRO C 339 -13.55 -17.37 46.42
N ASP C 340 -12.89 -17.31 45.26
CA ASP C 340 -13.63 -17.41 44.01
C ASP C 340 -13.90 -18.87 43.66
N LEU C 341 -13.14 -19.80 44.25
CA LEU C 341 -13.44 -21.21 44.07
C LEU C 341 -14.82 -21.56 44.61
N ASP C 342 -15.25 -20.86 45.68
CA ASP C 342 -16.55 -21.14 46.26
C ASP C 342 -17.67 -20.88 45.27
N LEU C 343 -17.56 -19.79 44.50
CA LEU C 343 -18.58 -19.50 43.50
C LEU C 343 -18.43 -20.39 42.27
N LEU C 344 -17.25 -20.99 42.09
CA LEU C 344 -17.06 -21.92 40.98
C LEU C 344 -17.96 -23.13 41.13
N ALA C 345 -18.60 -23.51 40.02
CA ALA C 345 -19.35 -24.75 39.98
C ALA C 345 -18.41 -25.94 39.95
N GLU C 346 -18.91 -27.07 40.41
CA GLU C 346 -18.12 -28.30 40.42
C GLU C 346 -18.05 -28.95 39.05
N GLY C 347 -18.97 -28.61 38.14
CA GLY C 347 -19.02 -29.18 36.82
C GLY C 347 -17.75 -29.07 36.01
N PRO C 348 -17.16 -27.87 35.93
CA PRO C 348 -15.90 -27.73 35.20
C PRO C 348 -14.80 -28.58 35.80
N VAL C 349 -13.96 -29.12 34.92
CA VAL C 349 -12.82 -29.92 35.36
C VAL C 349 -11.74 -28.97 35.86
N LEU C 350 -11.31 -29.17 37.11
CA LEU C 350 -10.30 -28.34 37.75
C LEU C 350 -8.88 -28.74 37.38
N SER C 351 -8.70 -29.52 36.31
CA SER C 351 -7.41 -30.05 35.93
C SER C 351 -6.34 -28.97 35.83
N GLU C 352 -5.11 -29.30 36.20
CA GLU C 352 -4.01 -28.34 36.17
C GLU C 352 -3.48 -28.23 34.74
N GLY C 353 -2.38 -27.52 34.57
CA GLY C 353 -1.83 -27.28 33.26
C GLY C 353 -1.04 -28.45 32.71
N GLN C 354 -1.61 -29.15 31.74
CA GLN C 354 -0.98 -30.32 31.13
C GLN C 354 -0.17 -29.88 29.91
N ASP C 355 0.39 -30.86 29.21
CA ASP C 355 1.04 -30.59 27.94
C ASP C 355 0.01 -30.25 26.88
N VAL C 356 0.43 -29.52 25.85
CA VAL C 356 -0.52 -28.95 24.88
C VAL C 356 -1.34 -30.05 24.23
N GLU C 357 -0.74 -31.23 24.01
CA GLU C 357 -1.43 -32.33 23.36
C GLU C 357 -2.67 -32.75 24.13
N ARG C 358 -2.56 -32.84 25.46
CA ARG C 358 -3.64 -33.32 26.28
C ARG C 358 -4.90 -32.45 26.14
N GLN C 359 -4.80 -31.19 26.54
CA GLN C 359 -5.95 -30.31 26.46
C GLN C 359 -6.35 -30.04 25.02
N LEU C 360 -5.40 -30.09 24.09
CA LEU C 360 -5.74 -29.90 22.69
C LEU C 360 -6.64 -31.02 22.20
N ASP C 361 -6.32 -32.27 22.56
CA ASP C 361 -7.17 -33.39 22.22
C ASP C 361 -8.51 -33.31 22.94
N ARG C 362 -8.49 -32.81 24.19
CA ARG C 362 -9.75 -32.62 24.91
C ARG C 362 -10.64 -31.63 24.17
N VAL C 363 -10.05 -30.55 23.67
CA VAL C 363 -10.77 -29.53 22.92
C VAL C 363 -11.34 -30.13 21.64
N ARG C 364 -10.52 -30.90 20.94
CA ARG C 364 -10.98 -31.55 19.71
C ARG C 364 -12.17 -32.48 19.99
N ALA C 365 -12.07 -33.26 21.07
CA ALA C 365 -13.13 -34.21 21.40
C ALA C 365 -14.39 -33.49 21.84
N ALA C 366 -14.31 -32.77 22.95
CA ALA C 366 -15.44 -31.98 23.45
C ALA C 366 -15.37 -30.55 22.91
N ARG C 367 -15.79 -30.41 21.66
CA ARG C 367 -15.73 -29.17 20.91
C ARG C 367 -16.36 -28.02 21.70
N PRO C 368 -15.57 -27.05 22.14
CA PRO C 368 -16.14 -25.89 22.85
C PRO C 368 -16.39 -24.72 21.92
N ASP C 369 -17.46 -23.98 22.23
CA ASP C 369 -17.79 -22.80 21.44
C ASP C 369 -16.71 -21.73 21.58
N LEU C 370 -16.33 -21.42 22.82
CA LEU C 370 -15.25 -20.47 23.05
C LEU C 370 -14.08 -21.22 23.66
N THR C 371 -12.88 -20.97 23.16
CA THR C 371 -11.74 -21.84 23.45
C THR C 371 -10.55 -21.06 24.00
N VAL C 372 -10.78 -20.24 25.02
CA VAL C 372 -9.72 -19.41 25.63
C VAL C 372 -8.47 -20.24 25.85
N CYS C 373 -7.33 -19.74 25.37
CA CYS C 373 -6.08 -20.48 25.45
C CYS C 373 -4.93 -19.50 25.27
N GLY C 374 -3.72 -20.05 25.22
CA GLY C 374 -2.56 -19.26 24.88
C GLY C 374 -2.62 -18.73 23.47
N LEU C 375 -1.80 -17.73 23.19
CA LEU C 375 -1.80 -17.15 21.86
C LEU C 375 -1.32 -18.17 20.83
N GLY C 376 -0.42 -19.05 21.22
CA GLY C 376 0.12 -20.03 20.29
C GLY C 376 -0.92 -21.00 19.75
N LEU C 377 -1.90 -21.37 20.57
CA LEU C 377 -2.97 -22.26 20.13
C LEU C 377 -4.15 -21.50 19.58
N ALA C 378 -4.17 -20.17 19.74
CA ALA C 378 -5.35 -19.40 19.35
C ALA C 378 -5.61 -19.48 17.86
N ASN C 379 -4.60 -19.17 17.05
CA ASN C 379 -4.73 -19.24 15.60
C ASN C 379 -4.98 -20.65 15.08
N PRO C 380 -4.25 -21.69 15.55
CA PRO C 380 -4.53 -23.05 15.04
C PRO C 380 -5.94 -23.51 15.33
N LEU C 381 -6.38 -23.42 16.58
CA LEU C 381 -7.74 -23.84 16.91
C LEU C 381 -8.77 -22.95 16.22
N GLU C 382 -8.44 -21.67 15.99
CA GLU C 382 -9.29 -20.83 15.17
C GLU C 382 -9.43 -21.41 13.77
N ALA C 383 -8.32 -21.87 13.20
CA ALA C 383 -8.39 -22.60 11.94
C ALA C 383 -8.98 -23.98 12.12
N GLU C 384 -8.92 -24.54 13.34
CA GLU C 384 -9.49 -25.84 13.63
C GLU C 384 -10.95 -25.77 14.07
N GLY C 385 -11.68 -24.74 13.65
CA GLY C 385 -13.08 -24.64 13.97
C GLY C 385 -13.36 -24.42 15.45
N PHE C 386 -12.60 -23.53 16.08
CA PHE C 386 -12.83 -23.20 17.49
C PHE C 386 -12.75 -21.68 17.63
N THR C 387 -13.87 -21.05 17.96
CA THR C 387 -13.87 -19.61 18.24
C THR C 387 -13.07 -19.32 19.49
N THR C 388 -11.95 -18.62 19.33
CA THR C 388 -10.92 -18.54 20.36
C THR C 388 -10.75 -17.11 20.85
N LYS C 389 -10.52 -16.97 22.15
CA LYS C 389 -10.15 -15.70 22.77
C LYS C 389 -8.89 -15.91 23.59
N TRP C 390 -7.84 -15.16 23.27
CA TRP C 390 -6.55 -15.33 23.91
C TRP C 390 -6.52 -14.56 25.23
N ALA C 391 -6.15 -15.24 26.31
CA ALA C 391 -6.11 -14.60 27.62
C ALA C 391 -5.01 -13.56 27.73
N ILE C 392 -4.11 -13.52 26.75
CA ILE C 392 -3.01 -12.56 26.72
C ILE C 392 -3.58 -11.14 26.70
N GLU C 393 -4.70 -10.96 25.99
CA GLU C 393 -5.32 -9.65 25.91
C GLU C 393 -5.80 -9.18 27.29
N LEU C 394 -6.13 -10.13 28.17
CA LEU C 394 -6.78 -9.78 29.43
C LEU C 394 -5.90 -8.91 30.31
N VAL C 395 -4.61 -9.22 30.39
CA VAL C 395 -3.75 -8.54 31.36
C VAL C 395 -3.52 -7.09 30.94
N PHE C 396 -3.55 -6.82 29.64
CA PHE C 396 -3.33 -5.45 29.17
C PHE C 396 -4.62 -4.65 29.17
N THR C 397 -5.72 -5.25 28.73
CA THR C 397 -6.98 -4.55 28.66
C THR C 397 -7.55 -4.33 30.07
N PRO C 398 -7.94 -3.11 30.41
CA PRO C 398 -8.38 -2.83 31.79
C PRO C 398 -9.78 -3.35 32.10
N VAL C 399 -9.90 -4.62 32.47
CA VAL C 399 -11.21 -5.23 32.68
C VAL C 399 -11.33 -5.85 34.07
N HIS C 400 -10.67 -5.27 35.06
CA HIS C 400 -10.60 -5.92 36.36
C HIS C 400 -11.32 -5.14 37.45
N PHE C 401 -12.49 -4.59 37.15
CA PHE C 401 -13.33 -4.02 38.19
C PHE C 401 -14.77 -3.87 37.75
N TYR C 402 -15.59 -3.20 38.56
CA TYR C 402 -17.03 -3.17 38.32
C TYR C 402 -17.36 -2.46 37.01
N GLU C 403 -16.77 -1.28 36.80
CA GLU C 403 -17.17 -0.44 35.68
C GLU C 403 -16.82 -1.09 34.35
N GLN C 404 -15.84 -1.99 34.35
CA GLN C 404 -15.41 -2.67 33.13
C GLN C 404 -15.86 -4.12 33.06
N ALA C 405 -16.78 -4.52 33.93
CA ALA C 405 -17.29 -5.90 33.89
C ALA C 405 -17.97 -6.19 32.56
N GLY C 406 -18.76 -5.23 32.07
CA GLY C 406 -19.37 -5.40 30.77
C GLY C 406 -18.36 -5.42 29.64
N ASP C 407 -17.31 -4.60 29.75
CA ASP C 407 -16.27 -4.60 28.73
C ASP C 407 -15.59 -5.96 28.67
N LEU C 408 -15.36 -6.57 29.82
CA LEU C 408 -14.79 -7.92 29.85
C LEU C 408 -15.69 -8.91 29.13
N ALA C 409 -16.99 -8.83 29.39
CA ALA C 409 -17.92 -9.76 28.74
C ALA C 409 -17.94 -9.55 27.24
N GLY C 410 -17.86 -8.30 26.80
CA GLY C 410 -17.79 -8.01 25.38
C GLY C 410 -16.53 -8.55 24.75
N LEU C 411 -15.42 -8.44 25.48
CA LEU C 411 -14.16 -9.01 25.02
C LEU C 411 -14.26 -10.52 24.89
N PHE C 412 -14.90 -11.17 25.85
CA PHE C 412 -15.07 -12.62 25.78
C PHE C 412 -16.07 -13.00 24.70
N SER C 413 -16.95 -12.09 24.33
CA SER C 413 -18.02 -12.40 23.39
C SER C 413 -17.47 -12.91 22.07
N ARG C 414 -16.75 -12.05 21.34
CA ARG C 414 -16.14 -12.33 20.05
C ARG C 414 -16.97 -13.24 19.16
N PRO C 415 -18.22 -12.87 18.83
CA PRO C 415 -19.01 -13.72 17.95
C PRO C 415 -18.82 -13.32 16.49
N VAL C 416 -17.57 -13.30 16.05
CA VAL C 416 -17.26 -12.84 14.70
C VAL C 416 -17.95 -13.75 13.70
N ARG C 417 -18.61 -13.14 12.71
CA ARG C 417 -19.30 -13.88 11.67
C ARG C 417 -18.58 -13.64 10.35
N ARG C 418 -17.87 -14.66 9.89
CA ARG C 418 -17.09 -14.60 8.66
C ARG C 418 -16.15 -13.40 8.66
N MET D 1 27.01 -9.58 27.62
CA MET D 1 27.03 -8.53 28.63
C MET D 1 26.34 -7.26 28.12
N LYS D 2 26.51 -6.96 26.83
CA LYS D 2 26.03 -5.71 26.25
C LYS D 2 24.54 -5.53 26.49
N LEU D 3 24.14 -4.33 26.89
CA LEU D 3 22.73 -4.03 27.05
C LEU D 3 22.05 -3.94 25.69
N THR D 4 21.15 -4.88 25.42
CA THR D 4 20.41 -4.92 24.17
C THR D 4 18.96 -4.53 24.42
N LEU D 5 18.42 -3.74 23.52
CA LEU D 5 17.02 -3.36 23.62
C LEU D 5 16.19 -3.92 22.48
N TRP D 6 16.72 -3.97 21.27
CA TRP D 6 16.01 -4.54 20.14
C TRP D 6 17.06 -5.30 19.33
N THR D 7 17.07 -6.61 19.46
CA THR D 7 17.99 -7.46 18.70
C THR D 7 17.43 -7.60 17.30
N TYR D 8 18.24 -7.29 16.31
CA TYR D 8 17.75 -7.41 14.94
C TYR D 8 17.44 -8.85 14.60
N GLU D 9 18.16 -9.77 15.20
CA GLU D 9 18.06 -11.18 14.87
C GLU D 9 17.75 -11.95 16.15
N GLY D 10 16.90 -12.95 16.05
CA GLY D 10 16.63 -13.79 17.19
C GLY D 10 17.78 -14.75 17.41
N PRO D 11 17.65 -15.63 18.39
CA PRO D 11 18.65 -16.67 18.57
C PRO D 11 18.61 -17.64 17.42
N PRO D 12 19.68 -18.39 17.18
CA PRO D 12 19.71 -19.30 16.02
C PRO D 12 18.64 -20.37 16.02
N HIS D 13 18.18 -20.83 17.19
CA HIS D 13 17.18 -21.88 17.17
C HIS D 13 15.89 -21.35 16.55
N VAL D 14 15.68 -20.04 16.60
CA VAL D 14 14.56 -19.44 15.87
C VAL D 14 14.76 -19.65 14.38
N GLY D 15 16.00 -19.53 13.90
CA GLY D 15 16.26 -19.76 12.48
C GLY D 15 16.00 -21.20 12.07
N ALA D 16 16.47 -22.14 12.89
CA ALA D 16 16.16 -23.54 12.61
C ALA D 16 14.66 -23.77 12.63
N MET D 17 13.96 -23.11 13.56
CA MET D 17 12.51 -23.22 13.61
C MET D 17 11.88 -22.66 12.36
N ARG D 18 12.44 -21.58 11.82
CA ARG D 18 11.92 -21.00 10.60
C ARG D 18 12.04 -21.98 9.46
N VAL D 19 13.19 -22.64 9.32
CA VAL D 19 13.34 -23.61 8.25
C VAL D 19 12.38 -24.78 8.43
N ALA D 20 12.24 -25.26 9.66
CA ALA D 20 11.35 -26.39 9.91
C ALA D 20 9.90 -26.04 9.62
N THR D 21 9.44 -24.90 10.13
CA THR D 21 8.06 -24.46 9.90
C THR D 21 7.82 -24.19 8.43
N GLY D 22 8.84 -23.72 7.73
CA GLY D 22 8.69 -23.49 6.30
C GLY D 22 8.29 -24.75 5.58
N MET D 23 9.09 -25.81 5.71
CA MET D 23 8.82 -27.02 4.96
C MET D 23 7.79 -27.88 5.69
N THR D 24 7.30 -28.89 4.99
CA THR D 24 6.19 -29.71 5.43
C THR D 24 6.73 -31.05 5.92
N GLY D 25 6.35 -31.42 7.12
CA GLY D 25 6.55 -32.77 7.62
C GLY D 25 7.86 -33.04 8.28
N MET D 26 8.60 -32.03 8.69
CA MET D 26 9.84 -32.28 9.43
C MET D 26 9.75 -31.57 10.78
N HIS D 27 9.72 -32.39 11.82
CA HIS D 27 9.43 -31.95 13.17
C HIS D 27 10.73 -31.54 13.86
N TYR D 28 10.93 -30.24 14.09
CA TYR D 28 12.16 -29.78 14.74
C TYR D 28 11.94 -29.82 16.25
N VAL D 29 12.26 -30.97 16.83
CA VAL D 29 12.07 -31.14 18.27
C VAL D 29 13.22 -30.47 18.99
N LEU D 30 12.96 -29.90 20.16
CA LEU D 30 13.91 -29.02 20.81
C LEU D 30 14.12 -29.42 22.25
N HIS D 31 15.34 -29.19 22.74
CA HIS D 31 15.63 -29.24 24.17
C HIS D 31 15.65 -27.81 24.68
N ALA D 32 14.49 -27.32 25.10
CA ALA D 32 14.29 -25.94 25.48
C ALA D 32 13.61 -25.86 26.83
N PRO D 33 13.79 -24.77 27.55
CA PRO D 33 13.13 -24.63 28.85
C PRO D 33 11.65 -24.33 28.68
N GLN D 34 10.89 -24.62 29.74
CA GLN D 34 9.47 -24.28 29.76
C GLN D 34 9.27 -22.80 29.59
N GLY D 35 8.68 -22.40 28.46
CA GLY D 35 8.49 -21.00 28.18
C GLY D 35 9.09 -20.59 26.86
N ASP D 36 10.06 -21.36 26.39
CA ASP D 36 10.72 -21.02 25.14
C ASP D 36 9.82 -21.21 23.94
N THR D 37 8.59 -21.70 24.13
CA THR D 37 7.68 -21.88 23.02
C THR D 37 7.15 -20.56 22.48
N TYR D 38 7.66 -19.45 22.99
CA TYR D 38 7.25 -18.12 22.54
C TYR D 38 7.47 -17.95 21.05
N ALA D 39 8.43 -18.69 20.48
CA ALA D 39 8.76 -18.53 19.08
C ALA D 39 7.60 -18.96 18.19
N ASP D 40 6.77 -19.87 18.69
CA ASP D 40 5.61 -20.33 17.92
C ASP D 40 4.68 -19.16 17.60
N LEU D 41 4.69 -18.14 18.47
CA LEU D 41 3.83 -16.98 18.26
C LEU D 41 4.19 -16.27 16.97
N LEU D 42 5.49 -16.15 16.69
CA LEU D 42 5.92 -15.46 15.48
C LEU D 42 5.29 -16.09 14.24
N PHE D 43 5.41 -17.42 14.13
CA PHE D 43 4.88 -18.08 12.95
C PHE D 43 3.36 -18.10 12.94
N THR D 44 2.73 -18.28 14.11
CA THR D 44 1.28 -18.38 14.14
C THR D 44 0.58 -17.05 13.97
N MET D 45 1.24 -15.92 14.25
CA MET D 45 0.61 -14.62 14.14
C MET D 45 1.20 -13.81 12.99
N ILE D 46 2.50 -13.51 13.02
CA ILE D 46 3.07 -12.61 12.02
C ILE D 46 3.03 -13.29 10.65
N GLU D 47 3.31 -14.59 10.61
CA GLU D 47 3.12 -15.33 9.38
C GLU D 47 1.72 -15.90 9.25
N ARG D 48 0.95 -15.90 10.34
CA ARG D 48 -0.42 -16.42 10.37
C ARG D 48 -0.51 -17.85 9.85
N ARG D 49 0.56 -18.62 9.99
CA ARG D 49 0.53 -20.02 9.60
C ARG D 49 -0.46 -20.78 10.47
N GLY D 50 -1.43 -21.44 9.83
CA GLY D 50 -2.53 -22.06 10.55
C GLY D 50 -2.14 -23.06 11.60
N LYS D 51 -1.64 -24.22 11.18
CA LYS D 51 -1.29 -25.29 12.11
C LYS D 51 -0.12 -24.86 12.99
N ARG D 52 -0.07 -25.42 14.20
CA ARG D 52 1.05 -25.16 15.09
C ARG D 52 2.34 -25.52 14.37
N PRO D 53 3.40 -24.74 14.51
CA PRO D 53 4.65 -25.08 13.86
C PRO D 53 5.11 -26.46 14.30
N PRO D 54 5.67 -27.24 13.42
CA PRO D 54 5.95 -28.63 13.77
C PRO D 54 7.13 -28.76 14.70
N VAL D 55 7.10 -28.12 15.87
CA VAL D 55 8.21 -28.15 16.81
C VAL D 55 7.70 -28.52 18.19
N SER D 56 8.46 -29.36 18.88
CA SER D 56 8.09 -29.86 20.20
C SER D 56 9.21 -29.55 21.19
N TYR D 57 9.06 -28.42 21.88
CA TYR D 57 9.98 -28.10 22.97
C TYR D 57 9.78 -29.07 24.13
N THR D 58 10.89 -29.50 24.74
CA THR D 58 10.79 -30.34 25.93
C THR D 58 10.20 -29.57 27.11
N THR D 59 10.52 -28.28 27.21
CA THR D 59 9.95 -27.38 28.21
C THR D 59 10.27 -27.84 29.64
N PHE D 60 11.57 -27.88 29.95
CA PHE D 60 12.00 -28.36 31.25
C PHE D 60 12.02 -27.23 32.27
N GLN D 61 11.85 -27.60 33.53
CA GLN D 61 11.63 -26.68 34.63
C GLN D 61 12.65 -26.94 35.75
N ALA D 62 12.41 -26.32 36.90
CA ALA D 62 13.28 -26.53 38.06
C ALA D 62 13.28 -27.99 38.49
N ARG D 63 12.19 -28.71 38.21
CA ARG D 63 12.17 -30.15 38.43
C ARG D 63 13.22 -30.84 37.58
N ASP D 64 13.39 -30.37 36.35
CA ASP D 64 14.24 -31.02 35.37
C ASP D 64 15.49 -30.20 35.05
N LEU D 65 16.61 -30.51 35.72
CA LEU D 65 17.88 -29.86 35.45
C LEU D 65 19.03 -30.85 35.42
N GLY D 66 18.76 -32.15 35.46
CA GLY D 66 19.79 -33.17 35.40
C GLY D 66 19.60 -34.14 34.25
N SER D 67 19.77 -35.44 34.51
CA SER D 67 19.50 -36.44 33.48
C SER D 67 18.02 -36.53 33.13
N ASP D 68 17.16 -36.00 33.99
CA ASP D 68 15.74 -35.90 33.67
C ASP D 68 15.51 -35.07 32.40
N THR D 69 16.37 -34.11 32.11
CA THR D 69 16.28 -33.39 30.85
C THR D 69 16.56 -34.33 29.67
N ALA D 70 17.53 -35.23 29.84
CA ALA D 70 17.82 -36.21 28.80
C ALA D 70 16.63 -37.14 28.58
N GLU D 71 16.01 -37.58 29.67
CA GLU D 71 14.80 -38.40 29.54
C GLU D 71 13.66 -37.62 28.89
N LEU D 72 13.54 -36.34 29.23
CA LEU D 72 12.57 -35.47 28.57
C LEU D 72 12.80 -35.46 27.07
N PHE D 73 14.05 -35.30 26.66
CA PHE D 73 14.35 -35.27 25.23
C PHE D 73 14.05 -36.61 24.57
N GLN D 74 14.40 -37.70 25.24
CA GLN D 74 14.13 -39.04 24.74
C GLN D 74 12.64 -39.22 24.46
N SER D 75 11.84 -38.90 25.48
CA SER D 75 10.39 -38.89 25.31
C SER D 75 9.98 -37.99 24.16
N ALA D 76 10.47 -36.75 24.16
CA ALA D 76 10.05 -35.79 23.15
C ALA D 76 10.22 -36.37 21.75
N CYS D 77 11.37 -37.00 21.50
CA CYS D 77 11.62 -37.55 20.18
C CYS D 77 10.70 -38.72 19.86
N ARG D 78 10.57 -39.69 20.77
CA ARG D 78 9.74 -40.85 20.46
C ARG D 78 8.26 -40.47 20.32
N ASP D 79 7.76 -39.69 21.26
CA ASP D 79 6.45 -39.06 21.12
C ASP D 79 6.30 -38.40 19.77
N ALA D 80 7.14 -37.39 19.49
CA ALA D 80 7.01 -36.65 18.24
C ALA D 80 6.94 -37.58 17.05
N TYR D 81 7.74 -38.65 17.06
CA TYR D 81 7.65 -39.63 15.98
C TYR D 81 6.26 -40.23 15.90
N GLU D 82 5.73 -40.74 17.01
CA GLU D 82 4.44 -41.41 16.91
C GLU D 82 3.29 -40.41 16.73
N ARG D 83 3.16 -39.49 17.69
CA ARG D 83 2.07 -38.48 17.63
C ARG D 83 2.20 -37.65 16.35
N PHE D 84 3.27 -36.86 16.24
CA PHE D 84 3.42 -35.96 15.09
C PHE D 84 4.22 -36.62 13.99
N GLN D 85 3.69 -37.70 13.40
CA GLN D 85 4.44 -38.55 12.48
C GLN D 85 5.13 -37.75 11.39
N PRO D 86 6.46 -37.64 11.44
CA PRO D 86 7.18 -36.92 10.40
C PRO D 86 7.75 -37.86 9.36
N GLN D 87 8.34 -37.33 8.30
CA GLN D 87 9.25 -38.09 7.47
C GLN D 87 10.70 -37.78 7.79
N ALA D 88 10.97 -36.68 8.49
CA ALA D 88 12.31 -36.27 8.87
C ALA D 88 12.21 -35.50 10.16
N ILE D 89 13.22 -35.58 11.03
CA ILE D 89 13.10 -34.93 12.32
C ILE D 89 14.43 -34.32 12.73
N MET D 90 14.37 -33.13 13.32
CA MET D 90 15.55 -32.39 13.75
C MET D 90 15.74 -32.58 15.25
N VAL D 91 16.96 -32.37 15.73
CA VAL D 91 17.21 -32.29 17.15
C VAL D 91 18.08 -31.07 17.41
N GLY D 92 18.17 -30.66 18.66
CA GLY D 92 18.93 -29.48 19.00
C GLY D 92 18.50 -28.93 20.35
N SER D 93 19.13 -27.84 20.74
CA SER D 93 18.91 -27.27 22.06
C SER D 93 18.91 -25.74 22.00
N SER D 94 18.24 -25.14 22.97
CA SER D 94 18.27 -23.70 23.14
C SER D 94 19.45 -23.33 24.03
N CYS D 95 19.43 -22.08 24.51
CA CYS D 95 20.52 -21.58 25.35
C CYS D 95 20.70 -22.46 26.58
N THR D 96 19.61 -22.77 27.27
CA THR D 96 19.68 -23.50 28.53
C THR D 96 20.32 -24.87 28.35
N ALA D 97 19.79 -25.66 27.43
CA ALA D 97 20.36 -26.97 27.19
C ALA D 97 21.67 -26.91 26.43
N GLU D 98 21.96 -25.77 25.79
CA GLU D 98 23.32 -25.56 25.30
C GLU D 98 24.32 -25.53 26.44
N LEU D 99 23.95 -24.86 27.53
CA LEU D 99 24.80 -24.89 28.71
C LEU D 99 24.72 -26.25 29.41
N ILE D 100 23.52 -26.78 29.57
CA ILE D 100 23.34 -28.08 30.22
C ILE D 100 23.43 -29.13 29.11
N GLN D 101 24.67 -29.50 28.78
CA GLN D 101 24.93 -30.41 27.68
C GLN D 101 24.20 -31.73 27.89
N ASP D 102 23.51 -32.20 26.85
CA ASP D 102 22.75 -33.44 26.92
C ASP D 102 22.99 -34.37 25.75
N ASP D 103 23.88 -34.03 24.83
CA ASP D 103 24.20 -34.88 23.68
C ASP D 103 22.93 -35.20 22.89
N THR D 104 22.36 -34.13 22.32
CA THR D 104 21.11 -34.24 21.58
C THR D 104 21.21 -35.31 20.49
N GLY D 105 22.27 -35.24 19.69
CA GLY D 105 22.44 -36.22 18.63
C GLY D 105 22.58 -37.63 19.16
N GLY D 106 23.30 -37.79 20.26
CA GLY D 106 23.41 -39.09 20.88
C GLY D 106 22.07 -39.61 21.36
N LEU D 107 21.24 -38.75 21.94
CA LEU D 107 19.91 -39.16 22.35
C LEU D 107 19.07 -39.59 21.15
N ALA D 108 19.10 -38.80 20.08
CA ALA D 108 18.34 -39.13 18.88
C ALA D 108 18.76 -40.49 18.32
N ASP D 109 20.08 -40.74 18.29
CA ASP D 109 20.56 -42.03 17.83
C ASP D 109 20.16 -43.13 18.79
N ALA D 110 20.08 -42.81 20.09
CA ALA D 110 19.66 -43.79 21.09
C ALA D 110 18.25 -44.27 20.83
N LEU D 111 17.36 -43.36 20.42
CA LEU D 111 16.06 -43.82 19.95
C LEU D 111 16.16 -44.63 18.67
N SER D 112 17.08 -44.26 17.78
CA SER D 112 17.28 -44.95 16.51
C SER D 112 15.99 -44.99 15.70
N LEU D 113 15.44 -43.81 15.45
CA LEU D 113 14.15 -43.70 14.78
C LEU D 113 14.29 -44.04 13.29
N PRO D 114 13.37 -44.82 12.73
CA PRO D 114 13.46 -45.14 11.29
C PRO D 114 13.50 -43.94 10.36
N VAL D 115 12.75 -42.88 10.65
CA VAL D 115 12.85 -41.68 9.83
C VAL D 115 14.22 -41.05 10.03
N PRO D 116 14.82 -40.44 9.02
CA PRO D 116 16.12 -39.78 9.22
C PRO D 116 16.04 -38.72 10.30
N VAL D 117 17.12 -38.59 11.05
CA VAL D 117 17.24 -37.56 12.09
C VAL D 117 18.41 -36.68 11.67
N VAL D 118 18.19 -35.37 11.71
CA VAL D 118 19.25 -34.44 11.35
C VAL D 118 19.81 -33.83 12.62
N HIS D 119 21.06 -34.16 12.95
CA HIS D 119 21.69 -33.61 14.13
C HIS D 119 22.04 -32.16 13.84
N LEU D 120 21.59 -31.27 14.70
CA LEU D 120 21.84 -29.84 14.56
C LEU D 120 22.75 -29.37 15.68
N GLU D 121 23.91 -28.83 15.30
CA GLU D 121 24.80 -28.17 16.25
C GLU D 121 24.60 -26.67 16.07
N LEU D 122 23.97 -26.03 17.04
CA LEU D 122 23.61 -24.61 16.95
C LEU D 122 24.23 -23.85 18.12
N PRO D 123 25.37 -23.20 17.92
CA PRO D 123 25.87 -22.29 18.96
C PRO D 123 24.88 -21.17 19.19
N SER D 124 24.28 -21.11 20.38
CA SER D 124 23.19 -20.19 20.65
C SER D 124 23.64 -18.97 21.45
N TYR D 125 24.94 -18.69 21.48
CA TYR D 125 25.42 -17.52 22.20
C TYR D 125 26.30 -16.59 21.37
N GLN D 126 26.84 -17.02 20.23
CA GLN D 126 27.70 -16.17 19.42
C GLN D 126 27.16 -15.98 18.01
N ARG D 127 26.10 -16.67 17.63
CA ARG D 127 25.54 -16.60 16.29
C ARG D 127 24.09 -16.18 16.39
N LYS D 128 23.43 -16.07 15.24
CA LYS D 128 22.06 -15.57 15.24
C LYS D 128 21.15 -16.36 14.33
N GLU D 129 19.91 -15.88 14.15
CA GLU D 129 18.89 -16.69 13.50
C GLU D 129 19.21 -16.93 12.03
N ASN D 130 19.81 -15.95 11.36
CA ASN D 130 20.18 -16.18 9.96
C ASN D 130 21.18 -17.32 9.86
N PHE D 131 22.19 -17.31 10.74
CA PHE D 131 23.05 -18.49 10.82
C PHE D 131 22.22 -19.71 11.09
N GLY D 132 21.55 -19.76 12.24
CA GLY D 132 20.74 -20.89 12.62
C GLY D 132 19.96 -21.52 11.48
N ALA D 133 19.30 -20.67 10.68
CA ALA D 133 18.58 -21.15 9.53
C ALA D 133 19.51 -21.76 8.48
N ASP D 134 20.61 -21.06 8.17
CA ASP D 134 21.52 -21.59 7.15
C ASP D 134 22.15 -22.90 7.59
N GLU D 135 22.59 -22.96 8.84
CA GLU D 135 23.20 -24.17 9.37
C GLU D 135 22.21 -25.32 9.38
N SER D 136 20.97 -25.04 9.79
CA SER D 136 19.96 -26.10 9.80
C SER D 136 19.70 -26.61 8.40
N PHE D 137 19.57 -25.69 7.44
CA PHE D 137 19.38 -26.10 6.06
C PHE D 137 20.54 -26.95 5.57
N LEU D 138 21.77 -26.53 5.86
CA LEU D 138 22.91 -27.29 5.40
C LEU D 138 22.90 -28.69 5.98
N GLN D 139 22.58 -28.81 7.26
CA GLN D 139 22.62 -30.12 7.90
C GLN D 139 21.56 -31.03 7.30
N ILE D 140 20.36 -30.52 7.03
CA ILE D 140 19.37 -31.38 6.41
C ILE D 140 19.66 -31.68 4.95
N CYS D 141 20.39 -30.81 4.25
CA CYS D 141 20.78 -31.19 2.90
C CYS D 141 21.83 -32.28 2.93
N ARG D 142 22.83 -32.17 3.80
CA ARG D 142 23.81 -33.25 3.87
C ARG D 142 23.24 -34.53 4.45
N LYS D 143 22.14 -34.46 5.19
CA LYS D 143 21.53 -35.68 5.70
C LYS D 143 20.52 -36.31 4.75
N LEU D 144 19.87 -35.52 3.91
CA LEU D 144 18.82 -36.07 3.05
C LEU D 144 19.10 -35.95 1.56
N ALA D 145 19.79 -34.92 1.10
CA ALA D 145 19.95 -34.67 -0.33
C ALA D 145 21.18 -35.40 -0.84
N ARG D 146 20.96 -36.46 -1.63
CA ARG D 146 22.08 -37.22 -2.16
C ARG D 146 22.12 -37.05 -3.67
N PRO D 147 23.30 -37.13 -4.27
CA PRO D 147 23.40 -36.95 -5.72
C PRO D 147 22.56 -37.97 -6.46
N MET D 148 21.97 -37.55 -7.57
CA MET D 148 21.10 -38.42 -8.34
C MET D 148 21.02 -37.89 -9.76
N GLU D 149 20.24 -38.57 -10.59
CA GLU D 149 20.21 -38.27 -12.01
C GLU D 149 19.60 -36.89 -12.25
N ARG D 150 20.16 -36.16 -13.21
CA ARG D 150 19.60 -34.88 -13.59
C ARG D 150 18.22 -35.09 -14.21
N THR D 151 17.30 -34.19 -13.89
CA THR D 151 16.01 -34.20 -14.57
C THR D 151 16.23 -33.98 -16.05
N GLU D 152 15.47 -34.70 -16.89
CA GLU D 152 15.70 -34.61 -18.33
C GLU D 152 15.44 -33.19 -18.81
N LYS D 153 14.39 -32.56 -18.32
CA LYS D 153 14.19 -31.13 -18.50
C LYS D 153 15.19 -30.37 -17.65
N VAL D 154 15.65 -29.23 -18.15
CA VAL D 154 16.53 -28.36 -17.38
C VAL D 154 15.74 -27.82 -16.20
N SER D 155 16.28 -27.97 -14.99
CA SER D 155 15.51 -27.62 -13.81
C SER D 155 16.42 -27.09 -12.73
N CYS D 156 15.83 -26.30 -11.84
CA CYS D 156 16.56 -25.56 -10.82
C CYS D 156 15.83 -25.69 -9.51
N ASN D 157 16.53 -25.51 -8.40
CA ASN D 157 15.90 -25.46 -7.10
C ASN D 157 16.04 -24.08 -6.50
N LEU D 158 14.95 -23.48 -6.11
CA LEU D 158 15.05 -22.25 -5.35
C LEU D 158 15.44 -22.57 -3.93
N LEU D 159 16.59 -22.07 -3.51
CA LEU D 159 17.04 -22.23 -2.14
C LEU D 159 17.06 -20.88 -1.48
N GLY D 160 16.67 -20.84 -0.22
CA GLY D 160 16.69 -19.60 0.52
C GLY D 160 15.37 -19.21 1.14
N PRO D 161 14.25 -19.36 0.44
CA PRO D 161 12.97 -18.95 1.02
C PRO D 161 12.72 -19.68 2.33
N THR D 162 12.19 -18.96 3.30
CA THR D 162 12.11 -19.51 4.65
C THR D 162 10.92 -18.90 5.35
N ALA D 163 10.16 -19.74 6.05
CA ALA D 163 9.00 -19.26 6.78
C ALA D 163 9.38 -18.07 7.64
N LEU D 164 8.43 -17.14 7.80
CA LEU D 164 8.71 -15.89 8.48
C LEU D 164 9.87 -15.19 7.79
N GLY D 165 9.69 -14.90 6.51
CA GLY D 165 10.69 -14.21 5.72
C GLY D 165 10.04 -13.07 4.99
N PHE D 166 10.82 -12.01 4.76
CA PHE D 166 10.21 -10.82 4.20
C PHE D 166 9.69 -11.09 2.81
N ARG D 167 8.37 -11.25 2.68
CA ARG D 167 7.73 -11.49 1.41
C ARG D 167 8.37 -12.67 0.68
N HIS D 168 8.82 -13.68 1.43
CA HIS D 168 9.34 -14.87 0.77
C HIS D 168 8.24 -15.58 0.01
N ARG D 169 7.08 -15.72 0.63
CA ARG D 169 5.99 -16.50 0.06
C ARG D 169 5.58 -15.95 -1.30
N ASP D 170 5.53 -14.63 -1.42
CA ASP D 170 5.20 -14.03 -2.70
C ASP D 170 6.36 -14.12 -3.67
N ASP D 171 7.58 -14.02 -3.15
CA ASP D 171 8.72 -13.92 -4.04
C ASP D 171 8.98 -15.24 -4.75
N ILE D 172 8.69 -16.35 -4.08
CA ILE D 172 8.80 -17.64 -4.76
C ILE D 172 7.86 -17.69 -5.95
N LEU D 173 6.64 -17.21 -5.77
CA LEU D 173 5.68 -17.19 -6.88
C LEU D 173 6.18 -16.35 -8.03
N GLU D 174 6.72 -15.16 -7.72
CA GLU D 174 7.20 -14.29 -8.79
C GLU D 174 8.39 -14.91 -9.53
N VAL D 175 9.37 -15.41 -8.78
CA VAL D 175 10.54 -15.98 -9.45
C VAL D 175 10.15 -17.23 -10.21
N THR D 176 9.19 -18.01 -9.70
CA THR D 176 8.72 -19.18 -10.43
C THR D 176 8.09 -18.77 -11.74
N ARG D 177 7.28 -17.71 -11.72
CA ARG D 177 6.70 -17.21 -12.95
C ARG D 177 7.79 -16.84 -13.94
N LEU D 178 8.80 -16.11 -13.46
CA LEU D 178 9.87 -15.66 -14.36
C LEU D 178 10.66 -16.83 -14.92
N LEU D 179 11.00 -17.80 -14.07
CA LEU D 179 11.80 -18.93 -14.51
C LEU D 179 11.05 -19.78 -15.50
N GLU D 180 9.75 -20.02 -15.25
CA GLU D 180 8.96 -20.73 -16.24
C GLU D 180 8.86 -19.93 -17.53
N GLY D 181 8.77 -18.61 -17.42
CA GLY D 181 8.71 -17.77 -18.59
C GLY D 181 9.91 -17.97 -19.48
N MET D 182 11.11 -17.98 -18.88
CA MET D 182 12.30 -18.31 -19.66
C MET D 182 12.23 -19.74 -20.18
N GLY D 183 11.72 -20.66 -19.37
CA GLY D 183 11.58 -22.04 -19.80
C GLY D 183 12.06 -23.00 -18.73
N ILE D 184 12.83 -22.47 -17.78
CA ILE D 184 13.35 -23.29 -16.71
C ILE D 184 12.20 -23.75 -15.83
N ALA D 185 12.13 -25.04 -15.57
CA ALA D 185 11.18 -25.54 -14.60
C ALA D 185 11.83 -25.63 -13.22
N VAL D 186 11.05 -25.33 -12.20
CA VAL D 186 11.52 -25.34 -10.83
C VAL D 186 11.38 -26.76 -10.32
N ASN D 187 12.51 -27.36 -9.93
CA ASN D 187 12.48 -28.75 -9.50
C ASN D 187 11.90 -28.88 -8.10
N ALA D 188 12.42 -28.11 -7.15
CA ALA D 188 11.93 -28.17 -5.78
C ALA D 188 12.37 -26.92 -5.04
N VAL D 189 11.40 -26.11 -4.61
CA VAL D 189 11.71 -24.98 -3.75
C VAL D 189 11.99 -25.48 -2.35
N ALA D 190 13.11 -25.07 -1.78
CA ALA D 190 13.46 -25.45 -0.43
C ALA D 190 14.07 -24.26 0.28
N PRO D 191 13.85 -24.13 1.58
CA PRO D 191 12.99 -24.95 2.43
C PRO D 191 11.68 -24.28 2.79
N MET D 192 10.98 -23.61 1.88
CA MET D 192 9.73 -22.95 2.25
C MET D 192 8.50 -23.77 1.90
N GLY D 193 8.57 -24.61 0.88
CA GLY D 193 7.45 -25.47 0.57
C GLY D 193 7.90 -26.89 0.35
N ALA D 194 9.20 -27.15 0.52
CA ALA D 194 9.75 -28.46 0.21
C ALA D 194 9.21 -29.49 1.19
N SER D 195 9.43 -30.75 0.84
CA SER D 195 9.20 -31.86 1.74
C SER D 195 10.45 -32.73 1.72
N PRO D 196 10.68 -33.53 2.75
CA PRO D 196 11.87 -34.38 2.78
C PRO D 196 12.04 -35.19 1.52
N ALA D 197 10.95 -35.56 0.86
CA ALA D 197 11.04 -36.14 -0.46
C ALA D 197 11.67 -35.14 -1.43
N ASP D 198 11.25 -33.88 -1.35
CA ASP D 198 11.80 -32.86 -2.24
C ASP D 198 13.26 -32.60 -1.95
N ILE D 199 13.65 -32.58 -0.67
CA ILE D 199 15.06 -32.42 -0.35
C ILE D 199 15.85 -33.60 -0.85
N ALA D 200 15.26 -34.79 -0.83
CA ALA D 200 15.92 -35.92 -1.46
C ALA D 200 16.09 -35.69 -2.96
N ARG D 201 15.10 -35.09 -3.60
CA ARG D 201 15.17 -34.84 -5.03
C ARG D 201 16.03 -33.64 -5.42
N LEU D 202 16.46 -32.83 -4.44
CA LEU D 202 17.26 -31.64 -4.72
C LEU D 202 18.34 -31.86 -5.76
N GLY D 203 19.11 -32.93 -5.62
CA GLY D 203 20.25 -33.14 -6.49
C GLY D 203 19.86 -33.28 -7.95
N ALA D 204 18.60 -33.60 -8.21
CA ALA D 204 18.19 -33.88 -9.57
C ALA D 204 18.16 -32.64 -10.45
N ALA D 205 18.28 -31.45 -9.88
CA ALA D 205 18.22 -30.25 -10.70
C ALA D 205 19.56 -30.01 -11.40
N HIS D 206 19.54 -29.09 -12.35
CA HIS D 206 20.75 -28.74 -13.08
C HIS D 206 21.55 -27.64 -12.40
N PHE D 207 20.88 -26.75 -11.66
CA PHE D 207 21.57 -25.64 -11.04
C PHE D 207 20.66 -24.99 -10.00
N ASN D 208 21.15 -24.83 -8.78
CA ASN D 208 20.36 -24.18 -7.76
C ASN D 208 20.29 -22.69 -8.04
N VAL D 209 19.24 -22.06 -7.54
CA VAL D 209 19.06 -20.62 -7.67
C VAL D 209 18.95 -20.05 -6.27
N LEU D 210 19.78 -19.07 -5.98
CA LEU D 210 19.84 -18.49 -4.64
C LEU D 210 18.92 -17.28 -4.58
N LEU D 211 17.71 -17.46 -4.07
CA LEU D 211 16.85 -16.32 -3.85
C LEU D 211 17.29 -15.49 -2.66
N TYR D 212 17.60 -16.13 -1.54
CA TYR D 212 17.98 -15.42 -0.32
C TYR D 212 19.31 -15.98 0.16
N PRO D 213 20.41 -15.34 -0.16
CA PRO D 213 21.72 -15.84 0.24
C PRO D 213 21.86 -16.01 1.74
N GLU D 214 21.13 -15.21 2.54
CA GLU D 214 21.24 -15.30 3.99
C GLU D 214 20.96 -16.71 4.48
N THR D 215 19.88 -17.31 4.00
CA THR D 215 19.46 -18.63 4.44
C THR D 215 19.84 -19.71 3.45
N GLY D 216 20.54 -19.37 2.36
CA GLY D 216 20.75 -20.34 1.31
C GLY D 216 22.17 -20.45 0.80
N GLU D 217 23.08 -19.56 1.20
CA GLU D 217 24.44 -19.62 0.67
C GLU D 217 25.14 -20.90 1.09
N SER D 218 24.98 -21.29 2.35
CA SER D 218 25.62 -22.52 2.81
C SER D 218 25.10 -23.73 2.04
N ALA D 219 23.79 -23.79 1.85
CA ALA D 219 23.21 -24.90 1.10
C ALA D 219 23.71 -24.91 -0.32
N ALA D 220 23.74 -23.74 -0.97
CA ALA D 220 24.16 -23.69 -2.37
C ALA D 220 25.63 -24.06 -2.52
N ARG D 221 26.47 -23.56 -1.61
CA ARG D 221 27.88 -23.90 -1.69
C ARG D 221 28.10 -25.39 -1.51
N TRP D 222 27.40 -26.00 -0.54
CA TRP D 222 27.54 -27.44 -0.37
C TRP D 222 27.02 -28.18 -1.60
N ALA D 223 25.94 -27.69 -2.19
CA ALA D 223 25.40 -28.33 -3.37
C ALA D 223 26.36 -28.22 -4.54
N GLU D 224 27.15 -27.15 -4.60
CA GLU D 224 28.08 -26.99 -5.70
C GLU D 224 29.05 -28.15 -5.77
N LYS D 225 29.43 -28.71 -4.63
CA LYS D 225 30.41 -29.78 -4.62
C LYS D 225 29.74 -31.14 -4.56
N THR D 226 28.81 -31.33 -3.61
CA THR D 226 28.19 -32.64 -3.48
C THR D 226 27.34 -32.99 -4.69
N LEU D 227 26.57 -32.04 -5.20
CA LEU D 227 25.64 -32.31 -6.27
C LEU D 227 26.13 -31.79 -7.62
N LYS D 228 27.29 -31.17 -7.66
CA LYS D 228 27.86 -30.62 -8.88
C LYS D 228 26.89 -29.63 -9.52
N GLN D 229 26.51 -28.63 -8.74
CA GLN D 229 25.42 -27.72 -9.13
C GLN D 229 25.86 -26.27 -8.96
N PRO D 230 26.04 -25.52 -10.04
CA PRO D 230 26.29 -24.09 -9.92
C PRO D 230 25.05 -23.37 -9.40
N TYR D 231 25.27 -22.23 -8.75
CA TYR D 231 24.18 -21.45 -8.18
C TYR D 231 24.35 -19.99 -8.54
N THR D 232 23.25 -19.35 -8.95
CA THR D 232 23.31 -17.96 -9.40
C THR D 232 23.46 -17.00 -8.22
N LYS D 233 24.25 -15.96 -8.42
CA LYS D 233 24.60 -15.02 -7.37
C LYS D 233 23.68 -13.81 -7.31
N THR D 234 23.16 -13.35 -8.44
CA THR D 234 22.43 -12.08 -8.52
C THR D 234 20.99 -12.27 -8.08
N VAL D 235 20.68 -11.88 -6.86
CA VAL D 235 19.29 -11.89 -6.38
C VAL D 235 18.51 -10.82 -7.14
N PRO D 236 17.36 -11.13 -7.69
CA PRO D 236 16.73 -10.27 -8.69
C PRO D 236 15.75 -9.23 -8.15
N ILE D 237 16.21 -8.40 -7.23
CA ILE D 237 15.37 -7.36 -6.65
C ILE D 237 15.54 -6.10 -7.48
N GLY D 238 14.48 -5.68 -8.17
CA GLY D 238 14.55 -4.48 -8.96
C GLY D 238 14.79 -4.76 -10.42
N VAL D 239 14.68 -3.74 -11.27
CA VAL D 239 14.71 -3.96 -12.72
C VAL D 239 16.09 -4.41 -13.17
N GLY D 240 17.13 -3.68 -12.76
CA GLY D 240 18.47 -4.00 -13.19
C GLY D 240 18.94 -5.36 -12.72
N ALA D 241 18.70 -5.63 -11.44
CA ALA D 241 19.03 -6.94 -10.90
C ALA D 241 18.22 -8.02 -11.60
N THR D 242 16.98 -7.72 -11.96
CA THR D 242 16.17 -8.68 -12.68
C THR D 242 16.78 -9.00 -14.04
N ARG D 243 17.24 -7.98 -14.77
CA ARG D 243 17.87 -8.22 -16.06
C ARG D 243 19.11 -9.09 -15.89
N ASP D 244 19.95 -8.74 -14.92
CA ASP D 244 21.16 -9.51 -14.73
C ASP D 244 20.82 -10.95 -14.38
N PHE D 245 19.82 -11.16 -13.52
CA PHE D 245 19.44 -12.48 -13.10
C PHE D 245 18.90 -13.29 -14.27
N VAL D 246 18.13 -12.64 -15.12
CA VAL D 246 17.56 -13.27 -16.30
C VAL D 246 18.71 -13.78 -17.15
N ALA D 247 19.68 -12.91 -17.41
CA ALA D 247 20.82 -13.31 -18.23
C ALA D 247 21.59 -14.44 -17.57
N GLU D 248 21.74 -14.37 -16.24
CA GLU D 248 22.55 -15.35 -15.52
C GLU D 248 21.94 -16.75 -15.59
N VAL D 249 20.66 -16.88 -15.25
CA VAL D 249 20.04 -18.20 -15.33
C VAL D 249 19.92 -18.64 -16.77
N ALA D 250 19.81 -17.69 -17.69
CA ALA D 250 19.81 -18.05 -19.10
C ALA D 250 21.12 -18.73 -19.47
N ALA D 251 22.24 -18.14 -19.05
CA ALA D 251 23.54 -18.73 -19.35
C ALA D 251 23.68 -20.08 -18.66
N LEU D 252 23.24 -20.16 -17.40
CA LEU D 252 23.41 -21.38 -16.62
C LEU D 252 22.63 -22.53 -17.22
N ALA D 253 21.40 -22.28 -17.64
CA ALA D 253 20.56 -23.34 -18.18
C ALA D 253 20.90 -23.62 -19.64
N GLY D 254 20.89 -22.57 -20.46
CA GLY D 254 21.20 -22.70 -21.87
C GLY D 254 20.10 -22.15 -22.74
N VAL D 255 19.09 -21.56 -22.11
CA VAL D 255 17.91 -21.08 -22.80
C VAL D 255 18.07 -19.59 -23.08
N ALA D 256 17.33 -19.07 -24.06
CA ALA D 256 17.42 -17.68 -24.47
C ALA D 256 17.06 -16.74 -23.33
N PRO D 257 17.59 -15.53 -23.34
CA PRO D 257 17.32 -14.60 -22.24
C PRO D 257 16.00 -13.86 -22.33
N VAL D 258 15.07 -14.35 -23.14
CA VAL D 258 13.78 -13.68 -23.28
C VAL D 258 13.03 -13.79 -21.95
N ALA D 259 12.59 -12.65 -21.43
CA ALA D 259 11.72 -12.61 -20.26
C ALA D 259 10.66 -11.54 -20.51
N ASP D 260 9.41 -11.86 -20.18
CA ASP D 260 8.30 -10.97 -20.50
C ASP D 260 8.25 -9.84 -19.47
N ASP D 261 8.46 -8.61 -19.95
CA ASP D 261 8.47 -7.43 -19.09
C ASP D 261 7.24 -6.57 -19.31
N SER D 262 6.18 -7.16 -19.86
CA SER D 262 4.98 -6.39 -20.13
C SER D 262 4.29 -5.92 -18.85
N ARG D 263 4.71 -6.42 -17.69
CA ARG D 263 4.23 -5.89 -16.43
C ARG D 263 5.18 -4.88 -15.81
N LEU D 264 6.26 -4.54 -16.50
CA LEU D 264 7.18 -3.52 -15.98
C LEU D 264 6.61 -2.14 -16.25
N ARG D 265 6.22 -1.46 -15.17
CA ARG D 265 5.77 -0.08 -15.26
C ARG D 265 6.67 0.88 -14.53
N GLN D 266 7.48 0.39 -13.60
CA GLN D 266 8.40 1.23 -12.85
C GLN D 266 9.34 2.08 -13.70
N PRO D 267 9.99 1.56 -14.76
CA PRO D 267 10.84 2.43 -15.57
C PRO D 267 10.07 3.62 -16.11
N TRP D 268 8.83 3.36 -16.54
CA TRP D 268 7.96 4.43 -17.00
CA TRP D 268 7.97 4.44 -17.00
C TRP D 268 7.38 5.26 -15.88
N TRP D 269 6.99 4.65 -14.78
CA TRP D 269 6.32 5.38 -13.72
C TRP D 269 7.29 6.20 -12.89
N SER D 270 8.60 5.97 -13.01
CA SER D 270 9.59 6.80 -12.32
C SER D 270 10.24 7.79 -13.27
N ALA D 271 10.32 7.48 -14.55
CA ALA D 271 10.80 8.45 -15.53
C ALA D 271 9.77 9.52 -15.82
N SER D 272 8.55 9.38 -15.32
CA SER D 272 7.50 10.35 -15.61
C SER D 272 7.80 11.68 -14.95
N VAL D 273 7.17 12.73 -15.49
CA VAL D 273 7.44 14.08 -14.99
C VAL D 273 6.96 14.21 -13.55
N ASP D 274 6.06 13.33 -13.11
CA ASP D 274 5.62 13.35 -11.73
C ASP D 274 6.77 13.02 -10.80
N SER D 275 7.58 12.03 -11.17
CA SER D 275 8.68 11.58 -10.32
C SER D 275 9.95 12.38 -10.58
N THR D 276 9.84 13.71 -10.58
CA THR D 276 11.02 14.54 -10.74
C THR D 276 11.48 15.17 -9.44
N TYR D 277 10.60 15.32 -8.45
CA TYR D 277 11.05 15.75 -7.13
C TYR D 277 11.84 14.65 -6.44
N LEU D 278 11.71 13.42 -6.91
CA LEU D 278 12.40 12.31 -6.27
C LEU D 278 13.89 12.32 -6.59
N THR D 279 14.30 12.99 -7.66
CA THR D 279 15.71 12.98 -8.03
C THR D 279 16.54 13.67 -6.95
N GLY D 280 17.65 13.05 -6.60
CA GLY D 280 18.53 13.63 -5.62
C GLY D 280 17.94 13.77 -4.24
N LYS D 281 17.16 12.80 -3.80
CA LYS D 281 16.73 12.75 -2.41
C LYS D 281 17.65 11.83 -1.63
N ARG D 282 17.88 12.17 -0.37
CA ARG D 282 18.77 11.39 0.46
C ARG D 282 18.02 10.23 1.10
N VAL D 283 18.62 9.05 1.06
CA VAL D 283 18.01 7.83 1.57
C VAL D 283 19.01 7.10 2.46
N PHE D 284 18.49 6.43 3.49
CA PHE D 284 19.32 5.64 4.40
C PHE D 284 18.83 4.21 4.40
N LEU D 285 19.52 3.36 3.63
CA LEU D 285 19.12 1.98 3.54
C LEU D 285 19.74 1.19 4.68
N PHE D 286 18.93 0.41 5.39
CA PHE D 286 19.41 -0.43 6.46
C PHE D 286 18.66 -1.76 6.47
N GLY D 287 19.31 -2.79 6.97
CA GLY D 287 18.66 -4.08 7.08
C GLY D 287 19.43 -5.23 6.46
N ASP D 288 18.70 -6.17 5.88
CA ASP D 288 19.29 -7.37 5.33
C ASP D 288 20.29 -7.01 4.24
N ALA D 289 21.41 -7.73 4.21
CA ALA D 289 22.49 -7.37 3.30
C ALA D 289 22.09 -7.43 1.83
N THR D 290 21.52 -8.54 1.37
CA THR D 290 21.13 -8.63 -0.03
C THR D 290 20.03 -7.63 -0.36
N HIS D 291 19.04 -7.52 0.52
CA HIS D 291 17.97 -6.56 0.32
C HIS D 291 18.53 -5.15 0.24
N VAL D 292 19.45 -4.80 1.14
CA VAL D 292 20.01 -3.46 1.14
C VAL D 292 20.80 -3.20 -0.13
N ILE D 293 21.63 -4.17 -0.55
CA ILE D 293 22.46 -3.95 -1.72
C ILE D 293 21.60 -3.77 -2.97
N ALA D 294 20.60 -4.64 -3.14
CA ALA D 294 19.76 -4.50 -4.33
C ALA D 294 18.89 -3.26 -4.23
N ALA D 295 18.44 -2.90 -3.03
CA ALA D 295 17.65 -1.70 -2.87
C ALA D 295 18.47 -0.47 -3.20
N ALA D 296 19.77 -0.52 -2.91
CA ALA D 296 20.63 0.60 -3.31
C ALA D 296 20.80 0.63 -4.81
N ARG D 297 21.01 -0.52 -5.43
CA ARG D 297 21.12 -0.55 -6.88
C ARG D 297 19.85 -0.03 -7.55
N VAL D 298 18.70 -0.15 -6.91
CA VAL D 298 17.48 0.46 -7.40
C VAL D 298 17.44 1.95 -7.10
N ALA D 299 17.70 2.33 -5.85
CA ALA D 299 17.53 3.72 -5.44
C ALA D 299 18.43 4.67 -6.21
N ARG D 300 19.68 4.29 -6.43
CA ARG D 300 20.61 5.19 -7.11
C ARG D 300 20.57 5.02 -8.63
N ASP D 301 19.96 3.96 -9.15
CA ASP D 301 20.06 3.75 -10.58
C ASP D 301 18.74 3.75 -11.34
N GLU D 302 17.62 3.40 -10.73
CA GLU D 302 16.34 3.43 -11.43
C GLU D 302 15.37 4.46 -10.87
N MET D 303 15.63 5.03 -9.70
CA MET D 303 14.72 5.99 -9.10
C MET D 303 15.26 7.40 -9.05
N GLY D 304 16.58 7.57 -9.09
CA GLY D 304 17.17 8.88 -8.93
C GLY D 304 17.44 9.29 -7.51
N PHE D 305 17.06 8.47 -6.52
CA PHE D 305 17.45 8.75 -5.16
C PHE D 305 18.96 8.82 -5.05
N GLU D 306 19.45 9.72 -4.21
CA GLU D 306 20.87 9.80 -3.90
C GLU D 306 21.07 9.09 -2.57
N VAL D 307 21.88 8.05 -2.57
CA VAL D 307 22.12 7.30 -1.35
C VAL D 307 23.11 8.08 -0.49
N VAL D 308 22.64 8.51 0.68
CA VAL D 308 23.46 9.29 1.61
C VAL D 308 23.93 8.44 2.78
N GLY D 309 23.27 7.30 2.98
CA GLY D 309 23.68 6.34 3.99
C GLY D 309 23.49 4.93 3.50
N MET D 310 24.08 4.00 4.25
CA MET D 310 23.91 2.59 3.97
C MET D 310 24.41 1.84 5.18
N GLY D 311 23.77 0.72 5.47
CA GLY D 311 24.14 -0.03 6.65
C GLY D 311 23.47 -1.39 6.63
N CYS D 312 23.94 -2.24 7.51
CA CYS D 312 23.54 -3.64 7.51
C CYS D 312 23.60 -4.16 8.94
N TYR D 313 23.02 -5.33 9.15
CA TYR D 313 23.17 -6.00 10.41
C TYR D 313 23.59 -7.45 10.26
N ASN D 314 23.68 -7.95 9.03
CA ASN D 314 24.22 -9.26 8.75
C ASN D 314 25.74 -9.13 8.75
N ARG D 315 26.36 -9.38 9.90
CA ARG D 315 27.81 -9.42 9.92
C ARG D 315 28.34 -10.52 9.00
N GLU D 316 27.58 -11.59 8.85
CA GLU D 316 27.97 -12.67 7.96
C GLU D 316 28.20 -12.16 6.55
N PHE D 317 27.47 -11.13 6.16
CA PHE D 317 27.52 -10.58 4.82
C PHE D 317 28.18 -9.21 4.80
N ALA D 318 29.13 -8.98 5.70
CA ALA D 318 29.75 -7.67 5.77
C ALA D 318 30.60 -7.41 4.54
N ARG D 319 31.25 -8.42 4.01
CA ARG D 319 32.19 -8.19 2.91
C ARG D 319 31.49 -7.65 1.67
N PRO D 320 30.45 -8.31 1.12
CA PRO D 320 29.76 -7.70 -0.02
C PRO D 320 29.11 -6.39 0.36
N MET D 321 28.69 -6.26 1.61
CA MET D 321 28.09 -5.02 2.05
C MET D 321 29.09 -3.89 1.94
N ARG D 322 30.30 -4.10 2.45
CA ARG D 322 31.32 -3.07 2.39
C ARG D 322 31.71 -2.77 0.95
N ALA D 323 31.79 -3.82 0.13
CA ALA D 323 32.13 -3.62 -1.27
C ALA D 323 31.11 -2.72 -1.95
N ALA D 324 29.83 -2.98 -1.73
CA ALA D 324 28.81 -2.12 -2.32
C ALA D 324 28.87 -0.71 -1.75
N ALA D 325 29.13 -0.59 -0.45
CA ALA D 325 29.22 0.74 0.16
C ALA D 325 30.29 1.56 -0.52
N LYS D 326 31.44 0.95 -0.80
CA LYS D 326 32.44 1.62 -1.63
C LYS D 326 31.89 1.91 -3.02
N GLY D 327 31.11 0.99 -3.55
CA GLY D 327 30.53 1.17 -4.87
C GLY D 327 29.71 2.43 -5.00
N TYR D 328 28.95 2.77 -3.96
CA TYR D 328 28.14 3.98 -3.99
C TYR D 328 28.83 5.19 -3.37
N GLY D 329 30.09 5.05 -2.96
CA GLY D 329 30.82 6.14 -2.36
C GLY D 329 30.61 6.33 -0.88
N LEU D 330 29.86 5.44 -0.23
CA LEU D 330 29.55 5.59 1.18
C LEU D 330 30.38 4.63 2.02
N GLU D 331 30.05 4.56 3.30
CA GLU D 331 30.65 3.64 4.25
C GLU D 331 29.58 2.81 4.94
N ALA D 332 29.73 1.50 4.83
CA ALA D 332 28.72 0.56 5.33
C ALA D 332 28.69 0.59 6.85
N LEU D 333 27.48 0.53 7.40
CA LEU D 333 27.30 0.53 8.86
C LEU D 333 26.95 -0.88 9.33
N VAL D 334 27.98 -1.72 9.41
CA VAL D 334 27.72 -3.12 9.74
C VAL D 334 27.58 -3.25 11.25
N THR D 335 26.42 -2.87 11.76
CA THR D 335 26.19 -2.81 13.19
C THR D 335 25.11 -3.80 13.58
N ASP D 336 24.80 -3.85 14.87
CA ASP D 336 23.71 -4.72 15.32
C ASP D 336 22.88 -4.06 16.40
N ASP D 337 22.93 -2.73 16.52
CA ASP D 337 22.13 -2.05 17.53
C ASP D 337 21.46 -0.85 16.89
N TYR D 338 20.31 -0.48 17.44
CA TYR D 338 19.57 0.64 16.89
C TYR D 338 20.22 1.97 17.23
N LEU D 339 21.04 2.01 18.28
CA LEU D 339 21.66 3.27 18.68
C LEU D 339 22.59 3.80 17.60
N GLU D 340 23.40 2.93 17.02
CA GLU D 340 24.38 3.37 16.02
C GLU D 340 23.67 3.93 14.80
N VAL D 341 22.70 3.19 14.26
CA VAL D 341 21.99 3.65 13.07
C VAL D 341 21.18 4.90 13.38
N GLU D 342 20.63 4.97 14.60
CA GLU D 342 19.85 6.13 14.97
C GLU D 342 20.71 7.39 14.96
N GLU D 343 21.90 7.30 15.58
CA GLU D 343 22.83 8.41 15.57
C GLU D 343 23.25 8.73 14.15
N ALA D 344 23.42 7.69 13.33
CA ALA D 344 23.86 7.87 11.96
C ALA D 344 22.86 8.69 11.16
N ILE D 345 21.59 8.33 11.21
CA ILE D 345 20.60 9.08 10.43
C ILE D 345 20.37 10.46 11.04
N GLN D 346 20.49 10.60 12.36
CA GLN D 346 20.35 11.93 12.94
C GLN D 346 21.43 12.85 12.40
N ALA D 347 22.66 12.36 12.31
CA ALA D 347 23.71 13.15 11.70
C ALA D 347 23.44 13.38 10.22
N LEU D 348 22.93 12.36 9.54
CA LEU D 348 22.72 12.44 8.10
C LEU D 348 21.41 13.11 7.72
N ALA D 349 20.35 12.91 8.50
CA ALA D 349 19.00 13.40 8.21
C ALA D 349 18.58 13.16 6.77
N PRO D 350 18.53 11.92 6.28
CA PRO D 350 18.03 11.69 4.93
C PRO D 350 16.53 11.90 4.85
N GLU D 351 16.07 12.25 3.65
CA GLU D 351 14.65 12.50 3.45
C GLU D 351 13.84 11.22 3.64
N LEU D 352 14.30 10.12 3.05
CA LEU D 352 13.56 8.87 3.08
C LEU D 352 14.46 7.79 3.69
N ILE D 353 14.29 7.53 4.98
CA ILE D 353 15.00 6.39 5.55
C ILE D 353 14.10 5.19 5.44
N LEU D 354 14.71 4.03 5.30
CA LEU D 354 13.97 2.80 5.04
C LEU D 354 14.79 1.61 5.48
N GLY D 355 14.10 0.60 5.98
CA GLY D 355 14.80 -0.58 6.46
C GLY D 355 13.96 -1.38 7.42
N THR D 356 14.58 -1.83 8.50
CA THR D 356 13.87 -2.65 9.45
C THR D 356 12.77 -1.84 10.10
N GLN D 357 11.95 -2.54 10.90
CA GLN D 357 10.88 -1.88 11.62
C GLN D 357 11.41 -0.77 12.51
N MET D 358 12.61 -0.95 13.05
CA MET D 358 13.21 0.10 13.85
C MET D 358 13.43 1.35 13.02
N GLU D 359 13.88 1.17 11.78
CA GLU D 359 14.07 2.34 10.93
C GLU D 359 12.77 3.09 10.78
N ARG D 360 11.67 2.37 10.59
CA ARG D 360 10.39 3.05 10.48
C ARG D 360 10.01 3.75 11.79
N HIS D 361 10.23 3.11 12.94
CA HIS D 361 9.77 3.70 14.19
C HIS D 361 10.59 4.90 14.60
N ILE D 362 11.91 4.85 14.44
CA ILE D 362 12.73 6.02 14.77
C ILE D 362 12.76 7.01 13.61
N ALA D 363 12.22 6.63 12.46
CA ALA D 363 11.86 7.65 11.48
C ALA D 363 10.69 8.46 12.00
N LYS D 364 9.66 7.77 12.48
CA LYS D 364 8.50 8.46 13.01
C LYS D 364 8.88 9.31 14.20
N ARG D 365 9.72 8.78 15.09
CA ARG D 365 10.19 9.56 16.23
C ARG D 365 10.96 10.79 15.76
N LEU D 366 11.61 10.70 14.61
CA LEU D 366 12.32 11.83 14.04
C LEU D 366 11.52 12.52 12.96
N GLY D 367 10.29 12.08 12.70
CA GLY D 367 9.45 12.70 11.72
C GLY D 367 10.05 12.68 10.33
N ILE D 368 10.54 11.52 9.91
CA ILE D 368 11.18 11.38 8.60
C ILE D 368 10.40 10.33 7.81
N PRO D 369 10.16 10.54 6.53
CA PRO D 369 9.47 9.53 5.72
C PRO D 369 10.11 8.15 5.84
N CYS D 370 9.28 7.14 6.00
CA CYS D 370 9.71 5.82 6.42
C CYS D 370 9.09 4.74 5.55
N ALA D 371 9.92 3.77 5.15
CA ALA D 371 9.48 2.62 4.38
C ALA D 371 10.08 1.36 4.99
N VAL D 372 9.68 0.20 4.49
CA VAL D 372 10.16 -1.08 5.00
C VAL D 372 10.65 -1.93 3.84
N ILE D 373 11.87 -2.45 3.94
CA ILE D 373 12.41 -3.38 2.95
C ILE D 373 13.06 -4.60 3.54
N SER D 374 13.44 -4.63 4.81
CA SER D 374 14.30 -5.70 5.30
C SER D 374 13.50 -6.72 6.11
N ALA D 375 14.25 -7.58 6.79
CA ALA D 375 13.62 -8.76 7.41
C ALA D 375 12.80 -8.44 8.66
N PRO D 376 13.35 -7.84 9.71
CA PRO D 376 12.59 -7.77 10.98
C PRO D 376 11.34 -6.94 10.82
N VAL D 377 10.17 -7.59 10.91
CA VAL D 377 8.90 -6.91 10.68
C VAL D 377 7.82 -7.44 11.62
N HIS D 378 6.66 -6.81 11.59
CA HIS D 378 5.51 -7.30 12.34
C HIS D 378 4.43 -7.78 11.39
N VAL D 379 3.27 -8.09 11.96
CA VAL D 379 2.22 -8.77 11.22
C VAL D 379 1.70 -7.90 10.08
N GLN D 380 1.74 -6.57 10.27
CA GLN D 380 1.25 -5.70 9.21
C GLN D 380 2.13 -5.81 7.97
N ASP D 381 3.44 -5.85 8.16
CA ASP D 381 4.35 -5.89 7.02
C ASP D 381 4.24 -7.20 6.28
N PHE D 382 3.73 -8.24 6.93
CA PHE D 382 3.36 -9.46 6.23
C PHE D 382 1.98 -9.30 5.62
N PRO D 383 1.89 -9.05 4.33
CA PRO D 383 0.61 -8.66 3.76
C PRO D 383 -0.16 -9.86 3.23
N ALA D 384 -1.47 -9.70 3.10
CA ALA D 384 -2.26 -10.70 2.40
C ALA D 384 -2.24 -10.47 0.91
N ARG D 385 -1.96 -9.25 0.48
CA ARG D 385 -1.98 -8.91 -0.93
C ARG D 385 -0.69 -9.35 -1.62
N TYR D 386 -0.81 -9.73 -2.88
CA TYR D 386 0.35 -10.21 -3.62
C TYR D 386 1.38 -9.11 -3.80
N SER D 387 2.45 -9.14 -3.01
CA SER D 387 3.46 -8.08 -3.01
C SER D 387 4.86 -8.70 -3.01
N PRO D 388 5.29 -9.27 -4.12
CA PRO D 388 6.65 -9.78 -4.18
C PRO D 388 7.63 -8.63 -4.15
N GLN D 389 8.90 -8.95 -3.93
CA GLN D 389 9.95 -7.95 -3.99
C GLN D 389 10.99 -8.23 -5.07
N MET D 390 10.94 -9.37 -5.72
CA MET D 390 11.82 -9.65 -6.85
C MET D 390 11.01 -9.84 -8.13
N GLY D 391 11.71 -9.83 -9.23
CA GLY D 391 11.06 -9.84 -10.52
C GLY D 391 10.57 -8.46 -10.90
N PHE D 392 9.90 -8.41 -12.05
CA PHE D 392 9.35 -7.15 -12.53
C PHE D 392 8.25 -6.62 -11.62
N GLU D 393 7.33 -7.49 -11.21
CA GLU D 393 6.29 -7.05 -10.30
C GLU D 393 6.90 -6.66 -8.96
N GLY D 394 8.00 -7.30 -8.58
CA GLY D 394 8.74 -6.84 -7.43
C GLY D 394 9.28 -5.43 -7.61
N ALA D 395 9.73 -5.11 -8.82
CA ALA D 395 10.19 -3.76 -9.08
C ALA D 395 9.06 -2.75 -8.89
N ASN D 396 7.88 -3.07 -9.43
CA ASN D 396 6.75 -2.16 -9.24
C ASN D 396 6.38 -2.03 -7.77
N VAL D 397 6.44 -3.15 -7.04
CA VAL D 397 6.12 -3.11 -5.62
C VAL D 397 7.09 -2.20 -4.88
N LEU D 398 8.38 -2.33 -5.21
CA LEU D 398 9.39 -1.48 -4.60
C LEU D 398 9.09 -0.02 -4.89
N PHE D 399 8.77 0.28 -6.15
CA PHE D 399 8.46 1.65 -6.52
C PHE D 399 7.37 2.20 -5.62
N ASP D 400 6.21 1.57 -5.63
CA ASP D 400 5.07 2.14 -4.92
C ASP D 400 5.34 2.22 -3.42
N THR D 401 5.89 1.15 -2.86
CA THR D 401 6.10 1.14 -1.42
C THR D 401 7.09 2.22 -1.01
N TRP D 402 8.08 2.49 -1.86
CA TRP D 402 9.07 3.50 -1.50
C TRP D 402 8.55 4.91 -1.64
N ILE D 403 7.79 5.20 -2.70
CA ILE D 403 7.39 6.60 -2.85
C ILE D 403 6.10 6.91 -2.12
N HIS D 404 5.42 5.91 -1.56
CA HIS D 404 4.25 6.22 -0.74
C HIS D 404 4.58 7.16 0.42
N PRO D 405 5.66 6.96 1.18
CA PRO D 405 6.02 7.96 2.19
C PRO D 405 6.25 9.31 1.58
N LEU D 406 6.87 9.33 0.40
CA LEU D 406 7.16 10.57 -0.27
C LEU D 406 5.88 11.29 -0.70
N THR D 407 4.93 10.54 -1.24
CA THR D 407 3.67 11.14 -1.64
C THR D 407 2.91 11.68 -0.44
N MET D 408 2.89 10.89 0.65
CA MET D 408 2.28 11.37 1.89
C MET D 408 2.92 12.67 2.35
N GLY D 409 4.25 12.73 2.32
CA GLY D 409 4.98 13.91 2.73
C GLY D 409 4.65 15.11 1.88
N LEU D 410 4.65 14.93 0.56
CA LEU D 410 4.34 16.04 -0.33
C LEU D 410 2.93 16.55 -0.12
N GLU D 411 1.96 15.63 0.02
CA GLU D 411 0.57 16.05 0.16
C GLU D 411 0.35 16.77 1.50
N GLU D 412 0.96 16.26 2.57
CA GLU D 412 0.81 16.92 3.87
C GLU D 412 1.53 18.27 3.88
N HIS D 413 2.67 18.35 3.20
CA HIS D 413 3.40 19.61 3.08
C HIS D 413 2.52 20.64 2.40
N LEU D 414 1.86 20.24 1.30
CA LEU D 414 0.95 21.15 0.63
C LEU D 414 -0.18 21.56 1.57
N LEU D 415 -0.84 20.59 2.19
CA LEU D 415 -1.99 20.90 3.02
C LEU D 415 -1.63 21.89 4.13
N THR D 416 -0.42 21.77 4.68
CA THR D 416 0.03 22.75 5.66
C THR D 416 0.32 24.09 5.00
N MET D 417 0.88 24.07 3.79
CA MET D 417 1.08 25.32 3.07
C MET D 417 -0.24 26.02 2.85
N PHE D 418 -1.28 25.26 2.48
CA PHE D 418 -2.53 25.88 2.13
C PHE D 418 -3.38 26.04 3.39
N ARG D 419 -4.42 26.86 3.30
CA ARG D 419 -5.30 27.14 4.44
C ARG D 419 -4.52 27.74 5.62
N GLU D 420 -3.33 28.26 5.35
CA GLU D 420 -2.47 28.74 6.43
C GLU D 420 -1.59 29.86 5.90
N ASP D 421 -1.65 31.02 6.54
CA ASP D 421 -0.82 32.16 6.19
C ASP D 421 -0.78 33.09 7.39
N PHE D 422 -0.04 34.19 7.24
CA PHE D 422 0.03 35.20 8.29
C PHE D 422 -1.35 35.73 8.62
N GLU D 423 -1.67 35.80 9.90
CA GLU D 423 -2.99 36.25 10.32
C GLU D 423 -3.22 37.72 9.94
N PHE D 424 -2.21 38.55 10.16
CA PHE D 424 -2.28 39.97 9.79
C PHE D 424 -0.89 40.60 9.79
N ARG E 22 -4.14 29.57 -35.51
CA ARG E 22 -5.16 28.63 -35.92
C ARG E 22 -4.73 27.20 -35.59
N GLY E 23 -5.67 26.40 -35.10
CA GLY E 23 -5.38 25.01 -34.80
C GLY E 23 -5.59 24.68 -33.34
N GLN E 24 -5.13 23.49 -32.97
CA GLN E 24 -5.30 22.99 -31.61
C GLN E 24 -4.38 23.77 -30.67
N ARG E 25 -4.96 24.51 -29.74
CA ARG E 25 -4.19 25.20 -28.72
C ARG E 25 -4.32 24.49 -27.38
N GLU E 26 -3.18 24.32 -26.72
CA GLU E 26 -3.06 23.53 -25.50
C GLU E 26 -3.15 24.37 -24.24
N VAL E 27 -3.18 25.69 -24.35
CA VAL E 27 -3.18 26.57 -23.20
C VAL E 27 -4.54 26.47 -22.50
N PHE E 28 -4.55 26.50 -21.18
CA PHE E 28 -5.78 26.33 -20.42
C PHE E 28 -6.51 27.66 -20.29
N CYS E 29 -7.68 27.61 -19.66
CA CYS E 29 -8.48 28.81 -19.47
C CYS E 29 -7.78 29.74 -18.48
N GLY E 30 -8.29 30.97 -18.40
CA GLY E 30 -7.71 31.92 -17.47
C GLY E 30 -8.05 31.63 -16.03
N LEU E 31 -9.04 30.76 -15.79
CA LEU E 31 -9.40 30.42 -14.42
C LEU E 31 -8.23 29.80 -13.67
N THR E 32 -7.25 29.28 -14.39
CA THR E 32 -6.06 28.74 -13.74
C THR E 32 -5.38 29.83 -12.95
N GLY E 33 -5.68 31.09 -13.27
CA GLY E 33 -5.18 32.18 -12.46
C GLY E 33 -5.72 32.15 -11.05
N ILE E 34 -6.99 31.77 -10.89
CA ILE E 34 -7.66 31.78 -9.59
C ILE E 34 -6.84 30.98 -8.58
N ILE E 35 -6.21 29.90 -9.06
CA ILE E 35 -5.53 28.94 -8.20
C ILE E 35 -4.51 29.63 -7.30
N TRP E 36 -3.72 30.55 -7.88
CA TRP E 36 -2.76 31.26 -7.05
C TRP E 36 -3.28 32.63 -6.64
N LEU E 37 -4.25 33.17 -7.38
CA LEU E 37 -4.77 34.49 -7.03
C LEU E 37 -5.42 34.48 -5.66
N HIS E 38 -6.20 33.44 -5.38
CA HIS E 38 -6.90 33.41 -4.09
C HIS E 38 -5.94 33.32 -2.92
N ARG E 39 -4.83 32.59 -3.09
CA ARG E 39 -3.81 32.54 -2.04
CA ARG E 39 -3.82 32.55 -2.04
C ARG E 39 -3.10 33.87 -1.90
N LYS E 40 -2.70 34.47 -3.01
CA LYS E 40 -1.87 35.67 -2.95
C LYS E 40 -2.70 36.87 -2.54
N MET E 41 -3.94 36.95 -3.03
CA MET E 41 -4.85 38.02 -2.63
C MET E 41 -5.96 37.41 -1.80
N GLN E 42 -5.74 37.32 -0.49
CA GLN E 42 -6.69 36.66 0.39
C GLN E 42 -7.90 37.55 0.58
N ASP E 43 -8.90 37.08 1.32
CA ASP E 43 -10.15 37.80 1.53
C ASP E 43 -10.78 38.19 0.19
N ALA E 44 -10.69 37.27 -0.76
CA ALA E 44 -11.15 37.53 -2.12
C ALA E 44 -11.74 36.24 -2.66
N PHE E 45 -13.06 36.19 -2.80
CA PHE E 45 -13.66 34.99 -3.30
C PHE E 45 -13.95 35.13 -4.79
N PHE E 46 -13.82 34.03 -5.51
CA PHE E 46 -13.91 34.01 -6.96
C PHE E 46 -15.06 33.08 -7.36
N LEU E 47 -16.19 33.67 -7.75
CA LEU E 47 -17.29 32.92 -8.34
C LEU E 47 -17.01 32.75 -9.82
N VAL E 48 -16.52 31.57 -10.20
CA VAL E 48 -16.34 31.28 -11.62
C VAL E 48 -17.66 30.73 -12.17
N VAL E 49 -18.51 31.62 -12.67
CA VAL E 49 -19.81 31.17 -13.16
C VAL E 49 -19.61 30.52 -14.52
N GLY E 50 -20.01 29.26 -14.62
CA GLY E 50 -19.86 28.53 -15.87
C GLY E 50 -20.51 27.17 -15.82
N SER E 51 -19.88 26.18 -16.43
CA SER E 51 -20.45 24.85 -16.52
C SER E 51 -19.74 23.92 -15.56
N ARG E 52 -20.15 22.65 -15.61
CA ARG E 52 -19.43 21.62 -14.87
C ARG E 52 -17.99 21.48 -15.39
N THR E 53 -17.75 21.88 -16.64
CA THR E 53 -16.44 21.69 -17.23
C THR E 53 -15.39 22.58 -16.57
N CYS E 54 -15.69 23.86 -16.44
CA CYS E 54 -14.77 24.75 -15.73
C CYS E 54 -14.70 24.38 -14.26
N ALA E 55 -15.79 23.84 -13.71
CA ALA E 55 -15.76 23.32 -12.35
C ALA E 55 -14.71 22.23 -12.21
N HIS E 56 -14.71 21.30 -13.16
CA HIS E 56 -13.71 20.24 -13.16
C HIS E 56 -12.32 20.80 -13.31
N LEU E 57 -12.16 21.83 -14.15
CA LEU E 57 -10.83 22.34 -14.36
C LEU E 57 -10.27 22.90 -13.05
N LEU E 58 -11.10 23.67 -12.33
CA LEU E 58 -10.67 24.16 -11.03
C LEU E 58 -10.36 23.02 -10.08
N GLN E 59 -11.25 22.02 -10.03
CA GLN E 59 -11.03 20.84 -9.20
C GLN E 59 -9.64 20.25 -9.45
N SER E 60 -9.37 19.86 -10.68
CA SER E 60 -8.13 19.17 -11.00
C SER E 60 -6.92 20.07 -10.76
N ALA E 61 -7.00 21.32 -11.20
CA ALA E 61 -5.86 22.22 -11.07
C ALA E 61 -5.51 22.45 -9.60
N ALA E 62 -6.52 22.68 -8.77
CA ALA E 62 -6.27 22.88 -7.35
C ALA E 62 -5.67 21.61 -6.75
N GLY E 63 -6.19 20.46 -7.13
CA GLY E 63 -5.55 19.21 -6.76
C GLY E 63 -5.73 18.83 -5.31
N VAL E 64 -5.06 19.55 -4.42
CA VAL E 64 -5.24 19.36 -2.98
C VAL E 64 -5.74 20.62 -2.28
N MET E 65 -5.77 21.77 -2.96
CA MET E 65 -6.30 22.99 -2.36
C MET E 65 -7.75 22.85 -1.94
N ILE E 66 -8.57 22.27 -2.83
CA ILE E 66 -10.02 22.16 -2.64
C ILE E 66 -10.35 21.53 -1.31
N PHE E 67 -9.47 20.68 -0.80
CA PHE E 67 -9.72 20.13 0.51
C PHE E 67 -9.51 21.18 1.59
N ALA E 68 -8.64 22.16 1.34
CA ALA E 68 -8.28 23.13 2.37
C ALA E 68 -9.19 24.36 2.33
N GLU E 69 -10.49 24.10 2.17
CA GLU E 69 -11.54 25.11 2.18
C GLU E 69 -11.11 26.31 1.33
N PRO E 70 -11.09 26.19 0.01
CA PRO E 70 -10.59 27.28 -0.83
C PRO E 70 -11.62 28.40 -0.96
N ARG E 71 -11.17 29.50 -1.58
CA ARG E 71 -11.98 30.69 -1.72
C ARG E 71 -12.53 30.84 -3.14
N PHE E 72 -12.73 29.74 -3.85
CA PHE E 72 -13.33 29.81 -5.18
C PHE E 72 -14.45 28.79 -5.26
N GLY E 73 -14.91 28.55 -6.48
CA GLY E 73 -15.99 27.62 -6.71
C GLY E 73 -16.71 27.96 -7.99
N THR E 74 -17.47 26.99 -8.48
CA THR E 74 -18.18 27.13 -9.74
C THR E 74 -19.67 27.26 -9.47
N ALA E 75 -20.27 28.30 -10.02
CA ALA E 75 -21.72 28.44 -10.02
C ALA E 75 -22.26 27.81 -11.29
N VAL E 76 -22.54 26.51 -11.21
CA VAL E 76 -22.93 25.73 -12.38
C VAL E 76 -24.19 26.32 -13.00
N LEU E 77 -24.19 26.47 -14.33
CA LEU E 77 -25.41 26.84 -15.06
C LEU E 77 -26.03 25.59 -15.65
N GLU E 78 -27.04 25.08 -14.95
CA GLU E 78 -27.86 24.02 -15.51
C GLU E 78 -28.73 24.56 -16.64
N GLU E 79 -29.42 23.66 -17.34
CA GLU E 79 -30.32 24.04 -18.42
C GLU E 79 -31.34 25.07 -17.94
N LYS E 80 -31.81 24.91 -16.70
CA LYS E 80 -32.73 25.84 -16.09
C LYS E 80 -32.19 27.26 -16.12
N ASP E 81 -30.92 27.42 -15.76
CA ASP E 81 -30.27 28.73 -15.77
C ASP E 81 -29.51 28.95 -17.07
N LEU E 82 -30.18 28.63 -18.19
CA LEU E 82 -29.56 28.85 -19.49
C LEU E 82 -30.34 29.82 -20.35
N ALA E 83 -31.63 29.55 -20.55
CA ALA E 83 -32.43 30.41 -21.42
C ALA E 83 -32.72 31.76 -20.76
N GLY E 84 -33.16 31.74 -19.51
CA GLY E 84 -33.53 32.97 -18.83
C GLY E 84 -32.36 33.66 -18.16
N LEU E 85 -31.79 34.66 -18.83
CA LEU E 85 -30.63 35.35 -18.28
C LEU E 85 -30.98 36.06 -16.98
N ALA E 86 -32.17 36.65 -16.92
CA ALA E 86 -32.61 37.30 -15.69
C ALA E 86 -32.80 36.28 -14.57
N ASP E 87 -33.31 35.09 -14.91
CA ASP E 87 -33.44 34.02 -13.92
C ASP E 87 -32.06 33.65 -13.38
N ALA E 88 -31.09 33.51 -14.27
CA ALA E 88 -29.73 33.20 -13.85
C ALA E 88 -29.19 34.31 -12.95
N ASN E 89 -29.50 35.57 -13.28
CA ASN E 89 -29.06 36.69 -12.46
C ASN E 89 -29.63 36.60 -11.05
N ALA E 90 -30.93 36.33 -10.95
CA ALA E 90 -31.56 36.23 -9.64
C ALA E 90 -30.96 35.10 -8.83
N GLU E 91 -30.76 33.95 -9.47
CA GLU E 91 -30.17 32.82 -8.76
C GLU E 91 -28.74 33.14 -8.32
N LEU E 92 -28.00 33.87 -9.15
CA LEU E 92 -26.63 34.24 -8.80
C LEU E 92 -26.61 35.18 -7.61
N ASP E 93 -27.54 36.13 -7.57
CA ASP E 93 -27.62 37.01 -6.40
C ASP E 93 -27.93 36.21 -5.14
N ARG E 94 -28.86 35.25 -5.25
CA ARG E 94 -29.17 34.42 -4.08
C ARG E 94 -27.93 33.65 -3.62
N GLU E 95 -27.19 33.08 -4.58
CA GLU E 95 -25.98 32.33 -4.27
C GLU E 95 -24.96 33.22 -3.58
N VAL E 96 -24.81 34.45 -4.08
CA VAL E 96 -23.82 35.37 -3.52
C VAL E 96 -24.18 35.72 -2.09
N ASP E 97 -25.46 36.03 -1.84
CA ASP E 97 -25.89 36.32 -0.48
C ASP E 97 -25.59 35.13 0.43
N ARG E 98 -25.89 33.93 -0.05
CA ARG E 98 -25.65 32.74 0.75
C ARG E 98 -24.17 32.60 1.09
N LEU E 99 -23.31 32.83 0.10
CA LEU E 99 -21.87 32.71 0.33
C LEU E 99 -21.40 33.72 1.37
N LEU E 100 -21.74 35.00 1.17
CA LEU E 100 -21.27 36.00 2.13
C LEU E 100 -21.81 35.74 3.52
N ALA E 101 -23.01 35.19 3.63
CA ALA E 101 -23.50 34.77 4.94
C ALA E 101 -22.62 33.67 5.50
N ARG E 102 -22.25 32.69 4.66
CA ARG E 102 -21.35 31.65 5.13
C ARG E 102 -19.90 32.12 5.21
N ARG E 103 -19.54 33.19 4.51
CA ARG E 103 -18.18 33.71 4.49
C ARG E 103 -18.23 35.21 4.73
N PRO E 104 -18.47 35.63 5.97
CA PRO E 104 -18.49 37.08 6.25
C PRO E 104 -17.15 37.74 6.07
N ASP E 105 -16.05 36.98 6.06
CA ASP E 105 -14.73 37.58 6.01
C ASP E 105 -14.38 38.11 4.62
N ILE E 106 -15.23 37.85 3.63
CA ILE E 106 -14.96 38.30 2.27
C ILE E 106 -14.92 39.81 2.23
N ARG E 107 -13.90 40.36 1.59
CA ARG E 107 -13.81 41.80 1.38
C ARG E 107 -13.99 42.20 -0.08
N GLN E 108 -13.74 41.29 -1.01
CA GLN E 108 -13.92 41.58 -2.44
C GLN E 108 -14.34 40.29 -3.13
N LEU E 109 -15.64 40.15 -3.41
CA LEU E 109 -16.04 39.03 -4.23
C LEU E 109 -15.68 39.31 -5.68
N PHE E 110 -15.48 38.24 -6.45
CA PHE E 110 -15.13 38.36 -7.85
C PHE E 110 -16.12 37.57 -8.69
N LEU E 111 -16.81 38.25 -9.59
CA LEU E 111 -17.68 37.60 -10.54
C LEU E 111 -16.87 37.36 -11.82
N VAL E 112 -16.03 36.33 -11.76
CA VAL E 112 -15.20 35.99 -12.91
C VAL E 112 -15.97 35.17 -13.92
N GLY E 113 -16.04 35.67 -15.14
CA GLY E 113 -16.77 34.97 -16.18
C GLY E 113 -15.99 33.82 -16.76
N SER E 114 -16.72 32.88 -17.35
CA SER E 114 -16.14 31.72 -18.00
C SER E 114 -16.75 31.57 -19.38
N CYS E 115 -16.20 30.64 -20.15
CA CYS E 115 -16.62 30.46 -21.54
C CYS E 115 -18.14 30.29 -21.68
N PRO E 116 -18.81 29.43 -20.91
CA PRO E 116 -20.28 29.35 -21.02
C PRO E 116 -20.92 30.69 -20.70
N SER E 117 -20.36 31.37 -19.70
CA SER E 117 -20.91 32.66 -19.28
C SER E 117 -20.81 33.67 -20.40
N GLU E 118 -19.71 33.65 -21.15
CA GLU E 118 -19.58 34.54 -22.29
C GLU E 118 -20.57 34.15 -23.39
N VAL E 119 -20.73 32.85 -23.64
CA VAL E 119 -21.67 32.44 -24.68
C VAL E 119 -23.10 32.82 -24.32
N ILE E 120 -23.49 32.53 -23.06
CA ILE E 120 -24.78 32.97 -22.56
C ILE E 120 -24.83 34.48 -22.42
N LYS E 121 -23.72 35.16 -22.72
CA LYS E 121 -23.59 36.62 -22.56
C LYS E 121 -24.21 37.09 -21.25
N LEU E 122 -24.02 36.29 -20.21
CA LEU E 122 -24.49 36.62 -18.87
C LEU E 122 -23.56 37.68 -18.31
N ASP E 123 -23.88 38.94 -18.56
CA ASP E 123 -23.00 40.05 -18.19
C ASP E 123 -22.85 40.05 -16.67
N LEU E 124 -21.67 39.65 -16.20
CA LEU E 124 -21.40 39.74 -14.77
C LEU E 124 -21.02 41.15 -14.33
N HIS E 125 -20.77 42.07 -15.25
CA HIS E 125 -20.46 43.43 -14.86
C HIS E 125 -21.71 44.08 -14.29
N ARG E 126 -22.81 44.00 -15.04
CA ARG E 126 -24.07 44.52 -14.55
C ARG E 126 -24.54 43.76 -13.32
N ALA E 127 -24.21 42.47 -13.23
CA ALA E 127 -24.53 41.69 -12.04
C ALA E 127 -23.76 42.20 -10.82
N ALA E 128 -22.48 42.54 -11.02
CA ALA E 128 -21.69 43.11 -9.95
C ALA E 128 -22.26 44.45 -9.51
N GLU E 129 -22.75 45.23 -10.48
CA GLU E 129 -23.46 46.45 -10.11
C GLU E 129 -24.71 46.13 -9.31
N ARG E 130 -25.42 45.07 -9.71
CA ARG E 130 -26.66 44.69 -9.04
C ARG E 130 -26.42 44.32 -7.59
N LEU E 131 -25.36 43.57 -7.30
CA LEU E 131 -25.09 43.09 -5.96
C LEU E 131 -23.85 43.70 -5.34
N SER E 132 -23.48 44.92 -5.74
CA SER E 132 -22.37 45.64 -5.12
C SER E 132 -22.53 45.79 -3.62
N ALA E 133 -23.50 46.59 -3.20
CA ALA E 133 -23.72 46.86 -1.79
C ALA E 133 -25.07 46.35 -1.30
N HIS E 134 -25.76 45.54 -2.09
CA HIS E 134 -27.03 44.99 -1.64
C HIS E 134 -26.83 44.12 -0.41
N HIS E 135 -25.87 43.19 -0.46
CA HIS E 135 -25.46 42.43 0.72
C HIS E 135 -24.18 43.00 1.32
N GLY E 136 -24.24 44.24 1.81
CA GLY E 136 -23.11 44.82 2.49
C GLY E 136 -22.13 45.49 1.55
N PRO E 137 -21.80 46.76 1.81
CA PRO E 137 -20.72 47.42 1.07
C PRO E 137 -19.33 46.94 1.45
N ALA E 138 -19.22 46.06 2.45
CA ALA E 138 -17.91 45.55 2.84
C ALA E 138 -17.33 44.61 1.79
N VAL E 139 -18.18 44.07 0.92
CA VAL E 139 -17.74 43.19 -0.16
C VAL E 139 -17.73 44.01 -1.44
N ARG E 140 -16.53 44.34 -1.92
CA ARG E 140 -16.38 45.08 -3.16
C ARG E 140 -16.33 44.08 -4.31
N VAL E 141 -17.50 43.78 -4.87
CA VAL E 141 -17.58 42.77 -5.93
C VAL E 141 -17.05 43.38 -7.23
N TYR E 142 -16.00 42.78 -7.76
CA TYR E 142 -15.42 43.18 -9.03
C TYR E 142 -15.59 42.05 -10.04
N ASN E 143 -15.44 42.39 -11.32
CA ASN E 143 -15.68 41.43 -12.39
C ASN E 143 -14.47 41.43 -13.30
N PHE E 144 -13.97 40.24 -13.59
CA PHE E 144 -13.03 40.04 -14.70
C PHE E 144 -13.47 38.77 -15.40
N SER E 145 -12.65 38.26 -16.30
CA SER E 145 -13.07 37.11 -17.11
C SER E 145 -11.87 36.22 -17.36
N GLY E 146 -11.85 35.06 -16.70
CA GLY E 146 -10.87 34.05 -17.00
C GLY E 146 -11.25 33.12 -18.12
N SER E 147 -12.35 33.43 -18.81
CA SER E 147 -12.88 32.56 -19.85
C SER E 147 -11.83 32.26 -20.90
N GLY E 148 -11.74 30.98 -21.29
CA GLY E 148 -10.78 30.59 -22.30
C GLY E 148 -11.06 31.18 -23.67
N ILE E 149 -12.25 31.75 -23.86
CA ILE E 149 -12.59 32.38 -25.13
C ILE E 149 -11.95 33.75 -25.28
N GLU E 150 -11.40 34.33 -24.21
CA GLU E 150 -10.68 35.59 -24.33
C GLU E 150 -9.25 35.44 -23.85
N THR E 151 -9.04 35.00 -22.62
CA THR E 151 -7.72 34.93 -22.03
C THR E 151 -7.11 33.56 -22.28
N THR E 152 -5.80 33.48 -22.02
CA THR E 152 -5.07 32.21 -22.20
C THR E 152 -4.23 31.96 -20.94
N PHE E 153 -4.66 31.04 -20.07
CA PHE E 153 -3.86 30.70 -18.88
C PHE E 153 -3.52 31.97 -18.07
N THR E 154 -2.24 32.29 -17.93
CA THR E 154 -1.77 33.41 -17.05
C THR E 154 -2.45 34.74 -17.39
N GLN E 155 -3.15 34.82 -18.53
CA GLN E 155 -3.90 36.07 -18.84
C GLN E 155 -5.00 36.26 -17.80
N GLY E 156 -5.33 35.20 -17.04
CA GLY E 156 -6.33 35.31 -15.97
C GLY E 156 -5.90 36.31 -14.91
N GLU E 157 -4.75 36.06 -14.24
CA GLU E 157 -4.33 36.97 -13.18
C GLU E 157 -4.14 38.37 -13.72
N ASP E 158 -3.66 38.48 -14.96
CA ASP E 158 -3.56 39.77 -15.62
C ASP E 158 -4.92 40.45 -15.64
N ALA E 159 -5.94 39.74 -16.12
CA ALA E 159 -7.27 40.33 -16.25
C ALA E 159 -7.84 40.69 -14.89
N CYS E 160 -7.61 39.83 -13.90
CA CYS E 160 -8.11 40.09 -12.55
C CYS E 160 -7.53 41.39 -12.01
N LEU E 161 -6.21 41.54 -12.06
CA LEU E 161 -5.58 42.74 -11.51
C LEU E 161 -5.93 43.96 -12.35
N ALA E 162 -6.07 43.78 -13.66
CA ALA E 162 -6.43 44.90 -14.52
C ALA E 162 -7.84 45.38 -14.23
N SER E 163 -8.74 44.48 -13.84
CA SER E 163 -10.05 44.94 -13.39
C SER E 163 -9.97 45.53 -12.00
N ILE E 164 -9.01 45.09 -11.20
CA ILE E 164 -8.75 45.73 -9.91
C ILE E 164 -8.39 47.20 -10.08
N VAL E 165 -7.57 47.53 -11.07
CA VAL E 165 -6.98 48.85 -11.24
C VAL E 165 -8.00 49.98 -11.22
N PRO E 166 -9.10 49.93 -11.98
CA PRO E 166 -10.02 51.09 -11.98
C PRO E 166 -10.58 51.43 -10.61
N THR E 167 -10.82 50.43 -9.78
CA THR E 167 -11.41 50.70 -8.46
C THR E 167 -10.38 51.28 -7.50
N LEU E 168 -9.10 51.20 -7.86
CA LEU E 168 -8.06 51.66 -6.95
C LEU E 168 -8.10 53.18 -6.81
N PRO E 169 -7.71 53.70 -5.65
CA PRO E 169 -7.62 55.16 -5.49
C PRO E 169 -6.38 55.71 -6.17
N ALA E 170 -6.30 57.04 -6.28
CA ALA E 170 -5.16 57.70 -6.88
C ALA E 170 -4.20 58.18 -5.79
N THR E 171 -3.08 58.77 -6.20
CA THR E 171 -2.12 59.30 -5.24
C THR E 171 -1.44 60.52 -5.84
N GLU E 172 -0.76 61.26 -4.98
CA GLU E 172 -0.10 62.50 -5.32
C GLU E 172 1.35 62.47 -4.85
N ALA E 173 1.99 61.31 -4.97
CA ALA E 173 3.39 61.13 -4.62
C ALA E 173 4.01 60.12 -5.57
N ARG E 174 5.34 60.13 -5.65
CA ARG E 174 6.04 59.12 -6.43
C ARG E 174 5.85 57.77 -5.74
N GLU E 175 4.97 56.93 -6.28
CA GLU E 175 4.63 55.65 -5.67
C GLU E 175 5.04 54.52 -6.60
N LEU E 176 5.76 53.55 -6.05
CA LEU E 176 6.28 52.41 -6.79
C LEU E 176 5.22 51.30 -6.77
N LEU E 177 4.49 51.18 -7.87
CA LEU E 177 3.44 50.16 -8.00
C LEU E 177 3.91 48.92 -8.74
N LEU E 178 4.96 48.27 -8.26
CA LEU E 178 5.25 46.93 -8.73
C LEU E 178 4.05 46.04 -8.39
N VAL E 179 3.59 45.27 -9.37
CA VAL E 179 2.27 44.67 -9.20
C VAL E 179 2.37 43.43 -8.34
N GLY E 180 1.55 43.38 -7.30
CA GLY E 180 1.62 42.32 -6.32
C GLY E 180 1.00 41.03 -6.80
N ALA E 181 1.69 40.34 -7.71
CA ALA E 181 1.29 39.03 -8.16
C ALA E 181 2.36 38.02 -7.81
N LEU E 182 2.97 38.18 -6.65
CA LEU E 182 4.22 37.51 -6.33
C LEU E 182 4.20 37.06 -4.88
N PRO E 183 4.86 35.93 -4.58
CA PRO E 183 4.75 35.34 -3.24
C PRO E 183 5.19 36.30 -2.14
N ASP E 184 4.44 36.27 -1.03
CA ASP E 184 4.63 37.28 0.01
C ASP E 184 6.03 37.28 0.59
N VAL E 185 6.65 36.10 0.66
CA VAL E 185 8.03 36.04 1.18
C VAL E 185 8.97 36.78 0.26
N VAL E 186 8.90 36.47 -1.04
CA VAL E 186 9.74 37.16 -2.02
C VAL E 186 9.38 38.63 -2.07
N GLU E 187 8.10 38.95 -1.88
CA GLU E 187 7.66 40.34 -1.93
C GLU E 187 8.28 41.11 -0.78
N ASP E 188 8.31 40.49 0.40
CA ASP E 188 8.93 41.13 1.56
C ASP E 188 10.42 41.32 1.33
N GLN E 189 11.07 40.32 0.74
CA GLN E 189 12.48 40.47 0.38
C GLN E 189 12.69 41.65 -0.55
N ALA E 190 11.90 41.71 -1.61
CA ALA E 190 12.05 42.75 -2.62
C ALA E 190 11.81 44.13 -2.03
N VAL E 191 10.74 44.28 -1.23
CA VAL E 191 10.45 45.58 -0.65
C VAL E 191 11.54 45.97 0.34
N SER E 192 12.09 44.99 1.07
CA SER E 192 13.17 45.29 2.00
C SER E 192 14.37 45.88 1.28
N LEU E 193 14.86 45.16 0.26
CA LEU E 193 16.01 45.66 -0.48
C LEU E 193 15.69 46.99 -1.15
N LEU E 194 14.48 47.12 -1.69
CA LEU E 194 14.16 48.26 -2.53
C LEU E 194 14.00 49.53 -1.69
N THR E 195 13.39 49.40 -0.52
CA THR E 195 13.34 50.51 0.42
C THR E 195 14.74 50.83 0.93
N GLN E 196 15.56 49.80 1.13
CA GLN E 196 16.96 50.01 1.50
C GLN E 196 17.66 50.85 0.44
N LEU E 197 17.23 50.71 -0.80
CA LEU E 197 17.72 51.58 -1.87
C LEU E 197 16.94 52.89 -1.92
N GLY E 198 16.78 53.54 -0.77
CA GLY E 198 16.27 54.89 -0.70
C GLY E 198 14.95 55.13 -1.42
N ILE E 199 13.98 54.24 -1.22
CA ILE E 199 12.68 54.34 -1.88
C ILE E 199 11.59 54.15 -0.83
N GLY E 200 10.53 54.96 -0.94
CA GLY E 200 9.52 55.03 0.08
C GLY E 200 8.29 54.19 -0.22
N PRO E 201 7.25 54.83 -0.78
CA PRO E 201 6.02 54.09 -1.08
C PRO E 201 6.24 52.96 -2.08
N VAL E 202 5.97 51.73 -1.67
CA VAL E 202 6.34 50.56 -2.45
C VAL E 202 5.14 49.64 -2.69
N ARG E 203 3.92 50.09 -2.38
CA ARG E 203 2.73 49.23 -2.38
C ARG E 203 2.99 47.96 -1.58
N CYS E 204 3.52 48.13 -0.38
CA CYS E 204 3.80 47.04 0.54
C CYS E 204 3.00 47.32 1.82
N LEU E 205 1.75 46.87 1.83
CA LEU E 205 0.90 47.05 3.00
C LEU E 205 1.50 46.26 4.15
N PRO E 206 1.82 46.89 5.29
CA PRO E 206 2.66 46.23 6.31
C PRO E 206 2.15 44.88 6.75
N ALA E 207 0.84 44.74 6.90
CA ALA E 207 0.26 43.46 7.30
C ALA E 207 0.03 42.53 6.12
N HIS E 208 -0.21 43.07 4.93
CA HIS E 208 -0.47 42.33 3.70
C HIS E 208 -1.75 41.50 3.77
N HIS E 209 -2.44 41.52 4.90
CA HIS E 209 -3.68 40.77 5.08
C HIS E 209 -4.92 41.63 4.86
N ALA E 210 -4.75 42.90 4.53
CA ALA E 210 -5.88 43.78 4.26
C ALA E 210 -5.80 44.22 2.81
N ALA E 211 -6.91 44.77 2.31
CA ALA E 211 -6.91 45.34 0.99
C ALA E 211 -5.83 46.41 0.89
N GLU E 212 -4.86 46.17 0.01
CA GLU E 212 -3.74 47.09 -0.12
C GLU E 212 -4.21 48.49 -0.52
N ALA E 213 -5.16 48.57 -1.46
CA ALA E 213 -5.73 49.80 -1.99
C ALA E 213 -4.64 50.83 -2.29
N PRO E 214 -3.63 50.48 -3.09
CA PRO E 214 -2.57 51.46 -3.37
C PRO E 214 -3.08 52.61 -4.22
N GLY E 215 -2.47 53.78 -4.03
CA GLY E 215 -2.86 54.94 -4.81
C GLY E 215 -2.23 54.91 -6.19
N VAL E 216 -3.02 55.24 -7.20
CA VAL E 216 -2.52 55.30 -8.57
C VAL E 216 -2.77 56.68 -9.17
N GLY E 217 -1.76 57.55 -9.13
CA GLY E 217 -1.89 58.89 -9.66
C GLY E 217 -0.98 59.14 -10.85
N PRO E 218 -0.90 60.41 -11.28
CA PRO E 218 0.02 60.75 -12.38
C PRO E 218 1.48 60.48 -12.07
N ASN E 219 1.91 60.65 -10.83
CA ASN E 219 3.29 60.37 -10.46
C ASN E 219 3.52 58.92 -10.04
N THR E 220 2.46 58.11 -10.02
CA THR E 220 2.59 56.70 -9.72
C THR E 220 3.49 56.01 -10.73
N VAL E 221 4.46 55.25 -10.23
CA VAL E 221 5.37 54.52 -11.11
C VAL E 221 5.24 53.02 -10.84
N PHE E 222 4.75 52.28 -11.82
CA PHE E 222 4.57 50.84 -11.67
C PHE E 222 5.66 50.10 -12.42
N ALA E 223 6.22 49.09 -11.78
CA ALA E 223 7.26 48.26 -12.36
C ALA E 223 6.68 46.87 -12.58
N LEU E 224 6.59 46.45 -13.84
CA LEU E 224 6.06 45.14 -14.16
C LEU E 224 6.93 44.04 -13.58
N VAL E 225 6.31 43.16 -12.80
CA VAL E 225 7.05 42.13 -12.07
C VAL E 225 6.95 40.76 -12.75
N GLN E 226 5.74 40.39 -13.19
CA GLN E 226 5.54 39.14 -13.88
C GLN E 226 5.09 39.48 -15.29
N PRO E 227 5.69 38.90 -16.32
CA PRO E 227 5.44 39.39 -17.68
C PRO E 227 3.99 39.32 -18.11
N PHE E 228 3.28 38.30 -17.64
CA PHE E 228 1.91 38.06 -18.17
C PHE E 228 0.98 39.25 -17.89
N LEU E 229 1.42 40.19 -17.07
CA LEU E 229 0.49 41.29 -16.68
C LEU E 229 0.47 42.36 -17.77
N GLY E 230 -0.11 42.02 -18.93
CA GLY E 230 -0.15 42.97 -20.05
C GLY E 230 -1.27 43.99 -19.89
N ASP E 231 -2.49 43.55 -19.64
CA ASP E 231 -3.55 44.56 -19.61
C ASP E 231 -3.50 45.37 -18.33
N THR E 232 -2.85 44.86 -17.29
CA THR E 232 -2.59 45.67 -16.12
C THR E 232 -1.74 46.88 -16.50
N HIS E 233 -0.73 46.67 -17.34
CA HIS E 233 0.10 47.78 -17.80
C HIS E 233 -0.76 48.83 -18.49
N GLY E 234 -1.65 48.38 -19.37
CA GLY E 234 -2.55 49.30 -20.05
C GLY E 234 -3.44 50.04 -19.08
N ALA E 235 -3.96 49.34 -18.07
CA ALA E 235 -4.85 49.95 -17.11
C ALA E 235 -4.13 51.03 -16.30
N LEU E 236 -2.92 50.73 -15.84
CA LEU E 236 -2.16 51.72 -15.11
C LEU E 236 -1.79 52.91 -15.99
N THR E 237 -1.48 52.65 -17.26
CA THR E 237 -1.26 53.75 -18.19
C THR E 237 -2.51 54.59 -18.34
N ARG E 238 -3.68 53.94 -18.34
CA ARG E 238 -4.94 54.67 -18.34
C ARG E 238 -5.05 55.55 -17.10
N ARG E 239 -4.57 55.07 -15.97
CA ARG E 239 -4.61 55.85 -14.74
C ARG E 239 -3.43 56.80 -14.61
N GLY E 240 -2.74 57.08 -15.71
CA GLY E 240 -1.67 58.06 -15.71
C GLY E 240 -0.41 57.59 -15.02
N ALA E 241 -0.34 56.29 -14.72
CA ALA E 241 0.83 55.75 -14.04
C ALA E 241 1.97 55.54 -15.04
N ARG E 242 3.18 55.43 -14.50
CA ARG E 242 4.40 55.36 -15.30
C ARG E 242 5.01 53.98 -15.24
N HIS E 243 5.23 53.38 -16.42
CA HIS E 243 5.82 52.07 -16.56
C HIS E 243 7.34 52.14 -16.49
N ILE E 244 7.95 51.05 -16.06
CA ILE E 244 9.40 50.91 -16.07
C ILE E 244 9.77 49.80 -17.04
N ALA E 245 10.53 50.14 -18.08
CA ALA E 245 10.96 49.18 -19.08
C ALA E 245 12.19 48.41 -18.60
N ALA E 246 11.98 47.60 -17.56
CA ALA E 246 13.09 46.92 -16.92
C ALA E 246 13.02 45.43 -17.15
N PRO E 247 14.15 44.77 -17.40
CA PRO E 247 14.15 43.30 -17.51
C PRO E 247 13.62 42.64 -16.26
N PHE E 248 12.88 41.56 -16.43
CA PHE E 248 12.07 41.01 -15.34
C PHE E 248 12.91 40.27 -14.30
N PRO E 249 12.59 40.42 -13.03
CA PRO E 249 13.42 39.83 -11.99
C PRO E 249 13.25 38.33 -11.84
N PHE E 250 13.81 37.56 -12.78
CA PHE E 250 13.89 36.12 -12.63
C PHE E 250 15.27 35.67 -12.16
N GLY E 251 16.31 35.86 -12.97
CA GLY E 251 17.60 35.29 -12.67
C GLY E 251 18.58 36.25 -12.02
N GLU E 252 19.67 36.55 -12.72
CA GLU E 252 20.70 37.40 -12.14
C GLU E 252 20.74 38.74 -12.85
N GLU E 253 20.94 38.73 -14.16
CA GLU E 253 20.97 39.97 -14.93
C GLU E 253 19.58 40.59 -14.96
N GLY E 254 18.55 39.76 -15.05
CA GLY E 254 17.19 40.27 -15.04
C GLY E 254 16.92 41.06 -13.78
N THR E 255 17.20 40.45 -12.62
CA THR E 255 16.94 41.12 -11.36
C THR E 255 17.85 42.34 -11.20
N THR E 256 19.11 42.21 -11.60
CA THR E 256 20.06 43.30 -11.49
C THR E 256 19.64 44.51 -12.30
N LEU E 257 19.33 44.30 -13.58
CA LEU E 257 18.88 45.39 -14.44
C LEU E 257 17.55 45.95 -13.96
N TRP E 258 16.67 45.09 -13.46
CA TRP E 258 15.41 45.56 -12.89
C TRP E 258 15.65 46.53 -11.76
N LEU E 259 16.44 46.13 -10.77
CA LEU E 259 16.68 46.99 -9.62
C LEU E 259 17.41 48.26 -10.03
N LYS E 260 18.40 48.15 -10.91
CA LYS E 260 19.16 49.31 -11.35
C LYS E 260 18.24 50.30 -12.04
N ALA E 261 17.39 49.80 -12.94
CA ALA E 261 16.44 50.64 -13.65
C ALA E 261 15.50 51.35 -12.69
N ILE E 262 14.90 50.59 -11.77
CA ILE E 262 13.97 51.16 -10.79
C ILE E 262 14.69 52.25 -10.00
N ALA E 263 15.93 51.98 -9.60
CA ALA E 263 16.70 52.94 -8.81
C ALA E 263 16.86 54.22 -9.59
N ASP E 264 17.16 54.11 -10.88
CA ASP E 264 17.33 55.31 -11.70
C ASP E 264 16.02 56.09 -11.81
N GLU E 265 14.93 55.41 -12.17
CA GLU E 265 13.70 56.13 -12.47
C GLU E 265 13.11 56.77 -11.22
N PHE E 266 13.16 56.07 -10.09
CA PHE E 266 12.69 56.67 -8.85
C PHE E 266 13.59 57.80 -8.37
N GLY E 267 14.80 57.91 -8.92
CA GLY E 267 15.72 58.97 -8.57
C GLY E 267 16.91 58.53 -7.75
N VAL E 268 17.03 57.24 -7.42
CA VAL E 268 18.14 56.79 -6.61
C VAL E 268 19.38 56.61 -7.47
N SER E 269 20.55 56.87 -6.88
CA SER E 269 21.81 56.66 -7.57
C SER E 269 22.18 55.17 -7.52
N ALA E 270 23.28 54.83 -8.18
CA ALA E 270 23.75 53.45 -8.20
C ALA E 270 24.81 53.17 -7.14
N GLU E 271 25.43 54.21 -6.59
CA GLU E 271 26.53 54.04 -5.65
C GLU E 271 26.13 53.19 -4.45
N THR E 272 25.01 53.55 -3.81
CA THR E 272 24.53 52.73 -2.70
C THR E 272 24.02 51.39 -3.20
N PHE E 273 23.52 51.35 -4.43
CA PHE E 273 22.97 50.10 -4.97
C PHE E 273 24.03 49.02 -5.08
N GLU E 274 25.23 49.39 -5.53
CA GLU E 274 26.31 48.44 -5.69
C GLU E 274 26.65 47.76 -4.37
N ALA E 275 26.41 48.46 -3.26
CA ALA E 275 26.70 47.89 -1.95
C ALA E 275 25.49 47.18 -1.36
N VAL E 276 24.28 47.60 -1.74
CA VAL E 276 23.08 47.04 -1.11
C VAL E 276 22.88 45.59 -1.52
N THR E 277 23.01 45.30 -2.82
CA THR E 277 22.73 43.98 -3.35
C THR E 277 23.98 43.28 -3.86
N ALA E 278 25.15 43.69 -3.37
CA ALA E 278 26.39 43.02 -3.77
C ALA E 278 26.39 41.56 -3.33
N ALA E 279 26.13 41.34 -2.03
CA ALA E 279 26.02 39.97 -1.53
C ALA E 279 24.91 39.20 -2.21
N PRO E 280 23.69 39.73 -2.38
CA PRO E 280 22.66 39.01 -3.15
C PRO E 280 23.08 38.66 -4.56
N ARG E 281 23.79 39.57 -5.24
CA ARG E 281 24.30 39.27 -6.57
C ARG E 281 25.28 38.10 -6.52
N ALA E 282 26.13 38.10 -5.50
CA ALA E 282 27.08 37.00 -5.33
C ALA E 282 26.35 35.69 -5.13
N ARG E 283 25.32 35.67 -4.28
CA ARG E 283 24.57 34.44 -4.06
C ARG E 283 23.89 33.97 -5.33
N ALA E 284 23.28 34.89 -6.07
CA ALA E 284 22.58 34.51 -7.29
C ALA E 284 23.53 33.87 -8.28
N ARG E 285 24.66 34.53 -8.54
CA ARG E 285 25.63 34.00 -9.49
C ARG E 285 26.20 32.67 -9.02
N LYS E 286 26.53 32.57 -7.73
CA LYS E 286 27.10 31.33 -7.21
C LYS E 286 26.11 30.18 -7.32
N ALA E 287 24.84 30.43 -6.96
CA ALA E 287 23.84 29.37 -7.02
C ALA E 287 23.57 28.94 -8.45
N VAL E 288 23.54 29.89 -9.39
CA VAL E 288 23.34 29.54 -10.79
C VAL E 288 24.52 28.72 -11.30
N ALA E 289 25.74 29.12 -10.95
CA ALA E 289 26.90 28.34 -11.34
C ALA E 289 26.90 26.97 -10.71
N ALA E 290 26.35 26.83 -9.51
CA ALA E 290 26.25 25.54 -8.83
C ALA E 290 25.18 24.65 -9.42
N ALA E 291 24.11 25.22 -9.94
CA ALA E 291 23.02 24.41 -10.50
C ALA E 291 23.11 24.19 -12.00
N SER E 292 23.86 25.00 -12.75
CA SER E 292 23.97 24.80 -14.18
C SER E 292 25.06 23.80 -14.55
N GLU E 293 25.59 23.07 -13.58
CA GLU E 293 26.61 22.06 -13.86
C GLU E 293 26.08 21.00 -14.80
N GLY E 294 24.85 20.55 -14.55
CA GLY E 294 24.23 19.62 -15.48
C GLY E 294 23.75 20.30 -16.75
N LEU E 295 23.62 21.62 -16.70
CA LEU E 295 23.06 22.39 -17.83
C LEU E 295 24.23 22.98 -18.60
N ARG E 296 24.82 22.18 -19.50
CA ARG E 296 25.99 22.63 -20.25
C ARG E 296 25.65 22.60 -21.74
N GLY E 297 25.23 23.74 -22.27
CA GLY E 297 24.94 23.85 -23.69
C GLY E 297 23.81 22.96 -24.15
N LYS E 298 22.83 22.69 -23.30
CA LYS E 298 21.69 21.88 -23.70
C LYS E 298 20.69 22.75 -24.46
N SER E 299 20.15 22.21 -25.55
CA SER E 299 19.19 22.95 -26.34
C SER E 299 17.83 23.02 -25.65
N VAL E 300 17.26 24.23 -25.61
CA VAL E 300 15.96 24.46 -24.99
C VAL E 300 14.96 24.89 -26.05
N PHE E 301 13.86 24.16 -26.15
CA PHE E 301 12.71 24.54 -26.96
C PHE E 301 11.67 25.13 -26.01
N PHE E 302 11.55 26.45 -26.01
CA PHE E 302 10.64 27.10 -25.08
C PHE E 302 9.22 27.13 -25.63
N LEU E 303 8.49 26.03 -25.46
CA LEU E 303 7.18 25.89 -26.06
C LEU E 303 6.23 26.94 -25.50
N PRO E 304 5.36 27.52 -26.33
CA PRO E 304 4.41 28.53 -25.82
C PRO E 304 3.37 27.92 -24.91
N ASP E 305 3.48 28.17 -23.60
CA ASP E 305 2.52 27.64 -22.65
C ASP E 305 1.94 28.74 -21.77
N SER E 306 2.79 29.65 -21.32
CA SER E 306 2.38 30.62 -20.32
C SER E 306 2.76 32.03 -20.71
N GLN E 307 3.38 32.22 -21.87
CA GLN E 307 3.76 33.52 -22.39
C GLN E 307 4.79 34.17 -21.45
N LEU E 308 5.27 33.36 -20.52
CA LEU E 308 6.31 33.73 -19.58
C LEU E 308 7.70 33.43 -20.10
N GLU E 309 7.84 32.78 -21.25
CA GLU E 309 9.05 32.11 -21.70
C GLU E 309 10.25 33.02 -21.90
N PRO E 310 10.17 34.14 -22.65
CA PRO E 310 11.39 34.90 -22.97
C PRO E 310 12.16 35.40 -21.76
N SER E 311 11.43 35.77 -20.71
CA SER E 311 12.04 36.25 -19.48
C SER E 311 12.89 35.16 -18.86
N LEU E 312 12.41 33.92 -18.94
CA LEU E 312 13.21 32.79 -18.50
C LEU E 312 14.35 32.53 -19.48
N ALA E 313 14.08 32.76 -20.76
CA ALA E 313 15.06 32.44 -21.80
C ALA E 313 16.32 33.26 -21.60
N ARG E 314 16.19 34.58 -21.53
CA ARG E 314 17.38 35.42 -21.38
C ARG E 314 18.27 34.91 -20.27
N PHE E 315 17.68 34.60 -19.12
CA PHE E 315 18.37 33.99 -18.00
C PHE E 315 19.11 32.73 -18.43
N LEU E 316 18.37 31.75 -18.96
CA LEU E 316 18.98 30.49 -19.37
C LEU E 316 20.13 30.71 -20.34
N THR E 317 19.82 31.31 -21.49
CA THR E 317 20.79 31.43 -22.58
C THR E 317 22.03 32.21 -22.17
N ARG E 318 21.90 33.20 -21.29
CA ARG E 318 23.11 33.95 -21.00
C ARG E 318 23.76 33.54 -19.70
N GLU E 319 23.07 33.69 -18.57
CA GLU E 319 23.79 33.62 -17.32
C GLU E 319 23.78 32.18 -16.81
N CYS E 320 22.87 31.36 -17.34
CA CYS E 320 22.91 29.93 -17.07
C CYS E 320 23.84 29.21 -18.05
N GLY E 321 23.95 29.73 -19.27
CA GLY E 321 24.78 29.10 -20.28
C GLY E 321 24.01 28.08 -21.12
N MET E 322 22.92 28.53 -21.73
CA MET E 322 22.00 27.65 -22.42
C MET E 322 22.02 27.96 -23.92
N SER E 323 21.20 27.27 -24.70
CA SER E 323 21.05 27.52 -26.13
C SER E 323 19.57 27.45 -26.48
N ALA E 324 18.94 28.62 -26.56
CA ALA E 324 17.51 28.68 -26.90
C ALA E 324 17.28 28.34 -28.36
N VAL E 325 16.13 27.73 -28.63
CA VAL E 325 15.77 27.36 -30.00
C VAL E 325 14.52 28.13 -30.42
N GLU E 326 13.44 27.95 -29.68
CA GLU E 326 12.14 28.49 -30.06
C GLU E 326 11.47 29.02 -28.80
N VAL E 327 11.63 30.31 -28.53
CA VAL E 327 11.02 30.93 -27.35
C VAL E 327 9.66 31.46 -27.81
N GLY E 328 8.67 30.58 -27.78
CA GLY E 328 7.34 30.93 -28.21
C GLY E 328 6.53 31.60 -27.12
N THR E 329 5.29 31.93 -27.45
CA THR E 329 4.40 32.59 -26.52
C THR E 329 2.96 32.55 -27.03
N PRO E 330 1.98 32.30 -26.15
CA PRO E 330 0.57 32.45 -26.53
C PRO E 330 0.26 33.83 -27.06
N PHE E 331 0.59 34.86 -26.28
CA PHE E 331 0.48 36.25 -26.69
C PHE E 331 1.81 36.93 -26.41
N LEU E 332 2.11 37.99 -27.14
CA LEU E 332 3.36 38.71 -26.96
C LEU E 332 3.06 40.18 -26.72
N HIS E 333 3.35 40.66 -25.51
CA HIS E 333 3.26 42.08 -25.19
C HIS E 333 4.66 42.69 -25.27
N ARG E 334 5.03 43.09 -26.48
CA ARG E 334 6.36 43.63 -26.71
C ARG E 334 6.60 44.91 -25.92
N GLY E 335 5.53 45.62 -25.53
CA GLY E 335 5.71 46.83 -24.76
C GLY E 335 6.42 46.60 -23.45
N ILE E 336 6.19 45.46 -22.82
CA ILE E 336 6.86 45.08 -21.59
C ILE E 336 7.86 43.96 -21.80
N LEU E 337 7.92 43.38 -22.99
CA LEU E 337 8.88 42.31 -23.28
C LEU E 337 10.15 42.83 -23.94
N GLY E 338 10.12 44.00 -24.55
CA GLY E 338 11.27 44.56 -25.23
C GLY E 338 12.50 44.67 -24.34
N PRO E 339 12.34 45.18 -23.12
CA PRO E 339 13.46 45.17 -22.16
C PRO E 339 14.08 43.79 -22.02
N ASP E 340 13.26 42.78 -21.69
CA ASP E 340 13.78 41.44 -21.49
C ASP E 340 14.40 40.88 -22.77
N LEU E 341 13.75 41.11 -23.92
CA LEU E 341 14.26 40.60 -25.17
C LEU E 341 15.59 41.23 -25.54
N ASP E 342 15.83 42.48 -25.12
CA ASP E 342 17.05 43.17 -25.50
C ASP E 342 18.29 42.42 -25.06
N LEU E 343 18.22 41.68 -23.95
CA LEU E 343 19.34 40.87 -23.51
C LEU E 343 19.37 39.53 -24.22
N LEU E 344 18.21 39.05 -24.65
CA LEU E 344 18.15 37.82 -25.44
C LEU E 344 18.92 37.94 -26.74
N ALA E 345 19.72 36.92 -27.04
CA ALA E 345 20.35 36.82 -28.34
C ALA E 345 19.29 36.56 -29.42
N GLU E 346 19.27 37.42 -30.42
CA GLU E 346 18.22 37.37 -31.44
C GLU E 346 18.33 36.15 -32.36
N GLY E 347 19.26 35.23 -32.10
CA GLY E 347 19.29 34.00 -32.84
C GLY E 347 18.02 33.18 -32.64
N PRO E 348 17.86 32.61 -31.45
CA PRO E 348 16.64 31.96 -31.07
C PRO E 348 15.40 32.69 -31.51
N VAL E 349 14.51 31.95 -32.18
CA VAL E 349 13.32 32.55 -32.77
C VAL E 349 12.21 32.62 -31.73
N LEU E 350 11.29 33.54 -31.94
CA LEU E 350 10.06 33.61 -31.16
C LEU E 350 8.92 33.04 -31.96
N SER E 351 7.78 32.87 -31.30
CA SER E 351 6.63 32.23 -31.92
C SER E 351 5.35 32.92 -31.47
N GLU E 352 4.68 33.57 -32.41
CA GLU E 352 3.32 34.04 -32.22
C GLU E 352 2.29 33.04 -32.73
N GLY E 353 2.71 32.04 -33.48
CA GLY E 353 1.81 31.03 -34.00
C GLY E 353 1.87 29.75 -33.18
N GLN E 354 0.76 29.42 -32.51
CA GLN E 354 0.72 28.32 -31.56
C GLN E 354 -0.26 27.27 -32.07
N ASP E 355 0.25 26.07 -32.31
CA ASP E 355 -0.59 24.92 -32.66
C ASP E 355 0.25 23.67 -32.44
N VAL E 356 -0.21 22.80 -31.55
CA VAL E 356 0.55 21.60 -31.17
C VAL E 356 0.83 20.78 -32.41
N GLU E 357 -0.12 20.79 -33.35
CA GLU E 357 0.03 20.13 -34.64
C GLU E 357 1.31 20.56 -35.37
N ARG E 358 1.92 21.67 -34.96
CA ARG E 358 3.21 22.08 -35.52
C ARG E 358 4.27 22.19 -34.43
N GLN E 359 3.87 22.58 -33.22
CA GLN E 359 4.84 22.72 -32.13
C GLN E 359 5.52 21.40 -31.82
N LEU E 360 4.73 20.32 -31.73
CA LEU E 360 5.30 19.02 -31.43
C LEU E 360 6.18 18.52 -32.56
N ASP E 361 5.81 18.83 -33.80
CA ASP E 361 6.65 18.46 -34.94
C ASP E 361 7.99 19.19 -34.89
N ARG E 362 7.97 20.48 -34.57
CA ARG E 362 9.22 21.24 -34.45
C ARG E 362 10.08 20.67 -33.34
N VAL E 363 9.46 20.31 -32.21
CA VAL E 363 10.21 19.73 -31.10
C VAL E 363 10.84 18.41 -31.51
N ARG E 364 10.06 17.56 -32.19
CA ARG E 364 10.56 16.25 -32.59
C ARG E 364 11.69 16.37 -33.59
N ALA E 365 11.58 17.31 -34.53
CA ALA E 365 12.62 17.48 -35.55
C ALA E 365 13.89 18.09 -34.94
N ALA E 366 13.74 19.13 -34.13
CA ALA E 366 14.90 19.82 -33.58
C ALA E 366 15.63 19.00 -32.52
N ARG E 367 14.96 18.03 -31.90
CA ARG E 367 15.50 17.25 -30.78
C ARG E 367 16.13 18.15 -29.72
N PRO E 368 15.40 19.09 -29.14
CA PRO E 368 15.96 19.86 -28.02
C PRO E 368 16.13 19.00 -26.78
N ASP E 369 17.25 19.20 -26.10
CA ASP E 369 17.50 18.38 -24.92
C ASP E 369 16.61 18.78 -23.75
N LEU E 370 16.16 20.02 -23.69
CA LEU E 370 15.27 20.45 -22.61
C LEU E 370 14.13 21.23 -23.23
N THR E 371 12.90 20.82 -22.98
CA THR E 371 11.72 21.47 -23.55
C THR E 371 10.76 21.80 -22.41
N VAL E 372 10.19 22.99 -22.44
CA VAL E 372 9.15 23.32 -21.47
C VAL E 372 7.77 23.08 -22.07
N CYS E 373 7.36 21.82 -22.13
CA CYS E 373 6.07 21.48 -22.70
C CYS E 373 4.98 21.74 -21.68
N GLY E 374 3.74 21.85 -22.15
CA GLY E 374 2.62 21.84 -21.24
C GLY E 374 2.49 20.51 -20.55
N LEU E 375 1.77 20.52 -19.43
CA LEU E 375 1.69 19.31 -18.60
C LEU E 375 1.07 18.15 -19.37
N GLY E 376 0.00 18.42 -20.11
CA GLY E 376 -0.60 17.38 -20.92
C GLY E 376 0.28 16.89 -22.05
N LEU E 377 1.26 17.71 -22.44
CA LEU E 377 2.26 17.29 -23.42
C LEU E 377 3.56 16.83 -22.79
N ALA E 378 3.74 17.05 -21.49
CA ALA E 378 5.00 16.74 -20.83
C ALA E 378 5.34 15.26 -20.94
N ASN E 379 4.50 14.40 -20.37
CA ASN E 379 4.77 12.97 -20.34
C ASN E 379 4.90 12.39 -21.75
N PRO E 380 4.02 12.74 -22.71
CA PRO E 380 4.22 12.26 -24.08
C PRO E 380 5.56 12.68 -24.65
N LEU E 381 5.90 13.95 -24.48
CA LEU E 381 7.18 14.45 -24.98
C LEU E 381 8.34 13.77 -24.29
N GLU E 382 8.22 13.49 -22.98
CA GLU E 382 9.30 12.80 -22.29
C GLU E 382 9.41 11.37 -22.80
N ALA E 383 8.31 10.80 -23.26
CA ALA E 383 8.36 9.45 -23.82
C ALA E 383 9.13 9.43 -25.15
N GLU E 384 9.25 10.57 -25.82
CA GLU E 384 10.00 10.66 -27.06
C GLU E 384 11.43 11.11 -26.87
N GLY E 385 12.06 10.76 -25.74
CA GLY E 385 13.44 11.12 -25.51
C GLY E 385 13.66 12.62 -25.42
N PHE E 386 12.82 13.29 -24.62
CA PHE E 386 12.94 14.72 -24.42
C PHE E 386 12.81 14.99 -22.93
N THR E 387 13.79 15.65 -22.33
CA THR E 387 13.64 16.08 -20.94
C THR E 387 12.72 17.28 -20.89
N THR E 388 11.56 17.12 -20.26
CA THR E 388 10.52 18.12 -20.27
C THR E 388 10.47 18.83 -18.92
N LYS E 389 10.71 20.14 -18.93
CA LYS E 389 10.48 20.95 -17.75
C LYS E 389 9.02 21.36 -17.75
N TRP E 390 8.23 20.72 -16.89
CA TRP E 390 6.81 21.02 -16.79
C TRP E 390 6.61 22.42 -16.21
N ALA E 391 5.85 23.25 -16.94
CA ALA E 391 6.00 24.69 -16.85
C ALA E 391 5.08 25.30 -15.80
N ILE E 392 4.18 24.51 -15.22
CA ILE E 392 3.18 25.06 -14.32
C ILE E 392 3.83 25.52 -13.02
N GLU E 393 5.06 25.09 -12.78
CA GLU E 393 5.75 25.46 -11.56
C GLU E 393 6.08 26.96 -11.52
N LEU E 394 6.75 27.46 -12.55
CA LEU E 394 7.44 28.75 -12.45
C LEU E 394 6.47 29.88 -12.12
N VAL E 395 5.21 29.74 -12.50
CA VAL E 395 4.20 30.69 -12.08
C VAL E 395 3.91 30.49 -10.60
N PHE E 396 3.97 29.23 -10.14
CA PHE E 396 3.52 28.87 -8.80
C PHE E 396 4.67 28.81 -7.80
N THR E 397 5.89 28.55 -8.26
CA THR E 397 7.02 28.39 -7.34
C THR E 397 7.87 29.64 -7.37
N PRO E 398 8.54 29.97 -6.26
CA PRO E 398 9.37 31.18 -6.24
C PRO E 398 10.58 31.09 -7.15
N VAL E 399 10.56 31.86 -8.25
CA VAL E 399 11.66 31.87 -9.22
C VAL E 399 12.08 33.30 -9.51
N HIS E 400 11.80 34.19 -8.56
CA HIS E 400 12.04 35.63 -8.81
C HIS E 400 13.20 36.16 -7.97
N PHE E 401 13.86 37.22 -8.45
CA PHE E 401 14.93 37.91 -7.66
C PHE E 401 16.19 37.06 -7.50
N TYR E 402 17.11 37.52 -6.66
CA TYR E 402 18.43 36.85 -6.52
C TYR E 402 18.35 35.52 -5.79
N GLU E 403 17.98 35.52 -4.51
CA GLU E 403 18.04 34.30 -3.73
C GLU E 403 17.40 33.13 -4.47
N GLN E 404 16.46 33.41 -5.37
CA GLN E 404 15.71 32.36 -6.03
C GLN E 404 15.96 32.35 -7.54
N ALA E 405 17.24 32.50 -7.89
CA ALA E 405 17.69 32.37 -9.27
C ALA E 405 18.38 31.04 -9.49
N GLY E 406 19.30 30.68 -8.58
CA GLY E 406 19.87 29.35 -8.61
C GLY E 406 18.82 28.28 -8.41
N ASP E 407 17.78 28.57 -7.63
CA ASP E 407 16.64 27.66 -7.52
C ASP E 407 16.03 27.40 -8.88
N LEU E 408 15.81 28.47 -9.64
CA LEU E 408 15.18 28.35 -10.95
C LEU E 408 16.06 27.53 -11.88
N ALA E 409 17.35 27.83 -11.88
CA ALA E 409 18.30 27.02 -12.64
C ALA E 409 18.27 25.57 -12.19
N GLY E 410 18.03 25.35 -10.90
CA GLY E 410 17.96 24.00 -10.38
C GLY E 410 16.76 23.23 -10.92
N LEU E 411 15.58 23.87 -10.94
CA LEU E 411 14.43 23.17 -11.50
C LEU E 411 14.65 22.90 -12.97
N PHE E 412 15.40 23.77 -13.64
CA PHE E 412 15.68 23.48 -15.04
C PHE E 412 16.71 22.38 -15.22
N SER E 413 17.65 22.25 -14.28
CA SER E 413 18.68 21.23 -14.40
C SER E 413 18.18 19.88 -13.91
N ARG E 414 17.04 19.88 -13.24
CA ARG E 414 16.49 18.65 -12.68
C ARG E 414 16.18 17.60 -13.75
N PRO E 415 15.44 17.93 -14.82
CA PRO E 415 15.08 16.87 -15.79
C PRO E 415 16.27 16.21 -16.44
N VAL E 416 17.30 16.99 -16.78
CA VAL E 416 18.46 16.41 -17.42
C VAL E 416 19.24 15.53 -16.44
N ARG E 417 19.32 15.93 -15.17
CA ARG E 417 19.98 15.09 -14.18
C ARG E 417 19.22 13.78 -13.97
N ARG E 418 17.89 13.85 -13.91
CA ARG E 418 17.08 12.64 -13.78
C ARG E 418 17.24 11.74 -15.00
N ARG E 419 17.29 12.33 -16.19
CA ARG E 419 17.58 11.55 -17.39
C ARG E 419 18.95 10.89 -17.28
N ALA E 420 19.93 11.63 -16.75
CA ALA E 420 21.28 11.12 -16.62
C ALA E 420 21.30 9.89 -15.71
N ILE E 421 20.59 9.95 -14.59
CA ILE E 421 20.61 8.83 -13.66
C ILE E 421 19.94 7.60 -14.28
N LEU E 422 18.81 7.80 -14.95
CA LEU E 422 18.03 6.68 -15.49
C LEU E 422 18.45 6.31 -16.92
N ARG E 423 19.37 7.05 -17.53
CA ARG E 423 19.83 6.80 -18.89
CA ARG E 423 19.84 6.77 -18.89
C ARG E 423 18.67 6.66 -19.86
N MET F 1 -26.76 27.57 -9.44
CA MET F 1 -27.50 26.70 -8.53
C MET F 1 -26.76 26.45 -7.23
N LYS F 2 -25.53 25.96 -7.33
CA LYS F 2 -24.72 25.69 -6.14
C LYS F 2 -23.28 26.08 -6.41
N LEU F 3 -22.55 26.34 -5.32
CA LEU F 3 -21.11 26.61 -5.37
C LEU F 3 -20.38 25.28 -5.30
N THR F 4 -20.07 24.75 -6.48
CA THR F 4 -19.42 23.45 -6.54
C THR F 4 -17.91 23.59 -6.50
N LEU F 5 -17.32 23.37 -5.33
CA LEU F 5 -15.88 23.24 -5.21
C LEU F 5 -15.44 21.80 -5.45
N TRP F 6 -16.18 20.83 -4.94
CA TRP F 6 -15.97 19.43 -5.25
C TRP F 6 -17.08 18.89 -6.12
N THR F 7 -16.71 18.35 -7.25
CA THR F 7 -17.66 17.65 -8.11
C THR F 7 -17.14 16.25 -8.37
N TYR F 8 -17.88 15.25 -7.91
CA TYR F 8 -17.42 13.87 -8.08
C TYR F 8 -17.26 13.52 -9.55
N GLU F 9 -18.34 13.67 -10.31
CA GLU F 9 -18.26 13.36 -11.71
C GLU F 9 -17.68 14.54 -12.47
N GLY F 10 -17.24 14.27 -13.69
CA GLY F 10 -16.76 15.32 -14.55
C GLY F 10 -17.75 15.58 -15.66
N PRO F 11 -17.43 16.51 -16.55
CA PRO F 11 -18.35 16.80 -17.64
C PRO F 11 -18.44 15.64 -18.60
N PRO F 12 -19.53 15.50 -19.33
CA PRO F 12 -19.75 14.31 -20.16
C PRO F 12 -18.64 14.07 -21.17
N HIS F 13 -18.09 15.15 -21.70
CA HIS F 13 -17.06 15.00 -22.72
C HIS F 13 -15.81 14.36 -22.13
N VAL F 14 -15.61 14.50 -20.83
CA VAL F 14 -14.48 13.82 -20.19
C VAL F 14 -14.67 12.32 -20.22
N GLY F 15 -15.89 11.85 -19.95
CA GLY F 15 -16.16 10.43 -20.02
C GLY F 15 -16.00 9.92 -21.44
N ALA F 16 -16.46 10.73 -22.39
CA ALA F 16 -16.24 10.37 -23.78
C ALA F 16 -14.75 10.22 -24.08
N MET F 17 -13.94 11.10 -23.52
CA MET F 17 -12.49 10.98 -23.70
C MET F 17 -11.96 9.72 -23.03
N ARG F 18 -12.48 9.39 -21.85
CA ARG F 18 -12.09 8.14 -21.20
C ARG F 18 -12.23 7.00 -22.17
N VAL F 19 -13.41 6.89 -22.79
CA VAL F 19 -13.65 5.79 -23.71
C VAL F 19 -12.73 5.89 -24.91
N ALA F 20 -12.58 7.09 -25.45
CA ALA F 20 -11.81 7.27 -26.67
C ALA F 20 -10.35 6.86 -26.46
N THR F 21 -9.72 7.41 -25.44
CA THR F 21 -8.32 7.10 -25.17
C THR F 21 -8.15 5.68 -24.66
N GLY F 22 -9.22 5.06 -24.16
CA GLY F 22 -9.12 3.67 -23.79
C GLY F 22 -8.87 2.78 -24.99
N MET F 23 -9.40 3.19 -26.14
CA MET F 23 -9.30 2.39 -27.36
C MET F 23 -7.95 2.63 -28.03
N THR F 24 -7.72 1.90 -29.10
CA THR F 24 -6.47 2.01 -29.86
C THR F 24 -6.80 2.24 -31.33
N GLY F 25 -6.69 3.50 -31.75
CA GLY F 25 -6.99 3.86 -33.12
C GLY F 25 -8.32 4.56 -33.24
N MET F 26 -8.67 5.36 -32.23
CA MET F 26 -9.94 6.07 -32.17
C MET F 26 -9.67 7.50 -31.75
N HIS F 27 -9.92 8.45 -32.64
CA HIS F 27 -9.70 9.86 -32.33
C HIS F 27 -11.02 10.53 -31.98
N TYR F 28 -11.03 11.27 -30.88
CA TYR F 28 -12.24 11.93 -30.38
C TYR F 28 -12.15 13.41 -30.74
N VAL F 29 -12.51 13.73 -31.98
CA VAL F 29 -12.47 15.11 -32.45
C VAL F 29 -13.59 15.87 -31.76
N LEU F 30 -13.21 16.78 -30.87
CA LEU F 30 -14.16 17.41 -29.95
C LEU F 30 -14.19 18.92 -30.19
N HIS F 31 -15.39 19.44 -30.44
CA HIS F 31 -15.57 20.88 -30.47
C HIS F 31 -15.43 21.42 -29.06
N ALA F 32 -14.54 22.38 -28.85
CA ALA F 32 -14.30 22.86 -27.50
C ALA F 32 -13.53 24.17 -27.53
N PRO F 33 -13.83 25.08 -26.61
CA PRO F 33 -13.09 26.34 -26.58
C PRO F 33 -11.64 26.12 -26.20
N GLN F 34 -10.79 27.04 -26.64
CA GLN F 34 -9.38 27.00 -26.27
C GLN F 34 -9.27 26.97 -24.76
N GLY F 35 -8.64 25.91 -24.24
CA GLY F 35 -8.48 25.71 -22.81
C GLY F 35 -9.11 24.43 -22.33
N ASP F 36 -10.15 23.97 -23.02
CA ASP F 36 -10.79 22.72 -22.64
C ASP F 36 -9.90 21.52 -22.87
N THR F 37 -8.65 21.76 -23.26
CA THR F 37 -7.60 20.77 -23.41
C THR F 37 -7.18 20.17 -22.07
N TYR F 38 -7.62 20.78 -20.96
CA TYR F 38 -7.12 20.42 -19.65
C TYR F 38 -7.28 18.92 -19.35
N ALA F 39 -8.30 18.29 -19.95
CA ALA F 39 -8.54 16.88 -19.62
C ALA F 39 -7.45 15.98 -20.16
N ASP F 40 -6.81 16.38 -21.26
CA ASP F 40 -5.63 15.64 -21.72
C ASP F 40 -4.57 15.58 -20.65
N LEU F 41 -4.43 16.66 -19.89
CA LEU F 41 -3.55 16.66 -18.73
C LEU F 41 -3.98 15.64 -17.68
N LEU F 42 -5.28 15.56 -17.39
CA LEU F 42 -5.75 14.57 -16.43
C LEU F 42 -5.35 13.18 -16.86
N PHE F 43 -5.57 12.87 -18.13
CA PHE F 43 -5.25 11.53 -18.63
C PHE F 43 -3.76 11.30 -18.64
N THR F 44 -3.00 12.29 -19.10
CA THR F 44 -1.56 12.16 -19.24
C THR F 44 -0.88 12.00 -17.89
N MET F 45 -1.35 12.69 -16.87
CA MET F 45 -0.60 12.78 -15.63
C MET F 45 -1.16 11.86 -14.56
N ILE F 46 -2.48 11.83 -14.38
CA ILE F 46 -3.08 10.97 -13.36
C ILE F 46 -2.87 9.51 -13.72
N GLU F 47 -3.13 9.15 -14.96
CA GLU F 47 -3.04 7.76 -15.37
C GLU F 47 -1.67 7.43 -15.94
N ARG F 48 -0.91 8.45 -16.36
CA ARG F 48 0.42 8.28 -16.91
C ARG F 48 0.39 7.47 -18.20
N ARG F 49 -0.42 7.92 -19.15
CA ARG F 49 -0.45 7.34 -20.49
C ARG F 49 0.70 7.93 -21.28
N GLY F 50 1.57 7.06 -21.79
CA GLY F 50 2.70 7.50 -22.58
C GLY F 50 2.28 8.32 -23.77
N LYS F 51 1.62 7.69 -24.74
CA LYS F 51 1.10 8.42 -25.89
C LYS F 51 0.03 9.40 -25.43
N ARG F 52 0.02 10.59 -26.02
CA ARG F 52 -0.94 11.60 -25.64
C ARG F 52 -2.36 11.11 -25.96
N PRO F 53 -3.35 11.49 -25.17
CA PRO F 53 -4.71 11.02 -25.41
C PRO F 53 -5.15 11.33 -26.83
N PRO F 54 -5.57 10.32 -27.58
CA PRO F 54 -5.86 10.52 -28.99
C PRO F 54 -7.14 11.31 -29.21
N VAL F 55 -7.17 12.55 -28.75
CA VAL F 55 -8.34 13.40 -28.90
C VAL F 55 -7.87 14.74 -29.44
N SER F 56 -8.66 15.33 -30.31
CA SER F 56 -8.35 16.65 -30.84
C SER F 56 -9.37 17.66 -30.36
N TYR F 57 -8.96 18.92 -30.32
CA TYR F 57 -9.81 20.00 -29.83
C TYR F 57 -9.87 21.09 -30.87
N THR F 58 -11.06 21.34 -31.40
CA THR F 58 -11.26 22.40 -32.40
C THR F 58 -11.32 23.71 -31.65
N THR F 59 -10.22 24.07 -31.00
CA THR F 59 -10.23 25.22 -30.10
C THR F 59 -10.53 26.49 -30.87
N PHE F 60 -11.66 27.11 -30.55
CA PHE F 60 -12.05 28.40 -31.11
C PHE F 60 -11.69 29.47 -30.10
N GLN F 61 -10.54 30.12 -30.29
CA GLN F 61 -10.07 31.11 -29.34
C GLN F 61 -11.06 32.27 -29.21
N ALA F 62 -11.33 33.00 -30.31
CA ALA F 62 -12.36 34.03 -30.26
C ALA F 62 -13.18 34.17 -31.53
N ARG F 63 -12.89 33.40 -32.58
CA ARG F 63 -13.90 33.25 -33.63
C ARG F 63 -15.05 32.36 -33.17
N ASP F 64 -15.95 32.92 -32.37
CA ASP F 64 -17.12 32.17 -31.93
C ASP F 64 -18.27 32.21 -32.93
N LEU F 65 -18.13 32.93 -34.03
CA LEU F 65 -19.20 32.98 -35.02
C LEU F 65 -19.38 31.63 -35.68
N GLY F 66 -20.63 31.19 -35.78
CA GLY F 66 -20.97 29.86 -36.25
C GLY F 66 -20.31 29.47 -37.57
N SER F 67 -20.12 30.44 -38.46
CA SER F 67 -19.41 30.21 -39.70
C SER F 67 -17.98 29.78 -39.43
N ASP F 68 -17.34 30.43 -38.46
CA ASP F 68 -15.96 30.09 -38.14
C ASP F 68 -15.88 28.77 -37.39
N THR F 69 -16.62 28.64 -36.30
CA THR F 69 -16.51 27.44 -35.46
C THR F 69 -16.76 26.18 -36.26
N ALA F 70 -17.73 26.22 -37.17
CA ALA F 70 -17.97 25.07 -38.03
C ALA F 70 -16.74 24.76 -38.86
N GLU F 71 -16.09 25.79 -39.39
CA GLU F 71 -14.89 25.57 -40.19
C GLU F 71 -13.78 24.97 -39.34
N LEU F 72 -13.59 25.47 -38.12
CA LEU F 72 -12.58 24.92 -37.24
C LEU F 72 -12.85 23.45 -36.96
N PHE F 73 -14.10 23.12 -36.69
CA PHE F 73 -14.44 21.74 -36.39
C PHE F 73 -14.17 20.84 -37.60
N GLN F 74 -14.55 21.31 -38.79
CA GLN F 74 -14.31 20.53 -40.00
C GLN F 74 -12.82 20.33 -40.24
N SER F 75 -12.06 21.41 -40.15
CA SER F 75 -10.62 21.34 -40.38
C SER F 75 -9.98 20.40 -39.38
N ALA F 76 -10.41 20.47 -38.12
CA ALA F 76 -9.84 19.61 -37.10
C ALA F 76 -10.21 18.16 -37.34
N CYS F 77 -11.43 17.89 -37.79
CA CYS F 77 -11.80 16.53 -38.16
C CYS F 77 -10.84 15.98 -39.20
N ARG F 78 -10.64 16.73 -40.29
CA ARG F 78 -9.84 16.20 -41.38
C ARG F 78 -8.37 16.09 -40.98
N ASP F 79 -7.89 17.06 -40.19
CA ASP F 79 -6.51 17.08 -39.73
C ASP F 79 -6.23 15.91 -38.79
N ALA F 80 -7.15 15.67 -37.87
CA ALA F 80 -7.05 14.50 -37.01
C ALA F 80 -7.10 13.22 -37.83
N TYR F 81 -7.80 13.27 -38.98
CA TYR F 81 -7.78 12.10 -39.84
C TYR F 81 -6.37 11.83 -40.34
N GLU F 82 -5.82 12.73 -41.16
CA GLU F 82 -4.64 12.25 -41.88
C GLU F 82 -3.41 12.37 -40.98
N ARG F 83 -3.56 12.96 -39.80
CA ARG F 83 -2.44 13.07 -38.88
C ARG F 83 -2.21 11.78 -38.12
N PHE F 84 -3.22 11.32 -37.39
CA PHE F 84 -3.07 10.19 -36.49
C PHE F 84 -3.52 8.86 -37.09
N GLN F 85 -4.04 8.87 -38.32
CA GLN F 85 -4.47 7.67 -39.04
C GLN F 85 -5.34 6.73 -38.22
N PRO F 86 -6.43 7.19 -37.63
CA PRO F 86 -7.28 6.29 -36.84
C PRO F 86 -8.13 5.42 -37.73
N GLN F 87 -8.54 4.28 -37.19
CA GLN F 87 -9.43 3.38 -37.90
C GLN F 87 -10.89 3.79 -37.77
N ALA F 88 -11.20 4.71 -36.86
CA ALA F 88 -12.52 5.30 -36.74
C ALA F 88 -12.39 6.60 -35.98
N ILE F 89 -13.38 7.47 -36.14
CA ILE F 89 -13.34 8.81 -35.58
C ILE F 89 -14.54 9.01 -34.67
N MET F 90 -14.32 9.70 -33.56
CA MET F 90 -15.34 10.01 -32.58
C MET F 90 -15.49 11.52 -32.50
N VAL F 91 -16.70 12.02 -32.76
CA VAL F 91 -16.92 13.46 -32.84
C VAL F 91 -18.07 13.85 -31.95
N GLY F 92 -17.88 14.92 -31.19
CA GLY F 92 -18.89 15.38 -30.26
C GLY F 92 -18.64 16.83 -29.91
N SER F 93 -19.47 17.34 -29.01
CA SER F 93 -19.38 18.72 -28.55
C SER F 93 -19.31 18.76 -27.04
N SER F 94 -18.56 19.74 -26.54
CA SER F 94 -18.33 19.87 -25.10
C SER F 94 -18.69 21.28 -24.66
N CYS F 95 -19.51 21.36 -23.61
CA CYS F 95 -19.82 22.61 -22.88
C CYS F 95 -20.22 23.67 -23.89
N THR F 96 -19.44 24.73 -24.09
CA THR F 96 -19.84 25.83 -24.95
C THR F 96 -20.08 25.37 -26.37
N ALA F 97 -19.42 24.29 -26.78
CA ALA F 97 -19.71 23.73 -28.10
C ALA F 97 -21.15 23.28 -28.21
N GLU F 98 -21.77 22.88 -27.09
CA GLU F 98 -23.21 22.67 -27.08
C GLU F 98 -23.94 24.00 -27.15
N LEU F 99 -23.44 25.00 -26.42
CA LEU F 99 -24.04 26.33 -26.46
C LEU F 99 -23.91 26.94 -27.85
N ILE F 100 -22.72 26.89 -28.43
CA ILE F 100 -22.54 27.30 -29.81
C ILE F 100 -23.29 26.33 -30.72
N GLN F 101 -23.94 26.89 -31.73
CA GLN F 101 -24.79 26.10 -32.62
C GLN F 101 -23.90 25.45 -33.68
N ASP F 102 -23.68 24.15 -33.52
CA ASP F 102 -22.89 23.37 -34.45
C ASP F 102 -23.63 22.07 -34.74
N ASP F 103 -23.35 21.50 -35.91
CA ASP F 103 -23.85 20.15 -36.22
C ASP F 103 -22.67 19.19 -36.08
N THR F 104 -22.53 18.65 -34.88
CA THR F 104 -21.33 17.92 -34.51
C THR F 104 -21.09 16.69 -35.37
N GLY F 105 -22.14 16.19 -36.03
CA GLY F 105 -22.00 15.02 -36.88
C GLY F 105 -22.19 15.29 -38.35
N GLY F 106 -23.03 16.28 -38.66
CA GLY F 106 -23.31 16.59 -40.05
C GLY F 106 -22.07 17.02 -40.80
N LEU F 107 -21.26 17.88 -40.19
CA LEU F 107 -20.01 18.31 -40.80
C LEU F 107 -19.04 17.14 -40.96
N ALA F 108 -18.96 16.28 -39.95
CA ALA F 108 -18.07 15.13 -40.01
C ALA F 108 -18.44 14.23 -41.18
N ASP F 109 -19.74 14.01 -41.39
CA ASP F 109 -20.18 13.30 -42.58
C ASP F 109 -19.85 14.08 -43.84
N ALA F 110 -20.02 15.40 -43.79
CA ALA F 110 -19.84 16.23 -44.98
C ALA F 110 -18.41 16.16 -45.50
N LEU F 111 -17.44 16.02 -44.60
CA LEU F 111 -16.05 15.91 -45.02
C LEU F 111 -15.75 14.57 -45.68
N SER F 112 -16.75 13.71 -45.83
CA SER F 112 -16.60 12.42 -46.50
C SER F 112 -15.41 11.64 -45.96
N LEU F 113 -15.41 11.45 -44.65
CA LEU F 113 -14.41 10.62 -43.99
C LEU F 113 -14.57 9.17 -44.42
N PRO F 114 -13.57 8.58 -45.07
CA PRO F 114 -13.67 7.16 -45.41
C PRO F 114 -13.77 6.27 -44.18
N VAL F 115 -13.07 6.61 -43.11
CA VAL F 115 -13.16 5.85 -41.87
C VAL F 115 -14.50 6.13 -41.21
N PRO F 116 -15.12 5.17 -40.52
CA PRO F 116 -16.41 5.42 -39.89
C PRO F 116 -16.32 6.55 -38.87
N VAL F 117 -17.35 7.39 -38.84
CA VAL F 117 -17.40 8.52 -37.92
C VAL F 117 -18.62 8.30 -37.04
N VAL F 118 -18.41 8.31 -35.72
CA VAL F 118 -19.49 8.03 -34.79
C VAL F 118 -19.97 9.37 -34.21
N HIS F 119 -21.22 9.73 -34.50
CA HIS F 119 -21.77 11.00 -34.02
C HIS F 119 -22.19 10.83 -32.57
N LEU F 120 -21.80 11.79 -31.74
CA LEU F 120 -22.09 11.74 -30.33
C LEU F 120 -22.94 12.93 -29.92
N GLU F 121 -23.96 12.67 -29.14
CA GLU F 121 -24.70 13.71 -28.44
C GLU F 121 -24.38 13.56 -26.96
N LEU F 122 -23.89 14.65 -26.36
CA LEU F 122 -23.59 14.67 -24.92
C LEU F 122 -24.22 15.90 -24.32
N PRO F 123 -25.42 15.79 -23.76
CA PRO F 123 -26.04 16.95 -23.13
C PRO F 123 -25.19 17.41 -21.95
N SER F 124 -24.53 18.55 -22.13
CA SER F 124 -23.43 18.96 -21.26
C SER F 124 -23.92 19.65 -19.99
N TYR F 125 -25.22 19.66 -19.74
CA TYR F 125 -25.73 20.36 -18.58
C TYR F 125 -26.76 19.56 -17.80
N GLN F 126 -26.99 18.29 -18.15
CA GLN F 126 -27.82 17.44 -17.30
C GLN F 126 -27.19 16.08 -17.05
N ARG F 127 -26.01 15.80 -17.61
CA ARG F 127 -25.42 14.49 -17.46
C ARG F 127 -24.03 14.67 -16.86
N LYS F 128 -23.28 13.58 -16.77
CA LYS F 128 -22.03 13.58 -16.04
C LYS F 128 -21.01 12.79 -16.84
N GLU F 129 -19.86 12.50 -16.22
CA GLU F 129 -18.80 11.82 -16.93
C GLU F 129 -19.04 10.33 -17.09
N ASN F 130 -19.67 9.69 -16.10
CA ASN F 130 -20.00 8.27 -16.22
C ASN F 130 -21.02 8.02 -17.32
N PHE F 131 -22.09 8.82 -17.35
CA PHE F 131 -22.99 8.78 -18.48
C PHE F 131 -22.20 8.88 -19.77
N GLY F 132 -21.48 9.98 -19.95
CA GLY F 132 -20.73 10.23 -21.17
C GLY F 132 -19.90 9.05 -21.62
N ALA F 133 -19.17 8.43 -20.69
CA ALA F 133 -18.42 7.24 -21.04
C ALA F 133 -19.34 6.15 -21.55
N ASP F 134 -20.43 5.89 -20.83
CA ASP F 134 -21.33 4.80 -21.21
C ASP F 134 -21.96 5.06 -22.57
N GLU F 135 -22.40 6.29 -22.80
CA GLU F 135 -23.04 6.65 -24.07
C GLU F 135 -22.06 6.58 -25.22
N SER F 136 -20.83 7.04 -25.00
CA SER F 136 -19.83 6.92 -26.05
C SER F 136 -19.60 5.47 -26.39
N PHE F 137 -19.59 4.61 -25.36
CA PHE F 137 -19.47 3.18 -25.59
C PHE F 137 -20.65 2.67 -26.43
N LEU F 138 -21.86 3.08 -26.08
CA LEU F 138 -23.02 2.62 -26.82
C LEU F 138 -22.90 3.01 -28.28
N GLN F 139 -22.45 4.24 -28.52
CA GLN F 139 -22.30 4.73 -29.89
C GLN F 139 -21.28 3.91 -30.66
N ILE F 140 -20.11 3.66 -30.08
CA ILE F 140 -19.09 2.94 -30.83
C ILE F 140 -19.53 1.50 -31.06
N CYS F 141 -20.28 0.93 -30.12
CA CYS F 141 -20.82 -0.40 -30.32
C CYS F 141 -21.82 -0.41 -31.48
N ARG F 142 -22.72 0.56 -31.52
CA ARG F 142 -23.68 0.60 -32.63
C ARG F 142 -22.97 0.71 -33.96
N LYS F 143 -22.04 1.65 -34.06
CA LYS F 143 -21.40 1.88 -35.35
C LYS F 143 -20.51 0.74 -35.78
N LEU F 144 -19.65 0.26 -34.90
CA LEU F 144 -18.62 -0.67 -35.33
C LEU F 144 -19.09 -2.12 -35.22
N ALA F 145 -19.61 -2.50 -34.07
CA ALA F 145 -19.97 -3.90 -33.82
C ALA F 145 -21.09 -4.34 -34.75
N ARG F 146 -21.12 -5.64 -35.03
CA ARG F 146 -22.12 -6.22 -35.92
C ARG F 146 -22.23 -7.70 -35.62
N PRO F 147 -23.44 -8.26 -35.64
CA PRO F 147 -23.58 -9.69 -35.38
C PRO F 147 -22.83 -10.53 -36.40
N MET F 148 -22.01 -11.45 -35.90
CA MET F 148 -21.37 -12.48 -36.70
C MET F 148 -21.45 -13.82 -35.98
N GLU F 149 -20.74 -14.80 -36.53
CA GLU F 149 -20.79 -16.16 -36.03
C GLU F 149 -20.11 -16.26 -34.67
N ARG F 150 -20.67 -17.08 -33.79
CA ARG F 150 -20.07 -17.33 -32.49
C ARG F 150 -18.74 -18.05 -32.66
N THR F 151 -17.77 -17.70 -31.82
CA THR F 151 -16.49 -18.38 -31.84
C THR F 151 -16.66 -19.82 -31.40
N GLU F 152 -15.77 -20.69 -31.91
CA GLU F 152 -15.88 -22.11 -31.61
C GLU F 152 -15.66 -22.39 -30.12
N LYS F 153 -14.71 -21.71 -29.52
CA LYS F 153 -14.54 -21.78 -28.07
C LYS F 153 -15.33 -20.65 -27.45
N VAL F 154 -16.09 -20.95 -26.40
CA VAL F 154 -16.92 -19.96 -25.72
C VAL F 154 -16.04 -18.77 -25.39
N SER F 155 -16.43 -17.60 -25.87
CA SER F 155 -15.64 -16.39 -25.69
C SER F 155 -16.47 -15.40 -24.90
N CYS F 156 -15.91 -14.91 -23.81
CA CYS F 156 -16.60 -13.99 -22.92
C CYS F 156 -16.04 -12.60 -23.20
N ASN F 157 -16.92 -11.62 -23.18
CA ASN F 157 -16.50 -10.26 -23.48
C ASN F 157 -16.36 -9.49 -22.18
N LEU F 158 -15.21 -8.85 -21.98
CA LEU F 158 -15.02 -8.05 -20.77
C LEU F 158 -15.50 -6.64 -21.06
N LEU F 159 -16.82 -6.46 -21.08
CA LEU F 159 -17.42 -5.16 -21.29
C LEU F 159 -17.21 -4.31 -20.06
N GLY F 160 -16.90 -3.04 -20.28
CA GLY F 160 -16.90 -2.07 -19.21
C GLY F 160 -15.63 -1.27 -18.96
N PRO F 161 -14.46 -1.90 -18.98
CA PRO F 161 -13.24 -1.17 -18.64
C PRO F 161 -12.97 -0.02 -19.59
N THR F 162 -12.48 1.08 -19.03
CA THR F 162 -12.10 2.26 -19.79
C THR F 162 -10.81 2.79 -19.15
N ALA F 163 -10.29 3.87 -19.73
CA ALA F 163 -9.11 4.50 -19.19
C ALA F 163 -9.49 5.37 -18.00
N LEU F 164 -8.49 5.72 -17.19
CA LEU F 164 -8.70 6.53 -15.99
C LEU F 164 -9.83 5.88 -15.19
N GLY F 165 -9.79 4.57 -15.06
CA GLY F 165 -10.74 3.86 -14.23
C GLY F 165 -10.10 3.62 -12.88
N PHE F 166 -10.93 3.30 -11.90
CA PHE F 166 -10.33 2.84 -10.65
C PHE F 166 -9.75 1.46 -10.84
N ARG F 167 -8.45 1.36 -11.03
CA ARG F 167 -7.78 0.08 -11.19
C ARG F 167 -8.43 -0.72 -12.31
N HIS F 168 -8.74 -0.05 -13.41
CA HIS F 168 -9.33 -0.74 -14.54
C HIS F 168 -8.33 -1.57 -15.32
N ARG F 169 -7.12 -1.74 -14.83
CA ARG F 169 -6.10 -2.48 -15.55
C ARG F 169 -5.72 -3.76 -14.81
N ASP F 170 -5.26 -3.64 -13.56
CA ASP F 170 -4.99 -4.82 -12.78
C ASP F 170 -6.25 -5.65 -12.63
N ASP F 171 -7.40 -4.99 -12.60
CA ASP F 171 -8.65 -5.69 -12.43
C ASP F 171 -8.98 -6.57 -13.63
N ILE F 172 -8.81 -6.05 -14.84
CA ILE F 172 -9.11 -6.88 -16.00
C ILE F 172 -8.08 -7.98 -16.14
N LEU F 173 -6.84 -7.73 -15.73
CA LEU F 173 -5.91 -8.86 -15.68
C LEU F 173 -6.42 -9.95 -14.77
N GLU F 174 -6.91 -9.58 -13.58
CA GLU F 174 -7.38 -10.58 -12.64
C GLU F 174 -8.60 -11.33 -13.18
N VAL F 175 -9.54 -10.61 -13.77
CA VAL F 175 -10.75 -11.26 -14.28
C VAL F 175 -10.41 -12.17 -15.45
N THR F 176 -9.51 -11.73 -16.33
CA THR F 176 -9.10 -12.60 -17.43
C THR F 176 -8.44 -13.84 -16.90
N ARG F 177 -7.63 -13.72 -15.85
CA ARG F 177 -7.01 -14.91 -15.27
CA ARG F 177 -7.01 -14.90 -15.28
C ARG F 177 -8.06 -15.87 -14.76
N LEU F 178 -9.04 -15.38 -14.01
CA LEU F 178 -10.08 -16.29 -13.50
C LEU F 178 -10.84 -16.95 -14.64
N LEU F 179 -11.26 -16.16 -15.62
CA LEU F 179 -12.09 -16.68 -16.71
C LEU F 179 -11.33 -17.71 -17.54
N GLU F 180 -10.07 -17.41 -17.89
CA GLU F 180 -9.35 -18.35 -18.73
C GLU F 180 -8.92 -19.56 -17.92
N GLY F 181 -8.69 -19.40 -16.61
CA GLY F 181 -8.42 -20.55 -15.78
C GLY F 181 -9.60 -21.49 -15.72
N MET F 182 -10.81 -20.93 -15.72
CA MET F 182 -11.97 -21.80 -15.86
C MET F 182 -12.04 -22.38 -17.25
N GLY F 183 -11.51 -21.68 -18.25
CA GLY F 183 -11.47 -22.20 -19.59
C GLY F 183 -11.97 -21.23 -20.64
N ILE F 184 -12.88 -20.34 -20.26
CA ILE F 184 -13.45 -19.43 -21.24
C ILE F 184 -12.41 -18.42 -21.67
N ALA F 185 -12.23 -18.27 -22.97
CA ALA F 185 -11.36 -17.24 -23.49
C ALA F 185 -12.11 -15.91 -23.55
N VAL F 186 -11.36 -14.83 -23.74
CA VAL F 186 -11.94 -13.51 -23.90
C VAL F 186 -11.82 -13.15 -25.37
N ASN F 187 -12.89 -12.62 -25.94
CA ASN F 187 -12.84 -12.21 -27.33
C ASN F 187 -12.14 -10.88 -27.48
N ALA F 188 -12.70 -9.84 -26.88
CA ALA F 188 -12.13 -8.51 -26.97
C ALA F 188 -12.56 -7.73 -25.73
N VAL F 189 -11.61 -7.40 -24.85
CA VAL F 189 -11.98 -6.46 -23.75
C VAL F 189 -12.31 -5.22 -24.57
N ALA F 190 -13.49 -4.64 -24.44
CA ALA F 190 -13.89 -3.57 -25.40
C ALA F 190 -13.25 -2.20 -25.19
N PRO F 191 -13.27 -1.53 -24.04
CA PRO F 191 -12.48 -0.28 -23.91
C PRO F 191 -11.27 -0.62 -23.00
N MET F 192 -10.30 0.29 -22.79
CA MET F 192 -9.07 -0.10 -21.98
C MET F 192 -8.48 -1.29 -22.71
N GLY F 193 -8.35 -1.19 -24.04
CA GLY F 193 -7.70 -2.26 -24.81
C GLY F 193 -8.57 -2.92 -25.88
N ALA F 194 -8.96 -2.18 -26.91
CA ALA F 194 -9.75 -2.74 -28.02
C ALA F 194 -9.70 -1.80 -29.21
N SER F 195 -9.03 -2.21 -30.27
CA SER F 195 -9.07 -1.44 -31.49
C SER F 195 -10.50 -1.41 -31.99
N PRO F 196 -10.83 -0.48 -32.88
CA PRO F 196 -12.15 -0.52 -33.52
C PRO F 196 -12.40 -1.86 -34.19
N ALA F 197 -11.31 -2.53 -34.58
CA ALA F 197 -11.44 -3.90 -35.07
C ALA F 197 -11.96 -4.82 -33.97
N ASP F 198 -11.49 -4.62 -32.74
CA ASP F 198 -11.99 -5.43 -31.63
C ASP F 198 -13.48 -5.20 -31.44
N ILE F 199 -13.91 -3.95 -31.56
CA ILE F 199 -15.34 -3.68 -31.46
C ILE F 199 -16.09 -4.32 -32.60
N ALA F 200 -15.47 -4.35 -33.79
CA ALA F 200 -16.10 -5.05 -34.91
C ALA F 200 -16.27 -6.52 -34.60
N ARG F 201 -15.41 -7.06 -33.72
CA ARG F 201 -15.47 -8.51 -33.40
C ARG F 201 -16.31 -8.75 -32.14
N LEU F 202 -16.92 -7.72 -31.57
CA LEU F 202 -17.67 -7.89 -30.30
C LEU F 202 -18.89 -8.79 -30.54
N GLY F 203 -19.24 -9.02 -31.80
CA GLY F 203 -20.44 -9.82 -32.11
C GLY F 203 -20.11 -11.29 -32.32
N ALA F 204 -18.92 -11.72 -31.89
CA ALA F 204 -18.61 -13.13 -31.97
C ALA F 204 -18.45 -13.83 -30.64
N ALA F 205 -18.34 -13.08 -29.53
CA ALA F 205 -18.26 -13.70 -28.22
C ALA F 205 -19.61 -14.28 -27.83
N HIS F 206 -19.58 -15.31 -26.97
CA HIS F 206 -20.84 -15.94 -26.56
C HIS F 206 -21.58 -15.09 -25.54
N PHE F 207 -21.00 -14.92 -24.35
CA PHE F 207 -21.69 -14.26 -23.26
C PHE F 207 -20.85 -13.12 -22.72
N ASN F 208 -21.48 -11.96 -22.60
CA ASN F 208 -20.81 -10.76 -22.13
C ASN F 208 -20.53 -10.87 -20.64
N VAL F 209 -19.52 -10.16 -20.18
CA VAL F 209 -19.26 -10.03 -18.76
C VAL F 209 -19.18 -8.54 -18.46
N LEU F 210 -20.17 -8.03 -17.75
CA LEU F 210 -20.21 -6.61 -17.41
C LEU F 210 -19.27 -6.40 -16.23
N LEU F 211 -18.04 -6.01 -16.53
CA LEU F 211 -17.07 -5.75 -15.48
C LEU F 211 -17.54 -4.59 -14.63
N TYR F 212 -17.54 -3.41 -15.21
CA TYR F 212 -17.92 -2.21 -14.50
C TYR F 212 -19.25 -1.73 -15.05
N PRO F 213 -20.35 -1.97 -14.36
CA PRO F 213 -21.66 -1.67 -14.92
C PRO F 213 -21.78 -0.25 -15.41
N GLU F 214 -21.41 0.69 -14.55
CA GLU F 214 -21.70 2.11 -14.82
C GLU F 214 -21.24 2.53 -16.20
N THR F 215 -20.02 2.18 -16.56
CA THR F 215 -19.45 2.53 -17.85
C THR F 215 -19.46 1.25 -18.70
N GLY F 216 -20.60 0.97 -19.31
CA GLY F 216 -20.66 -0.19 -20.19
C GLY F 216 -21.96 -0.96 -20.09
N GLU F 217 -22.81 -0.63 -19.13
CA GLU F 217 -24.07 -1.35 -19.01
C GLU F 217 -24.95 -1.13 -20.22
N SER F 218 -25.05 0.10 -20.71
CA SER F 218 -25.91 0.34 -21.86
C SER F 218 -25.42 -0.43 -23.06
N ALA F 219 -24.10 -0.49 -23.24
CA ALA F 219 -23.54 -1.35 -24.27
C ALA F 219 -23.92 -2.79 -24.03
N ALA F 220 -23.98 -3.21 -22.75
CA ALA F 220 -24.35 -4.58 -22.47
C ALA F 220 -25.79 -4.87 -22.87
N ARG F 221 -26.71 -3.95 -22.58
CA ARG F 221 -28.10 -4.14 -22.96
C ARG F 221 -28.24 -4.20 -24.46
N TRP F 222 -27.57 -3.27 -25.15
CA TRP F 222 -27.60 -3.32 -26.61
C TRP F 222 -27.02 -4.61 -27.14
N ALA F 223 -25.99 -5.12 -26.48
CA ALA F 223 -25.43 -6.40 -26.89
C ALA F 223 -26.46 -7.51 -26.73
N GLU F 224 -27.13 -7.56 -25.58
CA GLU F 224 -28.13 -8.58 -25.34
C GLU F 224 -29.22 -8.54 -26.38
N LYS F 225 -29.65 -7.33 -26.75
CA LYS F 225 -30.75 -7.21 -27.71
C LYS F 225 -30.27 -7.55 -29.13
N THR F 226 -29.33 -6.77 -29.65
CA THR F 226 -28.92 -6.94 -31.04
C THR F 226 -28.04 -8.17 -31.22
N LEU F 227 -26.89 -8.18 -30.56
CA LEU F 227 -25.95 -9.28 -30.73
C LEU F 227 -26.43 -10.57 -30.08
N LYS F 228 -27.52 -10.51 -29.31
CA LYS F 228 -28.07 -11.69 -28.64
C LYS F 228 -27.02 -12.34 -27.74
N GLN F 229 -26.27 -11.50 -27.05
CA GLN F 229 -25.24 -11.96 -26.13
C GLN F 229 -25.70 -11.69 -24.71
N PRO F 230 -26.07 -12.70 -23.94
CA PRO F 230 -26.42 -12.48 -22.54
C PRO F 230 -25.24 -11.90 -21.79
N TYR F 231 -25.54 -11.00 -20.86
CA TYR F 231 -24.51 -10.36 -20.05
C TYR F 231 -24.70 -10.69 -18.58
N THR F 232 -23.61 -11.07 -17.92
CA THR F 232 -23.65 -11.34 -16.50
C THR F 232 -23.87 -10.05 -15.74
N LYS F 233 -24.29 -10.17 -14.48
CA LYS F 233 -24.65 -8.97 -13.75
C LYS F 233 -23.76 -8.73 -12.53
N THR F 234 -23.50 -9.76 -11.75
CA THR F 234 -22.72 -9.61 -10.53
C THR F 234 -21.29 -9.18 -10.82
N VAL F 235 -20.79 -8.23 -10.04
CA VAL F 235 -19.42 -7.76 -10.16
C VAL F 235 -18.58 -8.54 -9.14
N PRO F 236 -17.55 -9.22 -9.57
CA PRO F 236 -16.84 -10.13 -8.66
C PRO F 236 -15.90 -9.46 -7.69
N ILE F 237 -16.33 -8.42 -7.00
CA ILE F 237 -15.47 -7.75 -6.02
C ILE F 237 -15.69 -8.41 -4.67
N GLY F 238 -14.66 -9.06 -4.15
CA GLY F 238 -14.76 -9.73 -2.87
C GLY F 238 -14.56 -11.21 -3.03
N VAL F 239 -15.00 -12.01 -2.06
CA VAL F 239 -14.95 -13.45 -2.21
C VAL F 239 -16.35 -13.98 -2.49
N GLY F 240 -17.33 -13.57 -1.70
CA GLY F 240 -18.68 -14.05 -1.95
C GLY F 240 -19.14 -13.70 -3.34
N ALA F 241 -18.93 -12.44 -3.72
CA ALA F 241 -19.31 -12.02 -5.06
C ALA F 241 -18.48 -12.75 -6.10
N THR F 242 -17.24 -13.07 -5.79
CA THR F 242 -16.41 -13.76 -6.77
C THR F 242 -16.92 -15.16 -7.01
N ARG F 243 -17.29 -15.87 -5.94
CA ARG F 243 -17.87 -17.20 -6.11
C ARG F 243 -19.14 -17.12 -6.93
N ASP F 244 -19.98 -16.13 -6.62
CA ASP F 244 -21.23 -15.98 -7.36
C ASP F 244 -20.95 -15.69 -8.83
N PHE F 245 -19.98 -14.83 -9.10
CA PHE F 245 -19.63 -14.49 -10.47
C PHE F 245 -19.10 -15.70 -11.22
N VAL F 246 -18.28 -16.49 -10.54
CA VAL F 246 -17.73 -17.70 -11.15
C VAL F 246 -18.85 -18.66 -11.50
N ALA F 247 -19.78 -18.87 -10.57
CA ALA F 247 -20.91 -19.76 -10.85
C ALA F 247 -21.74 -19.22 -12.01
N GLU F 248 -21.96 -17.91 -12.02
CA GLU F 248 -22.80 -17.30 -13.04
C GLU F 248 -22.18 -17.44 -14.43
N VAL F 249 -20.89 -17.15 -14.55
CA VAL F 249 -20.24 -17.28 -15.85
C VAL F 249 -20.13 -18.74 -16.24
N ALA F 250 -20.05 -19.64 -15.26
CA ALA F 250 -20.07 -21.05 -15.58
C ALA F 250 -21.40 -21.43 -16.21
N ALA F 251 -22.50 -20.97 -15.62
CA ALA F 251 -23.82 -21.28 -16.15
C ALA F 251 -24.01 -20.68 -17.53
N LEU F 252 -23.59 -19.41 -17.70
CA LEU F 252 -23.77 -18.75 -18.99
C LEU F 252 -22.97 -19.43 -20.08
N ALA F 253 -21.89 -20.11 -19.72
CA ALA F 253 -21.06 -20.78 -20.70
C ALA F 253 -21.13 -22.29 -20.61
N GLY F 254 -21.83 -22.84 -19.62
CA GLY F 254 -21.96 -24.29 -19.50
C GLY F 254 -20.65 -25.00 -19.25
N VAL F 255 -19.87 -24.51 -18.30
CA VAL F 255 -18.59 -25.10 -17.99
C VAL F 255 -18.51 -25.33 -16.48
N ALA F 256 -17.48 -26.02 -16.04
CA ALA F 256 -17.34 -26.32 -14.62
C ALA F 256 -16.93 -25.08 -13.84
N PRO F 257 -17.42 -24.87 -12.65
CA PRO F 257 -17.03 -23.76 -11.91
C PRO F 257 -15.85 -23.99 -11.00
N VAL F 258 -14.69 -24.22 -11.64
CA VAL F 258 -13.44 -24.40 -10.89
C VAL F 258 -12.88 -23.03 -10.52
N ALA F 259 -12.42 -22.90 -9.28
CA ALA F 259 -11.92 -21.59 -8.81
C ALA F 259 -10.53 -21.79 -8.20
N ASP F 260 -9.57 -20.99 -8.65
CA ASP F 260 -8.21 -21.07 -8.14
C ASP F 260 -8.10 -20.22 -6.87
N ASP F 261 -8.68 -20.74 -5.78
CA ASP F 261 -8.64 -20.05 -4.51
C ASP F 261 -7.34 -20.28 -3.74
N SER F 262 -6.33 -20.88 -4.38
CA SER F 262 -5.06 -21.06 -3.70
C SER F 262 -4.44 -19.72 -3.35
N ARG F 263 -4.75 -18.67 -4.11
CA ARG F 263 -4.31 -17.33 -3.80
C ARG F 263 -5.15 -16.66 -2.74
N LEU F 264 -6.25 -17.27 -2.33
CA LEU F 264 -7.18 -16.62 -1.42
C LEU F 264 -6.56 -16.56 -0.03
N ARG F 265 -6.13 -15.37 0.36
CA ARG F 265 -5.61 -15.16 1.69
C ARG F 265 -6.59 -14.42 2.58
N GLN F 266 -7.47 -13.62 2.00
CA GLN F 266 -8.33 -12.72 2.74
C GLN F 266 -9.27 -13.47 3.67
N PRO F 267 -9.95 -14.54 3.25
CA PRO F 267 -10.80 -15.27 4.19
C PRO F 267 -10.08 -15.75 5.42
N TRP F 268 -8.95 -16.43 5.24
CA TRP F 268 -8.22 -16.95 6.39
C TRP F 268 -7.71 -15.82 7.26
N TRP F 269 -7.16 -14.77 6.65
CA TRP F 269 -6.57 -13.69 7.42
C TRP F 269 -7.60 -12.92 8.22
N SER F 270 -8.77 -12.66 7.62
CA SER F 270 -9.83 -12.00 8.35
C SER F 270 -10.31 -12.87 9.50
N ALA F 271 -10.38 -14.17 9.28
CA ALA F 271 -10.75 -15.11 10.34
C ALA F 271 -9.56 -15.48 11.21
N SER F 272 -8.87 -14.49 11.76
CA SER F 272 -7.67 -14.71 12.56
C SER F 272 -7.78 -13.97 13.88
N VAL F 273 -7.19 -14.52 14.93
CA VAL F 273 -7.24 -13.88 16.24
C VAL F 273 -6.46 -12.57 16.23
N ASP F 274 -5.60 -12.40 15.23
CA ASP F 274 -4.86 -11.14 15.10
C ASP F 274 -5.81 -9.98 14.84
N SER F 275 -6.90 -10.23 14.11
CA SER F 275 -7.75 -9.16 13.60
C SER F 275 -9.22 -9.47 13.93
N THR F 276 -9.49 -9.82 15.19
CA THR F 276 -10.86 -9.88 15.66
C THR F 276 -11.35 -8.57 16.24
N TYR F 277 -10.48 -7.57 16.35
CA TYR F 277 -10.94 -6.27 16.83
C TYR F 277 -11.83 -5.58 15.80
N LEU F 278 -11.89 -6.13 14.58
CA LEU F 278 -12.69 -5.51 13.52
C LEU F 278 -14.18 -5.55 13.82
N THR F 279 -14.64 -6.65 14.44
CA THR F 279 -16.06 -6.82 14.69
C THR F 279 -16.63 -5.62 15.43
N GLY F 280 -17.67 -5.02 14.86
CA GLY F 280 -18.30 -3.87 15.47
C GLY F 280 -17.60 -2.55 15.20
N LYS F 281 -17.22 -2.33 13.95
CA LYS F 281 -16.63 -1.08 13.52
C LYS F 281 -17.53 -0.47 12.47
N ARG F 282 -18.12 0.68 12.77
CA ARG F 282 -18.97 1.35 11.81
C ARG F 282 -18.13 1.87 10.66
N VAL F 283 -18.55 1.55 9.44
CA VAL F 283 -17.82 1.99 8.26
C VAL F 283 -18.73 2.81 7.36
N PHE F 284 -18.31 4.01 7.00
CA PHE F 284 -19.07 4.77 6.02
C PHE F 284 -18.58 4.43 4.62
N LEU F 285 -19.51 4.28 3.69
CA LEU F 285 -19.23 3.71 2.39
C LEU F 285 -19.74 4.66 1.32
N PHE F 286 -18.85 5.36 0.64
CA PHE F 286 -19.23 6.26 -0.42
C PHE F 286 -18.48 5.92 -1.71
N GLY F 287 -18.92 6.50 -2.79
CA GLY F 287 -18.27 6.32 -4.06
C GLY F 287 -19.25 5.86 -5.10
N ASP F 288 -18.73 5.49 -6.27
CA ASP F 288 -19.60 5.05 -7.35
C ASP F 288 -20.35 3.78 -6.96
N ALA F 289 -21.55 3.64 -7.51
CA ALA F 289 -22.54 2.73 -6.91
C ALA F 289 -22.08 1.28 -6.92
N THR F 290 -21.49 0.83 -8.02
CA THR F 290 -21.05 -0.56 -8.11
C THR F 290 -20.04 -0.91 -7.03
N HIS F 291 -18.99 -0.10 -6.94
CA HIS F 291 -17.95 -0.36 -5.96
C HIS F 291 -18.52 -0.29 -4.56
N VAL F 292 -19.48 0.60 -4.33
CA VAL F 292 -20.04 0.74 -2.99
C VAL F 292 -20.88 -0.48 -2.62
N ILE F 293 -21.69 -0.98 -3.55
CA ILE F 293 -22.49 -2.16 -3.24
C ILE F 293 -21.59 -3.35 -2.97
N ALA F 294 -20.58 -3.53 -3.81
CA ALA F 294 -19.66 -4.64 -3.61
C ALA F 294 -18.92 -4.51 -2.29
N ALA F 295 -18.46 -3.30 -1.98
CA ALA F 295 -17.81 -3.07 -0.70
C ALA F 295 -18.77 -3.30 0.45
N ALA F 296 -20.06 -3.08 0.22
CA ALA F 296 -21.04 -3.37 1.26
C ALA F 296 -21.04 -4.85 1.57
N ARG F 297 -21.12 -5.67 0.52
CA ARG F 297 -21.10 -7.11 0.74
C ARG F 297 -19.83 -7.52 1.47
N VAL F 298 -18.68 -7.02 1.01
CA VAL F 298 -17.42 -7.42 1.63
C VAL F 298 -17.38 -7.00 3.09
N ALA F 299 -17.69 -5.74 3.37
CA ALA F 299 -17.58 -5.23 4.74
C ALA F 299 -18.53 -5.96 5.67
N ARG F 300 -19.75 -6.23 5.21
CA ARG F 300 -20.70 -6.88 6.11
C ARG F 300 -20.37 -8.36 6.29
N ASP F 301 -19.89 -9.05 5.26
CA ASP F 301 -19.73 -10.48 5.37
C ASP F 301 -18.30 -10.88 5.68
N GLU F 302 -17.37 -10.50 4.81
CA GLU F 302 -16.02 -11.07 4.87
C GLU F 302 -15.24 -10.51 6.06
N MET F 303 -15.54 -9.29 6.49
CA MET F 303 -14.78 -8.61 7.52
C MET F 303 -15.56 -8.44 8.81
N GLY F 304 -16.88 -8.53 8.74
CA GLY F 304 -17.70 -8.35 9.91
C GLY F 304 -17.88 -6.91 10.33
N PHE F 305 -17.50 -5.99 9.45
CA PHE F 305 -17.74 -4.58 9.68
C PHE F 305 -19.24 -4.34 9.73
N GLU F 306 -19.71 -3.56 10.69
CA GLU F 306 -21.10 -3.12 10.68
C GLU F 306 -21.18 -1.83 9.86
N VAL F 307 -21.85 -1.88 8.71
CA VAL F 307 -21.88 -0.73 7.82
C VAL F 307 -22.95 0.23 8.32
N VAL F 308 -22.62 1.52 8.35
CA VAL F 308 -23.46 2.53 8.97
C VAL F 308 -24.12 3.42 7.93
N GLY F 309 -23.48 3.65 6.80
CA GLY F 309 -24.06 4.52 5.80
C GLY F 309 -23.50 4.21 4.44
N MET F 310 -24.37 4.04 3.44
CA MET F 310 -23.94 3.75 2.08
C MET F 310 -24.46 4.84 1.18
N GLY F 311 -23.57 5.61 0.59
CA GLY F 311 -23.99 6.62 -0.35
C GLY F 311 -23.28 6.46 -1.68
N CYS F 312 -23.77 7.14 -2.71
CA CYS F 312 -23.09 7.11 -3.99
C CYS F 312 -23.19 8.48 -4.61
N TYR F 313 -22.38 8.74 -5.61
CA TYR F 313 -22.41 10.03 -6.26
C TYR F 313 -23.04 10.00 -7.64
N ASN F 314 -23.34 8.82 -8.20
CA ASN F 314 -23.98 8.75 -9.50
C ASN F 314 -25.45 8.43 -9.27
N ARG F 315 -26.32 9.34 -9.67
CA ARG F 315 -27.76 9.10 -9.53
C ARG F 315 -28.22 8.03 -10.50
N GLU F 316 -27.46 7.78 -11.57
CA GLU F 316 -27.88 6.83 -12.59
C GLU F 316 -28.11 5.44 -12.04
N PHE F 317 -27.40 5.08 -10.96
CA PHE F 317 -27.49 3.77 -10.34
C PHE F 317 -28.07 3.84 -8.95
N ALA F 318 -28.92 4.82 -8.68
CA ALA F 318 -29.42 5.00 -7.32
C ALA F 318 -30.27 3.81 -6.89
N ARG F 319 -31.16 3.35 -7.76
CA ARG F 319 -32.13 2.33 -7.38
C ARG F 319 -31.46 1.07 -6.83
N PRO F 320 -30.44 0.52 -7.49
CA PRO F 320 -29.76 -0.64 -6.89
C PRO F 320 -29.20 -0.31 -5.53
N MET F 321 -28.72 0.92 -5.36
CA MET F 321 -28.10 1.29 -4.10
C MET F 321 -29.14 1.42 -2.99
N ARG F 322 -30.30 1.99 -3.29
CA ARG F 322 -31.33 2.03 -2.27
C ARG F 322 -31.83 0.64 -1.94
N ALA F 323 -31.90 -0.24 -2.95
CA ALA F 323 -32.24 -1.63 -2.69
C ALA F 323 -31.25 -2.25 -1.71
N ALA F 324 -29.96 -2.08 -1.98
CA ALA F 324 -28.94 -2.66 -1.11
C ALA F 324 -29.01 -2.06 0.28
N ALA F 325 -29.15 -0.75 0.38
CA ALA F 325 -29.16 -0.09 1.68
C ALA F 325 -30.33 -0.57 2.51
N LYS F 326 -31.51 -0.68 1.90
CA LYS F 326 -32.64 -1.27 2.62
C LYS F 326 -32.32 -2.71 3.02
N GLY F 327 -31.48 -3.36 2.22
CA GLY F 327 -31.00 -4.68 2.63
C GLY F 327 -30.20 -4.63 3.91
N TYR F 328 -29.29 -3.67 4.03
CA TYR F 328 -28.37 -3.61 5.16
C TYR F 328 -28.93 -2.87 6.35
N GLY F 329 -30.21 -2.51 6.33
CA GLY F 329 -30.81 -1.79 7.43
C GLY F 329 -30.59 -0.30 7.41
N LEU F 330 -29.96 0.23 6.38
CA LEU F 330 -29.73 1.66 6.25
C LEU F 330 -30.57 2.22 5.12
N GLU F 331 -30.38 3.51 4.90
CA GLU F 331 -31.00 4.22 3.78
C GLU F 331 -29.89 4.81 2.94
N ALA F 332 -30.02 4.66 1.63
CA ALA F 332 -28.98 5.13 0.73
C ALA F 332 -28.86 6.63 0.81
N LEU F 333 -27.68 7.13 0.49
CA LEU F 333 -27.40 8.56 0.55
C LEU F 333 -26.94 9.08 -0.80
N VAL F 334 -27.68 8.77 -1.86
CA VAL F 334 -27.30 9.21 -3.19
C VAL F 334 -27.30 10.73 -3.25
N THR F 335 -26.12 11.31 -3.48
CA THR F 335 -25.96 12.76 -3.53
C THR F 335 -25.00 13.13 -4.65
N ASP F 336 -24.66 14.41 -4.71
CA ASP F 336 -23.66 14.89 -5.66
C ASP F 336 -22.69 15.87 -5.04
N ASP F 337 -23.02 16.45 -3.89
CA ASP F 337 -22.22 17.48 -3.28
C ASP F 337 -21.43 16.88 -2.12
N TYR F 338 -20.30 17.49 -1.80
CA TYR F 338 -19.49 16.94 -0.73
C TYR F 338 -20.06 17.35 0.63
N LEU F 339 -20.88 18.40 0.65
CA LEU F 339 -21.39 18.89 1.93
C LEU F 339 -22.24 17.84 2.63
N GLU F 340 -23.13 17.20 1.90
CA GLU F 340 -24.02 16.24 2.53
C GLU F 340 -23.23 15.04 3.02
N VAL F 341 -22.19 14.67 2.29
CA VAL F 341 -21.30 13.61 2.73
C VAL F 341 -20.62 14.01 4.03
N GLU F 342 -20.11 15.24 4.09
CA GLU F 342 -19.43 15.70 5.29
C GLU F 342 -20.38 15.64 6.47
N GLU F 343 -21.63 16.07 6.26
CA GLU F 343 -22.60 16.04 7.33
C GLU F 343 -22.90 14.62 7.77
N ALA F 344 -23.07 13.72 6.80
CA ALA F 344 -23.41 12.34 7.15
C ALA F 344 -22.29 11.70 7.96
N ILE F 345 -21.04 11.94 7.56
CA ILE F 345 -19.91 11.41 8.32
C ILE F 345 -19.86 12.05 9.70
N GLN F 346 -20.06 13.36 9.77
CA GLN F 346 -20.03 14.06 11.05
C GLN F 346 -21.07 13.51 12.03
N ALA F 347 -22.29 13.32 11.55
CA ALA F 347 -23.35 12.83 12.42
C ALA F 347 -23.10 11.37 12.80
N LEU F 348 -22.82 10.52 11.81
CA LEU F 348 -22.66 9.11 12.12
C LEU F 348 -21.36 8.79 12.82
N ALA F 349 -20.34 9.64 12.68
CA ALA F 349 -19.05 9.47 13.33
C ALA F 349 -18.53 8.05 13.15
N PRO F 350 -18.15 7.66 11.96
CA PRO F 350 -17.72 6.27 11.74
C PRO F 350 -16.36 6.01 12.34
N GLU F 351 -15.80 4.83 12.02
CA GLU F 351 -14.41 4.56 12.32
C GLU F 351 -13.64 4.10 11.10
N LEU F 352 -14.28 4.02 9.93
CA LEU F 352 -13.54 3.69 8.71
C LEU F 352 -14.34 4.23 7.52
N ILE F 353 -13.91 5.36 6.99
CA ILE F 353 -14.60 5.99 5.87
C ILE F 353 -14.02 5.50 4.56
N LEU F 354 -14.54 4.40 4.05
CA LEU F 354 -14.15 3.96 2.72
C LEU F 354 -14.89 4.80 1.70
N GLY F 355 -14.17 5.66 0.99
CA GLY F 355 -14.84 6.57 0.05
C GLY F 355 -13.93 7.11 -1.04
N THR F 356 -14.43 8.05 -1.83
CA THR F 356 -13.63 8.64 -2.95
C THR F 356 -12.59 9.61 -2.41
N GLN F 357 -11.75 10.17 -3.29
CA GLN F 357 -10.71 11.12 -2.87
C GLN F 357 -11.24 12.06 -1.80
N MET F 358 -12.45 12.58 -1.95
CA MET F 358 -12.93 13.59 -1.03
C MET F 358 -13.21 12.98 0.33
N GLU F 359 -13.76 11.77 0.34
CA GLU F 359 -14.00 11.10 1.61
C GLU F 359 -12.69 10.81 2.31
N ARG F 360 -11.64 10.48 1.56
CA ARG F 360 -10.33 10.33 2.18
C ARG F 360 -9.95 11.61 2.92
N HIS F 361 -10.12 12.75 2.28
CA HIS F 361 -9.72 13.99 2.94
C HIS F 361 -10.65 14.38 4.08
N ILE F 362 -11.93 14.09 3.94
CA ILE F 362 -12.90 14.36 5.00
C ILE F 362 -12.46 13.57 6.20
N ALA F 363 -12.04 12.33 5.96
CA ALA F 363 -11.54 11.50 7.04
C ALA F 363 -10.33 12.14 7.69
N LYS F 364 -9.37 12.59 6.89
CA LYS F 364 -8.13 13.08 7.48
C LYS F 364 -8.38 14.36 8.28
N ARG F 365 -9.27 15.22 7.80
CA ARG F 365 -9.64 16.38 8.60
C ARG F 365 -10.32 15.95 9.89
N LEU F 366 -11.16 14.94 9.83
CA LEU F 366 -11.84 14.47 11.03
C LEU F 366 -11.01 13.51 11.85
N GLY F 367 -9.86 13.08 11.36
CA GLY F 367 -9.04 12.15 12.10
C GLY F 367 -9.56 10.74 12.13
N ILE F 368 -10.32 10.33 11.12
CA ILE F 368 -10.89 8.99 11.03
C ILE F 368 -10.08 8.21 9.98
N PRO F 369 -9.84 6.93 10.18
CA PRO F 369 -9.11 6.16 9.16
C PRO F 369 -9.80 6.20 7.82
N CYS F 370 -9.03 6.33 6.76
CA CYS F 370 -9.55 6.55 5.43
C CYS F 370 -9.07 5.47 4.48
N ALA F 371 -9.82 5.27 3.40
CA ALA F 371 -9.40 4.41 2.32
C ALA F 371 -10.14 4.82 1.07
N VAL F 372 -9.65 4.37 -0.08
CA VAL F 372 -10.22 4.73 -1.37
C VAL F 372 -10.84 3.50 -2.00
N ILE F 373 -12.12 3.58 -2.33
CA ILE F 373 -12.85 2.44 -2.85
C ILE F 373 -13.69 2.85 -4.05
N SER F 374 -13.28 3.90 -4.76
CA SER F 374 -14.15 4.40 -5.83
C SER F 374 -13.33 5.03 -6.93
N ALA F 375 -14.03 5.78 -7.79
CA ALA F 375 -13.40 6.32 -8.99
C ALA F 375 -12.70 7.66 -8.78
N PRO F 376 -13.30 8.68 -8.14
CA PRO F 376 -12.62 9.98 -8.11
C PRO F 376 -11.36 9.93 -7.26
N VAL F 377 -10.19 9.87 -7.89
CA VAL F 377 -8.93 9.76 -7.18
C VAL F 377 -7.85 10.49 -7.97
N HIS F 378 -6.83 10.96 -7.26
CA HIS F 378 -5.71 11.60 -7.90
C HIS F 378 -4.69 10.54 -8.32
N VAL F 379 -3.51 11.00 -8.74
CA VAL F 379 -2.51 10.13 -9.33
C VAL F 379 -1.99 9.09 -8.34
N GLN F 380 -2.01 9.43 -7.06
CA GLN F 380 -1.47 8.52 -6.05
C GLN F 380 -2.21 7.20 -6.04
N ASP F 381 -3.53 7.24 -6.14
CA ASP F 381 -4.34 6.05 -6.05
C ASP F 381 -4.31 5.21 -7.30
N PHE F 382 -3.61 5.66 -8.35
CA PHE F 382 -3.35 4.84 -9.51
C PHE F 382 -1.96 4.25 -9.34
N PRO F 383 -1.82 3.07 -8.78
CA PRO F 383 -0.49 2.60 -8.42
C PRO F 383 0.17 1.92 -9.59
N ALA F 384 1.46 1.64 -9.46
CA ALA F 384 2.17 0.87 -10.45
C ALA F 384 2.09 -0.62 -10.19
N ARG F 385 1.92 -0.99 -8.93
CA ARG F 385 1.88 -2.38 -8.49
C ARG F 385 0.60 -3.06 -8.97
N TYR F 386 0.63 -4.39 -8.98
CA TYR F 386 -0.55 -5.17 -9.32
C TYR F 386 -1.61 -5.02 -8.25
N SER F 387 -2.60 -4.16 -8.49
CA SER F 387 -3.63 -3.87 -7.50
C SER F 387 -5.01 -3.98 -8.12
N PRO F 388 -5.48 -5.19 -8.40
CA PRO F 388 -6.84 -5.36 -8.88
C PRO F 388 -7.82 -5.22 -7.73
N GLN F 389 -9.09 -5.16 -8.08
CA GLN F 389 -10.15 -5.18 -7.07
C GLN F 389 -11.04 -6.40 -7.16
N MET F 390 -11.48 -6.80 -8.34
CA MET F 390 -12.23 -8.04 -8.42
C MET F 390 -11.30 -9.23 -8.53
N GLY F 391 -11.88 -10.41 -8.39
CA GLY F 391 -11.11 -11.63 -8.33
C GLY F 391 -10.60 -11.91 -6.93
N PHE F 392 -10.00 -13.09 -6.78
CA PHE F 392 -9.45 -13.50 -5.48
C PHE F 392 -8.29 -12.61 -5.06
N GLU F 393 -7.38 -12.30 -5.98
CA GLU F 393 -6.32 -11.38 -5.63
C GLU F 393 -6.89 -10.01 -5.32
N GLY F 394 -8.00 -9.66 -5.98
CA GLY F 394 -8.72 -8.47 -5.58
C GLY F 394 -9.21 -8.54 -4.15
N ALA F 395 -9.64 -9.72 -3.72
CA ALA F 395 -10.07 -9.87 -2.34
C ALA F 395 -8.90 -9.63 -1.40
N ASN F 396 -7.73 -10.18 -1.74
CA ASN F 396 -6.56 -9.94 -0.90
C ASN F 396 -6.25 -8.45 -0.82
N VAL F 397 -6.24 -7.78 -1.97
CA VAL F 397 -5.99 -6.34 -1.99
C VAL F 397 -6.97 -5.64 -1.07
N LEU F 398 -8.26 -5.77 -1.36
CA LEU F 398 -9.31 -5.23 -0.52
C LEU F 398 -9.00 -5.41 0.95
N PHE F 399 -8.63 -6.63 1.35
CA PHE F 399 -8.34 -6.87 2.76
C PHE F 399 -7.26 -5.95 3.28
N ASP F 400 -6.11 -5.94 2.60
CA ASP F 400 -4.98 -5.19 3.13
C ASP F 400 -5.22 -3.70 3.06
N THR F 401 -5.73 -3.20 1.93
CA THR F 401 -5.95 -1.78 1.77
C THR F 401 -7.00 -1.26 2.75
N TRP F 402 -7.96 -2.08 3.11
CA TRP F 402 -8.97 -1.62 4.05
C TRP F 402 -8.45 -1.70 5.47
N ILE F 403 -7.61 -2.69 5.77
CA ILE F 403 -7.13 -2.87 7.13
C ILE F 403 -6.00 -1.93 7.48
N HIS F 404 -5.20 -1.52 6.51
CA HIS F 404 -3.99 -0.75 6.73
C HIS F 404 -4.25 0.58 7.46
N PRO F 405 -5.28 1.36 7.13
CA PRO F 405 -5.54 2.57 7.93
C PRO F 405 -5.88 2.28 9.39
N LEU F 406 -6.65 1.23 9.65
CA LEU F 406 -6.99 0.90 11.04
C LEU F 406 -5.74 0.51 11.81
N THR F 407 -4.84 -0.25 11.19
CA THR F 407 -3.60 -0.59 11.87
C THR F 407 -2.74 0.64 12.08
N MET F 408 -2.72 1.55 11.10
CA MET F 408 -2.01 2.81 11.28
C MET F 408 -2.53 3.53 12.51
N GLY F 409 -3.84 3.59 12.65
CA GLY F 409 -4.44 4.19 13.83
C GLY F 409 -4.07 3.48 15.11
N LEU F 410 -4.17 2.14 15.10
CA LEU F 410 -3.93 1.37 16.31
C LEU F 410 -2.51 1.55 16.83
N GLU F 411 -1.53 1.32 15.97
CA GLU F 411 -0.16 1.50 16.40
C GLU F 411 0.16 2.96 16.68
N GLU F 412 -0.54 3.88 16.00
CA GLU F 412 -0.43 5.28 16.39
C GLU F 412 -1.02 5.49 17.77
N HIS F 413 -2.25 5.03 17.97
CA HIS F 413 -2.91 5.19 19.26
C HIS F 413 -2.13 4.49 20.36
N LEU F 414 -1.51 3.35 20.04
CA LEU F 414 -0.66 2.70 21.03
C LEU F 414 0.49 3.63 21.44
N LEU F 415 1.25 4.10 20.45
CA LEU F 415 2.40 4.94 20.78
C LEU F 415 1.99 6.14 21.61
N THR F 416 0.76 6.62 21.41
CA THR F 416 0.21 7.62 22.32
C THR F 416 -0.07 7.03 23.70
N MET F 417 -0.76 5.89 23.74
CA MET F 417 -1.11 5.27 25.01
C MET F 417 0.12 4.97 25.86
N PHE F 418 1.25 4.77 25.21
CA PHE F 418 2.46 4.29 25.84
C PHE F 418 3.06 5.38 26.72
N ARG F 419 3.91 4.98 27.66
CA ARG F 419 4.37 5.87 28.72
C ARG F 419 5.07 7.11 28.16
N GLU F 420 5.59 7.01 26.94
CA GLU F 420 6.24 8.17 26.34
C GLU F 420 5.29 9.36 26.21
N ASP F 421 3.99 9.08 26.06
CA ASP F 421 2.99 10.13 25.91
C ASP F 421 1.95 10.08 27.03
N PHE F 422 2.27 9.43 28.15
CA PHE F 422 1.31 9.23 29.22
C PHE F 422 1.89 9.44 30.61
N GLU F 423 2.99 10.18 30.74
CA GLU F 423 3.57 10.48 32.06
C GLU F 423 2.98 11.78 32.63
N PHE F 424 1.66 11.85 32.59
CA PHE F 424 0.95 13.05 33.02
C PHE F 424 -0.06 12.81 34.12
N HIS F 425 -0.43 11.57 34.42
CA HIS F 425 -1.41 11.26 35.44
C HIS F 425 -0.76 10.37 36.49
N ASP F 426 -1.12 10.59 37.75
CA ASP F 426 -0.59 9.75 38.82
C ASP F 426 -1.56 9.77 39.99
N GLU F 427 -1.54 8.69 40.76
CA GLU F 427 -2.39 8.53 41.93
C GLU F 427 -1.57 7.93 43.06
N ALA F 428 -1.79 8.45 44.27
CA ALA F 428 -1.03 8.01 45.45
C ALA F 428 -2.04 7.56 46.51
N GLY F 429 -2.38 6.27 46.45
CA GLY F 429 -3.35 5.71 47.36
C GLY F 429 -4.67 6.44 47.24
N PRO F 430 -5.14 7.02 48.35
CA PRO F 430 -6.33 7.87 48.33
C PRO F 430 -6.00 9.31 47.91
N SER F 431 -5.24 9.45 46.83
CA SER F 431 -4.77 10.75 46.34
C SER F 431 -3.99 11.51 47.40
N GLY G 62 67.57 -25.71 17.00
CA GLY G 62 67.72 -26.84 16.10
C GLY G 62 69.15 -27.33 16.01
N ILE G 63 70.08 -26.39 15.78
CA ILE G 63 71.49 -26.74 15.73
C ILE G 63 71.90 -27.35 17.06
N GLY G 64 72.83 -28.29 17.02
CA GLY G 64 73.29 -28.91 18.24
C GLY G 64 73.90 -27.92 19.21
N LYS G 65 74.48 -26.84 18.70
CA LYS G 65 75.13 -25.79 19.48
C LYS G 65 76.32 -26.35 20.27
N SER G 66 76.63 -27.62 20.04
CA SER G 66 77.83 -28.21 20.63
C SER G 66 79.08 -27.49 20.13
N THR G 67 79.13 -27.19 18.83
CA THR G 67 80.26 -26.51 18.23
C THR G 67 80.34 -25.04 18.63
N THR G 68 79.37 -24.53 19.37
CA THR G 68 79.31 -23.11 19.72
C THR G 68 79.42 -22.91 21.23
N SER G 69 78.57 -23.57 22.01
CA SER G 69 78.51 -23.30 23.45
C SER G 69 79.87 -23.39 24.10
N SER G 70 80.71 -24.29 23.58
CA SER G 70 82.09 -24.36 24.03
C SER G 70 82.94 -23.28 23.36
N ASN G 71 82.98 -23.28 22.03
CA ASN G 71 83.97 -22.46 21.31
C ASN G 71 83.39 -21.08 20.99
N LEU G 72 82.73 -20.51 21.99
CA LEU G 72 82.67 -19.04 22.09
C LEU G 72 83.41 -18.49 23.29
N SER G 73 83.04 -18.91 24.51
CA SER G 73 83.47 -18.17 25.69
C SER G 73 84.25 -19.03 26.67
N ALA G 74 84.91 -20.09 26.19
CA ALA G 74 85.86 -20.79 27.05
C ALA G 74 87.02 -19.87 27.39
N ALA G 75 87.47 -19.07 26.42
CA ALA G 75 88.50 -18.08 26.70
C ALA G 75 88.01 -17.00 27.66
N PHE G 76 86.70 -16.71 27.69
CA PHE G 76 86.17 -15.82 28.70
C PHE G 76 86.21 -16.47 30.08
N SER G 77 85.74 -17.72 30.18
CA SER G 77 85.81 -18.44 31.45
C SER G 77 87.24 -18.49 31.97
N ILE G 78 88.21 -18.63 31.08
CA ILE G 78 89.62 -18.48 31.42
C ILE G 78 89.92 -17.05 31.88
N LEU G 79 89.38 -16.06 31.17
CA LEU G 79 89.71 -14.67 31.44
C LEU G 79 89.09 -14.20 32.75
N GLY G 80 87.77 -14.25 32.86
CA GLY G 80 87.06 -13.79 34.03
C GLY G 80 86.73 -14.93 34.97
N LYS G 81 85.71 -14.72 35.79
CA LYS G 81 85.20 -15.80 36.63
C LYS G 81 84.69 -16.93 35.76
N ARG G 82 84.87 -18.16 36.23
CA ARG G 82 84.48 -19.32 35.46
C ARG G 82 82.99 -19.26 35.12
N VAL G 83 82.67 -19.47 33.84
CA VAL G 83 81.29 -19.41 33.40
C VAL G 83 80.51 -20.59 33.96
N LEU G 84 79.21 -20.39 34.17
CA LEU G 84 78.34 -21.49 34.54
C LEU G 84 77.66 -22.12 33.34
N GLN G 85 77.54 -21.38 32.23
CA GLN G 85 77.18 -21.93 30.92
C GLN G 85 75.89 -22.73 30.97
N ILE G 86 74.83 -22.10 31.45
CA ILE G 86 73.51 -22.75 31.52
C ILE G 86 72.82 -22.47 30.19
N GLY G 87 73.14 -23.31 29.21
CA GLY G 87 72.55 -23.21 27.90
C GLY G 87 71.43 -24.21 27.73
N CYS G 88 70.27 -23.71 27.32
CA CYS G 88 69.10 -24.58 27.16
C CYS G 88 69.33 -25.57 26.03
N ASP G 89 69.43 -26.84 26.40
CA ASP G 89 69.63 -27.93 25.45
C ASP G 89 69.10 -29.22 26.06
N PRO G 90 67.78 -29.43 26.04
CA PRO G 90 67.22 -30.65 26.65
C PRO G 90 67.67 -31.94 25.98
N LYS G 91 68.46 -31.88 24.90
CA LYS G 91 69.08 -33.07 24.35
C LYS G 91 70.44 -33.36 24.97
N HIS G 92 70.89 -32.52 25.91
CA HIS G 92 72.22 -32.63 26.52
C HIS G 92 73.31 -32.65 25.45
N ASP G 93 73.31 -31.62 24.60
CA ASP G 93 74.14 -31.62 23.40
C ASP G 93 74.79 -30.27 23.10
N SER G 94 74.54 -29.23 23.90
CA SER G 94 75.18 -27.95 23.62
C SER G 94 76.33 -27.63 24.55
N THR G 95 76.10 -27.61 25.86
CA THR G 95 77.09 -27.16 26.83
C THR G 95 78.13 -28.23 27.16
N PHE G 96 77.76 -29.50 27.05
CA PHE G 96 78.57 -30.61 27.55
C PHE G 96 79.96 -30.66 26.95
N THR G 97 80.14 -30.09 25.76
CA THR G 97 81.44 -30.17 25.09
C THR G 97 82.53 -29.48 25.89
N LEU G 98 82.21 -28.40 26.58
CA LEU G 98 83.20 -27.77 27.46
C LEU G 98 83.49 -28.65 28.67
N THR G 99 82.49 -29.41 29.11
CA THR G 99 82.68 -30.37 30.20
C THR G 99 83.34 -31.63 29.64
N GLY G 100 83.64 -32.59 30.52
CA GLY G 100 84.32 -33.78 30.10
C GLY G 100 83.46 -34.76 29.32
N SER G 101 82.14 -34.66 29.45
CA SER G 101 81.23 -35.58 28.79
C SER G 101 79.87 -34.93 28.69
N LEU G 102 78.87 -35.73 28.28
CA LEU G 102 77.51 -35.24 28.21
C LEU G 102 76.94 -34.93 29.59
N VAL G 103 77.45 -35.58 30.63
CA VAL G 103 77.02 -35.46 32.03
C VAL G 103 75.50 -35.31 32.09
N PRO G 104 74.74 -36.36 31.77
CA PRO G 104 73.27 -36.24 31.77
C PRO G 104 72.66 -35.95 33.12
N THR G 105 73.45 -36.04 34.21
CA THR G 105 72.92 -35.82 35.54
C THR G 105 72.35 -34.41 35.69
N VAL G 106 73.15 -33.40 35.33
CA VAL G 106 72.81 -31.97 35.34
C VAL G 106 71.98 -31.58 36.56
N ILE G 107 72.17 -32.30 37.66
CA ILE G 107 71.34 -32.17 38.85
C ILE G 107 69.88 -32.15 38.43
N ASP G 108 69.50 -33.10 37.57
CA ASP G 108 68.09 -33.25 37.19
C ASP G 108 67.25 -33.75 38.34
N VAL G 109 67.86 -34.37 39.35
CA VAL G 109 67.13 -34.80 40.54
C VAL G 109 66.70 -33.58 41.32
N LEU G 110 65.43 -33.57 41.73
CA LEU G 110 64.85 -32.44 42.46
C LEU G 110 64.83 -32.82 43.94
N LYS G 111 65.96 -32.61 44.60
CA LYS G 111 66.15 -33.09 45.97
C LYS G 111 65.14 -32.49 46.93
N ASP G 112 64.98 -31.17 46.88
CA ASP G 112 63.87 -30.53 47.57
C ASP G 112 62.56 -31.05 47.00
N VAL G 113 61.58 -31.26 47.88
CA VAL G 113 60.34 -31.90 47.46
C VAL G 113 59.61 -31.00 46.47
N ASP G 114 59.61 -31.41 45.20
CA ASP G 114 59.05 -30.65 44.08
C ASP G 114 59.67 -29.26 43.94
N PHE G 115 60.76 -28.99 44.65
CA PHE G 115 61.48 -27.73 44.54
C PHE G 115 62.94 -27.99 44.16
N HIS G 116 63.56 -26.94 43.63
CA HIS G 116 64.94 -26.97 43.17
C HIS G 116 65.80 -27.41 44.36
N PRO G 117 66.70 -28.38 44.16
CA PRO G 117 67.39 -29.00 45.32
C PRO G 117 68.06 -28.03 46.27
N GLU G 118 67.86 -28.26 47.56
CA GLU G 118 68.39 -27.40 48.62
C GLU G 118 67.99 -25.94 48.40
N GLU G 119 66.75 -25.74 47.95
CA GLU G 119 66.29 -24.42 47.53
C GLU G 119 67.27 -23.82 46.54
N LEU G 120 68.02 -22.80 46.97
CA LEU G 120 69.13 -22.27 46.19
C LEU G 120 70.30 -23.24 46.37
N ARG G 121 70.65 -23.94 45.29
CA ARG G 121 71.71 -24.94 45.35
C ARG G 121 73.06 -24.27 45.55
N PRO G 122 73.76 -24.54 46.66
CA PRO G 122 75.02 -23.83 46.98
C PRO G 122 76.20 -24.25 46.12
N GLU G 123 76.08 -24.01 44.81
CA GLU G 123 77.15 -24.28 43.85
C GLU G 123 77.65 -25.71 43.92
N ASP G 124 76.73 -26.66 44.07
CA ASP G 124 77.10 -28.06 44.28
C ASP G 124 77.18 -28.86 42.99
N PHE G 125 77.16 -28.19 41.83
CA PHE G 125 77.16 -28.89 40.56
C PHE G 125 78.43 -28.67 39.75
N VAL G 126 78.71 -27.41 39.41
CA VAL G 126 79.92 -26.91 38.75
C VAL G 126 80.83 -28.00 38.17
N PHE G 127 80.32 -28.78 37.22
CA PHE G 127 81.12 -29.80 36.57
C PHE G 127 82.37 -29.20 35.95
N GLU G 128 83.53 -29.67 36.39
CA GLU G 128 84.79 -29.09 35.97
C GLU G 128 85.08 -29.41 34.51
N GLY G 129 85.91 -28.59 33.89
CA GLY G 129 86.28 -28.79 32.51
C GLY G 129 87.74 -28.46 32.29
N PHE G 130 88.19 -28.66 31.05
CA PHE G 130 89.60 -28.47 30.72
C PHE G 130 90.03 -27.03 30.93
N ASN G 131 89.47 -26.11 30.16
CA ASN G 131 89.93 -24.71 30.16
C ASN G 131 89.12 -23.89 31.17
N GLY G 132 89.23 -24.30 32.42
CA GLY G 132 88.62 -23.58 33.52
C GLY G 132 87.11 -23.46 33.39
N VAL G 133 86.44 -24.57 33.10
CA VAL G 133 85.01 -24.53 32.85
C VAL G 133 84.25 -24.46 34.17
N MET G 134 84.34 -25.53 34.97
CA MET G 134 83.65 -25.64 36.25
C MET G 134 82.20 -25.19 36.16
N CYS G 135 81.49 -25.63 35.12
CA CYS G 135 80.16 -25.12 34.83
C CYS G 135 79.12 -26.21 35.07
N VAL G 136 77.86 -25.87 34.77
CA VAL G 136 76.74 -26.79 34.81
C VAL G 136 76.01 -26.72 33.48
N GLU G 137 75.19 -27.72 33.22
CA GLU G 137 74.38 -27.78 32.02
C GLU G 137 72.91 -27.94 32.42
N ALA G 138 72.00 -27.71 31.50
CA ALA G 138 70.58 -27.76 31.83
C ALA G 138 69.82 -28.26 30.60
N GLY G 139 68.50 -28.36 30.73
CA GLY G 139 67.65 -28.81 29.65
C GLY G 139 66.86 -30.05 29.99
N GLY G 140 65.54 -29.93 30.05
CA GLY G 140 64.67 -31.04 30.36
C GLY G 140 63.22 -30.69 30.12
N PRO G 141 62.49 -31.57 29.44
CA PRO G 141 61.03 -31.43 29.31
C PRO G 141 60.25 -32.27 30.31
N PRO G 142 60.40 -32.06 31.64
CA PRO G 142 59.68 -32.95 32.57
C PRO G 142 58.17 -32.73 32.54
N ALA G 143 57.76 -31.47 32.68
CA ALA G 143 56.33 -31.16 32.81
C ALA G 143 55.56 -31.56 31.56
N GLY G 144 56.03 -31.11 30.40
CA GLY G 144 55.39 -31.45 29.15
C GLY G 144 54.15 -30.62 28.81
N THR G 145 53.16 -30.63 29.70
CA THR G 145 51.88 -30.01 29.43
C THR G 145 51.77 -28.63 30.08
N GLY G 146 50.88 -27.81 29.54
CA GLY G 146 50.60 -26.51 30.11
C GLY G 146 50.73 -25.34 29.17
N CYS G 147 49.61 -24.64 28.91
CA CYS G 147 49.67 -23.51 28.00
C CYS G 147 49.95 -22.23 28.75
N GLY G 148 51.23 -21.83 28.78
CA GLY G 148 51.58 -20.59 29.43
C GLY G 148 51.56 -20.63 30.94
N GLY G 149 51.38 -21.80 31.53
CA GLY G 149 51.43 -21.87 32.98
C GLY G 149 52.20 -23.03 33.58
N TYR G 150 52.54 -24.04 32.79
CA TYR G 150 53.15 -25.19 33.45
C TYR G 150 54.43 -25.71 32.79
N VAL G 151 54.52 -25.73 31.47
CA VAL G 151 55.75 -26.26 30.87
C VAL G 151 56.59 -25.16 30.26
N VAL G 152 56.12 -24.56 29.18
CA VAL G 152 56.89 -23.47 28.58
C VAL G 152 56.38 -22.20 29.23
N GLY G 153 55.17 -22.28 29.79
CA GLY G 153 54.70 -21.26 30.71
C GLY G 153 55.41 -21.26 32.04
N GLN G 154 55.74 -22.42 32.59
CA GLN G 154 56.56 -22.52 33.81
C GLN G 154 57.68 -23.53 33.54
N THR G 155 58.72 -23.06 32.84
CA THR G 155 59.99 -23.76 32.73
C THR G 155 60.42 -24.34 34.07
N VAL G 156 60.88 -25.60 34.03
CA VAL G 156 61.27 -26.31 35.25
C VAL G 156 62.46 -25.63 35.91
N LYS G 157 63.26 -24.90 35.15
CA LYS G 157 64.30 -24.05 35.72
C LYS G 157 63.74 -22.87 36.48
N LEU G 158 62.48 -22.49 36.24
CA LEU G 158 61.84 -21.30 36.82
C LEU G 158 62.78 -20.11 36.58
N LEU G 159 63.04 -19.28 37.57
CA LEU G 159 64.02 -18.21 37.43
C LEU G 159 65.43 -18.79 37.45
N LYS G 160 66.35 -18.13 36.75
CA LYS G 160 67.74 -18.53 36.83
C LYS G 160 68.33 -18.27 38.20
N GLN G 161 67.63 -17.50 39.04
CA GLN G 161 68.11 -17.20 40.39
C GLN G 161 68.12 -18.42 41.29
N HIS G 162 67.42 -19.49 40.90
CA HIS G 162 67.52 -20.75 41.65
C HIS G 162 68.97 -21.22 41.69
N HIS G 163 69.63 -21.19 40.53
CA HIS G 163 71.07 -21.35 40.49
C HIS G 163 71.73 -20.07 40.98
N LEU G 164 72.85 -20.23 41.70
CA LEU G 164 73.48 -19.10 42.39
C LEU G 164 74.17 -18.19 41.36
N LEU G 165 73.37 -17.32 40.75
CA LEU G 165 73.93 -16.26 39.92
C LEU G 165 74.74 -15.28 40.77
N ASP G 166 74.36 -15.16 42.04
CA ASP G 166 75.11 -14.31 42.98
C ASP G 166 76.53 -14.81 43.13
N ASP G 167 76.74 -16.11 42.98
CA ASP G 167 78.04 -16.72 43.15
C ASP G 167 78.67 -17.17 41.84
N THR G 168 77.86 -17.30 40.78
CA THR G 168 78.31 -17.76 39.47
C THR G 168 77.90 -16.71 38.44
N ASP G 169 78.24 -15.45 38.73
CA ASP G 169 77.72 -14.28 38.02
C ASP G 169 77.59 -14.47 36.51
N VAL G 170 78.65 -14.94 35.86
CA VAL G 170 78.65 -15.09 34.41
C VAL G 170 77.91 -16.37 34.04
N VAL G 171 77.02 -16.25 33.06
CA VAL G 171 76.27 -17.38 32.53
C VAL G 171 76.19 -17.24 31.02
N ILE G 172 76.23 -18.38 30.32
CA ILE G 172 76.21 -18.42 28.86
C ILE G 172 74.89 -19.06 28.46
N PHE G 173 74.03 -18.28 27.82
CA PHE G 173 72.77 -18.80 27.29
C PHE G 173 72.92 -19.15 25.81
N ASP G 174 72.62 -20.39 25.47
CA ASP G 174 72.70 -20.88 24.10
C ASP G 174 71.44 -21.68 23.77
N VAL G 175 70.28 -21.07 24.01
CA VAL G 175 69.01 -21.73 23.74
C VAL G 175 68.92 -22.11 22.27
N LEU G 176 68.12 -23.13 21.98
CA LEU G 176 68.01 -23.65 20.61
C LEU G 176 67.46 -22.58 19.67
N GLY G 177 66.46 -21.83 20.11
CA GLY G 177 65.93 -20.74 19.34
C GLY G 177 64.73 -21.04 18.46
N ASP G 178 63.98 -22.10 18.76
CA ASP G 178 62.77 -22.40 18.00
C ASP G 178 61.53 -21.67 18.53
N VAL G 179 61.66 -20.34 18.74
CA VAL G 179 60.64 -19.48 19.33
C VAL G 179 59.82 -20.23 20.38
N VAL G 180 60.52 -20.87 21.33
CA VAL G 180 59.85 -21.60 22.39
C VAL G 180 59.09 -20.63 23.30
N CYS G 181 58.16 -21.18 24.07
CA CYS G 181 57.42 -20.50 25.13
C CYS G 181 56.88 -19.15 24.67
N GLY G 182 56.00 -19.24 23.67
CA GLY G 182 55.27 -18.05 23.23
C GLY G 182 54.44 -17.44 24.34
N GLY G 183 54.42 -18.06 25.51
CA GLY G 183 53.82 -17.50 26.70
C GLY G 183 54.89 -16.90 27.59
N PHE G 184 55.32 -17.66 28.59
CA PHE G 184 56.41 -17.24 29.47
C PHE G 184 57.56 -16.63 28.69
N ALA G 185 57.99 -15.44 29.12
CA ALA G 185 58.97 -14.69 28.35
C ALA G 185 60.13 -14.18 29.20
N ALA G 186 60.27 -14.69 30.43
CA ALA G 186 61.39 -14.34 31.29
C ALA G 186 62.69 -15.04 30.87
N PRO G 187 62.68 -16.35 30.57
CA PRO G 187 63.94 -17.00 30.19
C PRO G 187 64.43 -16.59 28.81
N LEU G 188 65.52 -17.21 28.37
CA LEU G 188 66.09 -16.97 27.04
C LEU G 188 66.49 -15.50 26.85
N GLN G 189 66.52 -14.73 27.94
CA GLN G 189 66.79 -13.31 27.83
C GLN G 189 67.65 -12.77 28.96
N HIS G 190 68.11 -13.61 29.88
CA HIS G 190 68.96 -13.15 30.97
C HIS G 190 70.41 -13.06 30.51
N ALA G 191 71.27 -12.62 31.44
CA ALA G 191 72.72 -12.52 31.21
C ALA G 191 73.06 -11.41 30.24
N ASP G 192 74.32 -11.04 30.17
CA ASP G 192 74.77 -10.01 29.25
C ASP G 192 75.92 -10.43 28.34
N GLN G 193 76.43 -11.65 28.48
CA GLN G 193 77.59 -12.09 27.70
C GLN G 193 77.19 -12.82 26.43
N ALA G 194 76.26 -13.77 26.54
CA ALA G 194 75.92 -14.64 25.44
C ALA G 194 74.44 -14.56 25.12
N VAL G 195 74.11 -14.75 23.85
CA VAL G 195 72.74 -14.71 23.38
C VAL G 195 72.47 -15.93 22.51
N VAL G 196 71.28 -16.00 21.92
CA VAL G 196 70.90 -17.12 21.07
C VAL G 196 71.87 -17.18 19.90
N VAL G 197 72.52 -18.33 19.72
CA VAL G 197 73.39 -18.52 18.58
C VAL G 197 72.59 -19.07 17.41
N THR G 198 72.84 -18.50 16.23
CA THR G 198 72.14 -18.89 15.03
C THR G 198 73.10 -19.65 14.11
N ALA G 199 72.63 -19.99 12.92
CA ALA G 199 73.44 -20.69 11.94
C ALA G 199 73.04 -20.19 10.55
N ASN G 200 73.42 -20.93 9.52
CA ASN G 200 73.14 -20.56 8.12
C ASN G 200 72.28 -21.63 7.47
N ASP G 201 70.98 -21.36 7.37
CA ASP G 201 69.99 -22.21 6.71
C ASP G 201 68.70 -21.40 6.63
N PHE G 202 67.95 -21.60 5.54
CA PHE G 202 66.78 -20.75 5.31
C PHE G 202 65.80 -20.82 6.47
N ASP G 203 65.52 -22.04 6.94
CA ASP G 203 64.72 -22.18 8.16
C ASP G 203 65.45 -21.56 9.34
N SER G 204 66.77 -21.72 9.41
CA SER G 204 67.53 -21.16 10.51
C SER G 204 67.48 -19.64 10.48
N ILE G 205 67.61 -19.04 9.29
CA ILE G 205 67.59 -17.59 9.22
C ILE G 205 66.20 -17.07 9.55
N TYR G 206 65.15 -17.77 9.11
CA TYR G 206 63.80 -17.36 9.48
C TYR G 206 63.60 -17.45 10.99
N ALA G 207 64.10 -18.52 11.60
CA ALA G 207 63.93 -18.70 13.03
C ALA G 207 64.67 -17.62 13.81
N MET G 208 65.88 -17.28 13.40
CA MET G 208 66.60 -16.26 14.17
C MET G 208 66.02 -14.88 13.86
N ASN G 209 65.35 -14.73 12.73
CA ASN G 209 64.55 -13.52 12.52
C ASN G 209 63.43 -13.46 13.55
N ARG G 210 62.81 -14.60 13.81
CA ARG G 210 61.84 -14.66 14.91
C ARG G 210 62.50 -14.30 16.24
N ILE G 211 63.73 -14.76 16.44
CA ILE G 211 64.47 -14.40 17.65
C ILE G 211 64.69 -12.90 17.74
N ILE G 212 65.01 -12.27 16.60
CA ILE G 212 65.10 -10.81 16.56
C ILE G 212 63.78 -10.20 17.01
N ALA G 213 62.71 -10.49 16.26
CA ALA G 213 61.39 -9.99 16.61
C ALA G 213 61.11 -10.14 18.10
N ALA G 214 61.53 -11.26 18.68
CA ALA G 214 61.43 -11.46 20.12
C ALA G 214 62.20 -10.38 20.87
N VAL G 215 63.51 -10.32 20.68
CA VAL G 215 64.34 -9.43 21.50
C VAL G 215 63.94 -7.97 21.32
N GLN G 216 63.47 -7.60 20.12
CA GLN G 216 62.86 -6.29 19.93
C GLN G 216 61.60 -6.18 20.78
N ALA G 217 60.78 -7.23 20.82
CA ALA G 217 59.66 -7.26 21.75
C ALA G 217 60.10 -7.45 23.19
N LYS G 218 61.35 -7.89 23.41
CA LYS G 218 61.94 -7.91 24.75
C LYS G 218 62.86 -6.72 24.99
N SER G 219 62.67 -5.62 24.26
CA SER G 219 63.50 -4.44 24.45
C SER G 219 63.38 -3.90 25.88
N LYS G 220 62.15 -3.80 26.37
CA LYS G 220 61.93 -3.41 27.76
C LYS G 220 62.31 -4.50 28.74
N ASN G 221 62.49 -5.73 28.25
CA ASN G 221 62.80 -6.86 29.12
C ASN G 221 64.30 -6.87 29.39
N TYR G 222 64.65 -7.22 30.62
CA TYR G 222 66.04 -7.32 31.05
C TYR G 222 66.81 -6.04 30.73
N LYS G 223 68.00 -6.18 30.15
CA LYS G 223 68.82 -5.04 29.76
C LYS G 223 69.07 -5.03 28.26
N VAL G 224 68.27 -5.77 27.50
CA VAL G 224 68.42 -5.96 26.06
C VAL G 224 69.90 -6.02 25.68
N ARG G 225 70.62 -6.97 26.32
CA ARG G 225 72.06 -7.06 26.14
C ARG G 225 72.44 -7.19 24.67
N LEU G 226 71.83 -8.15 23.97
CA LEU G 226 72.00 -8.29 22.54
C LEU G 226 73.46 -8.39 22.12
N ALA G 227 74.01 -7.27 21.62
CA ALA G 227 75.38 -7.13 21.14
C ALA G 227 75.60 -7.88 19.83
N GLY G 228 74.55 -8.43 19.24
CA GLY G 228 74.67 -9.24 18.04
C GLY G 228 74.57 -10.70 18.35
N CYS G 229 74.84 -11.52 17.33
CA CYS G 229 74.83 -12.97 17.45
C CYS G 229 75.70 -13.55 16.34
N VAL G 230 76.29 -14.72 16.59
CA VAL G 230 77.20 -15.33 15.64
C VAL G 230 76.36 -16.19 14.69
N ALA G 231 76.51 -15.94 13.40
CA ALA G 231 75.89 -16.77 12.38
C ALA G 231 76.85 -17.93 12.11
N ASN G 232 76.65 -19.03 12.83
CA ASN G 232 77.51 -20.20 12.65
C ASN G 232 77.48 -20.65 11.21
N ARG G 233 78.59 -20.45 10.52
CA ARG G 233 78.69 -20.68 9.09
C ARG G 233 79.01 -22.16 8.84
N SER G 234 77.95 -22.95 8.66
CA SER G 234 78.13 -24.35 8.29
C SER G 234 78.95 -24.45 7.02
N ARG G 235 78.75 -23.51 6.10
CA ARG G 235 79.54 -23.49 4.88
C ARG G 235 79.68 -22.02 4.45
N ALA G 236 80.13 -21.80 3.22
CA ALA G 236 80.39 -20.46 2.70
C ALA G 236 79.14 -19.81 2.12
N THR G 237 77.95 -20.17 2.60
CA THR G 237 76.71 -19.61 2.09
C THR G 237 76.72 -18.09 2.19
N ASP G 238 76.33 -17.44 1.10
CA ASP G 238 76.30 -15.98 1.04
C ASP G 238 74.94 -15.38 1.32
N GLU G 239 73.90 -16.21 1.51
CA GLU G 239 72.57 -15.68 1.76
C GLU G 239 72.52 -14.96 3.10
N VAL G 240 73.31 -15.44 4.06
CA VAL G 240 73.31 -14.84 5.39
C VAL G 240 73.81 -13.42 5.32
N ASP G 241 74.78 -13.16 4.45
CA ASP G 241 75.37 -11.83 4.34
C ASP G 241 74.32 -10.83 3.85
N ARG G 242 73.65 -11.13 2.75
CA ARG G 242 72.64 -10.23 2.21
C ARG G 242 71.47 -10.10 3.18
N PHE G 243 71.09 -11.22 3.81
CA PHE G 243 69.99 -11.19 4.77
C PHE G 243 70.34 -10.25 5.92
N CYS G 244 71.56 -10.35 6.45
CA CYS G 244 71.96 -9.49 7.55
C CYS G 244 72.08 -8.04 7.10
N LYS G 245 72.49 -7.83 5.84
CA LYS G 245 72.49 -6.47 5.30
C LYS G 245 71.08 -5.89 5.32
N GLU G 246 70.10 -6.68 4.90
CA GLU G 246 68.71 -6.22 4.97
C GLU G 246 68.30 -5.96 6.41
N THR G 247 68.78 -6.77 7.35
CA THR G 247 68.50 -6.55 8.75
C THR G 247 69.57 -5.71 9.44
N ASN G 248 70.59 -5.26 8.72
CA ASN G 248 71.66 -4.45 9.28
C ASN G 248 72.32 -5.15 10.47
N PHE G 249 72.62 -6.43 10.28
CA PHE G 249 73.20 -7.28 11.31
C PHE G 249 74.59 -7.74 10.86
N ARG G 250 75.18 -8.66 11.63
CA ARG G 250 76.52 -9.17 11.38
C ARG G 250 76.48 -10.68 11.18
N ARG G 251 77.45 -11.18 10.40
CA ARG G 251 77.49 -12.61 10.11
C ARG G 251 78.86 -13.22 10.40
N LEU G 252 79.92 -12.45 10.19
CA LEU G 252 81.31 -12.90 10.32
C LEU G 252 81.54 -14.33 9.86
N ALA G 253 82.01 -15.21 10.75
CA ALA G 253 82.35 -16.56 10.34
C ALA G 253 82.51 -17.46 11.56
N HIS G 254 81.84 -18.62 11.53
CA HIS G 254 82.02 -19.67 12.54
C HIS G 254 81.72 -21.00 11.84
N MET G 255 82.77 -21.69 11.41
CA MET G 255 82.62 -22.91 10.64
C MET G 255 82.58 -24.12 11.56
N PRO G 256 81.46 -24.88 11.61
CA PRO G 256 81.48 -26.18 12.30
C PRO G 256 81.94 -27.31 11.41
N ASP G 257 83.06 -27.93 11.79
CA ASP G 257 83.62 -29.04 11.03
C ASP G 257 84.36 -29.94 12.00
N LEU G 258 84.23 -31.25 11.81
CA LEU G 258 84.86 -32.26 12.66
C LEU G 258 84.42 -32.07 14.12
N ASP G 259 83.17 -31.63 14.28
CA ASP G 259 82.63 -31.37 15.60
C ASP G 259 81.47 -32.32 15.89
N ALA G 260 80.49 -32.38 14.99
CA ALA G 260 79.40 -33.33 15.17
C ALA G 260 79.83 -34.75 14.85
N ILE G 261 80.79 -34.92 13.94
CA ILE G 261 81.20 -36.27 13.53
C ILE G 261 82.34 -36.79 14.40
N ARG G 262 83.09 -35.90 15.06
CA ARG G 262 84.19 -36.30 15.93
C ARG G 262 83.83 -36.18 17.40
N ARG G 263 82.54 -36.28 17.74
CA ARG G 263 82.04 -35.89 19.06
C ARG G 263 82.69 -36.69 20.18
N SER G 264 83.27 -37.85 19.86
CA SER G 264 84.00 -38.63 20.85
C SER G 264 85.15 -37.82 21.44
N ARG G 265 85.67 -36.86 20.66
CA ARG G 265 86.71 -35.97 21.16
C ARG G 265 86.11 -34.64 21.62
N LEU G 266 85.04 -34.19 20.97
CA LEU G 266 84.32 -32.99 21.44
C LEU G 266 83.70 -33.19 22.81
N LYS G 267 83.38 -34.43 23.17
CA LYS G 267 82.68 -34.70 24.42
C LYS G 267 83.44 -34.15 25.62
N LYS G 268 84.77 -34.17 25.53
CA LYS G 268 85.58 -33.62 26.62
C LYS G 268 86.18 -32.26 26.26
N LYS G 269 86.88 -32.17 25.13
CA LYS G 269 87.51 -30.91 24.74
C LYS G 269 86.97 -30.49 23.39
N THR G 270 86.64 -29.21 23.26
CA THR G 270 86.16 -28.67 22.00
C THR G 270 87.30 -28.43 21.03
N LEU G 271 86.95 -27.93 19.84
CA LEU G 271 87.92 -27.85 18.74
C LEU G 271 89.11 -26.96 19.06
N PHE G 272 88.92 -25.88 19.82
CA PHE G 272 90.06 -25.01 20.10
C PHE G 272 90.97 -25.60 21.16
N GLU G 273 90.58 -26.71 21.79
CA GLU G 273 91.44 -27.39 22.75
C GLU G 273 91.67 -28.87 22.46
N MET G 274 91.07 -29.44 21.43
CA MET G 274 91.43 -30.80 21.02
C MET G 274 92.66 -30.73 20.14
N ASP G 275 93.79 -31.24 20.65
CA ASP G 275 95.01 -31.35 19.85
C ASP G 275 95.37 -30.01 19.25
N GLU G 276 94.79 -28.93 19.79
CA GLU G 276 94.76 -27.61 19.18
C GLU G 276 94.22 -27.72 17.75
N ASP G 277 92.96 -28.16 17.61
CA ASP G 277 92.40 -28.33 16.27
C ASP G 277 92.18 -27.02 15.55
N GLN G 278 92.19 -25.88 16.25
CA GLN G 278 92.18 -24.61 15.54
C GLN G 278 93.54 -24.26 14.94
N ASP G 279 94.51 -25.17 15.00
CA ASP G 279 95.80 -24.92 14.37
C ASP G 279 95.68 -24.78 12.87
N VAL G 280 94.69 -25.42 12.25
CA VAL G 280 94.43 -25.29 10.82
C VAL G 280 93.04 -24.68 10.67
N LEU G 281 92.33 -24.53 11.79
CA LEU G 281 91.00 -23.97 11.83
C LEU G 281 90.95 -22.76 12.76
N ALA G 282 91.91 -21.85 12.63
CA ALA G 282 92.06 -20.73 13.55
C ALA G 282 90.81 -19.87 13.61
N ALA G 283 90.10 -19.93 14.73
CA ALA G 283 88.94 -19.09 14.93
C ALA G 283 88.84 -18.54 16.35
N ARG G 284 89.82 -18.82 17.22
CA ARG G 284 89.78 -18.31 18.58
C ARG G 284 90.11 -16.83 18.67
N ALA G 285 90.95 -16.30 17.78
CA ALA G 285 91.18 -14.86 17.74
C ALA G 285 89.91 -14.12 17.37
N GLU G 286 89.13 -14.69 16.44
CA GLU G 286 87.82 -14.14 16.14
C GLU G 286 86.98 -14.00 17.40
N TYR G 287 86.99 -15.01 18.27
CA TYR G 287 86.22 -14.94 19.50
C TYR G 287 86.83 -13.96 20.49
N ILE G 288 88.16 -13.87 20.52
CA ILE G 288 88.80 -12.85 21.35
C ILE G 288 88.32 -11.47 20.94
N ARG G 289 88.00 -11.30 19.66
CA ARG G 289 87.27 -10.11 19.25
C ARG G 289 85.83 -10.13 19.75
N LEU G 290 85.13 -11.25 19.57
CA LEU G 290 83.73 -11.33 19.98
C LEU G 290 83.60 -11.37 21.50
N ALA G 291 84.30 -12.29 22.14
CA ALA G 291 84.28 -12.47 23.58
C ALA G 291 85.53 -11.82 24.17
N GLU G 292 85.78 -12.08 25.45
CA GLU G 292 87.03 -11.71 26.10
C GLU G 292 87.25 -10.20 26.13
N SER G 293 88.45 -9.75 25.79
CA SER G 293 88.81 -8.36 26.04
C SER G 293 87.98 -7.39 25.21
N LEU G 294 87.95 -7.58 23.88
CA LEU G 294 87.37 -6.56 23.03
C LEU G 294 85.84 -6.54 23.12
N TRP G 295 85.24 -7.71 23.24
CA TRP G 295 83.82 -7.90 23.58
C TRP G 295 82.84 -7.48 22.49
N ARG G 296 83.29 -6.82 21.43
CA ARG G 296 82.38 -6.26 20.42
C ARG G 296 81.17 -5.55 21.01
N GLY G 297 81.38 -4.62 21.95
CA GLY G 297 80.25 -3.92 22.51
C GLY G 297 79.54 -3.07 21.48
N LEU G 298 80.22 -2.05 20.98
CA LEU G 298 79.74 -1.18 19.91
C LEU G 298 78.28 -0.78 20.14
N ASP G 299 77.46 -1.01 19.14
CA ASP G 299 76.01 -1.02 19.23
C ASP G 299 75.51 -2.46 19.13
N PRO G 300 74.23 -2.71 19.40
CA PRO G 300 73.74 -4.09 19.26
C PRO G 300 73.53 -4.48 17.81
N ILE G 301 74.47 -4.09 16.94
CA ILE G 301 74.50 -4.39 15.52
C ILE G 301 73.11 -4.28 14.90
N ASP G 302 72.43 -3.16 15.17
CA ASP G 302 71.20 -2.70 14.54
C ASP G 302 70.24 -3.82 14.15
N PRO G 303 69.69 -4.56 15.10
CA PRO G 303 68.79 -5.66 14.74
C PRO G 303 67.50 -5.14 14.13
N HIS G 304 66.99 -5.90 13.17
CA HIS G 304 65.77 -5.48 12.45
C HIS G 304 65.09 -6.74 11.94
N SER G 305 64.07 -7.21 12.65
CA SER G 305 63.36 -8.40 12.22
C SER G 305 62.47 -8.07 11.02
N LEU G 306 62.42 -9.01 10.07
CA LEU G 306 61.63 -8.85 8.86
C LEU G 306 60.41 -9.74 8.89
N PRO G 307 59.26 -9.25 8.42
CA PRO G 307 58.09 -10.12 8.32
C PRO G 307 58.28 -11.22 7.29
N ASP G 308 57.23 -12.01 7.09
CA ASP G 308 57.34 -13.26 6.34
C ASP G 308 57.76 -13.05 4.89
N ARG G 309 57.22 -12.03 4.23
CA ARG G 309 57.48 -11.87 2.80
C ARG G 309 58.94 -11.53 2.53
N GLU G 310 59.54 -10.72 3.39
CA GLU G 310 60.91 -10.26 3.15
C GLU G 310 61.92 -11.26 3.68
N ILE G 311 61.51 -12.09 4.64
CA ILE G 311 62.34 -13.24 5.00
C ILE G 311 62.33 -14.25 3.88
N PHE G 312 61.42 -14.09 2.91
CA PHE G 312 61.46 -14.86 1.67
C PHE G 312 62.26 -14.17 0.59
N GLU G 313 63.25 -13.34 0.98
CA GLU G 313 64.09 -12.68 -0.01
C GLU G 313 64.85 -13.68 -0.86
N LEU G 314 65.09 -14.87 -0.33
CA LEU G 314 65.62 -15.98 -1.10
C LEU G 314 64.46 -16.89 -1.49
N LEU G 315 64.67 -17.68 -2.55
CA LEU G 315 63.60 -18.53 -3.07
C LEU G 315 63.01 -19.42 -1.98
N GLY G 316 63.85 -19.88 -1.06
CA GLY G 316 63.39 -20.65 0.09
C GLY G 316 62.57 -21.87 -0.24
N THR H 50 34.48 -37.47 14.73
CA THR H 50 35.06 -36.89 13.52
C THR H 50 34.47 -37.56 12.28
N GLY H 51 34.90 -37.10 11.11
CA GLY H 51 34.40 -37.64 9.87
C GLY H 51 35.46 -37.74 8.79
N ALA H 52 36.73 -37.80 9.19
CA ALA H 52 37.82 -37.89 8.24
C ALA H 52 39.05 -38.43 8.97
N LYS H 53 40.02 -38.89 8.19
CA LYS H 53 41.27 -39.38 8.74
C LYS H 53 42.12 -38.17 9.12
N VAL H 54 41.98 -37.72 10.36
CA VAL H 54 42.62 -36.50 10.80
C VAL H 54 44.07 -36.82 11.15
N PHE H 55 44.94 -36.77 10.16
CA PHE H 55 46.35 -37.09 10.38
C PHE H 55 47.05 -35.89 11.00
N ALA H 56 48.19 -36.17 11.63
CA ALA H 56 49.00 -35.14 12.28
C ALA H 56 50.45 -35.36 11.87
N VAL H 57 50.97 -34.49 11.02
CA VAL H 57 52.38 -34.55 10.64
C VAL H 57 53.17 -33.73 11.64
N TYR H 58 53.73 -34.40 12.65
CA TYR H 58 54.56 -33.77 13.64
C TYR H 58 56.02 -34.15 13.47
N GLY H 59 56.87 -33.44 14.20
CA GLY H 59 58.27 -33.79 14.27
C GLY H 59 59.25 -32.80 13.67
N LYS H 60 59.88 -31.99 14.51
CA LYS H 60 61.02 -31.18 14.13
C LYS H 60 60.62 -30.13 13.10
N GLY H 61 61.51 -29.19 12.79
CA GLY H 61 61.16 -28.09 11.91
C GLY H 61 62.01 -28.06 10.66
N GLY H 62 61.32 -27.90 9.53
CA GLY H 62 61.97 -27.67 8.25
C GLY H 62 62.72 -28.85 7.69
N ILE H 63 62.60 -30.02 8.32
CA ILE H 63 63.29 -31.23 7.89
C ILE H 63 62.21 -32.27 7.62
N GLY H 64 61.72 -32.31 6.38
CA GLY H 64 60.77 -33.31 5.99
C GLY H 64 59.32 -32.92 6.21
N LYS H 65 58.98 -32.53 7.45
CA LYS H 65 57.59 -32.43 7.88
C LYS H 65 56.75 -31.63 6.88
N SER H 66 57.29 -30.52 6.39
CA SER H 66 56.57 -29.71 5.42
C SER H 66 56.49 -30.44 4.07
N THR H 67 57.65 -30.86 3.55
CA THR H 67 57.68 -31.56 2.27
C THR H 67 56.97 -32.90 2.38
N THR H 68 57.18 -33.60 3.49
CA THR H 68 56.52 -34.88 3.69
C THR H 68 55.01 -34.70 3.69
N SER H 69 54.53 -33.68 4.39
CA SER H 69 53.09 -33.45 4.44
C SER H 69 52.54 -33.13 3.07
N SER H 70 53.20 -32.25 2.33
CA SER H 70 52.68 -31.88 1.01
C SER H 70 52.68 -33.06 0.05
N ASN H 71 53.76 -33.83 0.04
CA ASN H 71 53.87 -34.92 -0.92
C ASN H 71 52.93 -36.06 -0.52
N LEU H 72 52.71 -36.24 0.78
CA LEU H 72 51.69 -37.18 1.23
C LEU H 72 50.30 -36.71 0.82
N SER H 73 50.06 -35.40 0.87
CA SER H 73 48.78 -34.88 0.41
C SER H 73 48.56 -35.19 -1.06
N ALA H 74 49.59 -34.95 -1.87
CA ALA H 74 49.48 -35.30 -3.28
C ALA H 74 49.30 -36.80 -3.46
N ALA H 75 49.88 -37.60 -2.56
CA ALA H 75 49.69 -39.04 -2.61
C ALA H 75 48.23 -39.40 -2.39
N PHE H 76 47.60 -38.81 -1.37
CA PHE H 76 46.19 -39.11 -1.13
C PHE H 76 45.31 -38.53 -2.22
N SER H 77 45.75 -37.45 -2.85
CA SER H 77 45.06 -36.95 -4.03
C SER H 77 45.12 -37.97 -5.15
N ILE H 78 46.28 -38.61 -5.33
CA ILE H 78 46.40 -39.67 -6.32
C ILE H 78 45.49 -40.84 -5.96
N LEU H 79 45.43 -41.17 -4.68
CA LEU H 79 44.50 -42.21 -4.23
C LEU H 79 43.07 -41.81 -4.52
N GLY H 80 42.79 -40.51 -4.58
CA GLY H 80 41.47 -39.99 -4.93
C GLY H 80 40.71 -39.45 -3.73
N LYS H 81 41.07 -39.89 -2.53
CA LYS H 81 40.41 -39.41 -1.33
C LYS H 81 40.65 -37.91 -1.18
N ARG H 82 39.62 -37.19 -0.73
CA ARG H 82 39.74 -35.75 -0.57
C ARG H 82 40.69 -35.40 0.57
N VAL H 83 41.60 -34.47 0.30
CA VAL H 83 42.73 -34.18 1.17
C VAL H 83 42.60 -32.77 1.72
N LEU H 84 43.05 -32.59 2.96
CA LEU H 84 43.11 -31.29 3.62
C LEU H 84 44.47 -31.14 4.27
N GLN H 85 45.26 -30.19 3.78
CA GLN H 85 46.53 -29.87 4.42
C GLN H 85 46.39 -28.56 5.20
N ILE H 86 46.71 -28.60 6.48
CA ILE H 86 46.63 -27.43 7.35
C ILE H 86 48.05 -27.05 7.74
N GLY H 87 48.52 -25.91 7.24
CA GLY H 87 49.86 -25.47 7.57
C GLY H 87 49.93 -24.75 8.89
N CYS H 88 49.77 -25.48 9.99
CA CYS H 88 49.84 -24.86 11.31
C CYS H 88 51.22 -24.27 11.59
N ASP H 89 52.23 -24.67 10.84
CA ASP H 89 53.58 -24.21 11.12
C ASP H 89 53.65 -22.70 10.90
N PRO H 90 54.25 -21.96 11.82
CA PRO H 90 54.31 -20.51 11.67
C PRO H 90 55.16 -20.02 10.51
N LYS H 91 55.83 -20.90 9.76
CA LYS H 91 56.60 -20.42 8.63
C LYS H 91 55.73 -19.97 7.47
N HIS H 92 54.42 -20.27 7.52
CA HIS H 92 53.50 -19.98 6.42
C HIS H 92 53.99 -20.58 5.12
N ASP H 93 54.73 -21.67 5.20
CA ASP H 93 55.39 -22.24 4.03
C ASP H 93 54.89 -23.64 3.73
N SER H 94 54.02 -24.20 4.57
CA SER H 94 53.64 -25.60 4.43
C SER H 94 52.99 -25.87 3.09
N THR H 95 52.09 -25.01 2.65
CA THR H 95 51.33 -25.28 1.44
C THR H 95 51.95 -24.64 0.21
N PHE H 96 53.10 -24.00 0.36
CA PHE H 96 53.69 -23.24 -0.75
C PHE H 96 53.87 -24.13 -1.96
N THR H 97 54.44 -25.31 -1.77
CA THR H 97 54.65 -26.23 -2.87
C THR H 97 53.33 -26.72 -3.45
N LEU H 98 52.32 -26.89 -2.60
CA LEU H 98 51.03 -27.36 -3.10
C LEU H 98 50.40 -26.35 -4.04
N THR H 99 50.39 -25.07 -3.65
CA THR H 99 49.83 -24.06 -4.53
C THR H 99 50.86 -23.43 -5.44
N GLY H 100 52.15 -23.68 -5.21
CA GLY H 100 53.16 -22.98 -5.97
C GLY H 100 53.35 -21.54 -5.54
N SER H 101 52.71 -21.13 -4.45
CA SER H 101 52.75 -19.74 -4.03
C SER H 101 52.45 -19.68 -2.55
N LEU H 102 52.91 -18.60 -1.92
CA LEU H 102 52.60 -18.37 -0.51
C LEU H 102 51.11 -18.06 -0.37
N VAL H 103 50.50 -18.59 0.68
CA VAL H 103 49.06 -18.46 0.91
C VAL H 103 48.85 -17.45 2.03
N PRO H 104 47.94 -16.47 1.86
CA PRO H 104 47.59 -15.61 2.99
C PRO H 104 47.06 -16.42 4.15
N THR H 105 47.69 -16.31 5.31
CA THR H 105 47.34 -17.16 6.43
C THR H 105 45.96 -16.80 6.96
N VAL H 106 45.41 -17.70 7.77
CA VAL H 106 44.12 -17.43 8.39
C VAL H 106 44.21 -16.22 9.30
N ILE H 107 45.36 -16.05 9.98
CA ILE H 107 45.49 -14.94 10.91
C ILE H 107 45.45 -13.62 10.17
N ASP H 108 46.03 -13.57 8.98
CA ASP H 108 46.03 -12.34 8.20
C ASP H 108 44.62 -11.87 7.88
N VAL H 109 43.83 -12.74 7.24
CA VAL H 109 42.46 -12.36 6.88
C VAL H 109 41.62 -12.18 8.14
N LEU H 110 41.89 -13.00 9.15
CA LEU H 110 41.10 -12.95 10.37
C LEU H 110 41.25 -11.61 11.06
N LYS H 111 42.47 -11.07 11.08
CA LYS H 111 42.69 -9.72 11.56
C LYS H 111 42.23 -8.67 10.56
N ASP H 112 42.11 -9.02 9.28
CA ASP H 112 41.58 -8.07 8.31
C ASP H 112 40.14 -7.70 8.62
N VAL H 113 39.43 -8.55 9.36
CA VAL H 113 38.14 -8.20 9.92
C VAL H 113 38.32 -8.11 11.42
N ASP H 114 37.30 -7.65 12.13
CA ASP H 114 37.40 -7.53 13.59
C ASP H 114 37.32 -8.95 14.15
N PHE H 115 38.38 -9.71 13.88
CA PHE H 115 38.53 -11.10 14.29
C PHE H 115 37.21 -11.87 14.23
N HIS H 116 36.43 -11.60 13.19
CA HIS H 116 35.12 -12.21 13.05
C HIS H 116 35.18 -13.31 12.01
N PRO H 117 35.12 -14.57 12.42
CA PRO H 117 35.09 -15.66 11.44
C PRO H 117 33.91 -15.61 10.50
N GLU H 118 32.79 -15.01 10.92
CA GLU H 118 31.59 -15.05 10.10
C GLU H 118 31.78 -14.31 8.78
N GLU H 119 32.46 -13.17 8.81
CA GLU H 119 32.67 -12.42 7.59
C GLU H 119 33.46 -13.24 6.58
N LEU H 120 34.47 -13.96 7.06
CA LEU H 120 35.28 -14.79 6.19
C LEU H 120 34.43 -15.89 5.59
N ARG H 121 34.82 -16.34 4.41
CA ARG H 121 34.15 -17.43 3.73
C ARG H 121 35.23 -18.31 3.12
N PRO H 122 34.90 -19.55 2.78
CA PRO H 122 35.84 -20.35 1.99
C PRO H 122 36.23 -19.61 0.73
N GLU H 123 37.27 -20.11 0.06
CA GLU H 123 37.85 -19.51 -1.13
C GLU H 123 38.37 -18.09 -0.87
N ASP H 124 38.31 -17.67 0.39
CA ASP H 124 38.97 -16.46 0.82
C ASP H 124 40.18 -16.72 1.70
N PHE H 125 40.11 -17.66 2.63
CA PHE H 125 41.24 -18.07 3.44
C PHE H 125 41.77 -19.46 3.11
N VAL H 126 40.95 -20.32 2.52
CA VAL H 126 41.39 -21.64 2.06
C VAL H 126 41.63 -21.57 0.56
N PHE H 127 42.75 -22.12 0.11
CA PHE H 127 43.11 -22.07 -1.30
C PHE H 127 43.40 -23.46 -1.81
N GLU H 128 43.04 -23.70 -3.06
CA GLU H 128 43.23 -25.00 -3.69
C GLU H 128 44.68 -25.20 -4.06
N GLY H 129 45.03 -26.45 -4.32
CA GLY H 129 46.36 -26.79 -4.77
C GLY H 129 46.34 -27.83 -5.87
N PHE H 130 47.41 -28.60 -5.97
CA PHE H 130 47.51 -29.61 -7.01
C PHE H 130 46.48 -30.70 -6.79
N ASN H 131 45.92 -31.20 -7.90
CA ASN H 131 44.95 -32.29 -7.90
C ASN H 131 43.71 -31.89 -7.09
N GLY H 132 43.44 -30.59 -7.06
CA GLY H 132 42.28 -30.08 -6.37
C GLY H 132 42.29 -30.37 -4.89
N VAL H 133 43.42 -30.13 -4.23
CA VAL H 133 43.55 -30.38 -2.80
C VAL H 133 43.37 -29.05 -2.08
N MET H 134 42.33 -28.96 -1.26
CA MET H 134 42.19 -27.82 -0.36
C MET H 134 43.36 -27.79 0.61
N CYS H 135 43.87 -26.59 0.89
CA CYS H 135 45.02 -26.39 1.77
C CYS H 135 44.88 -25.02 2.43
N VAL H 136 45.09 -24.98 3.73
CA VAL H 136 44.96 -23.77 4.51
C VAL H 136 46.30 -23.47 5.16
N GLU H 137 46.45 -22.26 5.68
CA GLU H 137 47.64 -21.94 6.45
C GLU H 137 47.26 -21.24 7.73
N ALA H 138 47.98 -21.54 8.80
CA ALA H 138 47.87 -20.82 10.06
C ALA H 138 49.13 -20.01 10.30
N GLY H 139 48.97 -18.71 10.49
CA GLY H 139 50.13 -17.87 10.70
C GLY H 139 50.47 -17.75 12.16
N GLY H 140 51.57 -18.37 12.57
CA GLY H 140 52.01 -18.30 13.94
C GLY H 140 52.15 -16.86 14.41
N PRO H 141 51.84 -16.63 15.67
CA PRO H 141 51.80 -15.25 16.18
C PRO H 141 53.14 -14.56 16.01
N PRO H 142 53.13 -13.29 15.63
CA PRO H 142 54.40 -12.54 15.55
C PRO H 142 54.85 -12.07 16.93
N ALA H 143 55.17 -13.03 17.81
CA ALA H 143 55.57 -12.74 19.18
C ALA H 143 54.52 -11.89 19.91
N GLY H 144 53.27 -12.29 19.74
CA GLY H 144 52.18 -11.60 20.41
C GLY H 144 51.89 -12.16 21.79
N THR H 145 52.93 -12.72 22.41
CA THR H 145 52.84 -13.36 23.72
C THR H 145 51.68 -14.36 23.74
N GLY H 146 50.76 -14.22 24.69
CA GLY H 146 49.56 -15.04 24.76
C GLY H 146 49.76 -16.53 24.55
N CYS H 147 49.17 -17.05 23.48
CA CYS H 147 49.21 -18.47 23.13
C CYS H 147 49.84 -18.60 21.76
N GLY H 148 50.80 -19.52 21.65
CA GLY H 148 51.49 -19.74 20.39
C GLY H 148 50.74 -20.63 19.43
N GLY H 149 49.62 -21.20 19.89
CA GLY H 149 48.80 -22.05 19.06
C GLY H 149 47.38 -21.55 18.98
N TYR H 150 47.19 -20.31 19.43
CA TYR H 150 45.88 -19.68 19.34
C TYR H 150 45.45 -19.58 17.88
N VAL H 151 46.40 -19.34 16.98
CA VAL H 151 46.06 -19.22 15.56
C VAL H 151 45.63 -20.56 14.99
N VAL H 152 46.32 -21.64 15.37
CA VAL H 152 45.93 -22.95 14.84
C VAL H 152 44.59 -23.38 15.40
N GLY H 153 44.33 -23.07 16.67
CA GLY H 153 43.01 -23.31 17.22
C GLY H 153 41.94 -22.54 16.47
N GLN H 154 42.23 -21.28 16.16
CA GLN H 154 41.28 -20.48 15.38
C GLN H 154 41.07 -21.06 14.00
N THR H 155 42.11 -21.61 13.38
CA THR H 155 41.93 -22.23 12.08
C THR H 155 41.04 -23.47 12.18
N VAL H 156 41.21 -24.25 13.24
CA VAL H 156 40.33 -25.40 13.43
C VAL H 156 38.90 -24.91 13.56
N LYS H 157 38.69 -23.87 14.35
CA LYS H 157 37.36 -23.31 14.52
C LYS H 157 36.81 -22.83 13.19
N LEU H 158 37.65 -22.17 12.40
CA LEU H 158 37.22 -21.64 11.11
C LEU H 158 36.78 -22.75 10.19
N LEU H 159 37.62 -23.78 10.03
CA LEU H 159 37.28 -24.85 9.10
C LEU H 159 36.03 -25.58 9.55
N LYS H 160 35.92 -25.88 10.85
CA LYS H 160 34.74 -26.58 11.32
C LYS H 160 33.49 -25.73 11.10
N GLN H 161 33.61 -24.43 11.34
CA GLN H 161 32.47 -23.54 11.20
C GLN H 161 31.99 -23.49 9.76
N HIS H 162 32.90 -23.27 8.82
CA HIS H 162 32.51 -23.17 7.41
C HIS H 162 32.46 -24.52 6.73
N HIS H 163 32.36 -25.59 7.52
CA HIS H 163 32.07 -26.93 7.00
C HIS H 163 33.14 -27.39 6.03
N LEU H 164 34.32 -26.78 6.07
CA LEU H 164 35.44 -27.32 5.35
C LEU H 164 35.88 -28.65 5.92
N LEU H 165 35.73 -28.83 7.24
CA LEU H 165 36.13 -30.07 7.89
C LEU H 165 34.97 -31.05 8.00
N ASP H 166 34.20 -31.22 6.92
CA ASP H 166 33.15 -32.23 6.89
C ASP H 166 33.30 -33.18 5.70
N ASP H 167 33.34 -32.61 4.50
CA ASP H 167 33.33 -33.44 3.30
C ASP H 167 34.68 -34.09 3.06
N THR H 168 35.76 -33.40 3.41
CA THR H 168 37.10 -33.88 3.13
C THR H 168 37.36 -35.19 3.86
N ASP H 169 38.14 -36.07 3.22
CA ASP H 169 38.45 -37.37 3.78
C ASP H 169 39.79 -37.42 4.48
N VAL H 170 40.81 -36.76 3.92
CA VAL H 170 42.16 -36.77 4.46
C VAL H 170 42.47 -35.39 5.02
N VAL H 171 42.81 -35.32 6.29
CA VAL H 171 43.20 -34.06 6.90
C VAL H 171 44.56 -34.25 7.55
N ILE H 172 45.60 -33.72 6.91
CA ILE H 172 46.95 -33.83 7.46
C ILE H 172 47.39 -32.50 8.06
N PHE H 173 47.33 -32.41 9.39
CA PHE H 173 47.66 -31.18 10.09
C PHE H 173 49.18 -31.03 10.08
N ASP H 174 49.72 -30.32 9.10
CA ASP H 174 51.15 -30.04 9.12
C ASP H 174 51.48 -29.08 10.25
N VAL H 175 51.59 -29.59 11.47
CA VAL H 175 51.81 -28.76 12.64
C VAL H 175 53.30 -28.76 12.96
N LEU H 176 53.80 -27.64 13.47
CA LEU H 176 55.17 -27.58 13.91
C LEU H 176 55.42 -28.61 14.99
N GLY H 177 56.46 -29.42 14.81
CA GLY H 177 56.75 -30.48 15.75
C GLY H 177 58.04 -30.22 16.47
N ASP H 178 58.72 -29.14 16.07
CA ASP H 178 60.02 -28.83 16.66
C ASP H 178 59.92 -28.55 18.14
N VAL H 179 58.90 -27.81 18.56
CA VAL H 179 58.79 -27.33 19.92
C VAL H 179 57.67 -28.08 20.64
N VAL H 180 57.72 -28.05 21.96
CA VAL H 180 56.62 -28.67 22.76
C VAL H 180 55.99 -27.57 23.61
N CYS H 181 54.82 -27.06 23.18
CA CYS H 181 54.11 -25.99 23.92
C CYS H 181 52.61 -26.19 23.75
N GLY H 182 51.81 -25.83 24.75
CA GLY H 182 50.35 -26.05 24.67
C GLY H 182 49.81 -25.85 23.27
N GLY H 183 50.27 -24.82 22.56
CA GLY H 183 49.74 -24.49 21.23
C GLY H 183 50.14 -25.47 20.13
N PHE H 184 51.31 -26.12 20.23
CA PHE H 184 51.67 -26.96 19.09
C PHE H 184 50.81 -28.22 19.05
N ALA H 185 50.36 -28.68 20.20
CA ALA H 185 49.51 -29.87 20.27
C ALA H 185 48.05 -29.49 20.41
N ALA H 186 47.75 -28.21 20.18
CA ALA H 186 46.39 -27.71 20.25
C ALA H 186 45.47 -28.44 19.27
N PRO H 187 45.86 -28.66 18.00
CA PRO H 187 45.02 -29.49 17.13
C PRO H 187 45.27 -30.97 17.26
N LEU H 188 46.25 -31.38 18.08
CA LEU H 188 46.49 -32.80 18.29
C LEU H 188 45.24 -33.48 18.87
N GLN H 189 44.42 -32.71 19.58
CA GLN H 189 43.16 -33.24 20.08
C GLN H 189 42.34 -33.85 18.95
N HIS H 190 42.16 -33.10 17.87
CA HIS H 190 41.32 -33.59 16.78
C HIS H 190 42.04 -34.67 15.99
N ALA H 191 43.34 -34.82 16.19
CA ALA H 191 44.13 -35.78 15.43
C ALA H 191 43.74 -37.21 15.80
N ASP H 192 43.94 -38.13 14.86
CA ASP H 192 43.65 -39.55 15.05
C ASP H 192 44.85 -40.46 14.79
N GLN H 193 45.60 -40.24 13.72
CA GLN H 193 46.92 -40.84 13.55
C GLN H 193 47.96 -39.72 13.63
N ALA H 194 48.91 -39.85 14.54
CA ALA H 194 49.94 -38.84 14.77
C ALA H 194 51.24 -39.30 14.13
N VAL H 195 51.41 -38.95 12.85
CA VAL H 195 52.61 -39.30 12.10
C VAL H 195 53.73 -38.41 12.58
N VAL H 196 54.87 -39.00 12.91
CA VAL H 196 56.05 -38.22 13.25
C VAL H 196 57.13 -38.45 12.20
N VAL H 197 57.81 -37.37 11.83
CA VAL H 197 58.86 -37.42 10.83
C VAL H 197 60.16 -37.01 11.51
N THR H 198 61.24 -37.71 11.20
CA THR H 198 62.53 -37.42 11.80
C THR H 198 63.65 -37.83 10.86
N ALA H 199 64.84 -37.35 11.17
CA ALA H 199 66.04 -37.66 10.40
C ALA H 199 66.91 -38.67 11.15
N ASN H 200 67.97 -39.12 10.49
CA ASN H 200 68.88 -40.07 11.13
C ASN H 200 69.61 -39.42 12.30
N ASP H 201 69.83 -38.11 12.23
CA ASP H 201 70.60 -37.41 13.24
C ASP H 201 70.00 -37.60 14.62
N PHE H 202 70.88 -37.82 15.60
CA PHE H 202 70.41 -38.08 16.95
C PHE H 202 69.73 -36.87 17.58
N ASP H 203 69.98 -35.67 17.05
CA ASP H 203 69.16 -34.53 17.43
C ASP H 203 67.73 -34.72 16.94
N SER H 204 67.57 -35.13 15.69
CA SER H 204 66.23 -35.40 15.17
C SER H 204 65.59 -36.56 15.91
N ILE H 205 66.38 -37.56 16.29
CA ILE H 205 65.83 -38.69 17.03
C ILE H 205 65.41 -38.28 18.44
N TYR H 206 66.21 -37.43 19.09
CA TYR H 206 65.80 -36.91 20.38
C TYR H 206 64.51 -36.14 20.26
N ALA H 207 64.39 -35.33 19.20
CA ALA H 207 63.14 -34.63 18.96
C ALA H 207 62.00 -35.62 18.78
N MET H 208 62.27 -36.71 18.07
CA MET H 208 61.26 -37.76 17.86
C MET H 208 60.78 -38.31 19.20
N ASN H 209 61.71 -38.60 20.10
CA ASN H 209 61.34 -39.05 21.44
C ASN H 209 60.51 -37.99 22.15
N ARG H 210 60.90 -36.72 22.00
CA ARG H 210 60.13 -35.63 22.57
C ARG H 210 58.68 -35.69 22.11
N ILE H 211 58.51 -35.92 20.80
CA ILE H 211 57.17 -35.98 20.24
C ILE H 211 56.39 -37.12 20.87
N ILE H 212 57.04 -38.28 21.02
CA ILE H 212 56.37 -39.41 21.65
C ILE H 212 55.88 -39.03 23.04
N ALA H 213 56.75 -38.40 23.83
CA ALA H 213 56.35 -38.03 25.18
C ALA H 213 55.14 -37.10 25.14
N ALA H 214 55.19 -36.09 24.28
CA ALA H 214 54.10 -35.11 24.20
C ALA H 214 52.80 -35.77 23.76
N VAL H 215 52.86 -36.62 22.74
CA VAL H 215 51.63 -37.15 22.15
C VAL H 215 51.07 -38.25 23.05
N GLN H 216 51.93 -38.91 23.82
CA GLN H 216 51.43 -39.84 24.82
C GLN H 216 50.73 -39.09 25.93
N ALA H 217 51.27 -37.93 26.32
CA ALA H 217 50.57 -37.12 27.32
C ALA H 217 49.21 -36.66 26.80
N LYS H 218 49.15 -36.21 25.54
CA LYS H 218 47.86 -35.80 24.98
C LYS H 218 46.91 -36.98 24.80
N SER H 219 47.44 -38.14 24.40
CA SER H 219 46.58 -39.29 24.16
C SER H 219 46.23 -39.99 25.46
N LYS H 220 46.78 -39.53 26.58
CA LYS H 220 46.31 -40.01 27.87
C LYS H 220 44.84 -39.65 28.06
N ASN H 221 44.35 -38.67 27.29
CA ASN H 221 42.97 -38.27 27.30
C ASN H 221 42.31 -38.36 25.93
N TYR H 222 42.95 -39.01 24.97
CA TYR H 222 42.39 -39.15 23.63
C TYR H 222 42.82 -40.47 22.99
N LYS H 223 42.06 -40.90 21.97
CA LYS H 223 42.33 -42.14 21.28
C LYS H 223 43.24 -41.97 20.07
N VAL H 224 43.95 -40.85 19.96
CA VAL H 224 44.86 -40.64 18.84
C VAL H 224 46.03 -41.62 18.94
N ARG H 225 46.41 -42.19 17.80
CA ARG H 225 47.46 -43.20 17.77
C ARG H 225 48.67 -42.69 16.98
N LEU H 226 49.85 -43.02 17.48
CA LEU H 226 51.09 -42.68 16.77
C LEU H 226 51.23 -43.59 15.57
N ALA H 227 50.97 -43.05 14.39
CA ALA H 227 50.91 -43.87 13.18
C ALA H 227 52.23 -44.54 12.86
N GLY H 228 53.34 -43.81 13.00
CA GLY H 228 54.64 -44.40 12.72
C GLY H 228 55.74 -43.39 12.50
N CYS H 229 56.94 -43.72 12.95
CA CYS H 229 58.09 -42.84 12.75
C CYS H 229 58.52 -42.91 11.29
N VAL H 230 58.53 -41.78 10.63
CA VAL H 230 58.94 -41.69 9.24
C VAL H 230 60.30 -41.01 9.17
N ALA H 231 61.25 -41.67 8.51
CA ALA H 231 62.52 -41.01 8.22
C ALA H 231 62.32 -39.95 7.13
N ASN H 232 63.23 -38.99 7.06
CA ASN H 232 63.07 -37.88 6.12
C ASN H 232 64.38 -37.65 5.38
N ARG H 233 64.53 -38.35 4.25
CA ARG H 233 65.64 -38.17 3.33
C ARG H 233 66.96 -38.15 4.08
N SER H 234 67.24 -39.24 4.78
CA SER H 234 68.33 -39.29 5.74
C SER H 234 69.47 -40.22 5.36
N ARG H 235 69.21 -41.22 4.51
CA ARG H 235 70.13 -42.25 4.00
C ARG H 235 69.88 -43.55 4.75
N ALA H 236 70.87 -44.04 5.49
CA ALA H 236 70.74 -45.27 6.24
C ALA H 236 69.86 -45.05 7.46
N THR H 237 68.85 -45.90 7.63
CA THR H 237 67.96 -45.83 8.77
C THR H 237 68.31 -46.85 9.84
N ASP H 238 69.49 -47.48 9.74
CA ASP H 238 69.89 -48.50 10.70
C ASP H 238 69.76 -48.00 12.13
N GLU H 239 70.22 -46.78 12.38
CA GLU H 239 70.01 -46.16 13.68
C GLU H 239 68.53 -45.91 13.92
N VAL H 240 67.82 -45.42 12.91
CA VAL H 240 66.42 -45.05 13.08
C VAL H 240 65.59 -46.28 13.37
N ASP H 241 65.82 -47.35 12.59
CA ASP H 241 65.11 -48.60 12.82
C ASP H 241 65.42 -49.17 14.20
N ARG H 242 66.68 -49.09 14.63
CA ARG H 242 67.02 -49.61 15.95
C ARG H 242 66.44 -48.75 17.06
N PHE H 243 66.43 -47.43 16.88
CA PHE H 243 65.79 -46.57 17.88
C PHE H 243 64.31 -46.87 17.99
N CYS H 244 63.65 -47.05 16.83
CA CYS H 244 62.27 -47.48 16.82
C CYS H 244 62.10 -48.81 17.53
N LYS H 245 63.07 -49.72 17.37
CA LYS H 245 63.00 -51.02 18.02
C LYS H 245 63.02 -50.90 19.54
N GLU H 246 63.93 -50.10 20.09
CA GLU H 246 63.99 -49.89 21.53
C GLU H 246 62.72 -49.20 22.03
N THR H 247 62.20 -48.27 21.26
CA THR H 247 60.90 -47.73 21.59
C THR H 247 59.78 -48.66 21.17
N ASN H 248 60.09 -49.78 20.51
CA ASN H 248 59.10 -50.68 19.91
C ASN H 248 58.29 -49.98 18.81
N PHE H 249 58.60 -48.73 18.53
CA PHE H 249 57.90 -47.92 17.54
C PHE H 249 58.09 -48.50 16.14
N ARG H 250 57.10 -48.29 15.29
CA ARG H 250 57.15 -48.71 13.90
C ARG H 250 57.95 -47.71 13.09
N ARG H 251 59.05 -48.17 12.51
CA ARG H 251 59.90 -47.31 11.67
C ARG H 251 59.36 -47.34 10.25
N LEU H 252 58.44 -46.42 9.99
CA LEU H 252 57.85 -46.32 8.66
C LEU H 252 58.94 -46.01 7.64
N ALA H 253 58.90 -46.73 6.53
CA ALA H 253 59.91 -46.57 5.51
C ALA H 253 59.78 -45.20 4.85
N HIS H 254 60.88 -44.79 4.20
CA HIS H 254 60.98 -43.47 3.61
C HIS H 254 61.81 -43.60 2.34
N MET H 255 62.09 -42.46 1.72
CA MET H 255 62.96 -42.43 0.54
C MET H 255 64.24 -41.68 0.92
N PRO H 256 65.40 -42.31 0.79
CA PRO H 256 66.59 -41.81 1.49
C PRO H 256 67.22 -40.56 0.90
N ASP H 257 67.15 -40.42 -0.42
CA ASP H 257 67.90 -39.38 -1.10
C ASP H 257 67.48 -38.00 -0.62
N LEU H 258 68.46 -37.12 -0.44
CA LEU H 258 68.20 -35.74 -0.06
C LEU H 258 67.94 -34.84 -1.26
N ASP H 259 68.10 -35.38 -2.48
CA ASP H 259 67.97 -34.58 -3.69
C ASP H 259 67.01 -35.15 -4.71
N ALA H 260 65.96 -35.84 -4.29
CA ALA H 260 64.86 -36.11 -5.22
C ALA H 260 64.32 -34.78 -5.72
N ILE H 261 64.16 -33.82 -4.81
CA ILE H 261 63.94 -32.42 -5.15
C ILE H 261 65.28 -31.71 -5.02
N ARG H 262 65.52 -30.74 -5.90
CA ARG H 262 66.70 -29.91 -5.72
C ARG H 262 66.52 -29.13 -4.43
N ARG H 263 65.54 -28.23 -4.42
CA ARG H 263 65.13 -27.47 -3.24
C ARG H 263 63.79 -26.83 -3.57
N SER H 264 63.12 -26.33 -2.53
CA SER H 264 61.83 -25.68 -2.66
C SER H 264 60.83 -26.60 -3.35
N ARG H 265 61.03 -27.90 -3.16
CA ARG H 265 60.28 -28.94 -3.85
C ARG H 265 60.30 -28.71 -5.36
N LEU H 266 61.52 -28.64 -5.90
CA LEU H 266 61.74 -28.49 -7.34
C LEU H 266 60.93 -27.34 -7.93
N LYS H 267 61.21 -26.14 -7.44
CA LYS H 267 60.48 -24.93 -7.84
C LYS H 267 58.97 -25.12 -7.66
N LYS H 268 58.62 -25.47 -6.42
CA LYS H 268 57.24 -25.55 -5.95
C LYS H 268 56.48 -26.70 -6.59
N LYS H 269 57.17 -27.48 -7.43
CA LYS H 269 56.53 -28.62 -8.09
C LYS H 269 56.90 -29.89 -7.34
N THR H 270 56.02 -30.33 -6.44
CA THR H 270 56.28 -31.50 -5.62
C THR H 270 56.41 -32.73 -6.51
N LEU H 271 56.98 -33.80 -5.93
CA LEU H 271 57.20 -35.05 -6.65
C LEU H 271 55.97 -35.50 -7.41
N PHE H 272 54.90 -35.81 -6.68
CA PHE H 272 53.64 -36.16 -7.32
C PHE H 272 53.08 -35.00 -8.12
N GLU H 273 53.27 -33.78 -7.64
CA GLU H 273 52.67 -32.61 -8.26
C GLU H 273 53.10 -32.50 -9.72
N MET H 274 54.38 -32.25 -9.94
CA MET H 274 54.93 -32.25 -11.29
C MET H 274 56.41 -32.53 -11.22
N ASP H 275 56.81 -33.78 -11.45
CA ASP H 275 58.19 -34.22 -11.35
C ASP H 275 58.34 -35.54 -12.09
N GLU H 276 59.40 -35.65 -12.89
CA GLU H 276 59.65 -36.86 -13.67
C GLU H 276 61.12 -37.24 -13.61
N ASP H 277 61.69 -37.24 -12.41
CA ASP H 277 63.06 -37.70 -12.23
C ASP H 277 63.06 -39.20 -11.89
N GLN H 278 64.22 -39.84 -12.08
CA GLN H 278 64.33 -41.27 -11.83
C GLN H 278 64.07 -41.60 -10.36
N ASP H 279 64.78 -40.95 -9.44
CA ASP H 279 64.54 -41.21 -8.02
C ASP H 279 63.17 -40.73 -7.59
N VAL H 280 62.59 -39.81 -8.37
CA VAL H 280 61.23 -39.35 -8.14
C VAL H 280 60.29 -40.55 -8.20
N LEU H 281 60.54 -41.47 -9.12
CA LEU H 281 59.64 -42.60 -9.28
C LEU H 281 59.68 -43.52 -8.06
N ALA H 282 60.88 -43.83 -7.56
CA ALA H 282 61.01 -44.65 -6.36
C ALA H 282 60.39 -43.95 -5.16
N ALA H 283 60.64 -42.64 -5.02
CA ALA H 283 60.05 -41.89 -3.94
C ALA H 283 58.53 -41.88 -4.03
N ARG H 284 58.02 -41.76 -5.26
CA ARG H 284 56.58 -41.76 -5.48
C ARG H 284 55.98 -43.07 -5.05
N ALA H 285 56.65 -44.18 -5.36
CA ALA H 285 56.20 -45.47 -4.87
C ALA H 285 56.21 -45.50 -3.35
N GLU H 286 57.26 -44.93 -2.73
CA GLU H 286 57.32 -44.88 -1.28
C GLU H 286 56.13 -44.12 -0.71
N TYR H 287 55.78 -43.00 -1.33
CA TYR H 287 54.75 -42.14 -0.77
C TYR H 287 53.36 -42.72 -1.03
N ILE H 288 53.17 -43.42 -2.15
CA ILE H 288 51.94 -44.18 -2.34
C ILE H 288 51.83 -45.28 -1.29
N ARG H 289 52.95 -45.95 -1.00
CA ARG H 289 52.97 -46.92 0.09
C ARG H 289 52.52 -46.28 1.39
N LEU H 290 53.05 -45.10 1.69
CA LEU H 290 52.62 -44.36 2.87
C LEU H 290 51.12 -44.12 2.84
N ALA H 291 50.62 -43.61 1.72
CA ALA H 291 49.22 -43.21 1.61
C ALA H 291 48.31 -44.41 1.86
N GLU H 292 48.59 -45.53 1.20
CA GLU H 292 47.76 -46.72 1.39
C GLU H 292 47.90 -47.24 2.81
N SER H 293 49.10 -47.18 3.39
CA SER H 293 49.29 -47.64 4.75
C SER H 293 48.42 -46.85 5.72
N LEU H 294 48.39 -45.53 5.55
CA LEU H 294 47.57 -44.71 6.43
C LEU H 294 46.09 -44.95 6.17
N TRP H 295 45.70 -45.07 4.90
CA TRP H 295 44.28 -45.16 4.59
C TRP H 295 43.69 -46.48 5.07
N ARG H 296 44.40 -47.59 4.86
CA ARG H 296 43.93 -48.87 5.37
C ARG H 296 43.93 -48.89 6.88
N GLY H 297 44.98 -48.34 7.49
CA GLY H 297 45.18 -48.46 8.92
C GLY H 297 46.02 -49.67 9.25
N LEU H 298 46.95 -49.52 10.18
CA LEU H 298 47.92 -50.56 10.50
C LEU H 298 47.86 -50.88 12.00
N ASP H 299 48.85 -51.61 12.47
CA ASP H 299 48.85 -52.08 13.85
C ASP H 299 48.89 -50.88 14.80
N PRO H 300 48.20 -50.95 15.93
CA PRO H 300 48.30 -49.88 16.93
C PRO H 300 49.62 -49.91 17.65
N ILE H 301 50.68 -49.45 16.99
CA ILE H 301 52.00 -49.45 17.60
C ILE H 301 52.02 -48.46 18.76
N ASP H 302 52.76 -48.80 19.83
CA ASP H 302 52.76 -47.93 20.99
C ASP H 302 54.19 -47.81 21.50
N PRO H 303 54.92 -46.78 21.11
CA PRO H 303 56.26 -46.57 21.67
C PRO H 303 56.24 -46.11 23.12
N HIS H 304 57.04 -46.76 23.96
CA HIS H 304 57.30 -46.25 25.30
C HIS H 304 58.34 -45.15 25.23
N SER H 305 58.07 -44.06 25.95
CA SER H 305 58.97 -42.90 25.91
C SER H 305 60.32 -43.26 26.52
N LEU H 306 61.32 -43.41 25.66
CA LEU H 306 62.63 -43.75 26.17
C LEU H 306 63.30 -42.53 26.78
N PRO H 307 63.93 -42.67 27.95
CA PRO H 307 64.74 -41.57 28.49
C PRO H 307 65.92 -41.26 27.56
N ASP H 308 66.41 -40.03 27.66
CA ASP H 308 67.46 -39.55 26.77
C ASP H 308 68.72 -40.41 26.86
N ARG H 309 69.05 -40.84 28.08
CA ARG H 309 70.26 -41.65 28.27
C ARG H 309 70.16 -42.97 27.51
N GLU H 310 68.98 -43.59 27.52
CA GLU H 310 68.78 -44.84 26.80
C GLU H 310 68.94 -44.62 25.31
N ILE H 311 68.47 -43.47 24.82
CA ILE H 311 68.73 -43.06 23.45
C ILE H 311 70.23 -43.02 23.26
N PHE H 312 70.71 -43.48 22.11
CA PHE H 312 72.14 -43.50 21.83
C PHE H 312 72.72 -42.11 21.97
N GLU H 313 73.47 -41.89 23.05
CA GLU H 313 74.03 -40.58 23.35
C GLU H 313 75.45 -40.45 22.79
N LEU H 314 75.80 -41.31 21.85
CA LEU H 314 77.11 -41.26 21.21
C LEU H 314 77.11 -40.24 20.07
FE1 SF4 I . -50.90 26.00 -20.44
FE2 SF4 I . -52.13 28.37 -21.07
FE3 SF4 I . -52.56 26.15 -22.60
FE4 SF4 I . -50.13 27.40 -22.66
S1 SF4 I . -52.12 28.26 -23.34
S2 SF4 I . -50.52 25.15 -22.52
S3 SF4 I . -49.94 28.07 -20.50
S4 SF4 I . -53.14 26.43 -20.42
FE1 SF4 J . 12.00 -17.43 29.04
FE2 SF4 J . 13.53 -18.91 27.35
FE3 SF4 J . 14.53 -16.64 28.46
FE4 SF4 J . 14.12 -18.84 30.01
S1 SF4 J . 15.59 -18.66 28.26
S2 SF4 J . 13.55 -16.69 30.52
S3 SF4 J . 12.24 -19.69 29.06
S4 SF4 J . 12.80 -16.80 27.00
MG PMR K . 1.16 -10.56 21.79
CBB PMR K . 6.38 -13.37 22.35
CAB PMR K . 5.66 -13.40 21.25
C3B PMR K . 4.51 -12.51 21.07
C2B PMR K . 4.37 -11.59 20.03
CMB PMR K . 4.47 -11.92 18.56
C1B PMR K . 3.83 -10.42 20.55
CHB PMR K . 3.42 -9.25 19.95
NB PMR K . 3.01 -10.98 21.52
C4B PMR K . 3.61 -12.08 22.05
CHC PMR K . 3.29 -12.36 23.38
C1C PMR K . 2.58 -11.43 24.15
NC PMR K . 1.87 -10.45 23.55
C2C PMR K . 2.72 -11.06 25.55
CMC PMR K . 3.23 -11.96 26.64
C3C PMR K . 2.01 -9.90 25.71
CAC PMR K . 1.20 -9.53 26.94
CBC PMR K . 2.07 -8.87 28.01
C4C PMR K . 1.80 -9.38 24.38
CHD PMR K . 1.23 -8.15 24.02
C1D PMR K . 0.18 -8.01 23.12
C2D PMR K . -1.07 -7.42 23.04
CMD PMR K . -1.62 -6.43 24.02
ND PMR K . 0.01 -9.11 22.31
C4D PMR K . -0.98 -8.93 21.45
C3D PMR K . -1.70 -7.81 21.85
CAD PMR K . -2.78 -7.81 20.87
OAD PMR K . -3.67 -6.97 20.79
CBD PMR K . -2.45 -8.85 19.81
CGD PMR K . -3.43 -9.99 19.86
O1D PMR K . -3.23 -10.94 20.64
O2D PMR K . -4.26 -10.13 18.94
C2O PMR K . -5.02 -8.95 18.43
CHA PMR K . -1.05 -9.36 20.16
C1A PMR K . 0.05 -9.73 19.37
NA PMR K . 1.24 -9.94 19.98
C4A PMR K . 2.18 -9.21 19.35
C3A PMR K . 1.79 -9.32 17.97
CMA PMR K . 2.72 -9.38 16.78
C2A PMR K . 0.46 -9.63 17.96
CAA PMR K . -0.43 -9.57 16.74
CBA PMR K . -1.27 -8.29 16.79
CGA PMR K . -0.37 -7.13 17.13
O1A PMR K . 0.67 -6.91 16.45
O2A PMR K . -0.70 -6.34 18.03
CU CU L . -0.11 5.53 4.95
FE1 SF4 M . -11.87 26.99 -19.72
FE2 SF4 M . -13.54 25.24 -20.97
FE3 SF4 M . -14.34 26.52 -18.70
FE4 SF4 M . -14.06 27.90 -21.02
S1 SF4 M . -15.53 26.22 -20.62
S2 SF4 M . -13.33 28.54 -18.95
S3 SF4 M . -12.30 26.85 -21.97
S4 SF4 M . -12.65 25.03 -18.88
MG PMR N . -0.65 19.69 -10.73
CBB PMR N . -3.73 15.96 -14.01
CAB PMR N . -4.30 17.04 -13.50
C3B PMR N . -3.65 17.71 -12.37
C2B PMR N . -3.79 17.35 -11.02
CMB PMR N . -4.57 16.18 -10.50
C1B PMR N . -3.18 18.33 -10.24
CHB PMR N . -2.77 18.33 -8.92
NB PMR N . -2.29 18.82 -11.16
C4B PMR N . -2.88 18.88 -12.39
CHC PMR N . -2.96 20.14 -12.97
C1C PMR N . -2.37 21.28 -12.39
NC PMR N . -1.66 21.20 -11.26
C2C PMR N . -2.18 22.64 -12.85
CMC PMR N . -2.28 23.14 -14.27
C3C PMR N . -2.09 23.37 -11.68
CAC PMR N . -1.96 24.86 -11.52
CBC PMR N . -3.24 25.59 -11.89
C4C PMR N . -1.73 22.41 -10.65
CHD PMR N . -1.10 22.71 -9.44
C1D PMR N . 0.10 22.12 -9.08
C2D PMR N . 1.44 22.42 -9.04
CMD PMR N . 1.99 23.83 -9.02
ND PMR N . 0.14 20.78 -9.37
C4D PMR N . 1.29 20.25 -9.05
C3D PMR N . 2.15 21.27 -8.66
CAD PMR N . 3.29 20.51 -8.15
OAD PMR N . 4.14 21.00 -7.43
CBD PMR N . 2.82 19.06 -8.06
CGD PMR N . 3.88 18.09 -8.46
O1D PMR N . 3.61 17.21 -9.31
O2D PMR N . 5.09 18.37 -8.28
C2O PMR N . 5.82 17.81 -7.11
CHA PMR N . 1.62 18.93 -9.00
C1A PMR N . 0.66 17.92 -9.05
NA PMR N . -0.55 18.19 -9.56
C4A PMR N . -1.47 17.93 -8.61
C3A PMR N . -0.96 16.74 -7.95
CMA PMR N . -1.73 15.71 -7.18
C2A PMR N . 0.39 16.77 -8.19
CAA PMR N . 1.38 15.76 -7.66
CBA PMR N . 1.35 14.58 -8.61
CGA PMR N . 1.55 15.09 -10.00
O1A PMR N . 2.67 14.93 -10.55
O2A PMR N . 0.57 15.44 -10.71
CU CU O . -0.46 6.09 5.94
FE1 SF4 P . 53.22 -21.27 26.09
FE2 SF4 P . 52.44 -22.82 24.00
FE3 SF4 P . 51.82 -20.17 24.04
FE4 SF4 P . 50.58 -21.88 25.77
S1 SF4 P . 50.44 -21.88 23.50
S2 SF4 P . 51.46 -19.86 26.25
S3 SF4 P . 52.27 -23.32 26.20
S4 SF4 P . 53.90 -21.09 23.94
#